data_6YSQ
#
_entry.id   6YSQ
#
_cell.length_a   131.200
_cell.length_b   89.510
_cell.length_c   231.200
_cell.angle_alpha   90.000
_cell.angle_beta   97.552
_cell.angle_gamma   90.000
#
_symmetry.space_group_name_H-M   'P 1 21 1'
#
loop_
_entity.id
_entity.type
_entity.pdbx_description
1 polymer 'Complement C4 beta chain'
2 polymer 'Complement C4-A alpha chain'
3 polymer 'Complement C4 gamma chain'
4 polymer 'hC4Nb8 nanobody'
5 branched beta-D-mannopyranose-(1-4)-2-acetamido-2-deoxy-beta-D-glucopyranose-(1-4)-2-acetamido-2-deoxy-beta-D-glucopyranose
#
loop_
_entity_poly.entity_id
_entity_poly.type
_entity_poly.pdbx_seq_one_letter_code
_entity_poly.pdbx_strand_id
1 'polypeptide(L)'
;KPRLLLFSPSVVHLGVPLSVGVQLQDVPRGQVVKGSVFLRNPSRNNVPCSPKVDFTLSSERDFALLSLQVPLKDAKSCGL
HQLLRGPEVQLVAHSPWLKDSLSRTTNIQGINLLFSSRRGHLFLQTDQPIYNPGQRVRYRVFALDQKMRPSTDTITVMVE
NSHGLRVRKKEVYMPSSIFQDDFVIPDISEPGTWKISARFSDGLESNSSTQFEVKKYVLPNFEVKITPGKPYILTVPGHL
DEMQLDIQARYIYGKPVQGVAYVRFGLLDEDGKKTFFRGLESQTKLVNGQSHISLSKAEFQDALEKLNMGITDLQGLRLY
VAAAIIESPGGEMEEAELTSWYFVSSPFSLDLSKTKRHLVPGAPFLLQALVREMSGSPASGIPVKVSATVSSPGSVPEVQ
DIQQNTDGSGQVSIPIIIPQTISELQLSVSAGSPHPAIARLTVAAPPSGGPGFLSIERPDSRPPRVGDTLNLNLRAVGSG
ATFSHYYYMILSRGQIVFMNREPKRTLTSVSVFVDHHLAPSFYFVAFYYHGDHPVANSLRVDVQAGACEGKLELSVDGAK
QYRNGESVKLHLETDSLALVALGALDTALYAAGSKSHKPLNMGKVFEAMNSYDLGCGPGGGDSALQVFQAAGLAFSDGDQ
WTLSRKRLSCPKEKTT
;
A,B
2 'polypeptide(L)'
;ALEILQEEDLIDEDDIPVRSFFPENWLWRVETVDRFQILTLWLPDSLTTWEIHGLSLSKTKGLCVATPVQLRVFREFHLH
LRLPMSVRRFEQLELRPVLYNYLDKNLTVSVHVSPVEGLCLAGGGGLAQQVLVPAGSARPVAFSVVPTAAAAVSLKVVAR
GSFEFPVGDAVSKVLQIEKEGAIHREELVYELNPLDHRGRTLEIPGNSDPNMIPDGDFNSYVRVTASDPLDTLGSEGALS
PGGVASLLRLPRGCGEETMIYLAPTLAASRYLDKTEQWSTLPPETKDHAVDLIQKGYMRIQQFRKADGSYAAWLSRDSST
WLTAFVLKVLSLAQEQVGGSPEKLQETSNWLLSQQQADGSFQDPCPVLDRSMQGGLVGNDETVALTAFVTIALHHGLAVF
QDEGAEPLKQRVEASISKANSFLGEKASAGLLGAHAAAITAYALSLTKAPVDLLGVAHNNLMAMAQETGDNLYWGSVTGS
QSNAVSPTPAPRNPSDPMPQAPALWIETTAYALLHLLLHEGKAEMADQASAWLTRQGSFQGGFRSTQDTVIALDALSAYW
IASHTTEERGLNVTLSSTGRNGFKSHALQLNNRQIRGLEEELQFSLGSKINVKVGGNSKGTLKVLRTYNVLDMKNTTCQD
LQIEVTVKGHVEYTMEANEDYEDYEYDELPAKDDPDAPLQPVTPLQLFEG
;
C,D
3 'polypeptide(L)'
;EAPKVVEEQESRVHYTVCIWRNGKVGLSGMAIADVTLLSGFHALRADLEKLTSLSDRYVSHFETEGPHVLLYFDSVPTSR
ECVGFEAVQEVPVGLVQPASATLYDYYNPERRCSVFYGAPSKSRLLATLCSAEVCQCAEGKCPRQRRALERGLQDEDGYR
MKFACYYPRVEYGFQVKVLREDSRAAFRLFETKITQVLHFTKDVKAAANQMRNFLVRASCRLRLEPGKEYLIMGLDGATY
DLEGHPQYLLDSNSWIEEMPSERLCRSTRQRAACAQLNDFLNEFGTQGCQV
;
E,F
4 'polypeptide(L)'
;QVQLVESGGGLVQTGDSLRLSCAASGRTFSRYAMGWFRQAPGKERELVAAINWSGGSTYYADFAKGRFTISRDNAKNMLY
LRMSSLKPEDTAVYYCAAGGPEVEITRANEYDYWGQGTQVTVSSLEHHHHHH
;
G,H
#
loop_
_chem_comp.id
_chem_comp.type
_chem_comp.name
_chem_comp.formula
BMA D-saccharide, beta linking beta-D-mannopyranose 'C6 H12 O6'
NAG D-saccharide, beta linking 2-acetamido-2-deoxy-beta-D-glucopyranose 'C8 H15 N O6'
#
# COMPACT_ATOMS: atom_id res chain seq x y z
N LYS A 1 -50.33 46.25 -5.17
CA LYS A 1 -50.19 46.70 -3.78
C LYS A 1 -49.56 45.65 -2.80
N PRO A 2 -49.91 44.34 -2.80
CA PRO A 2 -49.13 43.41 -1.98
C PRO A 2 -47.85 42.99 -2.69
N ARG A 3 -46.83 42.70 -1.90
CA ARG A 3 -45.50 42.34 -2.39
C ARG A 3 -45.01 41.09 -1.70
N LEU A 4 -44.15 40.34 -2.41
CA LEU A 4 -43.34 39.28 -1.84
C LEU A 4 -41.88 39.66 -1.99
N LEU A 5 -41.14 39.62 -0.88
CA LEU A 5 -39.76 40.08 -0.87
C LEU A 5 -38.83 38.88 -0.77
N LEU A 6 -37.71 38.96 -1.48
CA LEU A 6 -36.75 37.84 -1.54
C LEU A 6 -35.35 38.41 -1.44
N PHE A 7 -34.63 38.05 -0.37
CA PHE A 7 -33.29 38.52 -0.11
C PHE A 7 -32.31 37.35 -0.08
N SER A 8 -31.11 37.58 -0.62
CA SER A 8 -29.99 36.65 -0.52
C SER A 8 -28.71 37.46 -0.72
N PRO A 9 -27.56 36.94 -0.27
CA PRO A 9 -26.29 37.53 -0.69
C PRO A 9 -26.04 37.34 -2.17
N SER A 10 -25.25 38.25 -2.73
CA SER A 10 -25.11 38.34 -4.18
C SER A 10 -24.24 37.23 -4.78
N VAL A 11 -23.39 36.59 -3.98
CA VAL A 11 -22.53 35.51 -4.43
C VAL A 11 -22.84 34.26 -3.61
N VAL A 12 -23.27 33.20 -4.30
CA VAL A 12 -23.49 31.91 -3.68
C VAL A 12 -22.16 31.16 -3.65
N HIS A 13 -21.86 30.53 -2.52
CA HIS A 13 -20.69 29.67 -2.40
C HIS A 13 -21.15 28.22 -2.29
N LEU A 14 -20.60 27.37 -3.15
CA LEU A 14 -21.05 25.99 -3.27
C LEU A 14 -20.50 25.15 -2.12
N GLY A 15 -21.32 24.21 -1.65
CA GLY A 15 -21.02 23.46 -0.45
C GLY A 15 -21.40 24.15 0.85
N VAL A 16 -21.86 25.40 0.78
CA VAL A 16 -22.17 26.23 1.94
C VAL A 16 -23.68 26.44 1.93
N PRO A 17 -24.37 26.39 3.08
CA PRO A 17 -25.79 26.76 3.12
C PRO A 17 -25.99 28.25 2.82
N LEU A 18 -26.91 28.52 1.91
CA LEU A 18 -27.18 29.87 1.44
C LEU A 18 -28.32 30.46 2.27
N SER A 19 -28.07 31.62 2.89
CA SER A 19 -29.07 32.29 3.69
C SER A 19 -30.06 33.01 2.79
N VAL A 20 -31.33 32.63 2.86
CA VAL A 20 -32.39 33.19 2.02
C VAL A 20 -33.41 33.85 2.94
N GLY A 21 -33.67 35.13 2.70
CA GLY A 21 -34.68 35.87 3.44
C GLY A 21 -35.95 36.04 2.62
N VAL A 22 -37.09 35.84 3.26
CA VAL A 22 -38.39 35.95 2.62
C VAL A 22 -39.30 36.79 3.53
N GLN A 23 -40.19 37.57 2.90
CA GLN A 23 -40.98 38.55 3.64
C GLN A 23 -42.24 38.89 2.86
N LEU A 24 -43.39 38.87 3.55
CA LEU A 24 -44.63 39.44 3.04
C LEU A 24 -44.72 40.91 3.40
N GLN A 25 -45.36 41.69 2.51
CA GLN A 25 -45.53 43.12 2.75
C GLN A 25 -46.88 43.55 2.21
N ASP A 26 -47.60 44.34 3.02
CA ASP A 26 -48.91 44.94 2.74
C ASP A 26 -49.95 43.87 2.40
N VAL A 27 -50.11 42.94 3.34
CA VAL A 27 -50.92 41.74 3.20
C VAL A 27 -52.06 41.87 4.21
N PRO A 28 -53.29 41.45 3.89
CA PRO A 28 -54.38 41.50 4.88
C PRO A 28 -54.17 40.53 6.04
N ARG A 29 -55.07 40.68 7.03
CA ARG A 29 -54.85 40.11 8.36
C ARG A 29 -55.04 38.59 8.38
N GLY A 30 -56.06 38.09 7.71
CA GLY A 30 -56.32 36.66 7.74
C GLY A 30 -55.74 35.90 6.56
N GLN A 31 -54.47 36.11 6.26
CA GLN A 31 -53.86 35.53 5.06
C GLN A 31 -52.61 34.74 5.43
N VAL A 32 -52.53 33.50 4.95
CA VAL A 32 -51.38 32.61 5.14
C VAL A 32 -50.91 32.16 3.76
N VAL A 33 -49.63 32.38 3.45
CA VAL A 33 -49.04 31.93 2.21
C VAL A 33 -48.14 30.73 2.50
N LYS A 34 -47.91 29.93 1.46
CA LYS A 34 -47.01 28.78 1.52
C LYS A 34 -46.22 28.70 0.22
N GLY A 35 -45.15 27.94 0.25
CA GLY A 35 -44.38 27.72 -0.97
C GLY A 35 -43.02 27.12 -0.66
N SER A 36 -42.11 27.26 -1.62
CA SER A 36 -40.76 26.69 -1.54
C SER A 36 -39.76 27.66 -2.13
N VAL A 37 -38.48 27.41 -1.87
CA VAL A 37 -37.39 28.18 -2.48
C VAL A 37 -36.22 27.23 -2.73
N PHE A 38 -35.57 27.40 -3.88
CA PHE A 38 -34.50 26.53 -4.34
C PHE A 38 -33.68 27.25 -5.40
N LEU A 39 -32.50 26.71 -5.68
CA LEU A 39 -31.68 27.17 -6.80
C LEU A 39 -32.08 26.42 -8.06
N ARG A 40 -32.22 27.14 -9.17
CA ARG A 40 -32.70 26.57 -10.42
C ARG A 40 -31.71 26.89 -11.53
N ASN A 41 -31.49 25.93 -12.43
CA ASN A 41 -30.61 26.11 -13.58
C ASN A 41 -31.44 26.29 -14.84
N PRO A 42 -31.54 27.49 -15.40
CA PRO A 42 -32.06 27.61 -16.77
C PRO A 42 -31.02 27.13 -17.77
N SER A 43 -31.50 26.88 -19.01
CA SER A 43 -30.83 26.27 -20.16
C SER A 43 -30.43 24.81 -19.94
N ARG A 44 -30.92 24.17 -18.88
CA ARG A 44 -30.90 22.73 -18.68
C ARG A 44 -32.29 22.38 -18.17
N ASN A 45 -33.30 22.79 -18.95
CA ASN A 45 -34.71 22.92 -18.59
C ASN A 45 -34.85 23.71 -17.29
N ASN A 46 -35.47 23.12 -16.28
CA ASN A 46 -35.58 23.72 -14.96
C ASN A 46 -35.18 22.70 -13.90
N VAL A 47 -34.04 22.05 -14.12
CA VAL A 47 -33.52 21.09 -13.15
C VAL A 47 -32.92 21.86 -11.97
N PRO A 48 -33.33 21.56 -10.73
CA PRO A 48 -32.80 22.30 -9.59
C PRO A 48 -31.36 21.90 -9.26
N CYS A 49 -30.61 22.88 -8.77
CA CYS A 49 -29.25 22.66 -8.30
C CYS A 49 -29.21 22.51 -6.77
N SER A 50 -30.37 22.45 -6.13
CA SER A 50 -30.49 22.33 -4.69
C SER A 50 -31.82 21.67 -4.39
N PRO A 51 -31.92 20.85 -3.34
CA PRO A 51 -33.23 20.43 -2.87
C PRO A 51 -33.97 21.60 -2.24
N LYS A 52 -35.28 21.60 -2.41
CA LYS A 52 -36.09 22.73 -1.99
C LYS A 52 -36.31 22.71 -0.48
N VAL A 53 -36.53 23.89 0.08
CA VAL A 53 -36.94 24.05 1.47
C VAL A 53 -38.26 24.82 1.49
N ASP A 54 -39.23 24.31 2.26
CA ASP A 54 -40.54 24.93 2.29
C ASP A 54 -40.58 26.06 3.31
N PHE A 55 -41.36 27.08 3.01
CA PHE A 55 -41.57 28.20 3.93
C PHE A 55 -43.06 28.45 4.07
N THR A 56 -43.44 28.97 5.22
CA THR A 56 -44.84 29.30 5.51
C THR A 56 -44.86 30.59 6.31
N LEU A 57 -45.50 31.62 5.76
CA LEU A 57 -45.56 32.94 6.36
C LEU A 57 -47.00 33.32 6.64
N SER A 58 -47.29 33.66 7.89
CA SER A 58 -48.58 34.23 8.26
C SER A 58 -48.50 35.74 8.12
N SER A 59 -49.61 36.42 8.45
CA SER A 59 -49.63 37.87 8.38
C SER A 59 -49.01 38.53 9.62
N GLU A 60 -48.98 37.82 10.75
CA GLU A 60 -48.36 38.33 11.97
C GLU A 60 -46.93 37.80 12.15
N ARG A 61 -46.63 36.63 11.60
CA ARG A 61 -45.26 36.13 11.47
C ARG A 61 -44.91 36.20 9.98
N ASP A 62 -44.51 37.39 9.54
CA ASP A 62 -44.41 37.71 8.11
C ASP A 62 -42.98 37.72 7.58
N PHE A 63 -42.02 37.20 8.34
CA PHE A 63 -40.65 37.13 7.87
C PHE A 63 -40.02 35.83 8.35
N ALA A 64 -39.11 35.30 7.54
CA ALA A 64 -38.46 34.03 7.87
C ALA A 64 -37.07 34.02 7.29
N LEU A 65 -36.08 33.76 8.14
CA LEU A 65 -34.69 33.60 7.72
C LEU A 65 -34.43 32.12 7.47
N LEU A 66 -34.30 31.76 6.20
CA LEU A 66 -34.14 30.37 5.79
C LEU A 66 -32.68 30.02 5.57
N SER A 67 -32.41 28.73 5.49
CA SER A 67 -31.07 28.21 5.19
C SER A 67 -31.21 27.18 4.08
N LEU A 68 -30.89 27.59 2.86
CA LEU A 68 -31.00 26.72 1.70
C LEU A 68 -29.72 25.92 1.54
N GLN A 69 -29.83 24.60 1.68
CA GLN A 69 -28.67 23.73 1.57
C GLN A 69 -28.25 23.62 0.10
N VAL A 70 -26.97 23.84 -0.16
CA VAL A 70 -26.41 23.81 -1.50
C VAL A 70 -25.41 22.65 -1.56
N PRO A 71 -25.82 21.48 -2.05
CA PRO A 71 -24.88 20.37 -2.20
C PRO A 71 -24.15 20.41 -3.53
N LEU A 72 -22.97 19.79 -3.53
CA LEU A 72 -22.15 19.74 -4.73
C LEU A 72 -22.60 18.67 -5.72
N LYS A 73 -23.34 17.65 -5.24
CA LYS A 73 -23.84 16.61 -6.14
C LYS A 73 -24.97 17.13 -7.01
N ASP A 74 -25.89 17.91 -6.42
CA ASP A 74 -26.96 18.51 -7.18
C ASP A 74 -26.47 19.67 -8.05
N ALA A 75 -25.35 20.30 -7.68
CA ALA A 75 -24.82 21.42 -8.46
C ALA A 75 -24.07 20.95 -9.70
N LYS A 76 -23.52 19.75 -9.68
CA LYS A 76 -22.87 19.20 -10.87
C LYS A 76 -23.85 18.50 -11.79
N SER A 77 -24.87 17.85 -11.22
CA SER A 77 -25.87 17.15 -12.03
C SER A 77 -26.83 18.09 -12.73
N CYS A 78 -27.00 19.32 -12.25
CA CYS A 78 -27.84 20.28 -12.96
C CYS A 78 -27.09 20.92 -14.13
N GLY A 79 -25.77 21.09 -14.03
CA GLY A 79 -24.97 21.50 -15.17
C GLY A 79 -24.28 22.83 -15.04
N LEU A 80 -23.96 23.25 -13.81
CA LEU A 80 -23.29 24.53 -13.61
C LEU A 80 -21.81 24.46 -13.96
N HIS A 81 -21.21 23.28 -13.87
CA HIS A 81 -19.80 23.14 -14.24
C HIS A 81 -19.61 23.06 -15.75
N GLN A 82 -20.69 22.81 -16.49
CA GLN A 82 -20.67 22.75 -17.95
C GLN A 82 -21.18 24.05 -18.57
N LEU A 83 -21.23 25.12 -17.78
CA LEU A 83 -21.80 26.39 -18.20
C LEU A 83 -20.74 27.23 -18.89
N LEU A 84 -21.19 28.13 -19.78
CA LEU A 84 -20.30 28.98 -20.53
C LEU A 84 -20.37 30.42 -20.00
N ARG A 85 -19.68 31.33 -20.69
CA ARG A 85 -19.49 32.76 -20.38
C ARG A 85 -18.98 32.99 -18.97
N GLY A 86 -19.87 32.93 -17.98
CA GLY A 86 -19.54 33.32 -16.63
C GLY A 86 -20.35 32.56 -15.59
N PRO A 87 -19.92 32.62 -14.33
CA PRO A 87 -20.59 31.85 -13.28
C PRO A 87 -21.86 32.49 -12.74
N GLU A 88 -23.02 32.15 -13.32
CA GLU A 88 -24.30 32.75 -12.97
C GLU A 88 -25.33 31.66 -12.67
N VAL A 89 -26.17 31.92 -11.66
CA VAL A 89 -27.20 30.98 -11.23
C VAL A 89 -28.38 31.79 -10.71
N GLN A 90 -29.55 31.16 -10.60
CA GLN A 90 -30.79 31.82 -10.23
C GLN A 90 -31.35 31.23 -8.95
N LEU A 91 -31.71 32.10 -8.01
CA LEU A 91 -32.48 31.72 -6.84
C LEU A 91 -33.97 31.97 -7.14
N VAL A 92 -34.78 30.94 -6.96
CA VAL A 92 -36.18 30.96 -7.37
C VAL A 92 -37.05 30.56 -6.19
N ALA A 93 -37.99 31.44 -5.83
CA ALA A 93 -39.03 31.13 -4.86
C ALA A 93 -40.31 30.76 -5.61
N HIS A 94 -40.87 29.61 -5.30
CA HIS A 94 -42.06 29.07 -5.97
C HIS A 94 -43.23 29.10 -5.02
N SER A 95 -44.32 29.77 -5.41
CA SER A 95 -45.54 29.81 -4.62
C SER A 95 -46.71 30.09 -5.54
N PRO A 96 -47.85 29.41 -5.38
CA PRO A 96 -49.05 29.73 -6.17
C PRO A 96 -49.79 30.97 -5.71
N TRP A 97 -49.31 31.66 -4.67
CA TRP A 97 -49.89 32.92 -4.20
C TRP A 97 -49.79 34.04 -5.22
N LEU A 98 -48.74 34.03 -6.06
CA LEU A 98 -48.59 35.08 -7.07
C LEU A 98 -49.54 34.91 -8.25
N LYS A 99 -49.95 33.68 -8.56
CA LYS A 99 -50.82 33.43 -9.69
C LYS A 99 -52.29 33.34 -9.30
N ASP A 100 -52.60 32.69 -8.19
CA ASP A 100 -53.98 32.44 -7.79
C ASP A 100 -54.56 33.57 -6.94
N SER A 101 -53.89 34.72 -6.86
CA SER A 101 -54.38 35.83 -6.05
C SER A 101 -53.96 37.18 -6.62
N LEU A 102 -52.66 37.37 -6.85
CA LEU A 102 -52.14 38.62 -7.37
C LEU A 102 -52.25 38.73 -8.89
N SER A 103 -52.71 37.67 -9.56
CA SER A 103 -53.00 37.61 -11.01
C SER A 103 -51.76 37.89 -11.86
N ARG A 104 -50.59 37.51 -11.37
CA ARG A 104 -49.36 37.69 -12.14
C ARG A 104 -49.21 36.54 -13.13
N THR A 105 -48.23 36.68 -14.02
CA THR A 105 -48.11 35.77 -15.16
C THR A 105 -47.55 34.41 -14.76
N THR A 106 -46.73 34.36 -13.72
CA THR A 106 -46.14 33.12 -13.25
C THR A 106 -46.44 32.94 -11.78
N ASN A 107 -46.22 31.70 -11.31
CA ASN A 107 -46.12 31.38 -9.89
C ASN A 107 -44.68 31.44 -9.38
N ILE A 108 -43.83 32.23 -10.05
CA ILE A 108 -42.38 32.26 -9.84
C ILE A 108 -41.99 33.72 -9.59
N GLN A 109 -41.18 33.94 -8.55
CA GLN A 109 -40.51 35.22 -8.32
C GLN A 109 -39.11 34.94 -7.83
N GLY A 110 -38.12 35.51 -8.51
CA GLY A 110 -36.75 35.27 -8.11
C GLY A 110 -35.77 36.37 -8.45
N ILE A 111 -34.48 36.04 -8.36
CA ILE A 111 -33.37 36.97 -8.56
C ILE A 111 -32.22 36.26 -9.25
N ASN A 112 -31.35 37.05 -9.88
CA ASN A 112 -30.18 36.54 -10.58
C ASN A 112 -28.95 36.70 -9.70
N LEU A 113 -28.14 35.65 -9.62
CA LEU A 113 -27.01 35.60 -8.70
C LEU A 113 -25.76 35.10 -9.41
N LEU A 114 -24.62 35.26 -8.74
CA LEU A 114 -23.36 34.64 -9.13
C LEU A 114 -23.09 33.46 -8.20
N PHE A 115 -22.44 32.43 -8.74
CA PHE A 115 -22.03 31.31 -7.90
C PHE A 115 -20.51 31.18 -7.94
N SER A 116 -19.95 30.72 -6.83
CA SER A 116 -18.52 30.54 -6.70
C SER A 116 -18.23 29.19 -6.06
N SER A 117 -17.17 28.53 -6.52
CA SER A 117 -16.72 27.28 -5.93
C SER A 117 -15.71 27.50 -4.81
N ARG A 118 -15.45 28.75 -4.44
CA ARG A 118 -14.55 29.06 -3.33
C ARG A 118 -15.29 28.85 -2.02
N ARG A 119 -14.76 27.98 -1.17
CA ARG A 119 -15.37 27.67 0.11
C ARG A 119 -14.29 27.44 1.15
N GLY A 120 -14.63 27.69 2.41
CA GLY A 120 -13.76 27.41 3.53
C GLY A 120 -12.59 28.37 3.66
N HIS A 121 -11.71 28.03 4.61
CA HIS A 121 -10.49 28.80 4.87
C HIS A 121 -9.32 27.84 5.00
N LEU A 122 -8.27 28.09 4.22
CA LEU A 122 -7.04 27.31 4.30
C LEU A 122 -5.91 28.23 4.74
N PHE A 123 -5.23 27.86 5.81
CA PHE A 123 -4.08 28.59 6.32
C PHE A 123 -2.87 27.67 6.26
N LEU A 124 -1.72 28.21 5.86
CA LEU A 124 -0.54 27.35 5.74
C LEU A 124 0.74 28.13 6.00
N GLN A 125 1.62 27.55 6.81
CA GLN A 125 2.89 28.15 7.18
C GLN A 125 4.01 27.17 6.91
N THR A 126 5.23 27.70 6.77
CA THR A 126 6.38 26.93 6.35
C THR A 126 7.35 26.74 7.51
N ASP A 127 8.43 26.01 7.22
CA ASP A 127 9.49 25.78 8.19
C ASP A 127 10.25 27.07 8.48
N GLN A 128 10.41 27.93 7.47
CA GLN A 128 11.28 29.09 7.54
C GLN A 128 10.76 30.15 6.59
N PRO A 129 11.20 31.42 6.75
CA PRO A 129 11.00 32.40 5.67
C PRO A 129 12.06 32.33 4.57
N ILE A 130 13.29 31.94 4.90
CA ILE A 130 14.38 31.93 3.92
C ILE A 130 15.19 30.65 4.10
N TYR A 131 15.64 30.04 3.00
CA TYR A 131 16.33 28.76 3.07
C TYR A 131 17.49 28.77 2.09
N ASN A 132 18.56 28.06 2.45
CA ASN A 132 19.66 27.82 1.51
C ASN A 132 19.26 26.79 0.45
N PRO A 133 19.91 26.81 -0.72
CA PRO A 133 19.72 25.72 -1.69
C PRO A 133 20.28 24.41 -1.16
N GLY A 134 19.44 23.38 -1.16
CA GLY A 134 19.80 22.09 -0.59
C GLY A 134 19.29 21.85 0.80
N GLN A 135 18.27 22.58 1.24
CA GLN A 135 17.76 22.51 2.61
C GLN A 135 16.34 21.98 2.60
N ARG A 136 15.99 21.24 3.65
CA ARG A 136 14.65 20.65 3.77
C ARG A 136 13.62 21.74 4.02
N VAL A 137 12.47 21.60 3.34
CA VAL A 137 11.35 22.52 3.51
C VAL A 137 10.20 21.77 4.12
N ARG A 138 9.81 22.15 5.34
CA ARG A 138 8.65 21.57 5.99
C ARG A 138 7.49 22.57 5.95
N TYR A 139 6.29 22.06 5.74
CA TYR A 139 5.13 22.94 5.71
C TYR A 139 3.93 22.20 6.27
N ARG A 140 3.01 22.96 6.84
CA ARG A 140 1.77 22.45 7.39
C ARG A 140 0.62 23.25 6.79
N VAL A 141 -0.52 22.58 6.58
CA VAL A 141 -1.72 23.29 6.17
C VAL A 141 -2.76 23.06 7.26
N PHE A 142 -3.79 23.92 7.27
CA PHE A 142 -4.84 23.87 8.29
C PHE A 142 -6.17 24.07 7.59
N ALA A 143 -7.07 23.10 7.73
CA ALA A 143 -8.32 23.08 6.97
C ALA A 143 -9.48 23.48 7.86
N LEU A 144 -10.17 24.56 7.47
CA LEU A 144 -11.34 25.04 8.20
C LEU A 144 -12.46 25.34 7.20
N ASP A 145 -13.67 25.50 7.72
CA ASP A 145 -14.82 25.78 6.86
C ASP A 145 -15.27 27.23 7.03
N GLN A 146 -16.55 27.50 6.73
CA GLN A 146 -17.09 28.85 6.85
C GLN A 146 -17.34 29.25 8.29
N LYS A 147 -17.61 28.29 9.17
CA LYS A 147 -17.94 28.58 10.56
C LYS A 147 -16.72 28.61 11.47
N MET A 148 -15.51 28.63 10.89
CA MET A 148 -14.21 28.68 11.58
C MET A 148 -14.00 27.51 12.54
N ARG A 149 -14.45 26.33 12.11
CA ARG A 149 -14.30 25.04 12.76
C ARG A 149 -13.49 24.13 11.83
N PRO A 150 -12.76 23.13 12.35
CA PRO A 150 -11.90 22.32 11.47
C PRO A 150 -12.70 21.40 10.54
N SER A 151 -12.34 21.40 9.27
CA SER A 151 -13.04 20.69 8.20
C SER A 151 -12.28 19.44 7.80
N THR A 152 -13.01 18.49 7.21
CA THR A 152 -12.47 17.17 6.87
C THR A 152 -12.53 16.88 5.38
N ASP A 153 -12.66 17.90 4.53
CA ASP A 153 -12.74 17.65 3.10
C ASP A 153 -11.36 17.41 2.50
N THR A 154 -11.32 16.63 1.43
CA THR A 154 -10.06 16.23 0.80
C THR A 154 -9.50 17.39 -0.02
N ILE A 155 -8.22 17.69 0.17
CA ILE A 155 -7.57 18.83 -0.48
C ILE A 155 -6.46 18.33 -1.38
N THR A 156 -6.02 19.23 -2.28
CA THR A 156 -4.86 19.01 -3.13
C THR A 156 -3.86 20.13 -2.88
N VAL A 157 -2.59 19.77 -2.68
CA VAL A 157 -1.53 20.75 -2.48
C VAL A 157 -0.52 20.63 -3.61
N MET A 158 0.09 21.76 -3.96
CA MET A 158 1.13 21.79 -4.98
C MET A 158 2.21 22.79 -4.57
N VAL A 159 3.41 22.56 -5.08
CA VAL A 159 4.56 23.41 -4.84
C VAL A 159 5.03 23.95 -6.18
N GLU A 160 5.05 25.27 -6.32
CA GLU A 160 5.55 25.95 -7.50
C GLU A 160 6.91 26.58 -7.17
N ASN A 161 7.83 26.54 -8.14
CA ASN A 161 9.22 26.92 -7.88
C ASN A 161 9.42 28.42 -8.12
N SER A 162 10.67 28.82 -8.39
CA SER A 162 11.00 30.23 -8.54
C SER A 162 10.58 30.77 -9.90
N HIS A 163 10.56 29.91 -10.91
CA HIS A 163 10.04 30.29 -12.22
C HIS A 163 8.54 30.07 -12.34
N GLY A 164 7.96 29.21 -11.50
CA GLY A 164 6.53 29.07 -11.42
C GLY A 164 6.00 27.76 -11.99
N LEU A 165 6.71 26.67 -11.73
CA LEU A 165 6.40 25.37 -12.31
C LEU A 165 6.18 24.36 -11.20
N ARG A 166 5.24 23.43 -11.42
CA ARG A 166 4.85 22.48 -10.38
C ARG A 166 5.91 21.40 -10.23
N VAL A 167 6.53 21.34 -9.06
CA VAL A 167 7.57 20.37 -8.79
C VAL A 167 7.08 19.24 -7.86
N ARG A 168 5.97 19.44 -7.15
CA ARG A 168 5.46 18.45 -6.21
C ARG A 168 3.95 18.61 -6.14
N LYS A 169 3.23 17.49 -6.07
CA LYS A 169 1.78 17.56 -5.93
C LYS A 169 1.29 16.37 -5.11
N LYS A 170 0.53 16.65 -4.06
CA LYS A 170 -0.08 15.64 -3.21
C LYS A 170 -1.57 15.92 -3.09
N GLU A 171 -2.38 14.85 -3.10
CA GLU A 171 -3.78 14.93 -2.74
C GLU A 171 -4.05 14.00 -1.56
N VAL A 172 -4.35 14.58 -0.41
CA VAL A 172 -4.40 13.85 0.86
C VAL A 172 -5.73 14.12 1.55
N TYR A 173 -6.26 13.09 2.20
CA TYR A 173 -7.45 13.22 3.04
C TYR A 173 -7.12 13.98 4.31
N MET A 174 -8.15 14.57 4.92
CA MET A 174 -8.02 15.35 6.16
C MET A 174 -8.81 14.69 7.28
N PRO A 175 -8.25 13.70 7.98
CA PRO A 175 -8.97 13.16 9.14
C PRO A 175 -8.81 14.05 10.38
N SER A 176 -7.68 14.75 10.46
CA SER A 176 -7.36 15.59 11.62
C SER A 176 -7.11 17.04 11.23
N SER A 177 -7.51 17.43 10.00
CA SER A 177 -7.48 18.79 9.45
C SER A 177 -6.07 19.40 9.39
N ILE A 178 -5.01 18.57 9.33
CA ILE A 178 -3.64 19.03 9.17
C ILE A 178 -2.95 18.13 8.14
N PHE A 179 -1.80 18.62 7.65
CA PHE A 179 -0.96 17.84 6.72
C PHE A 179 0.47 18.35 6.80
N GLN A 180 1.36 17.58 7.44
CA GLN A 180 2.78 17.84 7.37
C GLN A 180 3.39 17.16 6.16
N ASP A 181 4.36 17.83 5.54
CA ASP A 181 5.05 17.30 4.38
C ASP A 181 6.45 17.90 4.35
N ASP A 182 7.37 17.19 3.71
CA ASP A 182 8.75 17.65 3.59
C ASP A 182 9.27 17.41 2.18
N PHE A 183 10.01 18.38 1.66
CA PHE A 183 10.68 18.27 0.38
C PHE A 183 11.98 19.05 0.45
N VAL A 184 12.85 18.83 -0.54
CA VAL A 184 14.20 19.38 -0.52
C VAL A 184 14.39 20.31 -1.73
N ILE A 185 15.01 21.46 -1.48
CA ILE A 185 15.44 22.37 -2.54
C ILE A 185 16.56 21.70 -3.34
N PRO A 186 16.59 21.83 -4.67
CA PRO A 186 17.75 21.39 -5.44
C PRO A 186 19.01 22.19 -5.09
N ASP A 187 20.16 21.54 -5.30
CA ASP A 187 21.43 22.12 -4.87
C ASP A 187 21.87 23.27 -5.77
N ILE A 188 21.45 23.27 -7.03
CA ILE A 188 21.91 24.25 -8.01
C ILE A 188 20.78 25.16 -8.44
N SER A 189 19.78 25.34 -7.58
CA SER A 189 18.62 26.14 -7.94
C SER A 189 18.92 27.63 -7.82
N GLU A 190 18.26 28.41 -8.67
CA GLU A 190 18.43 29.86 -8.70
C GLU A 190 17.68 30.50 -7.54
N PRO A 191 18.13 31.68 -7.08
CA PRO A 191 17.39 32.38 -6.03
C PRO A 191 16.08 32.95 -6.54
N GLY A 192 15.12 33.07 -5.62
CA GLY A 192 13.80 33.57 -5.95
C GLY A 192 12.83 33.29 -4.82
N THR A 193 11.53 33.35 -5.14
CA THR A 193 10.48 33.04 -4.19
C THR A 193 9.63 31.89 -4.71
N TRP A 194 9.35 30.92 -3.86
CA TRP A 194 8.51 29.80 -4.23
C TRP A 194 7.12 29.97 -3.63
N LYS A 195 6.19 29.10 -4.03
CA LYS A 195 4.78 29.26 -3.71
C LYS A 195 4.15 27.89 -3.46
N ILE A 196 3.68 27.68 -2.23
CA ILE A 196 2.96 26.47 -1.85
C ILE A 196 1.48 26.80 -1.84
N SER A 197 0.72 26.21 -2.75
CA SER A 197 -0.71 26.43 -2.84
C SER A 197 -1.47 25.24 -2.27
N ALA A 198 -2.62 25.53 -1.66
CA ALA A 198 -3.55 24.51 -1.19
C ALA A 198 -4.95 24.81 -1.71
N ARG A 199 -5.69 23.76 -2.02
CA ARG A 199 -6.97 23.88 -2.69
C ARG A 199 -7.77 22.61 -2.42
N PHE A 200 -9.08 22.78 -2.18
CA PHE A 200 -9.98 21.64 -2.07
C PHE A 200 -10.12 20.94 -3.42
N SER A 201 -10.44 19.64 -3.36
CA SER A 201 -10.49 18.83 -4.58
C SER A 201 -11.72 19.13 -5.42
N ASP A 202 -12.86 19.36 -4.78
CA ASP A 202 -14.09 19.72 -5.46
C ASP A 202 -14.36 21.23 -5.46
N GLY A 203 -13.58 22.01 -4.73
CA GLY A 203 -13.66 23.46 -4.79
C GLY A 203 -12.55 24.04 -5.65
N LEU A 204 -12.89 24.42 -6.88
CA LEU A 204 -11.89 24.74 -7.89
C LEU A 204 -11.24 26.10 -7.70
N GLU A 205 -11.84 27.00 -6.91
CA GLU A 205 -11.39 28.39 -6.81
C GLU A 205 -10.89 28.72 -5.40
N SER A 206 -10.19 27.78 -4.76
CA SER A 206 -9.71 27.98 -3.39
C SER A 206 -8.26 28.44 -3.42
N ASN A 207 -8.06 29.72 -3.76
CA ASN A 207 -6.76 30.36 -3.56
C ASN A 207 -6.44 30.50 -2.09
N SER A 208 -5.39 29.82 -1.65
CA SER A 208 -4.76 30.08 -0.36
C SER A 208 -3.30 29.64 -0.45
N SER A 209 -2.37 30.56 -0.21
CA SER A 209 -0.95 30.28 -0.40
C SER A 209 -0.11 31.27 0.41
N THR A 210 1.11 30.83 0.75
CA THR A 210 2.13 31.71 1.29
C THR A 210 3.43 31.45 0.54
N GLN A 211 4.41 32.33 0.72
CA GLN A 211 5.63 32.30 -0.07
C GLN A 211 6.85 32.29 0.84
N PHE A 212 7.91 31.64 0.35
CA PHE A 212 9.21 31.65 1.02
C PHE A 212 10.30 31.93 0.00
N GLU A 213 11.37 32.57 0.48
CA GLU A 213 12.50 32.97 -0.34
C GLU A 213 13.58 31.90 -0.32
N VAL A 214 14.23 31.68 -1.47
CA VAL A 214 15.44 30.87 -1.53
C VAL A 214 16.61 31.80 -1.87
N LYS A 215 17.69 31.69 -1.10
CA LYS A 215 18.85 32.58 -1.22
C LYS A 215 20.07 31.86 -0.65
N LYS A 216 21.22 32.05 -1.28
CA LYS A 216 22.47 31.62 -0.68
C LYS A 216 22.84 32.58 0.45
N TYR A 217 22.96 32.06 1.67
CA TYR A 217 23.30 32.90 2.81
C TYR A 217 24.04 32.07 3.85
N VAL A 218 24.92 32.74 4.58
CA VAL A 218 25.43 32.24 5.85
C VAL A 218 24.79 33.07 6.95
N LEU A 219 24.47 32.42 8.07
CA LEU A 219 23.62 33.02 9.11
C LEU A 219 24.39 34.09 9.87
N PRO A 220 23.84 35.30 10.02
CA PRO A 220 24.56 36.38 10.69
C PRO A 220 24.59 36.22 12.21
N ASN A 221 25.48 36.98 12.83
CA ASN A 221 25.62 36.99 14.28
C ASN A 221 24.96 38.23 14.90
N PHE A 222 24.65 39.24 14.11
CA PHE A 222 24.13 40.51 14.63
C PHE A 222 23.24 41.15 13.58
N GLU A 223 22.21 41.83 14.05
CA GLU A 223 21.22 42.47 13.19
C GLU A 223 21.43 43.99 13.26
N VAL A 224 21.47 44.63 12.11
CA VAL A 224 21.68 46.07 12.01
C VAL A 224 20.34 46.71 11.68
N LYS A 225 19.92 47.68 12.49
CA LYS A 225 18.65 48.37 12.33
C LYS A 225 18.89 49.86 12.20
N ILE A 226 18.19 50.50 11.28
CA ILE A 226 18.32 51.93 11.03
C ILE A 226 17.00 52.59 11.41
N THR A 227 17.01 53.35 12.50
CA THR A 227 15.80 54.01 13.00
C THR A 227 15.96 55.52 12.97
N PRO A 228 15.21 56.25 12.16
CA PRO A 228 15.28 57.71 12.18
C PRO A 228 14.53 58.28 13.37
N GLY A 229 14.74 59.58 13.60
CA GLY A 229 14.04 60.25 14.69
C GLY A 229 12.58 60.50 14.37
N LYS A 230 12.29 60.82 13.12
CA LYS A 230 10.93 60.93 12.59
C LYS A 230 10.82 60.15 11.29
N PRO A 231 9.65 59.56 11.00
CA PRO A 231 9.45 58.88 9.72
C PRO A 231 9.13 59.78 8.55
N TYR A 232 9.29 61.10 8.68
CA TYR A 232 8.97 62.04 7.61
C TYR A 232 10.03 63.13 7.58
N ILE A 233 9.93 63.98 6.56
CA ILE A 233 10.73 65.19 6.44
C ILE A 233 9.93 66.25 5.69
N LEU A 234 9.75 67.41 6.31
CA LEU A 234 8.97 68.48 5.70
C LEU A 234 9.78 69.20 4.64
N THR A 235 9.15 69.47 3.50
CA THR A 235 9.75 70.24 2.42
C THR A 235 9.02 71.57 2.23
N VAL A 236 8.65 72.20 3.34
CA VAL A 236 8.14 73.57 3.33
C VAL A 236 9.27 74.51 2.93
N PRO A 237 9.03 75.53 2.09
CA PRO A 237 10.09 76.49 1.74
C PRO A 237 10.60 77.34 2.89
N GLY A 238 9.80 77.56 3.94
CA GLY A 238 10.26 78.34 5.06
C GLY A 238 10.92 77.55 6.18
N HIS A 239 10.66 76.24 6.25
CA HIS A 239 11.15 75.42 7.36
C HIS A 239 11.46 74.01 6.86
N LEU A 240 12.64 73.51 7.21
CA LEU A 240 13.03 72.14 6.93
C LEU A 240 13.17 71.36 8.24
N ASP A 241 12.63 70.14 8.26
CA ASP A 241 12.74 69.29 9.43
C ASP A 241 14.15 68.72 9.51
N GLU A 242 14.56 68.32 10.72
CA GLU A 242 15.90 67.80 10.93
C GLU A 242 16.03 66.38 10.39
N MET A 243 17.27 66.00 10.11
CA MET A 243 17.60 64.73 9.45
C MET A 243 18.59 63.96 10.33
N GLN A 244 18.11 63.46 11.46
CA GLN A 244 18.96 62.76 12.41
C GLN A 244 18.43 61.35 12.62
N LEU A 245 19.34 60.38 12.65
CA LEU A 245 18.98 58.98 12.64
C LEU A 245 19.76 58.26 13.74
N ASP A 246 19.24 57.12 14.18
CA ASP A 246 19.91 56.30 15.19
C ASP A 246 20.07 54.89 14.64
N ILE A 247 21.29 54.39 14.61
CA ILE A 247 21.57 53.06 14.09
C ILE A 247 21.80 52.17 15.30
N GLN A 248 20.78 51.45 15.74
CA GLN A 248 21.05 50.45 16.77
C GLN A 248 21.59 49.16 16.12
N ALA A 249 22.66 48.68 16.72
CA ALA A 249 23.44 47.57 16.18
C ALA A 249 23.72 46.63 17.35
N ARG A 250 22.90 45.61 17.49
CA ARG A 250 22.99 44.66 18.58
C ARG A 250 23.10 43.25 18.00
N TYR A 251 23.60 42.35 18.83
CA TYR A 251 23.64 40.94 18.45
C TYR A 251 22.25 40.32 18.53
N ILE A 252 22.16 39.08 18.05
CA ILE A 252 20.89 38.37 18.12
C ILE A 252 20.63 37.91 19.54
N TYR A 253 21.69 37.58 20.28
CA TYR A 253 21.56 37.06 21.63
C TYR A 253 21.53 38.15 22.71
N GLY A 254 21.31 39.42 22.32
CA GLY A 254 20.97 40.43 23.31
C GLY A 254 21.96 41.56 23.49
N LYS A 255 23.25 41.23 23.58
CA LYS A 255 24.31 42.18 23.93
C LYS A 255 24.62 43.11 22.76
N PRO A 256 25.06 44.35 23.04
CA PRO A 256 25.38 45.27 21.95
C PRO A 256 26.69 44.92 21.24
N VAL A 257 26.91 45.56 20.10
CA VAL A 257 28.02 45.25 19.20
C VAL A 257 29.09 46.32 19.37
N GLN A 258 30.31 45.89 19.69
CA GLN A 258 31.47 46.77 19.63
C GLN A 258 31.93 46.83 18.19
N GLY A 259 31.84 48.00 17.57
CA GLY A 259 32.16 48.10 16.16
C GLY A 259 32.23 49.54 15.69
N VAL A 260 32.42 49.69 14.38
CA VAL A 260 32.47 50.99 13.72
C VAL A 260 31.41 51.01 12.64
N ALA A 261 30.55 52.04 12.66
CA ALA A 261 29.46 52.15 11.70
C ALA A 261 29.88 52.98 10.50
N TYR A 262 29.72 52.42 9.30
CA TYR A 262 30.10 53.08 8.05
C TYR A 262 28.84 53.37 7.25
N VAL A 263 28.56 54.65 7.03
CA VAL A 263 27.29 55.11 6.49
C VAL A 263 27.54 55.79 5.14
N ARG A 264 26.75 55.42 4.13
CA ARG A 264 26.62 56.20 2.91
C ARG A 264 25.18 56.73 2.79
N PHE A 265 25.04 57.89 2.17
CA PHE A 265 23.76 58.56 1.98
C PHE A 265 23.41 58.62 0.50
N GLY A 266 22.17 58.97 0.22
CA GLY A 266 21.74 59.09 -1.16
C GLY A 266 20.27 59.41 -1.28
N LEU A 267 19.79 59.41 -2.53
CA LEU A 267 18.40 59.70 -2.86
C LEU A 267 17.87 58.61 -3.79
N LEU A 268 16.56 58.37 -3.73
CA LEU A 268 15.95 57.29 -4.47
C LEU A 268 14.59 57.75 -5.01
N ASP A 269 14.31 57.38 -6.26
CA ASP A 269 13.08 57.76 -6.93
C ASP A 269 12.06 56.61 -6.86
N GLU A 270 11.01 56.72 -7.68
CA GLU A 270 9.97 55.69 -7.70
C GLU A 270 10.35 54.50 -8.57
N ASP A 271 11.21 54.69 -9.58
CA ASP A 271 11.62 53.59 -10.43
C ASP A 271 12.63 52.68 -9.74
N GLY A 272 13.54 53.25 -8.94
CA GLY A 272 14.52 52.45 -8.24
C GLY A 272 15.95 52.82 -8.57
N LYS A 273 16.15 54.00 -9.15
CA LYS A 273 17.48 54.47 -9.52
C LYS A 273 18.14 55.13 -8.32
N LYS A 274 19.24 54.55 -7.85
CA LYS A 274 19.95 55.09 -6.70
C LYS A 274 20.88 56.21 -7.15
N THR A 275 20.84 57.33 -6.42
CA THR A 275 21.70 58.48 -6.69
C THR A 275 22.43 58.82 -5.40
N PHE A 276 23.71 58.45 -5.33
CA PHE A 276 24.47 58.61 -4.09
C PHE A 276 25.05 60.01 -3.99
N PHE A 277 25.54 60.34 -2.79
CA PHE A 277 26.23 61.59 -2.52
C PHE A 277 27.74 61.32 -2.52
N ARG A 278 28.45 61.94 -3.44
CA ARG A 278 29.91 61.87 -3.43
C ARG A 278 30.42 62.87 -2.40
N GLY A 279 31.11 62.36 -1.37
CA GLY A 279 31.35 63.12 -0.17
C GLY A 279 30.26 62.86 0.85
N LEU A 280 30.39 63.58 1.99
CA LEU A 280 29.44 63.60 3.12
C LEU A 280 29.25 62.22 3.75
N GLU A 281 30.26 61.36 3.71
CA GLU A 281 30.15 60.01 4.24
C GLU A 281 30.46 60.00 5.73
N SER A 282 29.75 59.16 6.47
CA SER A 282 29.86 59.11 7.93
C SER A 282 30.54 57.82 8.36
N GLN A 283 31.48 57.95 9.30
CA GLN A 283 32.17 56.81 9.90
C GLN A 283 32.27 57.03 11.41
N THR A 284 31.46 56.30 12.17
CA THR A 284 31.32 56.55 13.60
C THR A 284 31.56 55.27 14.39
N LYS A 285 32.07 55.43 15.60
CA LYS A 285 32.33 54.33 16.51
C LYS A 285 31.06 54.01 17.30
N LEU A 286 30.70 52.74 17.36
CA LEU A 286 29.55 52.31 18.15
C LEU A 286 29.92 52.28 19.62
N VAL A 287 29.18 53.04 20.44
CA VAL A 287 29.21 52.90 21.88
C VAL A 287 27.81 52.57 22.36
N ASN A 288 27.72 51.51 23.19
CA ASN A 288 26.47 50.88 23.66
C ASN A 288 25.57 50.45 22.50
N GLY A 289 26.19 49.99 21.40
CA GLY A 289 25.47 49.46 20.25
C GLY A 289 24.69 50.44 19.42
N GLN A 290 24.86 51.75 19.63
CA GLN A 290 24.10 52.75 18.90
C GLN A 290 25.04 53.77 18.26
N SER A 291 24.57 54.35 17.16
CA SER A 291 25.30 55.41 16.47
C SER A 291 24.29 56.47 16.05
N HIS A 292 24.33 57.62 16.73
CA HIS A 292 23.47 58.75 16.39
C HIS A 292 24.21 59.61 15.38
N ILE A 293 23.85 59.46 14.11
CA ILE A 293 24.43 60.28 13.05
C ILE A 293 23.53 61.48 12.81
N SER A 294 24.11 62.53 12.22
CA SER A 294 23.37 63.74 11.93
C SER A 294 23.85 64.30 10.61
N LEU A 295 22.90 64.72 9.77
CA LEU A 295 23.19 65.37 8.51
C LEU A 295 22.86 66.85 8.66
N SER A 296 23.86 67.70 8.45
CA SER A 296 23.69 69.13 8.69
C SER A 296 22.85 69.77 7.59
N LYS A 297 22.20 70.88 7.94
CA LYS A 297 21.41 71.62 6.96
C LYS A 297 22.30 72.37 5.97
N ALA A 298 23.54 72.70 6.35
CA ALA A 298 24.47 73.33 5.42
C ALA A 298 25.08 72.31 4.46
N GLU A 299 25.31 71.08 4.93
CA GLU A 299 25.82 70.03 4.07
C GLU A 299 24.77 69.50 3.10
N PHE A 300 23.49 69.64 3.43
CA PHE A 300 22.41 69.06 2.62
C PHE A 300 22.17 69.84 1.35
N GLN A 301 22.13 71.18 1.44
CA GLN A 301 21.92 72.00 0.26
C GLN A 301 23.17 72.08 -0.62
N ASP A 302 24.35 71.79 -0.07
CA ASP A 302 25.56 71.74 -0.87
C ASP A 302 25.60 70.50 -1.75
N ALA A 303 25.01 69.39 -1.29
CA ALA A 303 24.97 68.18 -2.09
C ALA A 303 23.97 68.25 -3.23
N LEU A 304 22.94 69.09 -3.10
CA LEU A 304 21.97 69.27 -4.17
C LEU A 304 22.52 70.15 -5.29
N GLU A 305 23.47 71.03 -4.98
CA GLU A 305 24.09 71.84 -6.00
C GLU A 305 25.07 71.03 -6.85
N LYS A 306 25.62 69.95 -6.28
CA LYS A 306 26.45 69.04 -7.06
C LYS A 306 25.60 68.21 -8.00
N LEU A 307 24.34 67.96 -7.63
CA LEU A 307 23.38 67.27 -8.46
C LEU A 307 22.44 68.23 -9.18
N ASN A 308 22.80 69.53 -9.19
CA ASN A 308 22.17 70.69 -9.88
C ASN A 308 20.65 70.78 -9.71
N MET A 309 20.18 70.50 -8.50
CA MET A 309 18.78 70.60 -8.13
C MET A 309 18.65 71.45 -6.88
N GLY A 310 17.40 71.73 -6.50
CA GLY A 310 17.14 72.55 -5.33
C GLY A 310 16.11 71.99 -4.37
N ILE A 311 15.65 72.83 -3.45
CA ILE A 311 14.68 72.39 -2.45
C ILE A 311 13.26 72.31 -3.01
N THR A 312 12.99 72.95 -4.15
CA THR A 312 11.68 72.86 -4.78
C THR A 312 11.54 71.60 -5.64
N ASP A 313 12.64 70.90 -5.91
CA ASP A 313 12.62 69.69 -6.72
C ASP A 313 12.45 68.42 -5.89
N LEU A 314 12.14 68.54 -4.60
CA LEU A 314 11.92 67.40 -3.73
C LEU A 314 10.44 67.13 -3.52
N GLN A 315 9.64 67.16 -4.59
CA GLN A 315 8.19 67.01 -4.47
C GLN A 315 7.82 65.54 -4.23
N GLY A 316 8.40 64.63 -4.99
CA GLY A 316 8.26 63.22 -4.70
C GLY A 316 9.41 62.73 -3.85
N LEU A 317 10.06 61.64 -4.30
CA LEU A 317 11.36 61.12 -3.85
C LEU A 317 11.39 60.62 -2.41
N ARG A 318 12.53 60.05 -2.02
CA ARG A 318 12.78 59.62 -0.65
C ARG A 318 14.29 59.56 -0.42
N LEU A 319 14.69 59.78 0.83
CA LEU A 319 16.09 59.84 1.20
C LEU A 319 16.60 58.44 1.51
N TYR A 320 17.66 58.03 0.84
CA TYR A 320 18.20 56.68 0.93
C TYR A 320 19.39 56.64 1.89
N VAL A 321 19.31 55.77 2.88
CA VAL A 321 20.40 55.53 3.84
C VAL A 321 20.76 54.06 3.77
N ALA A 322 22.01 53.77 3.39
CA ALA A 322 22.56 52.42 3.43
C ALA A 322 23.69 52.40 4.44
N ALA A 323 23.65 51.44 5.35
CA ALA A 323 24.65 51.31 6.40
C ALA A 323 25.20 49.90 6.45
N ALA A 324 26.51 49.79 6.62
CA ALA A 324 27.19 48.50 6.74
C ALA A 324 28.26 48.65 7.82
N ILE A 325 28.05 48.01 8.97
CA ILE A 325 28.99 48.12 10.06
C ILE A 325 29.95 46.94 10.00
N ILE A 326 31.09 47.09 10.66
CA ILE A 326 32.11 46.03 10.77
C ILE A 326 32.40 45.84 12.24
N GLU A 327 32.34 44.59 12.70
CA GLU A 327 32.68 44.24 14.08
C GLU A 327 34.17 44.48 14.32
N SER A 328 34.49 45.32 15.32
CA SER A 328 35.83 45.89 15.49
C SER A 328 36.90 44.89 15.95
N PRO A 329 36.60 43.80 16.73
CA PRO A 329 37.57 42.70 16.75
C PRO A 329 37.18 41.51 15.88
N GLY A 330 35.89 41.37 15.55
CA GLY A 330 35.41 40.16 14.94
C GLY A 330 35.67 40.05 13.45
N GLY A 331 35.71 41.19 12.75
CA GLY A 331 35.85 41.17 11.30
C GLY A 331 34.62 40.76 10.54
N GLU A 332 33.46 40.73 11.19
CA GLU A 332 32.22 40.31 10.59
C GLU A 332 31.38 41.53 10.23
N MET A 333 30.80 41.54 9.03
CA MET A 333 30.01 42.68 8.59
C MET A 333 28.62 42.22 8.15
N GLU A 334 27.65 43.09 8.40
CA GLU A 334 26.29 42.94 7.90
C GLU A 334 25.78 44.31 7.45
N GLU A 335 24.88 44.29 6.47
CA GLU A 335 24.34 45.51 5.87
C GLU A 335 22.91 45.75 6.34
N ALA A 336 22.46 46.98 6.13
CA ALA A 336 21.08 47.38 6.39
C ALA A 336 20.75 48.58 5.51
N GLU A 337 19.52 48.62 5.00
CA GLU A 337 19.05 49.74 4.21
C GLU A 337 17.90 50.44 4.91
N LEU A 338 17.50 51.57 4.34
CA LEU A 338 16.43 52.41 4.89
C LEU A 338 15.75 53.07 3.70
N THR A 339 14.57 52.54 3.33
CA THR A 339 13.95 52.84 2.04
C THR A 339 12.51 53.30 2.17
N SER A 340 12.15 53.89 3.31
CA SER A 340 10.76 54.32 3.54
C SER A 340 10.73 55.63 4.29
N TRP A 341 11.58 56.58 3.90
CA TRP A 341 11.68 57.87 4.58
C TRP A 341 11.46 58.95 3.53
N TYR A 342 10.18 59.18 3.21
CA TYR A 342 9.78 60.00 2.08
C TYR A 342 9.81 61.49 2.41
N PHE A 343 10.11 62.29 1.38
CA PHE A 343 9.89 63.73 1.45
C PHE A 343 8.40 64.02 1.32
N VAL A 344 7.81 64.60 2.37
CA VAL A 344 6.37 64.76 2.45
C VAL A 344 6.02 66.24 2.41
N SER A 345 4.72 66.51 2.21
CA SER A 345 4.20 67.86 2.23
C SER A 345 3.42 68.19 3.50
N SER A 346 3.07 67.17 4.30
CA SER A 346 2.30 67.35 5.52
C SER A 346 2.63 66.20 6.44
N PRO A 347 2.72 66.42 7.77
CA PRO A 347 3.04 65.33 8.69
C PRO A 347 1.84 64.45 9.06
N PHE A 348 0.67 64.68 8.48
CA PHE A 348 -0.52 63.91 8.80
C PHE A 348 -1.10 63.32 7.51
N SER A 349 -1.91 62.27 7.68
CA SER A 349 -2.54 61.57 6.56
C SER A 349 -4.05 61.56 6.77
N LEU A 350 -4.79 61.91 5.73
CA LEU A 350 -6.24 61.93 5.77
C LEU A 350 -6.81 60.66 5.15
N ASP A 351 -7.80 60.09 5.82
CA ASP A 351 -8.49 58.88 5.34
C ASP A 351 -9.99 59.14 5.53
N LEU A 352 -10.65 59.62 4.47
CA LEU A 352 -12.09 59.85 4.48
C LEU A 352 -12.85 58.69 3.84
N SER A 353 -12.28 57.49 3.88
CA SER A 353 -12.95 56.32 3.31
C SER A 353 -14.09 55.82 4.17
N LYS A 354 -14.11 56.17 5.47
CA LYS A 354 -15.22 55.80 6.33
C LYS A 354 -16.41 56.75 6.21
N THR A 355 -16.23 57.90 5.56
CA THR A 355 -17.31 58.83 5.33
C THR A 355 -18.17 58.32 4.18
N LYS A 356 -19.47 58.15 4.43
CA LYS A 356 -20.37 57.60 3.44
C LYS A 356 -20.75 58.66 2.40
N ARG A 357 -21.36 58.20 1.32
CA ARG A 357 -21.81 59.06 0.22
C ARG A 357 -23.32 58.91 0.06
N HIS A 358 -23.87 59.67 -0.90
CA HIS A 358 -25.25 59.59 -1.40
C HIS A 358 -26.27 59.86 -0.29
N LEU A 359 -25.98 60.86 0.54
CA LEU A 359 -26.68 61.02 1.81
C LEU A 359 -28.00 61.78 1.63
N VAL A 360 -28.93 61.48 2.52
CA VAL A 360 -30.32 61.97 2.56
C VAL A 360 -30.35 63.49 2.75
N PRO A 361 -31.04 64.24 1.88
CA PRO A 361 -31.30 65.66 2.19
C PRO A 361 -32.32 65.81 3.30
N GLY A 362 -32.04 66.72 4.23
CA GLY A 362 -32.84 66.86 5.43
C GLY A 362 -32.32 66.08 6.63
N ALA A 363 -31.24 65.34 6.46
CA ALA A 363 -30.59 64.54 7.50
C ALA A 363 -29.17 65.08 7.74
N PRO A 364 -28.61 64.88 8.94
CA PRO A 364 -27.22 65.29 9.17
C PRO A 364 -26.23 64.41 8.42
N PHE A 365 -25.31 65.05 7.70
CA PHE A 365 -24.24 64.35 7.01
C PHE A 365 -23.13 64.03 8.00
N LEU A 366 -22.76 62.75 8.07
CA LEU A 366 -21.81 62.28 9.07
C LEU A 366 -20.43 62.24 8.42
N LEU A 367 -19.62 63.26 8.70
CA LEU A 367 -18.25 63.33 8.22
C LEU A 367 -17.37 62.62 9.25
N GLN A 368 -16.99 61.38 8.93
CA GLN A 368 -16.16 60.57 9.81
C GLN A 368 -14.85 60.27 9.10
N ALA A 369 -13.75 60.71 9.69
CA ALA A 369 -12.43 60.60 9.08
C ALA A 369 -11.46 59.94 10.06
N LEU A 370 -10.27 59.63 9.55
CA LEU A 370 -9.23 58.96 10.32
C LEU A 370 -7.93 59.72 10.13
N VAL A 371 -7.39 60.26 11.22
CA VAL A 371 -6.15 61.03 11.19
C VAL A 371 -5.02 60.12 11.66
N ARG A 372 -4.00 59.98 10.82
CA ARG A 372 -2.87 59.10 11.08
C ARG A 372 -1.57 59.89 10.92
N GLU A 373 -0.56 59.54 11.70
CA GLU A 373 0.79 60.05 11.46
C GLU A 373 1.33 59.50 10.14
N MET A 374 2.26 60.24 9.55
CA MET A 374 2.78 59.90 8.23
C MET A 374 3.74 58.72 8.36
N SER A 375 3.34 57.60 7.74
CA SER A 375 3.97 56.27 7.86
C SER A 375 4.11 55.84 9.31
N GLY A 376 3.03 55.97 10.06
CA GLY A 376 3.05 55.63 11.47
C GLY A 376 1.68 55.30 12.02
N SER A 377 1.56 55.42 13.34
CA SER A 377 0.36 55.08 14.09
C SER A 377 -0.70 56.17 13.91
N PRO A 378 -1.98 55.87 14.18
CA PRO A 378 -2.98 56.93 14.27
C PRO A 378 -2.76 57.81 15.49
N ALA A 379 -2.89 59.12 15.29
CA ALA A 379 -2.62 60.13 16.30
C ALA A 379 -3.92 60.75 16.80
N SER A 380 -3.98 61.03 18.09
CA SER A 380 -5.14 61.63 18.73
C SER A 380 -4.81 63.05 19.21
N GLY A 381 -5.86 63.85 19.34
CA GLY A 381 -5.71 65.22 19.79
C GLY A 381 -5.40 66.23 18.71
N ILE A 382 -5.70 65.91 17.47
CA ILE A 382 -5.39 66.78 16.32
C ILE A 382 -6.67 67.48 15.89
N PRO A 383 -6.67 68.81 15.77
CA PRO A 383 -7.90 69.52 15.37
C PRO A 383 -8.19 69.39 13.88
N VAL A 384 -9.47 69.19 13.56
CA VAL A 384 -9.95 69.06 12.19
C VAL A 384 -11.00 70.13 11.94
N LYS A 385 -10.76 70.99 10.95
CA LYS A 385 -11.69 72.05 10.57
C LYS A 385 -12.25 71.76 9.18
N VAL A 386 -13.57 71.76 9.06
CA VAL A 386 -14.24 71.40 7.81
C VAL A 386 -15.01 72.63 7.32
N SER A 387 -14.70 73.07 6.09
CA SER A 387 -15.43 74.14 5.43
C SER A 387 -16.40 73.50 4.43
N ALA A 388 -17.69 73.48 4.80
CA ALA A 388 -18.72 72.83 4.01
C ALA A 388 -19.49 73.89 3.22
N THR A 389 -19.37 73.83 1.89
CA THR A 389 -20.05 74.75 0.99
C THR A 389 -21.12 73.99 0.21
N VAL A 390 -22.38 74.31 0.48
CA VAL A 390 -23.50 73.72 -0.25
C VAL A 390 -23.75 74.56 -1.51
N SER A 391 -23.85 73.88 -2.65
CA SER A 391 -23.98 74.59 -3.92
C SER A 391 -25.44 74.97 -4.15
N SER A 392 -25.68 75.64 -5.29
CA SER A 392 -26.92 76.39 -5.49
C SER A 392 -28.05 75.50 -6.02
N PRO A 393 -29.20 75.49 -5.36
CA PRO A 393 -30.42 74.94 -5.96
C PRO A 393 -31.27 76.01 -6.63
N GLY A 394 -30.71 77.20 -6.84
CA GLY A 394 -31.45 78.38 -7.24
C GLY A 394 -31.27 79.56 -6.31
N SER A 395 -30.61 79.38 -5.18
CA SER A 395 -30.33 80.41 -4.19
C SER A 395 -28.81 80.58 -4.02
N VAL A 396 -28.40 81.40 -3.06
CA VAL A 396 -26.99 81.68 -2.84
C VAL A 396 -26.32 80.53 -2.09
N PRO A 397 -25.02 80.27 -2.31
CA PRO A 397 -24.33 79.25 -1.50
C PRO A 397 -23.96 79.75 -0.11
N GLU A 398 -24.04 78.85 0.86
CA GLU A 398 -23.76 79.15 2.26
C GLU A 398 -22.61 78.29 2.78
N VAL A 399 -21.75 78.90 3.60
CA VAL A 399 -20.52 78.28 4.07
C VAL A 399 -20.65 78.00 5.56
N GLN A 400 -20.38 76.75 5.96
CA GLN A 400 -20.34 76.36 7.36
C GLN A 400 -18.93 75.93 7.75
N ASP A 401 -18.55 76.22 9.00
CA ASP A 401 -17.22 75.90 9.51
C ASP A 401 -17.37 75.31 10.92
N ILE A 402 -17.07 74.02 11.05
CA ILE A 402 -17.22 73.28 12.31
C ILE A 402 -15.89 72.60 12.62
N GLN A 403 -15.34 72.88 13.81
CA GLN A 403 -14.07 72.30 14.26
C GLN A 403 -14.32 71.29 15.37
N GLN A 404 -13.57 70.17 15.33
CA GLN A 404 -13.63 69.16 16.38
C GLN A 404 -12.31 68.40 16.40
N ASN A 405 -11.82 68.09 17.62
CA ASN A 405 -10.60 67.31 17.79
C ASN A 405 -10.87 65.83 17.53
N THR A 406 -9.79 65.07 17.37
CA THR A 406 -9.87 63.63 17.20
C THR A 406 -9.90 62.94 18.56
N ASP A 407 -10.81 61.98 18.72
CA ASP A 407 -11.02 61.33 20.01
C ASP A 407 -9.93 60.29 20.26
N GLY A 408 -10.16 59.07 19.82
CA GLY A 408 -9.21 57.99 20.04
C GLY A 408 -8.92 57.23 18.76
N SER A 409 -7.63 56.91 18.56
CA SER A 409 -7.07 56.29 17.34
C SER A 409 -7.42 57.08 16.08
N GLY A 410 -7.36 58.41 16.18
CA GLY A 410 -7.63 59.29 15.06
C GLY A 410 -9.08 59.39 14.63
N GLN A 411 -10.02 58.88 15.43
CA GLN A 411 -11.43 58.88 15.05
C GLN A 411 -12.05 60.23 15.38
N VAL A 412 -12.53 60.92 14.36
CA VAL A 412 -13.33 62.13 14.51
C VAL A 412 -14.66 61.89 13.80
N SER A 413 -15.74 62.40 14.38
CA SER A 413 -17.09 62.19 13.86
C SER A 413 -17.83 63.52 13.92
N ILE A 414 -17.92 64.19 12.77
CA ILE A 414 -18.45 65.55 12.66
C ILE A 414 -19.80 65.47 11.94
N PRO A 415 -20.91 65.73 12.62
CA PRO A 415 -22.18 65.90 11.90
C PRO A 415 -22.36 67.34 11.44
N ILE A 416 -22.67 67.50 10.15
CA ILE A 416 -22.98 68.81 9.59
C ILE A 416 -24.41 68.79 9.09
N ILE A 417 -25.04 69.96 9.09
CA ILE A 417 -26.47 70.08 8.84
C ILE A 417 -26.71 70.24 7.34
N ILE A 418 -27.50 69.33 6.77
CA ILE A 418 -27.87 69.36 5.36
C ILE A 418 -29.37 69.57 5.28
N PRO A 419 -29.86 70.62 4.60
CA PRO A 419 -31.31 70.82 4.48
C PRO A 419 -31.90 70.04 3.32
N GLN A 420 -33.18 70.29 3.03
CA GLN A 420 -33.84 69.67 1.88
C GLN A 420 -33.47 70.42 0.60
N THR A 421 -33.69 69.73 -0.54
CA THR A 421 -33.49 70.22 -1.92
C THR A 421 -32.06 70.70 -2.17
N ILE A 422 -31.09 69.86 -1.79
CA ILE A 422 -29.69 70.13 -2.06
C ILE A 422 -29.40 69.80 -3.53
N SER A 423 -28.52 70.58 -4.16
CA SER A 423 -28.04 70.27 -5.50
C SER A 423 -26.81 69.37 -5.46
N GLU A 424 -25.75 69.81 -4.78
CA GLU A 424 -24.59 68.99 -4.48
C GLU A 424 -23.91 69.57 -3.24
N LEU A 425 -22.91 68.85 -2.75
CA LEU A 425 -22.19 69.24 -1.54
C LEU A 425 -20.68 69.18 -1.81
N GLN A 426 -20.01 70.29 -1.55
CA GLN A 426 -18.56 70.42 -1.72
C GLN A 426 -17.92 70.60 -0.35
N LEU A 427 -16.91 69.78 -0.06
CA LEU A 427 -16.26 69.77 1.24
C LEU A 427 -14.81 70.24 1.11
N SER A 428 -14.36 71.00 2.11
CA SER A 428 -12.96 71.46 2.20
C SER A 428 -12.49 71.14 3.62
N VAL A 429 -11.82 70.00 3.78
CA VAL A 429 -11.46 69.47 5.09
C VAL A 429 -9.99 69.79 5.36
N SER A 430 -9.74 70.51 6.45
CA SER A 430 -8.39 70.84 6.89
C SER A 430 -8.13 70.19 8.25
N ALA A 431 -6.96 69.59 8.40
CA ALA A 431 -6.62 68.88 9.62
C ALA A 431 -5.17 69.12 9.99
N GLY A 432 -4.93 69.57 11.22
CA GLY A 432 -3.58 69.75 11.70
C GLY A 432 -3.16 71.20 11.70
N SER A 433 -2.29 71.54 12.64
CA SER A 433 -1.75 72.89 12.77
C SER A 433 -0.39 72.82 13.45
N PRO A 434 0.68 73.35 12.82
CA PRO A 434 0.73 73.96 11.49
C PRO A 434 0.89 72.94 10.36
N HIS A 435 0.94 73.44 9.12
CA HIS A 435 1.06 72.74 7.85
C HIS A 435 -0.04 71.68 7.68
N PRO A 436 -1.25 72.05 7.29
CA PRO A 436 -2.36 71.10 7.33
C PRO A 436 -2.36 70.16 6.13
N ALA A 437 -3.17 69.12 6.24
CA ALA A 437 -3.46 68.21 5.13
C ALA A 437 -4.87 68.51 4.60
N ILE A 438 -5.01 68.57 3.28
CA ILE A 438 -6.25 68.97 2.66
C ILE A 438 -6.83 67.80 1.86
N ALA A 439 -8.14 67.86 1.65
CA ALA A 439 -8.88 66.87 0.88
C ALA A 439 -10.16 67.52 0.35
N ARG A 440 -10.46 67.27 -0.92
CA ARG A 440 -11.65 67.78 -1.56
C ARG A 440 -12.59 66.63 -1.88
N LEU A 441 -13.90 66.86 -1.71
CA LEU A 441 -14.89 65.81 -1.92
C LEU A 441 -16.17 66.43 -2.45
N THR A 442 -16.67 65.89 -3.57
CA THR A 442 -17.92 66.30 -4.16
C THR A 442 -18.86 65.10 -4.18
N VAL A 443 -20.02 65.24 -3.53
CA VAL A 443 -21.01 64.18 -3.45
C VAL A 443 -22.30 64.69 -4.09
N ALA A 444 -23.02 63.77 -4.74
CA ALA A 444 -24.22 64.12 -5.47
C ALA A 444 -25.48 63.90 -4.63
N ALA A 445 -26.51 64.67 -4.94
CA ALA A 445 -27.81 64.59 -4.28
C ALA A 445 -28.64 63.46 -4.87
N PRO A 446 -29.67 63.00 -4.15
CA PRO A 446 -30.67 62.15 -4.79
C PRO A 446 -31.47 62.93 -5.82
N PRO A 447 -32.03 62.25 -6.83
CA PRO A 447 -32.79 62.96 -7.88
C PRO A 447 -34.12 63.50 -7.35
N SER A 448 -34.61 64.53 -8.04
CA SER A 448 -35.75 65.32 -7.58
C SER A 448 -37.06 64.62 -7.97
N GLY A 449 -37.34 63.52 -7.30
CA GLY A 449 -38.63 62.87 -7.38
C GLY A 449 -39.18 62.62 -5.99
N GLY A 450 -38.37 61.98 -5.15
CA GLY A 450 -38.67 61.79 -3.75
C GLY A 450 -39.81 60.84 -3.46
N PRO A 451 -39.52 59.54 -3.38
CA PRO A 451 -40.51 58.61 -2.81
C PRO A 451 -40.52 58.59 -1.29
N GLY A 452 -39.49 59.15 -0.66
CA GLY A 452 -39.31 59.08 0.78
C GLY A 452 -37.83 58.78 0.99
N PHE A 453 -37.33 59.16 2.16
CA PHE A 453 -35.92 58.96 2.48
C PHE A 453 -35.81 58.45 3.91
N LEU A 454 -34.74 57.69 4.16
CA LEU A 454 -34.52 57.06 5.46
C LEU A 454 -33.13 57.42 5.98
N SER A 455 -33.07 57.94 7.21
CA SER A 455 -31.84 58.35 7.83
C SER A 455 -31.43 57.37 8.93
N ILE A 456 -30.15 56.99 8.94
CA ILE A 456 -29.58 56.13 9.97
C ILE A 456 -28.46 56.89 10.66
N GLU A 457 -28.61 57.08 11.97
CA GLU A 457 -27.61 57.80 12.76
C GLU A 457 -27.03 56.87 13.84
N ARG A 458 -25.85 57.24 14.31
CA ARG A 458 -25.09 56.45 15.28
C ARG A 458 -24.71 57.34 16.45
N PRO A 459 -25.31 57.15 17.64
CA PRO A 459 -24.99 58.02 18.78
C PRO A 459 -23.62 57.77 19.39
N ASP A 460 -23.30 56.49 19.62
CA ASP A 460 -22.00 56.12 20.17
C ASP A 460 -21.07 55.84 19.00
N SER A 461 -20.15 56.77 18.73
CA SER A 461 -19.23 56.63 17.61
C SER A 461 -17.99 55.80 17.93
N ARG A 462 -17.92 55.22 19.12
CA ARG A 462 -16.81 54.35 19.47
C ARG A 462 -16.98 53.00 18.77
N PRO A 463 -15.90 52.41 18.26
CA PRO A 463 -15.98 51.04 17.74
C PRO A 463 -16.16 50.04 18.87
N PRO A 464 -17.25 49.27 18.88
CA PRO A 464 -17.53 48.39 20.01
C PRO A 464 -16.74 47.10 19.94
N ARG A 465 -16.55 46.50 21.11
CA ARG A 465 -15.96 45.18 21.21
C ARG A 465 -17.06 44.12 21.21
N VAL A 466 -16.68 42.86 21.30
CA VAL A 466 -17.63 41.76 21.33
C VAL A 466 -18.29 41.71 22.71
N GLY A 467 -19.60 41.90 22.74
CA GLY A 467 -20.35 41.97 23.98
C GLY A 467 -21.02 43.31 24.22
N ASP A 468 -20.73 44.33 23.43
CA ASP A 468 -21.34 45.64 23.59
C ASP A 468 -22.63 45.71 22.78
N THR A 469 -23.72 46.09 23.44
CA THR A 469 -25.00 46.27 22.78
C THR A 469 -25.11 47.70 22.25
N LEU A 470 -25.17 47.85 20.93
CA LEU A 470 -25.13 49.15 20.29
C LEU A 470 -26.53 49.59 19.87
N ASN A 471 -26.84 50.86 20.13
CA ASN A 471 -28.15 51.43 19.85
C ASN A 471 -28.09 52.29 18.59
N LEU A 472 -29.13 52.19 17.76
CA LEU A 472 -29.25 52.99 16.54
C LEU A 472 -30.65 53.57 16.45
N ASN A 473 -30.77 54.73 15.81
CA ASN A 473 -32.02 55.46 15.70
C ASN A 473 -32.46 55.53 14.24
N LEU A 474 -33.78 55.44 14.02
CA LEU A 474 -34.37 55.43 12.68
C LEU A 474 -35.47 56.48 12.59
N ARG A 475 -35.37 57.36 11.59
CA ARG A 475 -36.41 58.35 11.31
C ARG A 475 -36.68 58.39 9.81
N ALA A 476 -37.96 58.34 9.45
CA ALA A 476 -38.38 58.47 8.05
C ALA A 476 -38.52 59.96 7.71
N VAL A 477 -37.84 60.39 6.65
CA VAL A 477 -37.73 61.81 6.31
C VAL A 477 -38.26 62.02 4.89
N GLY A 478 -39.23 62.92 4.75
CA GLY A 478 -39.56 63.48 3.46
C GLY A 478 -40.80 62.95 2.76
N SER A 479 -41.63 62.17 3.44
CA SER A 479 -42.86 61.66 2.84
C SER A 479 -43.88 61.43 3.94
N GLY A 480 -45.10 61.10 3.52
CA GLY A 480 -46.14 60.76 4.47
C GLY A 480 -45.92 59.38 5.06
N ALA A 481 -46.15 59.26 6.37
CA ALA A 481 -45.90 58.00 7.08
C ALA A 481 -47.12 57.10 6.97
N THR A 482 -47.29 56.53 5.78
CA THR A 482 -48.34 55.55 5.54
C THR A 482 -47.92 54.14 5.94
N PHE A 483 -46.66 53.94 6.30
CA PHE A 483 -46.14 52.64 6.69
C PHE A 483 -46.39 52.38 8.17
N SER A 484 -46.24 51.13 8.57
CA SER A 484 -46.49 50.72 9.95
C SER A 484 -45.28 50.14 10.66
N HIS A 485 -44.38 49.46 9.94
CA HIS A 485 -43.23 48.80 10.56
C HIS A 485 -41.96 49.10 9.78
N TYR A 486 -40.87 49.22 10.52
CA TYR A 486 -39.52 49.12 9.95
C TYR A 486 -39.09 47.67 9.89
N TYR A 487 -38.17 47.38 8.98
CA TYR A 487 -37.63 46.03 8.83
C TYR A 487 -36.13 46.14 8.60
N TYR A 488 -35.36 45.36 9.36
CA TYR A 488 -33.91 45.44 9.33
C TYR A 488 -33.31 44.04 9.25
N MET A 489 -32.05 43.99 8.83
CA MET A 489 -31.29 42.75 8.79
C MET A 489 -29.81 43.07 8.94
N ILE A 490 -29.08 42.12 9.52
CA ILE A 490 -27.66 42.29 9.83
C ILE A 490 -26.87 41.38 8.90
N LEU A 491 -26.00 41.97 8.08
CA LEU A 491 -25.22 41.24 7.09
C LEU A 491 -23.79 41.13 7.57
N SER A 492 -23.23 39.91 7.53
CA SER A 492 -21.86 39.70 7.94
C SER A 492 -21.28 38.49 7.20
N ARG A 493 -20.04 38.67 6.72
CA ARG A 493 -19.22 37.65 6.03
C ARG A 493 -19.88 37.10 4.76
N GLY A 494 -20.69 37.93 4.11
CA GLY A 494 -21.39 37.48 2.91
C GLY A 494 -22.55 36.54 3.17
N GLN A 495 -23.13 36.59 4.35
CA GLN A 495 -24.35 35.84 4.68
C GLN A 495 -25.33 36.78 5.35
N ILE A 496 -26.56 36.32 5.54
CA ILE A 496 -27.58 37.05 6.29
C ILE A 496 -27.64 36.42 7.68
N VAL A 497 -27.13 37.13 8.69
CA VAL A 497 -26.96 36.55 10.00
C VAL A 497 -28.26 36.60 10.80
N PHE A 498 -28.86 37.78 10.93
CA PHE A 498 -30.05 37.97 11.74
C PHE A 498 -30.99 38.92 11.03
N MET A 499 -32.29 38.70 11.22
CA MET A 499 -33.32 39.48 10.55
C MET A 499 -34.55 39.56 11.44
N ASN A 500 -35.04 40.78 11.68
CA ASN A 500 -36.11 41.01 12.63
C ASN A 500 -36.81 42.32 12.23
N ARG A 501 -37.86 42.69 12.96
CA ARG A 501 -38.60 43.91 12.71
C ARG A 501 -38.65 44.75 13.98
N GLU A 502 -39.17 45.97 13.84
CA GLU A 502 -39.27 46.90 14.97
C GLU A 502 -40.45 47.82 14.67
N PRO A 503 -41.35 48.03 15.62
CA PRO A 503 -42.52 48.89 15.35
C PRO A 503 -42.17 50.36 15.33
N LYS A 504 -42.97 51.12 14.57
CA LYS A 504 -42.71 52.53 14.38
C LYS A 504 -43.27 53.32 15.55
N ARG A 505 -42.46 54.22 16.11
CA ARG A 505 -42.83 55.05 17.24
C ARG A 505 -42.28 56.46 17.01
N THR A 506 -42.73 57.38 17.85
CA THR A 506 -42.04 58.67 17.97
C THR A 506 -40.71 58.42 18.68
N LEU A 507 -39.61 58.84 18.02
CA LEU A 507 -38.22 58.51 18.33
C LEU A 507 -38.03 57.00 18.44
N THR A 508 -37.82 56.34 17.30
CA THR A 508 -37.75 54.89 17.23
C THR A 508 -36.30 54.43 17.34
N SER A 509 -36.05 53.43 18.19
CA SER A 509 -34.70 52.92 18.42
C SER A 509 -34.72 51.40 18.37
N VAL A 510 -33.53 50.83 18.18
CA VAL A 510 -33.35 49.37 18.12
C VAL A 510 -31.96 49.07 18.67
N SER A 511 -31.84 47.95 19.39
CA SER A 511 -30.58 47.54 19.99
C SER A 511 -30.07 46.29 19.30
N VAL A 512 -28.82 46.31 18.88
CA VAL A 512 -28.17 45.20 18.19
C VAL A 512 -27.01 44.71 19.06
N PHE A 513 -27.08 43.46 19.50
CA PHE A 513 -25.99 42.86 20.27
C PHE A 513 -24.87 42.45 19.32
N VAL A 514 -23.69 43.03 19.51
CA VAL A 514 -22.53 42.69 18.70
C VAL A 514 -22.00 41.34 19.18
N ASP A 515 -22.22 40.31 18.38
CA ASP A 515 -21.81 38.96 18.70
C ASP A 515 -20.50 38.64 17.99
N HIS A 516 -19.90 37.49 18.33
CA HIS A 516 -18.71 37.01 17.64
C HIS A 516 -19.00 36.48 16.24
N HIS A 517 -20.27 36.22 15.91
CA HIS A 517 -20.64 35.91 14.53
C HIS A 517 -20.56 37.12 13.62
N LEU A 518 -20.63 38.33 14.16
CA LEU A 518 -20.73 39.57 13.40
C LEU A 518 -19.38 40.12 12.95
N ALA A 519 -18.28 39.32 13.02
CA ALA A 519 -16.99 39.50 12.36
C ALA A 519 -16.25 40.74 12.87
N PRO A 520 -15.09 41.13 12.32
CA PRO A 520 -14.66 42.54 12.47
C PRO A 520 -15.43 43.54 11.61
N SER A 521 -16.31 43.09 10.70
CA SER A 521 -17.12 44.00 9.90
C SER A 521 -18.51 43.43 9.74
N PHE A 522 -19.53 44.27 9.94
CA PHE A 522 -20.91 43.86 9.69
C PHE A 522 -21.68 45.05 9.16
N TYR A 523 -22.77 44.76 8.44
CA TYR A 523 -23.63 45.78 7.87
C TYR A 523 -24.97 45.82 8.59
N PHE A 524 -25.61 46.99 8.53
CA PHE A 524 -26.96 47.19 9.05
C PHE A 524 -27.80 47.82 7.95
N VAL A 525 -28.72 47.04 7.39
CA VAL A 525 -29.56 47.49 6.28
C VAL A 525 -31.01 47.51 6.78
N ALA A 526 -31.63 48.69 6.73
CA ALA A 526 -33.02 48.87 7.15
C ALA A 526 -33.80 49.54 6.04
N PHE A 527 -35.11 49.25 5.98
CA PHE A 527 -35.95 49.77 4.92
C PHE A 527 -37.41 49.81 5.37
N TYR A 528 -38.23 50.49 4.56
CA TYR A 528 -39.67 50.48 4.67
C TYR A 528 -40.24 50.76 3.28
N TYR A 529 -41.57 50.72 3.16
CA TYR A 529 -42.22 51.11 1.92
C TYR A 529 -43.06 52.36 2.10
N HIS A 530 -43.14 53.13 1.02
CA HIS A 530 -44.10 54.22 0.84
C HIS A 530 -44.99 53.81 -0.32
N GLY A 531 -46.08 53.11 0.00
CA GLY A 531 -46.94 52.57 -1.04
C GLY A 531 -46.37 51.31 -1.67
N ASP A 532 -45.89 51.42 -2.90
CA ASP A 532 -45.32 50.29 -3.63
C ASP A 532 -43.87 50.53 -4.02
N HIS A 533 -43.20 51.52 -3.42
CA HIS A 533 -41.85 51.87 -3.79
C HIS A 533 -40.92 51.75 -2.60
N PRO A 534 -39.74 51.15 -2.76
CA PRO A 534 -38.83 50.97 -1.63
C PRO A 534 -38.04 52.22 -1.25
N VAL A 535 -37.80 52.35 0.04
CA VAL A 535 -36.95 53.38 0.63
C VAL A 535 -35.97 52.70 1.56
N ALA A 536 -34.67 52.81 1.28
CA ALA A 536 -33.68 52.05 2.01
C ALA A 536 -32.45 52.92 2.32
N ASN A 537 -31.70 52.49 3.32
CA ASN A 537 -30.42 53.08 3.70
C ASN A 537 -29.62 52.02 4.46
N SER A 538 -28.30 52.17 4.43
CA SER A 538 -27.41 51.20 5.06
C SER A 538 -26.24 51.92 5.73
N LEU A 539 -25.51 51.18 6.58
CA LEU A 539 -24.42 51.74 7.35
C LEU A 539 -23.45 50.62 7.72
N ARG A 540 -22.14 50.91 7.59
CA ARG A 540 -21.09 49.98 7.96
C ARG A 540 -20.55 50.32 9.34
N VAL A 541 -20.52 49.32 10.22
CA VAL A 541 -19.95 49.45 11.56
C VAL A 541 -18.85 48.39 11.70
N ASP A 542 -17.63 48.84 11.95
CA ASP A 542 -16.52 47.93 12.19
C ASP A 542 -16.43 47.60 13.68
N VAL A 543 -15.90 46.40 13.96
CA VAL A 543 -15.76 45.89 15.31
C VAL A 543 -14.28 45.80 15.64
N GLN A 544 -13.85 46.50 16.69
CA GLN A 544 -12.46 46.50 17.11
C GLN A 544 -12.30 45.53 18.29
N ALA A 545 -12.37 44.26 17.94
CA ALA A 545 -12.19 43.20 18.93
C ALA A 545 -10.74 42.71 18.95
N GLY A 546 -10.40 41.86 17.98
CA GLY A 546 -9.05 41.33 17.87
C GLY A 546 -8.71 40.32 18.94
N ALA A 547 -9.62 39.38 19.19
CA ALA A 547 -9.41 38.35 20.20
C ALA A 547 -9.94 37.03 19.68
N CYS A 548 -9.35 35.94 20.18
CA CYS A 548 -9.76 34.60 19.80
C CYS A 548 -11.06 34.22 20.50
N GLU A 549 -11.70 33.17 19.98
CA GLU A 549 -12.86 32.60 20.68
C GLU A 549 -12.41 31.81 21.90
N GLY A 550 -11.40 30.94 21.73
CA GLY A 550 -10.71 30.35 22.84
C GLY A 550 -9.48 31.17 23.19
N LYS A 551 -8.38 30.51 23.53
CA LYS A 551 -7.10 31.21 23.68
C LYS A 551 -5.97 30.21 23.45
N LEU A 552 -4.78 30.78 23.24
CA LEU A 552 -3.55 30.00 23.24
C LEU A 552 -2.44 30.91 23.76
N GLU A 553 -1.90 30.58 24.93
CA GLU A 553 -0.82 31.35 25.53
C GLU A 553 0.40 30.47 25.67
N LEU A 554 1.54 30.94 25.17
CA LEU A 554 2.81 30.26 25.33
C LEU A 554 3.65 31.03 26.34
N SER A 555 4.31 30.31 27.24
CA SER A 555 5.09 30.94 28.29
C SER A 555 6.25 30.05 28.69
N VAL A 556 7.44 30.63 28.76
CA VAL A 556 8.62 30.02 29.36
C VAL A 556 8.92 30.83 30.62
N ASP A 557 8.68 30.21 31.79
CA ASP A 557 8.67 30.96 33.04
C ASP A 557 10.09 31.16 33.56
N GLY A 558 10.19 31.64 34.81
CA GLY A 558 11.46 32.06 35.34
C GLY A 558 11.80 33.46 34.89
N ALA A 559 12.97 33.91 35.32
CA ALA A 559 13.50 35.22 34.96
C ALA A 559 14.36 35.20 33.71
N LYS A 560 14.11 34.24 32.81
CA LYS A 560 14.91 33.85 31.67
C LYS A 560 16.34 33.56 32.10
N GLN A 561 17.28 34.11 31.33
CA GLN A 561 18.73 33.98 31.50
C GLN A 561 19.13 32.49 31.49
N TYR A 562 18.98 31.90 30.31
CA TYR A 562 19.25 30.48 30.11
C TYR A 562 20.55 30.30 29.35
N ARG A 563 21.33 29.29 29.73
CA ARG A 563 22.46 28.86 28.93
C ARG A 563 21.99 27.86 27.87
N ASN A 564 22.90 27.43 27.01
CA ASN A 564 22.60 26.41 26.03
C ASN A 564 22.53 25.03 26.68
N GLY A 565 21.73 24.15 26.08
CA GLY A 565 21.62 22.78 26.55
C GLY A 565 20.81 22.57 27.81
N GLU A 566 20.28 23.61 28.43
CA GLU A 566 19.54 23.44 29.66
C GLU A 566 18.11 22.99 29.35
N SER A 567 17.47 22.41 30.36
CA SER A 567 16.11 21.92 30.21
C SER A 567 15.12 23.08 30.29
N VAL A 568 14.18 23.11 29.35
CA VAL A 568 13.17 24.16 29.28
C VAL A 568 11.80 23.51 29.31
N LYS A 569 10.98 23.89 30.29
CA LYS A 569 9.58 23.49 30.35
C LYS A 569 8.75 24.54 29.62
N LEU A 570 8.26 24.19 28.44
CA LEU A 570 7.34 25.04 27.68
C LEU A 570 5.91 24.76 28.13
N HIS A 571 5.22 25.78 28.60
CA HIS A 571 3.87 25.64 29.12
C HIS A 571 2.86 25.92 28.02
N LEU A 572 1.85 25.04 27.91
CA LEU A 572 0.83 25.13 26.88
C LEU A 572 -0.52 25.27 27.56
N GLU A 573 -1.20 26.39 27.32
CA GLU A 573 -2.52 26.63 27.89
C GLU A 573 -3.53 26.92 26.79
N THR A 574 -4.70 26.28 26.90
CA THR A 574 -5.76 26.45 25.91
C THR A 574 -7.10 26.18 26.59
N ASP A 575 -8.17 26.63 25.93
CA ASP A 575 -9.51 26.58 26.50
C ASP A 575 -10.25 25.28 26.20
N SER A 576 -9.79 24.49 25.25
CA SER A 576 -10.53 23.31 24.82
C SER A 576 -9.54 22.20 24.45
N LEU A 577 -10.09 21.08 23.98
CA LEU A 577 -9.27 20.00 23.43
C LEU A 577 -8.78 20.43 22.05
N ALA A 578 -7.50 20.73 21.94
CA ALA A 578 -6.95 21.37 20.74
C ALA A 578 -5.71 20.66 20.26
N LEU A 579 -5.54 20.63 18.93
CA LEU A 579 -4.26 20.26 18.33
C LEU A 579 -3.40 21.52 18.27
N VAL A 580 -2.21 21.46 18.86
CA VAL A 580 -1.34 22.62 19.00
C VAL A 580 -0.10 22.40 18.13
N ALA A 581 0.00 23.17 17.05
CA ALA A 581 1.14 23.10 16.14
C ALA A 581 2.17 24.14 16.55
N LEU A 582 3.39 23.69 16.83
CA LEU A 582 4.43 24.53 17.43
C LEU A 582 5.64 24.64 16.52
N GLY A 583 6.50 25.60 16.84
CA GLY A 583 7.73 25.86 16.11
C GLY A 583 8.59 26.92 16.77
N ALA A 584 9.91 26.70 16.85
CA ALA A 584 10.84 27.61 17.49
C ALA A 584 11.82 28.13 16.44
N LEU A 585 11.69 29.40 16.06
CA LEU A 585 12.32 29.95 14.87
C LEU A 585 13.48 30.87 15.28
N ASP A 586 14.53 30.89 14.46
CA ASP A 586 15.73 31.66 14.76
C ASP A 586 15.56 33.09 14.25
N THR A 587 15.77 34.06 15.16
CA THR A 587 15.57 35.48 14.86
C THR A 587 16.69 36.03 13.97
N ALA A 588 17.83 35.35 13.91
CA ALA A 588 18.91 35.73 13.01
C ALA A 588 18.58 35.51 11.54
N LEU A 589 17.56 34.70 11.23
CA LEU A 589 17.06 34.56 9.86
C LEU A 589 16.41 35.84 9.33
N TYR A 590 15.90 36.69 10.21
CA TYR A 590 15.25 37.93 9.80
C TYR A 590 16.22 38.97 9.29
N ALA A 591 17.50 38.90 9.69
CA ALA A 591 18.51 39.81 9.19
C ALA A 591 19.15 39.34 7.91
N ALA A 592 19.11 38.03 7.63
CA ALA A 592 19.70 37.49 6.41
C ALA A 592 18.82 37.70 5.18
N GLY A 593 17.52 37.92 5.36
CA GLY A 593 16.63 38.12 4.23
C GLY A 593 16.78 39.49 3.62
N SER A 594 16.76 39.51 2.27
CA SER A 594 16.80 40.78 1.55
C SER A 594 15.48 41.53 1.71
N LYS A 595 14.37 40.85 1.47
CA LYS A 595 13.05 41.32 1.87
C LYS A 595 12.60 40.44 3.03
N SER A 596 12.46 41.05 4.20
CA SER A 596 12.11 40.31 5.41
C SER A 596 10.65 39.90 5.35
N HIS A 597 10.41 38.59 5.38
CA HIS A 597 9.07 38.06 5.23
C HIS A 597 8.29 38.19 6.53
N LYS A 598 7.02 38.56 6.41
CA LYS A 598 6.14 38.73 7.55
C LYS A 598 5.31 37.48 7.74
N PRO A 599 5.39 36.81 8.90
CA PRO A 599 4.73 35.49 9.04
C PRO A 599 3.26 35.57 9.36
N LEU A 600 2.76 34.55 10.06
CA LEU A 600 1.33 34.40 10.35
C LEU A 600 1.04 34.88 11.76
N ASN A 601 0.23 35.93 11.89
CA ASN A 601 -0.25 36.43 13.16
C ASN A 601 -1.77 36.32 13.20
N MET A 602 -2.37 36.86 14.27
CA MET A 602 -3.82 36.80 14.42
C MET A 602 -4.53 37.82 13.54
N GLY A 603 -3.84 38.89 13.15
CA GLY A 603 -4.45 39.90 12.29
C GLY A 603 -4.67 39.43 10.87
N LYS A 604 -3.90 38.44 10.41
CA LYS A 604 -4.17 37.82 9.12
C LYS A 604 -5.34 36.85 9.17
N VAL A 605 -5.74 36.39 10.36
CA VAL A 605 -6.90 35.51 10.47
C VAL A 605 -8.18 36.32 10.33
N PHE A 606 -8.23 37.53 10.91
CA PHE A 606 -9.44 38.34 10.83
C PHE A 606 -9.66 38.94 9.46
N GLU A 607 -8.58 39.17 8.69
CA GLU A 607 -8.76 39.68 7.33
C GLU A 607 -9.13 38.58 6.34
N ALA A 608 -8.92 37.31 6.71
CA ALA A 608 -9.42 36.21 5.91
C ALA A 608 -10.92 35.99 6.08
N MET A 609 -11.50 36.48 7.17
CA MET A 609 -12.93 36.37 7.38
C MET A 609 -13.70 37.37 6.52
N ASN A 610 -13.11 38.53 6.23
CA ASN A 610 -13.72 39.53 5.37
C ASN A 610 -13.36 39.37 3.90
N SER A 611 -12.74 38.25 3.53
CA SER A 611 -12.56 37.96 2.10
C SER A 611 -13.87 37.55 1.46
N TYR A 612 -14.80 37.00 2.26
CA TYR A 612 -16.13 36.67 1.80
C TYR A 612 -17.12 37.81 1.94
N ASP A 613 -16.66 38.99 2.37
CA ASP A 613 -17.53 40.16 2.45
C ASP A 613 -17.86 40.66 1.04
N LEU A 614 -19.15 40.84 0.77
CA LEU A 614 -19.63 41.13 -0.57
C LEU A 614 -19.99 42.60 -0.77
N GLY A 615 -19.74 43.45 0.21
CA GLY A 615 -20.12 44.84 0.14
C GLY A 615 -18.96 45.75 -0.17
N CYS A 616 -19.27 46.85 -0.88
CA CYS A 616 -18.28 47.85 -1.27
C CYS A 616 -18.73 49.21 -0.74
N GLY A 617 -17.88 49.84 0.06
CA GLY A 617 -18.13 51.19 0.51
C GLY A 617 -18.71 51.25 1.92
N PRO A 618 -18.94 52.46 2.42
CA PRO A 618 -19.52 52.60 3.77
C PRO A 618 -21.01 52.34 3.83
N GLY A 619 -21.68 52.28 2.69
CA GLY A 619 -23.11 52.07 2.63
C GLY A 619 -23.84 53.33 2.17
N GLY A 620 -25.15 53.17 2.00
CA GLY A 620 -25.99 54.25 1.51
C GLY A 620 -26.35 54.05 0.05
N GLY A 621 -27.04 55.06 -0.49
CA GLY A 621 -27.44 55.02 -1.88
C GLY A 621 -28.48 56.06 -2.23
N ASP A 622 -28.37 56.66 -3.41
CA ASP A 622 -29.38 57.59 -3.89
C ASP A 622 -30.66 56.86 -4.33
N SER A 623 -30.55 55.59 -4.69
CA SER A 623 -31.69 54.74 -4.96
C SER A 623 -31.85 53.72 -3.84
N ALA A 624 -32.98 53.02 -3.84
CA ALA A 624 -33.18 51.92 -2.90
C ALA A 624 -32.56 50.64 -3.41
N LEU A 625 -32.35 50.52 -4.72
CA LEU A 625 -31.64 49.37 -5.27
C LEU A 625 -30.14 49.51 -5.06
N GLN A 626 -29.62 50.74 -5.11
CA GLN A 626 -28.21 51.00 -4.91
C GLN A 626 -27.78 50.83 -3.45
N VAL A 627 -28.72 50.88 -2.50
CA VAL A 627 -28.42 50.51 -1.13
C VAL A 627 -28.15 49.01 -1.05
N PHE A 628 -28.96 48.22 -1.74
CA PHE A 628 -28.96 46.76 -1.57
C PHE A 628 -27.76 46.10 -2.24
N GLN A 629 -27.43 46.50 -3.47
CA GLN A 629 -26.33 45.85 -4.18
C GLN A 629 -24.97 46.43 -3.83
N ALA A 630 -24.91 47.58 -3.15
CA ALA A 630 -23.66 48.00 -2.53
C ALA A 630 -23.43 47.31 -1.20
N ALA A 631 -24.49 46.82 -0.55
CA ALA A 631 -24.35 46.00 0.63
C ALA A 631 -24.08 44.54 0.30
N GLY A 632 -24.32 44.14 -0.96
CA GLY A 632 -24.11 42.77 -1.38
C GLY A 632 -25.36 41.92 -1.45
N LEU A 633 -26.53 42.51 -1.62
CA LEU A 633 -27.78 41.80 -1.65
C LEU A 633 -28.37 41.79 -3.06
N ALA A 634 -29.26 40.83 -3.30
CA ALA A 634 -30.10 40.82 -4.47
C ALA A 634 -31.56 40.72 -4.02
N PHE A 635 -32.43 41.45 -4.71
CA PHE A 635 -33.77 41.75 -4.22
C PHE A 635 -34.72 41.90 -5.38
N SER A 636 -35.95 41.40 -5.22
CA SER A 636 -37.01 41.64 -6.19
C SER A 636 -38.36 41.60 -5.46
N ASP A 637 -39.16 42.64 -5.64
CA ASP A 637 -40.51 42.68 -5.10
C ASP A 637 -41.57 42.29 -6.11
N GLY A 638 -41.16 41.96 -7.34
CA GLY A 638 -42.06 41.65 -8.44
C GLY A 638 -41.97 42.64 -9.58
N ASP A 639 -41.65 43.90 -9.28
CA ASP A 639 -41.53 44.94 -10.30
C ASP A 639 -40.11 45.51 -10.37
N GLN A 640 -39.55 45.92 -9.24
CA GLN A 640 -38.17 46.41 -9.21
C GLN A 640 -37.23 45.30 -8.76
N TRP A 641 -36.07 45.22 -9.41
CA TRP A 641 -35.13 44.15 -9.15
C TRP A 641 -33.71 44.61 -9.44
N THR A 642 -32.76 43.95 -8.76
CA THR A 642 -31.34 44.26 -8.89
C THR A 642 -30.72 43.49 -10.04
N LEU A 643 -29.77 44.11 -10.72
CA LEU A 643 -29.00 43.39 -11.72
C LEU A 643 -27.85 42.65 -11.04
N SER A 644 -27.35 41.61 -11.72
CA SER A 644 -26.24 40.84 -11.17
C SER A 644 -24.92 41.59 -11.34
N ARG A 645 -24.10 41.57 -10.29
CA ARG A 645 -22.83 42.26 -10.31
C ARG A 645 -21.80 41.45 -11.12
N LYS A 646 -20.66 42.08 -11.39
CA LYS A 646 -19.61 41.47 -12.20
C LYS A 646 -18.41 41.24 -11.30
N ARG A 647 -18.51 40.19 -10.48
CA ARG A 647 -17.56 39.67 -9.47
C ARG A 647 -17.35 40.80 -8.43
N LEU A 648 -16.17 40.90 -7.83
CA LEU A 648 -15.90 41.92 -6.81
C LEU A 648 -15.18 43.12 -7.40
N SER A 649 -15.74 43.69 -8.47
CA SER A 649 -15.09 44.81 -9.15
C SER A 649 -15.29 46.12 -8.37
N CYS A 650 -16.55 46.60 -8.34
CA CYS A 650 -17.04 47.84 -7.72
C CYS A 650 -16.28 49.06 -8.23
N PRO A 651 -16.68 49.66 -9.38
CA PRO A 651 -15.97 50.81 -9.96
C PRO A 651 -16.15 52.09 -9.14
N ALA B 1 61.44 38.49 29.44
CA ALA B 1 61.03 39.87 29.66
C ALA B 1 59.50 39.99 29.66
N LEU B 2 58.94 40.53 28.58
CA LEU B 2 57.48 40.64 28.45
C LEU B 2 56.98 39.43 27.66
N GLU B 3 57.01 38.29 28.34
CA GLU B 3 56.69 37.00 27.72
C GLU B 3 56.00 36.10 28.74
N ILE B 4 55.14 36.69 29.58
CA ILE B 4 54.42 35.94 30.60
C ILE B 4 53.33 35.09 29.94
N LEU B 5 53.33 33.80 30.26
CA LEU B 5 52.45 32.84 29.61
C LEU B 5 52.21 31.68 30.55
N GLN B 6 51.15 30.93 30.26
CA GLN B 6 50.83 29.71 30.98
C GLN B 6 51.40 28.52 30.20
N GLU B 7 51.80 27.47 30.94
CA GLU B 7 52.41 26.31 30.30
C GLU B 7 51.90 25.04 30.97
N GLU B 8 50.87 24.44 30.35
CA GLU B 8 50.14 23.25 30.81
C GLU B 8 49.60 23.45 32.24
N ASP B 9 48.97 24.60 32.44
CA ASP B 9 48.18 24.87 33.63
C ASP B 9 46.70 24.87 33.29
N LEU B 10 46.35 24.14 32.23
CA LEU B 10 45.09 24.27 31.52
C LEU B 10 44.17 23.10 31.86
N ILE B 11 42.91 23.23 31.45
CA ILE B 11 41.91 22.20 31.74
C ILE B 11 41.96 21.10 30.69
N ASP B 12 41.13 20.07 30.89
CA ASP B 12 41.36 18.73 30.36
C ASP B 12 40.85 18.53 28.92
N GLU B 13 40.20 19.54 28.32
CA GLU B 13 39.46 19.57 27.04
C GLU B 13 38.20 18.70 27.02
N ASP B 14 38.28 17.46 27.52
CA ASP B 14 37.10 16.61 27.65
C ASP B 14 36.14 17.07 28.75
N ASP B 15 36.59 17.95 29.66
CA ASP B 15 35.71 18.60 30.62
C ASP B 15 34.93 19.76 30.01
N ILE B 16 35.24 20.16 28.77
CA ILE B 16 34.49 21.20 28.07
C ILE B 16 33.36 20.54 27.29
N PRO B 17 32.11 20.95 27.49
CA PRO B 17 31.02 20.49 26.62
C PRO B 17 31.17 21.10 25.22
N VAL B 18 31.27 20.24 24.22
CA VAL B 18 31.49 20.69 22.84
C VAL B 18 30.17 21.11 22.21
N ARG B 19 30.16 22.27 21.57
CA ARG B 19 28.98 22.76 20.87
C ARG B 19 28.97 22.23 19.43
N SER B 20 27.97 21.42 19.11
CA SER B 20 27.92 20.73 17.83
C SER B 20 26.58 20.81 17.11
N PHE B 21 25.47 21.04 17.81
CA PHE B 21 24.13 21.00 17.23
C PHE B 21 23.65 22.44 17.04
N PHE B 22 23.71 22.92 15.80
CA PHE B 22 23.30 24.28 15.44
C PHE B 22 22.21 24.23 14.37
N PRO B 23 20.95 24.03 14.74
CA PRO B 23 19.88 24.13 13.76
C PRO B 23 19.41 25.57 13.62
N GLU B 24 18.57 25.78 12.62
CA GLU B 24 17.95 27.08 12.40
C GLU B 24 16.45 27.06 12.68
N ASN B 25 15.83 25.89 12.72
CA ASN B 25 14.45 25.74 13.19
C ASN B 25 14.35 24.44 13.96
N TRP B 26 13.58 24.47 15.05
CA TRP B 26 13.35 23.30 15.87
C TRP B 26 11.97 23.42 16.51
N LEU B 27 11.67 22.46 17.40
CA LEU B 27 10.39 22.31 18.12
C LEU B 27 9.23 22.16 17.12
N TRP B 28 9.44 21.35 16.09
CA TRP B 28 8.49 21.21 14.99
C TRP B 28 7.65 19.97 15.28
N ARG B 29 6.69 20.12 16.18
CA ARG B 29 5.84 19.02 16.58
C ARG B 29 4.42 19.50 16.81
N VAL B 30 3.48 18.57 16.65
CA VAL B 30 2.07 18.81 16.91
C VAL B 30 1.68 17.98 18.13
N GLU B 31 1.25 18.66 19.19
CA GLU B 31 0.86 18.00 20.43
C GLU B 31 -0.65 18.09 20.62
N THR B 32 -1.23 17.02 21.18
CA THR B 32 -2.64 16.99 21.55
C THR B 32 -2.76 17.43 23.01
N VAL B 33 -3.38 18.58 23.23
CA VAL B 33 -3.39 19.24 24.54
C VAL B 33 -4.81 19.26 25.08
N ASP B 34 -5.02 18.57 26.20
CA ASP B 34 -6.27 18.66 26.97
C ASP B 34 -6.03 19.72 28.03
N ARG B 35 -6.44 20.96 27.71
CA ARG B 35 -6.28 22.20 28.48
C ARG B 35 -4.83 22.58 28.81
N PHE B 36 -4.09 21.73 29.52
CA PHE B 36 -2.78 22.07 30.03
C PHE B 36 -1.77 20.97 29.68
N GLN B 37 -0.57 21.39 29.30
CA GLN B 37 0.48 20.47 28.86
C GLN B 37 1.83 21.13 29.04
N ILE B 38 2.79 20.39 29.57
CA ILE B 38 4.17 20.85 29.74
C ILE B 38 5.09 19.98 28.90
N LEU B 39 5.83 20.61 27.99
CA LEU B 39 6.85 19.93 27.21
C LEU B 39 8.22 20.27 27.79
N THR B 40 8.94 19.24 28.23
CA THR B 40 10.29 19.41 28.77
C THR B 40 11.27 19.04 27.66
N LEU B 41 12.02 20.03 27.19
CA LEU B 41 12.84 19.91 25.99
C LEU B 41 14.24 20.44 26.30
N TRP B 42 15.11 20.38 25.28
CA TRP B 42 16.52 20.75 25.41
C TRP B 42 16.91 21.78 24.37
N LEU B 43 17.58 22.84 24.82
CA LEU B 43 18.01 23.95 23.98
C LEU B 43 19.21 23.53 23.13
N PRO B 44 19.29 24.00 21.89
CA PRO B 44 20.47 23.72 21.06
C PRO B 44 21.63 24.64 21.40
N ASP B 45 22.76 24.38 20.75
CA ASP B 45 24.01 25.05 21.05
C ASP B 45 24.16 26.42 20.39
N SER B 46 23.24 26.83 19.53
CA SER B 46 23.35 28.12 18.86
C SER B 46 23.03 29.24 19.83
N LEU B 47 23.89 30.26 19.88
CA LEU B 47 23.74 31.39 20.81
C LEU B 47 23.07 32.55 20.08
N THR B 48 21.75 32.50 20.01
CA THR B 48 20.94 33.56 19.42
C THR B 48 19.81 33.92 20.37
N THR B 49 18.68 34.41 19.83
CA THR B 49 17.42 34.38 20.56
C THR B 49 16.40 33.63 19.70
N TRP B 50 15.43 33.01 20.35
CA TRP B 50 14.46 32.17 19.67
C TRP B 50 13.08 32.80 19.76
N GLU B 51 12.34 32.72 18.66
CA GLU B 51 10.94 33.15 18.60
C GLU B 51 10.09 31.90 18.44
N ILE B 52 9.34 31.57 19.49
CA ILE B 52 8.56 30.35 19.54
C ILE B 52 7.11 30.71 19.25
N HIS B 53 6.62 30.31 18.08
CA HIS B 53 5.24 30.56 17.68
C HIS B 53 4.38 29.33 17.95
N GLY B 54 3.07 29.54 17.99
CA GLY B 54 2.14 28.47 18.27
C GLY B 54 0.80 28.72 17.64
N LEU B 55 0.11 27.63 17.29
CA LEU B 55 -1.18 27.69 16.63
C LEU B 55 -2.10 26.65 17.24
N SER B 56 -3.23 27.09 17.77
CA SER B 56 -4.23 26.22 18.36
C SER B 56 -5.37 25.97 17.38
N LEU B 57 -5.78 24.71 17.25
CA LEU B 57 -6.87 24.32 16.36
C LEU B 57 -7.79 23.38 17.15
N SER B 58 -8.84 23.93 17.75
CA SER B 58 -9.78 23.17 18.55
C SER B 58 -11.08 22.96 17.79
N LYS B 59 -11.78 21.89 18.14
CA LYS B 59 -13.03 21.54 17.48
C LYS B 59 -14.23 22.34 17.99
N THR B 60 -14.11 23.02 19.13
CA THR B 60 -15.21 23.76 19.72
C THR B 60 -15.02 25.27 19.74
N LYS B 61 -13.79 25.75 19.91
CA LYS B 61 -13.52 27.18 19.93
C LYS B 61 -12.71 27.66 18.72
N GLY B 62 -12.38 26.77 17.79
CA GLY B 62 -11.85 27.20 16.51
C GLY B 62 -10.35 27.48 16.52
N LEU B 63 -9.95 28.43 15.68
CA LEU B 63 -8.55 28.71 15.40
C LEU B 63 -8.06 29.89 16.23
N CYS B 64 -6.86 29.74 16.80
CA CYS B 64 -6.22 30.82 17.55
C CYS B 64 -4.71 30.64 17.48
N VAL B 65 -3.99 31.71 17.20
CA VAL B 65 -2.55 31.70 17.26
C VAL B 65 -2.11 32.40 18.55
N ALA B 66 -0.83 32.25 18.89
CA ALA B 66 -0.31 32.76 20.15
C ALA B 66 0.63 33.94 19.92
N THR B 67 0.71 34.81 20.92
CA THR B 67 1.75 35.82 20.94
C THR B 67 3.10 35.14 21.19
N PRO B 68 4.09 35.35 20.33
CA PRO B 68 5.30 34.52 20.37
C PRO B 68 6.23 34.87 21.53
N VAL B 69 7.01 33.87 21.93
CA VAL B 69 7.90 33.96 23.09
C VAL B 69 9.32 34.26 22.61
N GLN B 70 9.89 35.36 23.09
CA GLN B 70 11.30 35.67 22.86
C GLN B 70 12.12 34.94 23.92
N LEU B 71 12.79 33.86 23.53
CA LEU B 71 13.60 33.06 24.43
C LEU B 71 15.07 33.26 24.07
N ARG B 72 15.85 33.69 25.05
CA ARG B 72 17.21 34.19 24.83
C ARG B 72 18.20 33.25 25.47
N VAL B 73 19.23 32.86 24.74
CA VAL B 73 20.28 31.98 25.27
C VAL B 73 21.60 32.75 25.27
N PHE B 74 22.46 32.39 26.21
CA PHE B 74 23.66 33.18 26.49
C PHE B 74 24.66 32.31 27.22
N ARG B 75 25.91 32.28 26.74
CA ARG B 75 26.94 31.40 27.25
C ARG B 75 28.03 32.18 28.01
N GLU B 76 28.11 33.50 27.81
CA GLU B 76 28.88 34.53 28.51
C GLU B 76 30.38 34.45 28.22
N PHE B 77 30.98 33.27 28.26
CA PHE B 77 32.26 33.00 27.60
C PHE B 77 32.03 31.95 26.53
N HIS B 78 32.23 32.34 25.26
CA HIS B 78 32.02 31.44 24.14
C HIS B 78 32.87 31.91 22.97
N LEU B 79 33.01 31.05 21.96
CA LEU B 79 33.66 31.41 20.71
C LEU B 79 32.71 31.11 19.55
N HIS B 80 32.64 32.04 18.61
CA HIS B 80 31.73 31.95 17.48
C HIS B 80 32.53 31.62 16.22
N LEU B 81 32.17 30.52 15.56
CA LEU B 81 32.83 30.09 14.33
C LEU B 81 31.83 30.23 13.19
N ARG B 82 31.85 31.38 12.53
CA ARG B 82 31.05 31.59 11.32
C ARG B 82 31.87 31.14 10.11
N LEU B 83 31.33 30.16 9.39
CA LEU B 83 31.97 29.62 8.20
C LEU B 83 31.76 30.55 7.02
N PRO B 84 32.50 30.38 5.93
CA PRO B 84 32.03 30.88 4.64
C PRO B 84 30.96 29.97 4.06
N MET B 85 30.37 30.43 2.95
CA MET B 85 29.24 29.71 2.35
C MET B 85 29.70 28.42 1.68
N SER B 86 30.72 28.51 0.84
CA SER B 86 31.27 27.32 0.19
C SER B 86 32.73 27.57 -0.13
N VAL B 87 33.58 26.60 0.21
CA VAL B 87 35.01 26.68 -0.04
C VAL B 87 35.41 25.51 -0.94
N ARG B 88 36.26 25.80 -1.92
CA ARG B 88 36.74 24.77 -2.84
C ARG B 88 37.89 24.00 -2.19
N ARG B 89 38.11 22.77 -2.69
CA ARG B 89 39.29 22.03 -2.29
C ARG B 89 40.51 22.59 -3.00
N PHE B 90 41.64 22.54 -2.28
CA PHE B 90 42.93 23.17 -2.62
C PHE B 90 42.80 24.69 -2.79
N GLU B 91 41.90 25.31 -2.03
CA GLU B 91 41.81 26.75 -1.92
C GLU B 91 42.03 27.09 -0.46
N GLN B 92 43.11 27.82 -0.17
CA GLN B 92 43.44 28.19 1.19
C GLN B 92 42.48 29.27 1.70
N LEU B 93 41.85 28.99 2.84
CA LEU B 93 40.94 29.93 3.48
C LEU B 93 41.43 30.24 4.89
N GLU B 94 40.82 31.25 5.49
CA GLU B 94 41.10 31.63 6.88
C GLU B 94 39.85 31.36 7.71
N LEU B 95 39.91 30.33 8.55
CA LEU B 95 38.88 30.18 9.57
C LEU B 95 39.09 31.25 10.64
N ARG B 96 38.02 31.96 11.00
CA ARG B 96 38.10 33.02 12.00
C ARG B 96 37.12 32.74 13.14
N PRO B 97 37.51 31.94 14.13
CA PRO B 97 36.77 31.93 15.40
C PRO B 97 37.13 33.14 16.25
N VAL B 98 36.11 33.75 16.85
CA VAL B 98 36.28 34.95 17.66
C VAL B 98 35.89 34.61 19.09
N LEU B 99 36.85 34.73 20.01
CA LEU B 99 36.56 34.55 21.42
C LEU B 99 35.77 35.73 21.96
N TYR B 100 34.76 35.45 22.78
CA TYR B 100 33.92 36.48 23.38
C TYR B 100 33.96 36.34 24.89
N ASN B 101 34.35 37.41 25.57
CA ASN B 101 34.45 37.46 27.03
C ASN B 101 33.53 38.56 27.52
N TYR B 102 32.45 38.17 28.20
CA TYR B 102 31.54 39.13 28.84
C TYR B 102 31.69 39.13 30.36
N LEU B 103 32.82 38.62 30.86
CA LEU B 103 33.12 38.63 32.27
C LEU B 103 34.00 39.82 32.63
N ASP B 104 34.20 40.02 33.93
CA ASP B 104 35.04 41.09 34.46
C ASP B 104 36.39 40.58 34.93
N LYS B 105 37.03 39.71 34.14
CA LYS B 105 38.31 39.13 34.51
C LYS B 105 39.18 39.02 33.26
N ASN B 106 40.45 39.44 33.38
CA ASN B 106 41.43 39.26 32.31
C ASN B 106 41.78 37.78 32.21
N LEU B 107 41.34 37.12 31.15
CA LEU B 107 41.54 35.70 30.96
C LEU B 107 42.78 35.42 30.10
N THR B 108 43.17 34.15 30.07
CA THR B 108 44.25 33.68 29.22
C THR B 108 43.85 32.31 28.67
N VAL B 109 43.53 32.25 27.37
CA VAL B 109 42.87 31.11 26.76
C VAL B 109 43.77 30.56 25.66
N SER B 110 44.01 29.25 25.68
CA SER B 110 44.71 28.56 24.61
C SER B 110 43.71 27.93 23.65
N VAL B 111 43.87 28.20 22.36
CA VAL B 111 42.94 27.79 21.32
C VAL B 111 43.69 26.91 20.33
N HIS B 112 43.16 25.71 20.07
CA HIS B 112 43.70 24.82 19.05
C HIS B 112 42.57 24.25 18.20
N VAL B 113 42.90 23.90 16.96
CA VAL B 113 42.00 23.20 16.07
C VAL B 113 42.39 21.72 16.09
N SER B 114 41.41 20.84 16.32
CA SER B 114 41.68 19.41 16.40
C SER B 114 42.01 18.86 15.03
N PRO B 115 43.07 18.04 14.89
CA PRO B 115 43.46 17.54 13.56
C PRO B 115 42.52 16.46 13.02
N VAL B 116 41.82 16.79 11.95
CA VAL B 116 40.87 15.89 11.30
C VAL B 116 41.43 15.56 9.92
N GLU B 117 41.27 14.29 9.52
CA GLU B 117 41.66 13.85 8.19
C GLU B 117 40.83 14.54 7.11
N GLY B 118 41.51 15.23 6.20
CA GLY B 118 40.88 16.07 5.19
C GLY B 118 41.26 17.53 5.25
N LEU B 119 42.03 17.95 6.26
CA LEU B 119 42.49 19.32 6.38
C LEU B 119 43.99 19.33 6.65
N CYS B 120 44.70 20.24 6.00
CA CYS B 120 46.12 20.44 6.25
C CYS B 120 46.25 21.69 7.11
N LEU B 121 46.54 21.50 8.39
CA LEU B 121 46.61 22.58 9.36
C LEU B 121 48.06 23.01 9.56
N ALA B 122 48.23 24.10 10.32
CA ALA B 122 49.56 24.62 10.62
C ALA B 122 50.23 23.73 11.64
N GLY B 123 51.30 23.05 11.23
CA GLY B 123 52.01 22.14 12.10
C GLY B 123 51.39 20.77 12.23
N GLY B 124 50.39 20.44 11.39
CA GLY B 124 49.74 19.15 11.45
C GLY B 124 48.50 19.08 12.29
N GLY B 125 48.20 20.12 13.07
CA GLY B 125 47.01 20.18 13.89
C GLY B 125 47.26 20.10 15.37
N GLY B 126 48.42 19.59 15.79
CA GLY B 126 48.71 19.46 17.21
C GLY B 126 49.08 20.76 17.90
N LEU B 127 49.48 21.78 17.15
CA LEU B 127 49.93 23.03 17.74
C LEU B 127 48.75 23.89 18.19
N ALA B 128 48.93 24.56 19.32
CA ALA B 128 47.94 25.44 19.90
C ALA B 128 48.46 26.88 19.90
N GLN B 129 47.54 27.82 20.07
CA GLN B 129 47.86 29.24 20.15
C GLN B 129 47.23 29.85 21.39
N GLN B 130 48.06 30.45 22.24
CA GLN B 130 47.55 31.22 23.36
C GLN B 130 47.30 32.66 22.95
N VAL B 131 46.23 33.25 23.50
CA VAL B 131 46.04 34.69 23.48
C VAL B 131 45.31 35.04 24.77
N LEU B 132 45.63 36.20 25.33
CA LEU B 132 44.96 36.71 26.51
C LEU B 132 43.84 37.65 26.07
N VAL B 133 42.67 37.47 26.65
CA VAL B 133 41.47 38.20 26.28
C VAL B 133 41.08 39.09 27.44
N PRO B 134 40.91 40.40 27.22
CA PRO B 134 40.61 41.31 28.35
C PRO B 134 39.17 41.18 28.82
N ALA B 135 38.89 41.87 29.92
CA ALA B 135 37.58 41.83 30.55
C ALA B 135 36.59 42.67 29.77
N GLY B 136 35.47 42.05 29.38
CA GLY B 136 34.45 42.74 28.62
C GLY B 136 34.82 43.03 27.19
N SER B 137 35.77 42.29 26.62
CA SER B 137 36.25 42.52 25.26
C SER B 137 36.23 41.21 24.50
N ALA B 138 36.59 41.28 23.23
CA ALA B 138 36.60 40.13 22.35
C ALA B 138 37.91 40.08 21.56
N ARG B 139 38.38 38.86 21.28
CA ARG B 139 39.65 38.63 20.59
C ARG B 139 39.51 37.56 19.51
N PRO B 140 40.02 37.79 18.30
CA PRO B 140 40.03 36.75 17.28
C PRO B 140 41.29 35.90 17.33
N VAL B 141 41.14 34.64 16.93
CA VAL B 141 42.26 33.70 16.79
C VAL B 141 42.18 33.15 15.37
N ALA B 142 43.12 33.57 14.52
CA ALA B 142 43.10 33.16 13.12
C ALA B 142 43.62 31.74 12.94
N PHE B 143 43.10 31.07 11.89
CA PHE B 143 43.61 29.76 11.47
C PHE B 143 43.59 29.67 9.96
N SER B 144 44.77 29.46 9.37
CA SER B 144 44.93 29.35 7.92
C SER B 144 44.86 27.87 7.54
N VAL B 145 43.75 27.48 6.91
CA VAL B 145 43.42 26.09 6.63
C VAL B 145 43.33 25.92 5.12
N VAL B 146 43.85 24.80 4.61
CA VAL B 146 43.59 24.37 3.24
C VAL B 146 42.98 22.97 3.31
N PRO B 147 41.87 22.71 2.60
CA PRO B 147 41.25 21.38 2.63
C PRO B 147 41.83 20.43 1.59
N THR B 148 41.55 19.14 1.80
CA THR B 148 42.06 18.08 0.95
C THR B 148 40.95 17.21 0.37
N ALA B 149 40.00 16.79 1.20
CA ALA B 149 38.93 15.89 0.77
C ALA B 149 37.89 16.62 -0.07
N ALA B 150 37.08 15.84 -0.79
CA ALA B 150 36.06 16.38 -1.69
C ALA B 150 34.68 16.47 -1.08
N ALA B 151 34.41 15.73 -0.01
CA ALA B 151 33.05 15.66 0.53
C ALA B 151 32.85 16.68 1.64
N ALA B 152 32.89 16.21 2.89
CA ALA B 152 32.66 17.08 4.03
C ALA B 152 33.58 16.66 5.17
N VAL B 153 34.19 17.66 5.82
CA VAL B 153 35.13 17.44 6.91
C VAL B 153 34.56 18.11 8.15
N SER B 154 34.35 17.32 9.21
CA SER B 154 33.85 17.86 10.48
C SER B 154 35.05 18.29 11.32
N LEU B 155 35.28 19.60 11.40
CA LEU B 155 36.38 20.16 12.16
C LEU B 155 35.90 20.65 13.51
N LYS B 156 36.77 20.57 14.51
CA LYS B 156 36.46 21.01 15.86
C LYS B 156 37.48 22.03 16.31
N VAL B 157 36.99 23.16 16.85
CA VAL B 157 37.84 24.23 17.36
C VAL B 157 37.59 24.34 18.86
N VAL B 158 38.63 24.12 19.65
CA VAL B 158 38.54 24.02 21.10
C VAL B 158 39.30 25.18 21.73
N ALA B 159 38.65 25.90 22.65
CA ALA B 159 39.27 26.98 23.40
C ALA B 159 39.21 26.64 24.88
N ARG B 160 40.36 26.60 25.54
CA ARG B 160 40.44 26.21 26.94
C ARG B 160 41.26 27.21 27.75
N GLY B 161 40.85 27.42 29.00
CA GLY B 161 41.52 28.31 29.91
C GLY B 161 42.27 27.57 31.00
N SER B 162 42.79 28.35 31.94
CA SER B 162 43.60 27.80 33.02
C SER B 162 42.73 27.46 34.23
N PHE B 163 43.35 26.86 35.25
CA PHE B 163 42.68 26.56 36.50
C PHE B 163 42.69 27.72 37.49
N GLU B 164 43.24 28.88 37.11
CA GLU B 164 43.07 30.08 37.92
C GLU B 164 41.62 30.55 37.87
N PHE B 165 40.99 30.44 36.71
CA PHE B 165 39.55 30.57 36.60
C PHE B 165 39.11 29.68 35.44
N PRO B 166 38.41 28.56 35.70
CA PRO B 166 38.14 27.58 34.64
C PRO B 166 37.11 28.02 33.61
N VAL B 167 37.58 28.58 32.51
CA VAL B 167 36.73 28.94 31.38
C VAL B 167 37.05 28.01 30.21
N GLY B 168 36.07 27.83 29.33
CA GLY B 168 36.27 26.98 28.18
C GLY B 168 35.05 26.80 27.28
N ASP B 169 35.28 26.68 25.97
CA ASP B 169 34.23 26.41 25.01
C ASP B 169 34.84 25.70 23.81
N ALA B 170 34.05 24.84 23.18
CA ALA B 170 34.51 24.09 22.01
C ALA B 170 33.39 24.02 20.98
N VAL B 171 33.73 24.26 19.72
CA VAL B 171 32.78 24.28 18.61
C VAL B 171 33.20 23.25 17.58
N SER B 172 32.33 22.29 17.29
CA SER B 172 32.53 21.33 16.21
C SER B 172 31.48 21.59 15.13
N LYS B 173 31.93 21.81 13.91
CA LYS B 173 31.04 22.18 12.82
C LYS B 173 31.55 21.58 11.51
N VAL B 174 30.64 21.15 10.66
CA VAL B 174 30.97 20.45 9.43
C VAL B 174 31.22 21.47 8.32
N LEU B 175 32.39 21.40 7.69
CA LEU B 175 32.74 22.28 6.59
C LEU B 175 32.35 21.64 5.27
N GLN B 176 31.66 22.41 4.41
CA GLN B 176 31.22 21.93 3.11
C GLN B 176 32.25 22.29 2.05
N ILE B 177 32.70 21.29 1.29
CA ILE B 177 33.74 21.44 0.29
C ILE B 177 33.09 21.42 -1.09
N GLU B 178 33.30 22.48 -1.86
CA GLU B 178 32.81 22.55 -3.23
C GLU B 178 33.62 21.62 -4.12
N LYS B 179 32.95 21.05 -5.13
CA LYS B 179 33.57 20.15 -6.08
C LYS B 179 34.53 20.91 -7.00
N GLU B 180 35.38 20.14 -7.70
CA GLU B 180 36.43 20.73 -8.52
C GLU B 180 35.85 21.30 -9.82
N GLY B 181 36.12 22.57 -10.07
CA GLY B 181 35.64 23.26 -11.24
C GLY B 181 34.54 24.24 -10.91
N ALA B 182 34.06 24.91 -11.96
CA ALA B 182 32.98 25.87 -11.87
C ALA B 182 31.69 25.26 -12.42
N ILE B 183 30.56 25.88 -12.08
CA ILE B 183 29.28 25.37 -12.53
C ILE B 183 29.04 25.78 -13.99
N HIS B 184 28.18 25.02 -14.66
CA HIS B 184 27.90 25.25 -16.07
C HIS B 184 26.50 24.75 -16.39
N ARG B 185 25.63 25.65 -16.82
CA ARG B 185 24.27 25.31 -17.21
C ARG B 185 24.17 25.32 -18.72
N GLU B 186 23.54 24.28 -19.28
CA GLU B 186 23.33 24.17 -20.72
C GLU B 186 21.84 24.00 -20.97
N GLU B 187 21.27 24.89 -21.78
CA GLU B 187 19.86 24.82 -22.15
C GLU B 187 19.73 24.25 -23.56
N LEU B 188 18.97 23.17 -23.69
CA LEU B 188 18.63 22.59 -24.98
C LEU B 188 17.15 22.88 -25.21
N VAL B 189 16.87 23.99 -25.90
CA VAL B 189 15.49 24.41 -26.12
C VAL B 189 14.92 23.67 -27.32
N TYR B 190 13.66 23.27 -27.22
CA TYR B 190 12.97 22.54 -28.26
C TYR B 190 11.51 22.96 -28.27
N GLU B 191 11.05 23.53 -29.39
CA GLU B 191 9.65 23.90 -29.54
C GLU B 191 8.82 22.67 -29.87
N LEU B 192 7.92 22.29 -28.97
CA LEU B 192 7.13 21.08 -29.14
C LEU B 192 5.93 21.31 -30.04
N ASN B 193 5.66 20.33 -30.90
CA ASN B 193 4.40 20.28 -31.64
C ASN B 193 4.11 18.81 -31.92
N PRO B 194 3.35 18.15 -31.03
CA PRO B 194 2.93 16.77 -31.32
C PRO B 194 1.85 16.68 -32.39
N LEU B 195 1.11 17.75 -32.62
CA LEU B 195 0.18 17.81 -33.73
C LEU B 195 0.97 17.98 -35.03
N ASP B 196 0.40 17.51 -36.13
CA ASP B 196 1.00 17.30 -37.48
C ASP B 196 2.19 16.35 -37.28
N HIS B 197 3.33 16.58 -37.91
CA HIS B 197 4.48 15.69 -37.78
C HIS B 197 5.76 16.51 -37.59
N ARG B 198 5.73 17.44 -36.64
CA ARG B 198 6.86 18.32 -36.38
C ARG B 198 7.76 17.83 -35.24
N GLY B 199 7.23 17.00 -34.35
CA GLY B 199 8.00 16.51 -33.22
C GLY B 199 7.24 15.47 -32.43
N ARG B 200 6.60 14.53 -33.14
CA ARG B 200 5.82 13.49 -32.49
C ARG B 200 6.72 12.48 -31.78
N THR B 201 7.94 12.27 -32.30
CA THR B 201 9.00 11.55 -31.62
C THR B 201 10.32 12.09 -32.15
N LEU B 202 11.32 12.11 -31.27
CA LEU B 202 12.63 12.68 -31.59
C LEU B 202 13.66 12.11 -30.63
N GLU B 203 14.93 12.39 -30.92
CA GLU B 203 16.02 12.04 -30.03
C GLU B 203 16.81 13.29 -29.67
N ILE B 204 17.54 13.20 -28.57
CA ILE B 204 18.32 14.32 -28.06
C ILE B 204 19.77 13.87 -28.07
N PRO B 205 20.72 14.71 -28.48
CA PRO B 205 22.14 14.31 -28.42
C PRO B 205 22.64 14.29 -26.99
N GLY B 206 23.81 13.64 -26.82
CA GLY B 206 24.50 13.63 -25.54
C GLY B 206 25.42 14.84 -25.38
N ASN B 207 26.25 14.78 -24.34
CA ASN B 207 27.17 15.87 -24.01
C ASN B 207 28.47 15.28 -23.45
N SER B 208 29.27 14.70 -24.34
CA SER B 208 30.64 14.28 -24.01
C SER B 208 31.60 15.44 -24.28
N ASP B 209 31.47 16.46 -23.44
CA ASP B 209 32.30 17.65 -23.52
C ASP B 209 33.71 17.31 -23.04
N PRO B 210 34.77 17.72 -23.77
CA PRO B 210 36.13 17.59 -23.21
C PRO B 210 36.45 18.56 -22.07
N ASN B 211 35.59 19.55 -21.79
CA ASN B 211 35.73 20.40 -20.61
C ASN B 211 35.08 19.82 -19.36
N MET B 212 34.56 18.60 -19.44
CA MET B 212 33.85 17.98 -18.32
C MET B 212 34.84 17.45 -17.28
N ILE B 213 34.63 17.83 -16.03
CA ILE B 213 35.29 17.13 -14.92
C ILE B 213 34.65 15.75 -14.77
N PRO B 214 35.44 14.66 -14.78
CA PRO B 214 34.85 13.32 -14.97
C PRO B 214 34.06 12.78 -13.78
N ASP B 215 34.28 13.27 -12.56
CA ASP B 215 33.52 12.83 -11.40
C ASP B 215 32.66 13.92 -10.80
N GLY B 216 32.58 15.08 -11.43
CA GLY B 216 31.80 16.18 -10.89
C GLY B 216 30.46 16.39 -11.56
N ASP B 217 29.74 15.29 -11.80
CA ASP B 217 28.43 15.38 -12.43
C ASP B 217 27.34 15.77 -11.44
N PHE B 218 26.38 16.57 -11.92
CA PHE B 218 25.18 16.90 -11.17
C PHE B 218 23.97 16.23 -11.81
N ASN B 219 22.83 16.40 -11.16
CA ASN B 219 21.57 15.95 -11.75
C ASN B 219 21.14 16.89 -12.87
N SER B 220 20.39 16.36 -13.82
CA SER B 220 19.94 17.12 -14.98
C SER B 220 18.43 17.08 -15.03
N TYR B 221 17.79 18.24 -15.14
CA TYR B 221 16.36 18.36 -14.95
C TYR B 221 15.69 18.68 -16.28
N VAL B 222 14.41 18.35 -16.37
CA VAL B 222 13.59 18.69 -17.54
C VAL B 222 12.46 19.59 -17.07
N ARG B 223 12.07 20.53 -17.93
CA ARG B 223 10.91 21.36 -17.66
C ARG B 223 10.20 21.73 -18.96
N VAL B 224 8.87 21.68 -18.90
CA VAL B 224 8.02 21.76 -20.08
C VAL B 224 6.89 22.77 -19.83
N THR B 225 6.60 23.60 -20.84
CA THR B 225 5.67 24.71 -20.72
C THR B 225 4.74 24.68 -21.92
N ALA B 226 3.45 24.83 -21.67
CA ALA B 226 2.44 24.87 -22.73
C ALA B 226 1.82 26.26 -22.80
N SER B 227 2.61 27.22 -23.27
CA SER B 227 2.16 28.61 -23.42
C SER B 227 1.23 28.68 -24.64
N ASP B 228 -0.04 28.36 -24.41
CA ASP B 228 -1.06 28.44 -25.46
C ASP B 228 -2.39 28.82 -24.81
N PRO B 229 -2.65 30.12 -24.62
CA PRO B 229 -4.00 30.54 -24.18
C PRO B 229 -5.05 30.51 -25.30
N LEU B 230 -6.06 31.35 -25.13
CA LEU B 230 -7.07 31.57 -26.16
C LEU B 230 -7.47 33.04 -26.04
N ASP B 231 -7.21 33.81 -27.09
CA ASP B 231 -7.58 35.22 -27.08
C ASP B 231 -9.10 35.35 -27.25
N THR B 232 -9.71 36.09 -26.31
CA THR B 232 -11.16 36.31 -26.33
C THR B 232 -11.56 37.25 -27.46
N LEU B 233 -10.64 38.13 -27.88
CA LEU B 233 -10.86 39.15 -28.90
C LEU B 233 -11.06 38.49 -30.27
N GLY B 234 -12.31 38.08 -30.50
CA GLY B 234 -12.74 37.46 -31.73
C GLY B 234 -14.16 36.97 -31.58
N SER B 235 -14.84 37.46 -30.53
CA SER B 235 -16.23 37.13 -30.23
C SER B 235 -16.82 38.29 -29.42
N GLU B 236 -17.16 39.37 -30.12
CA GLU B 236 -17.85 40.49 -29.47
C GLU B 236 -19.29 40.13 -29.15
N GLY B 237 -20.00 39.55 -30.11
CA GLY B 237 -21.39 39.22 -29.93
C GLY B 237 -22.26 40.46 -29.89
N ALA B 238 -22.58 40.89 -28.66
CA ALA B 238 -23.28 42.15 -28.32
C ALA B 238 -24.68 42.23 -28.94
N LEU B 239 -25.33 41.09 -29.14
CA LEU B 239 -26.72 41.09 -29.58
C LEU B 239 -27.60 41.39 -28.39
N SER B 240 -28.62 42.23 -28.60
CA SER B 240 -29.36 42.86 -27.51
C SER B 240 -30.31 41.86 -26.84
N PRO B 241 -30.22 41.67 -25.50
CA PRO B 241 -31.17 40.83 -24.77
C PRO B 241 -32.41 41.59 -24.31
N GLY B 242 -33.01 42.36 -25.20
CA GLY B 242 -34.20 43.11 -24.91
C GLY B 242 -35.15 43.03 -26.07
N GLY B 243 -34.59 43.09 -27.28
CA GLY B 243 -35.38 42.82 -28.48
C GLY B 243 -35.71 41.36 -28.68
N VAL B 244 -34.92 40.46 -28.08
CA VAL B 244 -35.25 39.05 -28.08
C VAL B 244 -36.36 38.79 -27.05
N ALA B 245 -36.36 39.54 -25.94
CA ALA B 245 -37.43 39.45 -24.95
C ALA B 245 -38.74 40.03 -25.46
N SER B 246 -38.69 40.91 -26.47
CA SER B 246 -39.91 41.36 -27.13
C SER B 246 -40.51 40.29 -28.03
N LEU B 247 -39.73 39.29 -28.44
CA LEU B 247 -40.18 38.22 -29.31
C LEU B 247 -40.80 37.06 -28.55
N LEU B 248 -40.91 37.14 -27.22
CA LEU B 248 -41.58 36.11 -26.41
C LEU B 248 -43.07 36.43 -26.42
N ARG B 249 -43.77 35.92 -27.43
CA ARG B 249 -45.14 36.30 -27.71
C ARG B 249 -46.09 35.14 -27.47
N LEU B 250 -47.36 35.48 -27.21
CA LEU B 250 -48.45 34.52 -27.04
C LEU B 250 -48.98 34.12 -28.42
N PRO B 251 -49.30 32.83 -28.62
CA PRO B 251 -49.98 32.43 -29.86
C PRO B 251 -51.40 32.97 -29.95
N ARG B 252 -51.78 33.41 -31.16
CA ARG B 252 -53.00 34.21 -31.29
C ARG B 252 -54.04 33.54 -32.19
N GLY B 253 -53.93 33.68 -33.52
CA GLY B 253 -54.97 33.24 -34.43
C GLY B 253 -54.92 31.79 -34.88
N CYS B 254 -55.11 31.55 -36.18
CA CYS B 254 -55.22 30.19 -36.71
C CYS B 254 -53.83 29.55 -36.88
N GLY B 255 -53.79 28.43 -37.61
CA GLY B 255 -52.58 27.64 -37.80
C GLY B 255 -51.42 28.35 -38.48
N GLU B 256 -51.72 29.19 -39.48
CA GLU B 256 -50.69 30.07 -40.03
C GLU B 256 -50.32 31.16 -39.01
N GLU B 257 -51.33 31.79 -38.40
CA GLU B 257 -51.13 32.96 -37.54
C GLU B 257 -50.39 32.61 -36.25
N THR B 258 -50.63 31.42 -35.70
CA THR B 258 -49.93 30.93 -34.50
C THR B 258 -48.43 30.80 -34.73
N MET B 259 -48.03 30.18 -35.84
CA MET B 259 -46.63 29.83 -36.08
C MET B 259 -45.74 31.05 -36.40
N ILE B 260 -46.31 32.21 -36.76
CA ILE B 260 -45.46 33.40 -36.86
C ILE B 260 -45.26 34.04 -35.49
N TYR B 261 -46.01 33.61 -34.48
CA TYR B 261 -45.79 33.98 -33.08
C TYR B 261 -45.12 32.88 -32.28
N LEU B 262 -45.46 31.61 -32.54
CA LEU B 262 -44.99 30.51 -31.69
C LEU B 262 -43.55 30.11 -32.04
N ALA B 263 -43.25 29.95 -33.31
CA ALA B 263 -41.90 29.58 -33.74
C ALA B 263 -40.84 30.68 -33.53
N PRO B 264 -41.12 32.00 -33.62
CA PRO B 264 -40.14 32.95 -33.05
C PRO B 264 -40.09 32.96 -31.52
N THR B 265 -41.12 32.46 -30.82
CA THR B 265 -41.05 32.41 -29.36
C THR B 265 -40.15 31.27 -28.89
N LEU B 266 -40.23 30.11 -29.58
CA LEU B 266 -39.34 29.00 -29.28
C LEU B 266 -37.90 29.32 -29.71
N ALA B 267 -37.74 29.98 -30.86
CA ALA B 267 -36.40 30.36 -31.31
C ALA B 267 -35.81 31.49 -30.49
N ALA B 268 -36.63 32.28 -29.79
CA ALA B 268 -36.09 33.20 -28.80
C ALA B 268 -35.71 32.48 -27.51
N SER B 269 -36.46 31.43 -27.15
CA SER B 269 -36.14 30.67 -25.95
C SER B 269 -34.92 29.79 -26.17
N ARG B 270 -34.82 29.17 -27.35
CA ARG B 270 -33.66 28.34 -27.66
C ARG B 270 -32.40 29.17 -27.93
N TYR B 271 -32.55 30.44 -28.34
CA TYR B 271 -31.38 31.32 -28.42
C TYR B 271 -30.89 31.70 -27.02
N LEU B 272 -31.80 32.22 -26.18
CA LEU B 272 -31.45 32.71 -24.85
C LEU B 272 -31.05 31.60 -23.89
N ASP B 273 -31.44 30.35 -24.14
CA ASP B 273 -30.85 29.22 -23.44
C ASP B 273 -29.39 29.05 -23.86
N LYS B 274 -29.14 28.90 -25.15
CA LYS B 274 -27.80 28.55 -25.62
C LYS B 274 -26.83 29.73 -25.65
N THR B 275 -27.31 30.97 -25.48
CA THR B 275 -26.39 32.09 -25.26
C THR B 275 -26.30 32.49 -23.79
N GLU B 276 -27.17 31.91 -22.94
CA GLU B 276 -27.14 32.00 -21.47
C GLU B 276 -27.32 33.44 -20.98
N GLN B 277 -28.29 34.14 -21.57
CA GLN B 277 -28.62 35.51 -21.20
C GLN B 277 -29.92 35.61 -20.40
N TRP B 278 -30.21 34.59 -19.58
CA TRP B 278 -31.35 34.70 -18.66
C TRP B 278 -31.00 35.49 -17.40
N SER B 279 -29.72 35.81 -17.19
CA SER B 279 -29.32 36.63 -16.06
C SER B 279 -29.57 38.12 -16.28
N THR B 280 -29.65 38.55 -17.53
CA THR B 280 -29.98 39.95 -17.83
C THR B 280 -31.46 40.23 -17.67
N LEU B 281 -32.29 39.20 -17.67
CA LEU B 281 -33.72 39.25 -17.46
C LEU B 281 -34.05 38.73 -16.06
N PRO B 282 -35.26 39.00 -15.54
CA PRO B 282 -35.71 38.27 -14.36
C PRO B 282 -35.93 36.81 -14.66
N PRO B 283 -35.79 35.92 -13.67
CA PRO B 283 -36.06 34.49 -13.90
C PRO B 283 -37.53 34.14 -14.03
N GLU B 284 -38.42 35.10 -13.78
CA GLU B 284 -39.84 34.93 -14.06
C GLU B 284 -40.11 34.85 -15.56
N THR B 285 -39.22 35.44 -16.38
CA THR B 285 -39.38 35.47 -17.82
C THR B 285 -39.16 34.10 -18.44
N LYS B 286 -38.31 33.27 -17.82
CA LYS B 286 -38.09 31.90 -18.29
C LYS B 286 -39.32 31.03 -18.07
N ASP B 287 -39.90 31.10 -16.88
CA ASP B 287 -41.10 30.30 -16.58
C ASP B 287 -42.35 30.89 -17.23
N HIS B 288 -42.32 32.16 -17.65
CA HIS B 288 -43.32 32.65 -18.58
C HIS B 288 -43.17 32.01 -19.96
N ALA B 289 -41.93 31.86 -20.43
CA ALA B 289 -41.68 31.31 -21.75
C ALA B 289 -41.93 29.81 -21.83
N VAL B 290 -41.88 29.10 -20.71
CA VAL B 290 -42.28 27.70 -20.70
C VAL B 290 -43.79 27.58 -20.89
N ASP B 291 -44.56 28.43 -20.20
CA ASP B 291 -46.02 28.38 -20.25
C ASP B 291 -46.57 28.87 -21.59
N LEU B 292 -45.82 29.70 -22.32
CA LEU B 292 -46.24 30.08 -23.67
C LEU B 292 -46.09 28.91 -24.64
N ILE B 293 -45.07 28.07 -24.45
CA ILE B 293 -44.89 26.88 -25.26
C ILE B 293 -45.83 25.76 -24.79
N GLN B 294 -46.11 25.70 -23.49
CA GLN B 294 -46.95 24.66 -22.90
C GLN B 294 -48.41 24.81 -23.33
N LYS B 295 -48.90 26.04 -23.40
CA LYS B 295 -50.22 26.29 -23.96
C LYS B 295 -50.22 26.16 -25.48
N GLY B 296 -49.10 26.48 -26.12
CA GLY B 296 -49.03 26.46 -27.57
C GLY B 296 -48.75 25.10 -28.18
N TYR B 297 -48.28 24.13 -27.37
CA TYR B 297 -48.08 22.78 -27.87
C TYR B 297 -49.42 22.08 -28.13
N MET B 298 -50.33 22.19 -27.18
CA MET B 298 -51.65 21.58 -27.30
C MET B 298 -52.68 22.54 -27.89
N ARG B 299 -52.24 23.67 -28.43
CA ARG B 299 -53.12 24.53 -29.21
C ARG B 299 -53.18 24.09 -30.67
N ILE B 300 -52.06 23.61 -31.20
CA ILE B 300 -52.01 23.11 -32.57
C ILE B 300 -52.58 21.68 -32.63
N GLN B 301 -52.66 20.99 -31.48
CA GLN B 301 -53.34 19.71 -31.39
C GLN B 301 -54.85 19.80 -31.59
N GLN B 302 -55.44 20.98 -31.37
CA GLN B 302 -56.82 21.22 -31.80
C GLN B 302 -56.93 21.23 -33.32
N PHE B 303 -55.90 21.71 -34.01
CA PHE B 303 -55.86 21.75 -35.46
C PHE B 303 -55.31 20.47 -36.08
N ARG B 304 -54.98 19.47 -35.27
CA ARG B 304 -54.45 18.21 -35.77
C ARG B 304 -55.57 17.37 -36.36
N LYS B 305 -55.36 16.87 -37.58
CA LYS B 305 -56.33 16.00 -38.22
C LYS B 305 -56.06 14.55 -37.81
N ALA B 306 -56.88 13.63 -38.32
CA ALA B 306 -56.79 12.21 -37.96
C ALA B 306 -55.86 11.42 -38.86
N ASP B 307 -54.82 12.05 -39.39
CA ASP B 307 -53.81 11.35 -40.17
C ASP B 307 -52.43 11.98 -40.04
N GLY B 308 -52.27 13.01 -39.20
CA GLY B 308 -51.00 13.70 -39.10
C GLY B 308 -50.80 14.76 -40.15
N SER B 309 -51.88 15.31 -40.70
CA SER B 309 -51.84 16.34 -41.72
C SER B 309 -52.32 17.67 -41.14
N TYR B 310 -51.64 18.74 -41.48
CA TYR B 310 -51.85 20.04 -40.86
C TYR B 310 -52.29 21.07 -41.91
N ALA B 311 -53.21 21.93 -41.49
CA ALA B 311 -53.71 23.01 -42.33
C ALA B 311 -54.00 24.22 -41.45
N ALA B 312 -54.45 25.31 -42.08
CA ALA B 312 -54.77 26.51 -41.33
C ALA B 312 -56.09 26.37 -40.58
N TRP B 313 -57.11 25.86 -41.25
CA TRP B 313 -58.38 25.49 -40.63
C TRP B 313 -58.68 24.03 -40.91
N LEU B 314 -59.76 23.54 -40.31
CA LEU B 314 -60.13 22.14 -40.47
C LEU B 314 -60.83 21.89 -41.80
N SER B 315 -61.55 22.90 -42.33
CA SER B 315 -62.21 22.75 -43.62
C SER B 315 -61.25 22.90 -44.80
N ARG B 316 -60.10 23.56 -44.59
CA ARG B 316 -59.11 23.70 -45.65
C ARG B 316 -58.33 22.41 -45.80
N ASP B 317 -57.98 22.07 -47.05
CA ASP B 317 -57.12 20.93 -47.32
C ASP B 317 -55.71 21.18 -46.81
N SER B 318 -54.99 20.09 -46.54
CA SER B 318 -53.73 20.16 -45.82
C SER B 318 -52.58 20.56 -46.72
N SER B 319 -51.58 21.21 -46.12
CA SER B 319 -50.39 21.67 -46.81
C SER B 319 -49.19 20.82 -46.43
N THR B 320 -48.27 20.65 -47.39
CA THR B 320 -47.09 19.83 -47.16
C THR B 320 -45.98 20.62 -46.46
N TRP B 321 -45.85 21.91 -46.77
CA TRP B 321 -44.84 22.75 -46.14
C TRP B 321 -45.18 23.05 -44.69
N LEU B 322 -46.46 23.27 -44.40
CA LEU B 322 -46.88 23.63 -43.05
C LEU B 322 -46.83 22.44 -42.11
N THR B 323 -47.07 21.23 -42.63
CA THR B 323 -46.98 20.03 -41.82
C THR B 323 -45.52 19.73 -41.45
N ALA B 324 -44.58 20.02 -42.35
CA ALA B 324 -43.17 19.90 -42.03
C ALA B 324 -42.70 21.02 -41.11
N PHE B 325 -43.32 22.20 -41.18
CA PHE B 325 -42.88 23.33 -40.37
C PHE B 325 -43.29 23.19 -38.92
N VAL B 326 -44.40 22.51 -38.64
CA VAL B 326 -44.81 22.28 -37.25
C VAL B 326 -44.07 21.05 -36.70
N LEU B 327 -43.77 20.07 -37.56
CA LEU B 327 -43.00 18.89 -37.15
C LEU B 327 -41.54 19.25 -36.82
N LYS B 328 -41.01 20.29 -37.46
CA LYS B 328 -39.71 20.83 -37.06
C LYS B 328 -39.78 21.48 -35.68
N VAL B 329 -40.90 22.13 -35.36
CA VAL B 329 -41.00 22.90 -34.13
C VAL B 329 -41.34 22.00 -32.94
N LEU B 330 -42.33 21.11 -33.10
CA LEU B 330 -42.79 20.30 -31.97
C LEU B 330 -41.81 19.20 -31.60
N SER B 331 -40.89 18.85 -32.49
CA SER B 331 -39.81 17.94 -32.13
C SER B 331 -38.82 18.61 -31.18
N LEU B 332 -38.55 19.90 -31.39
CA LEU B 332 -37.67 20.64 -30.49
C LEU B 332 -38.36 20.99 -29.18
N ALA B 333 -39.70 21.03 -29.16
CA ALA B 333 -40.47 21.27 -27.95
C ALA B 333 -40.76 20.01 -27.16
N GLN B 334 -40.25 18.86 -27.61
CA GLN B 334 -40.43 17.62 -26.87
C GLN B 334 -39.55 17.59 -25.62
N GLU B 335 -38.43 18.33 -25.65
CA GLU B 335 -37.59 18.46 -24.46
C GLU B 335 -38.27 19.30 -23.38
N GLN B 336 -38.94 20.38 -23.78
CA GLN B 336 -39.60 21.26 -22.82
C GLN B 336 -40.92 20.67 -22.35
N VAL B 337 -41.74 20.19 -23.28
CA VAL B 337 -43.09 19.71 -22.99
C VAL B 337 -43.13 18.21 -23.20
N GLY B 338 -43.52 17.48 -22.15
CA GLY B 338 -43.71 16.04 -22.25
C GLY B 338 -45.03 15.67 -22.92
N GLY B 339 -45.09 15.82 -24.24
CA GLY B 339 -46.29 15.48 -24.99
C GLY B 339 -46.30 14.03 -25.41
N SER B 340 -47.22 13.72 -26.31
CA SER B 340 -47.35 12.37 -26.83
C SER B 340 -46.28 12.13 -27.90
N PRO B 341 -45.44 11.10 -27.76
CA PRO B 341 -44.41 10.85 -28.78
C PRO B 341 -44.97 10.24 -30.05
N GLU B 342 -45.93 9.34 -29.91
CA GLU B 342 -46.45 8.57 -31.04
C GLU B 342 -47.42 9.36 -31.91
N LYS B 343 -47.95 10.48 -31.42
CA LYS B 343 -48.79 11.32 -32.27
C LYS B 343 -47.98 12.11 -33.29
N LEU B 344 -46.72 12.43 -32.96
CA LEU B 344 -45.82 13.04 -33.92
C LEU B 344 -45.22 12.00 -34.87
N GLN B 345 -45.31 10.72 -34.52
CA GLN B 345 -44.82 9.66 -35.40
C GLN B 345 -45.74 9.44 -36.59
N GLU B 346 -47.04 9.68 -36.42
CA GLU B 346 -47.98 9.67 -37.53
C GLU B 346 -48.05 11.01 -38.25
N THR B 347 -47.42 12.05 -37.70
CA THR B 347 -47.36 13.34 -38.39
C THR B 347 -46.41 13.27 -39.58
N SER B 348 -45.28 12.56 -39.40
CA SER B 348 -44.35 12.33 -40.49
C SER B 348 -44.84 11.27 -41.47
N ASN B 349 -45.85 10.48 -41.09
CA ASN B 349 -46.37 9.42 -41.97
C ASN B 349 -47.16 10.01 -43.14
N TRP B 350 -47.80 11.17 -42.94
CA TRP B 350 -48.51 11.82 -44.03
C TRP B 350 -47.55 12.46 -45.03
N LEU B 351 -46.39 12.93 -44.56
CA LEU B 351 -45.40 13.55 -45.44
C LEU B 351 -44.71 12.52 -46.32
N LEU B 352 -44.65 11.26 -45.87
CA LEU B 352 -44.12 10.18 -46.70
C LEU B 352 -45.15 9.64 -47.68
N SER B 353 -46.43 9.97 -47.49
CA SER B 353 -47.46 9.56 -48.44
C SER B 353 -47.46 10.40 -49.71
N GLN B 354 -46.88 11.60 -49.66
CA GLN B 354 -46.71 12.44 -50.84
C GLN B 354 -45.29 12.36 -51.38
N GLN B 355 -44.73 11.15 -51.45
CA GLN B 355 -43.42 10.94 -52.03
C GLN B 355 -43.53 10.79 -53.55
N GLN B 356 -42.73 11.55 -54.28
CA GLN B 356 -42.72 11.47 -55.73
C GLN B 356 -41.95 10.24 -56.20
N ALA B 357 -42.05 9.96 -57.49
CA ALA B 357 -41.39 8.78 -58.06
C ALA B 357 -39.90 8.98 -58.27
N ASP B 358 -39.42 10.23 -58.32
CA ASP B 358 -38.01 10.51 -58.54
C ASP B 358 -37.28 10.98 -57.29
N GLY B 359 -37.98 11.27 -56.21
CA GLY B 359 -37.37 11.76 -54.99
C GLY B 359 -37.72 13.18 -54.61
N SER B 360 -38.66 13.81 -55.30
CA SER B 360 -39.06 15.18 -54.99
C SER B 360 -40.20 15.19 -53.98
N PHE B 361 -40.56 16.40 -53.54
CA PHE B 361 -41.75 16.63 -52.74
C PHE B 361 -42.61 17.69 -53.40
N GLN B 362 -43.92 17.44 -53.44
CA GLN B 362 -44.87 18.29 -54.12
C GLN B 362 -45.94 18.74 -53.12
N ASP B 363 -46.27 20.03 -53.17
CA ASP B 363 -47.29 20.58 -52.31
C ASP B 363 -48.57 20.75 -53.11
N PRO B 364 -49.66 20.07 -52.75
CA PRO B 364 -50.90 20.23 -53.55
C PRO B 364 -51.60 21.56 -53.34
N CYS B 365 -51.62 22.09 -52.12
CA CYS B 365 -52.16 23.42 -51.88
C CYS B 365 -51.26 24.08 -50.83
N PRO B 366 -50.73 25.28 -51.13
CA PRO B 366 -49.82 25.94 -50.17
C PRO B 366 -50.55 26.70 -49.08
N VAL B 367 -49.80 27.48 -48.30
CA VAL B 367 -50.38 28.27 -47.24
C VAL B 367 -50.89 29.58 -47.83
N LEU B 368 -51.74 30.28 -47.07
CA LEU B 368 -52.34 31.54 -47.53
C LEU B 368 -51.35 32.69 -47.44
N ASP B 369 -50.78 32.91 -46.26
CA ASP B 369 -49.81 33.99 -46.06
C ASP B 369 -48.45 33.45 -46.48
N ARG B 370 -47.96 33.88 -47.64
CA ARG B 370 -46.69 33.41 -48.16
C ARG B 370 -45.50 34.20 -47.64
N SER B 371 -45.73 35.21 -46.80
CA SER B 371 -44.64 35.85 -46.06
C SER B 371 -44.15 34.98 -44.91
N MET B 372 -44.97 34.03 -44.48
CA MET B 372 -44.53 33.03 -43.51
C MET B 372 -43.50 32.08 -44.12
N GLN B 373 -43.58 31.82 -45.42
CA GLN B 373 -42.61 30.96 -46.09
C GLN B 373 -41.27 31.65 -46.35
N GLY B 374 -41.21 32.98 -46.24
CA GLY B 374 -39.95 33.71 -46.33
C GLY B 374 -39.38 33.81 -47.73
N GLY B 375 -38.16 33.30 -47.91
CA GLY B 375 -37.48 33.35 -49.19
C GLY B 375 -37.62 32.09 -50.01
N LEU B 376 -38.63 31.28 -49.66
CA LEU B 376 -38.90 30.04 -50.38
C LEU B 376 -39.63 30.29 -51.69
N VAL B 377 -40.41 31.35 -51.78
CA VAL B 377 -41.26 31.63 -52.95
C VAL B 377 -40.38 32.16 -54.08
N GLY B 378 -40.24 31.38 -55.13
CA GLY B 378 -39.43 31.81 -56.26
C GLY B 378 -39.45 30.79 -57.37
N ASN B 379 -38.42 30.87 -58.24
CA ASN B 379 -38.33 29.95 -59.37
C ASN B 379 -37.86 28.56 -58.97
N ASP B 380 -37.19 28.44 -57.82
CA ASP B 380 -36.78 27.12 -57.33
C ASP B 380 -37.60 26.77 -56.10
N GLU B 381 -38.92 26.69 -56.28
CA GLU B 381 -39.80 26.33 -55.17
C GLU B 381 -39.78 24.83 -54.90
N THR B 382 -39.61 24.01 -55.95
CA THR B 382 -39.59 22.56 -55.80
C THR B 382 -38.32 22.10 -55.10
N VAL B 383 -37.21 22.83 -55.29
CA VAL B 383 -35.97 22.53 -54.60
C VAL B 383 -36.08 22.91 -53.12
N ALA B 384 -36.71 24.05 -52.83
CA ALA B 384 -36.83 24.51 -51.45
C ALA B 384 -37.89 23.74 -50.65
N LEU B 385 -38.88 23.15 -51.32
CA LEU B 385 -39.83 22.27 -50.62
C LEU B 385 -39.18 20.95 -50.23
N THR B 386 -38.28 20.44 -51.07
CA THR B 386 -37.71 19.12 -50.84
C THR B 386 -36.66 19.16 -49.72
N ALA B 387 -35.84 20.21 -49.69
CA ALA B 387 -34.82 20.33 -48.66
C ALA B 387 -35.38 20.73 -47.30
N PHE B 388 -36.58 21.32 -47.24
CA PHE B 388 -37.12 21.77 -45.96
C PHE B 388 -37.73 20.62 -45.17
N VAL B 389 -38.30 19.62 -45.86
CA VAL B 389 -38.79 18.42 -45.18
C VAL B 389 -37.61 17.58 -44.71
N THR B 390 -36.48 17.64 -45.42
CA THR B 390 -35.25 16.94 -45.04
C THR B 390 -34.67 17.50 -43.74
N ILE B 391 -34.80 18.81 -43.53
CA ILE B 391 -34.48 19.40 -42.23
C ILE B 391 -35.51 18.99 -41.19
N ALA B 392 -36.78 18.88 -41.61
CA ALA B 392 -37.88 18.63 -40.68
C ALA B 392 -37.91 17.19 -40.20
N LEU B 393 -37.59 16.24 -41.07
CA LEU B 393 -37.58 14.84 -40.67
C LEU B 393 -36.34 14.48 -39.85
N HIS B 394 -35.25 15.24 -39.97
CA HIS B 394 -34.07 14.98 -39.16
C HIS B 394 -34.23 15.51 -37.74
N HIS B 395 -34.93 16.64 -37.58
CA HIS B 395 -35.23 17.11 -36.24
C HIS B 395 -36.28 16.24 -35.56
N GLY B 396 -37.21 15.69 -36.32
CA GLY B 396 -38.20 14.75 -35.81
C GLY B 396 -37.73 13.32 -35.72
N LEU B 397 -36.45 13.06 -36.01
CA LEU B 397 -35.92 11.70 -35.94
C LEU B 397 -35.74 11.25 -34.50
N ALA B 398 -35.51 12.19 -33.58
CA ALA B 398 -35.36 11.88 -32.16
C ALA B 398 -36.69 11.56 -31.48
N VAL B 399 -37.81 11.92 -32.10
CA VAL B 399 -39.11 11.60 -31.54
C VAL B 399 -39.41 10.12 -31.73
N PHE B 400 -38.85 9.50 -32.78
CA PHE B 400 -38.94 8.07 -33.01
C PHE B 400 -38.18 7.30 -31.93
N GLN B 401 -38.86 7.02 -30.82
CA GLN B 401 -38.25 6.40 -29.65
C GLN B 401 -38.57 4.92 -29.61
N ASP B 402 -37.66 4.17 -28.98
CA ASP B 402 -37.66 2.71 -28.77
C ASP B 402 -37.71 1.98 -30.12
N GLU B 403 -38.25 0.77 -30.13
CA GLU B 403 -38.32 -0.05 -31.33
C GLU B 403 -39.72 -0.12 -31.93
N GLY B 404 -40.69 0.58 -31.34
CA GLY B 404 -42.06 0.52 -31.84
C GLY B 404 -42.27 1.27 -33.13
N ALA B 405 -41.46 2.30 -33.38
CA ALA B 405 -41.52 3.07 -34.61
C ALA B 405 -40.26 2.96 -35.45
N GLU B 406 -39.30 2.17 -35.03
CA GLU B 406 -38.03 1.94 -35.72
C GLU B 406 -38.17 1.22 -37.08
N PRO B 407 -39.11 0.28 -37.32
CA PRO B 407 -39.38 -0.11 -38.72
C PRO B 407 -40.00 1.00 -39.57
N LEU B 408 -40.74 1.93 -38.98
CA LEU B 408 -41.17 3.10 -39.73
C LEU B 408 -40.05 4.11 -39.91
N LYS B 409 -39.05 4.07 -39.03
CA LYS B 409 -37.89 4.96 -39.14
C LYS B 409 -36.98 4.54 -40.29
N GLN B 410 -36.98 3.24 -40.64
CA GLN B 410 -36.32 2.77 -41.85
C GLN B 410 -36.97 3.33 -43.11
N ARG B 411 -38.30 3.46 -43.09
CA ARG B 411 -39.00 4.06 -44.23
C ARG B 411 -38.80 5.58 -44.29
N VAL B 412 -38.46 6.21 -43.17
CA VAL B 412 -38.12 7.63 -43.16
C VAL B 412 -36.79 7.87 -43.87
N GLU B 413 -35.73 7.16 -43.44
CA GLU B 413 -34.41 7.40 -44.00
C GLU B 413 -34.23 6.84 -45.40
N ALA B 414 -35.10 5.91 -45.83
CA ALA B 414 -35.09 5.48 -47.22
C ALA B 414 -35.70 6.53 -48.14
N SER B 415 -36.71 7.26 -47.66
CA SER B 415 -37.27 8.37 -48.41
C SER B 415 -36.40 9.62 -48.32
N ILE B 416 -35.56 9.73 -47.29
CA ILE B 416 -34.54 10.77 -47.26
C ILE B 416 -33.46 10.47 -48.29
N SER B 417 -33.00 9.22 -48.34
CA SER B 417 -31.91 8.83 -49.24
C SER B 417 -32.34 8.80 -50.70
N LYS B 418 -33.64 8.59 -50.97
CA LYS B 418 -34.12 8.78 -52.33
C LYS B 418 -34.26 10.26 -52.66
N ALA B 419 -34.56 11.09 -51.65
CA ALA B 419 -34.53 12.53 -51.85
C ALA B 419 -33.11 13.06 -51.94
N ASN B 420 -32.14 12.37 -51.32
CA ASN B 420 -30.74 12.74 -51.53
C ASN B 420 -30.26 12.36 -52.94
N SER B 421 -30.90 11.39 -53.58
CA SER B 421 -30.65 11.11 -54.99
C SER B 421 -31.26 12.16 -55.90
N PHE B 422 -32.24 12.92 -55.42
CA PHE B 422 -32.83 14.01 -56.20
C PHE B 422 -32.24 15.37 -55.84
N LEU B 423 -31.99 15.63 -54.55
CA LEU B 423 -31.32 16.87 -54.16
C LEU B 423 -29.85 16.86 -54.54
N GLY B 424 -29.21 15.69 -54.51
CA GLY B 424 -27.84 15.58 -54.98
C GLY B 424 -27.71 15.66 -56.49
N GLU B 425 -28.77 15.37 -57.22
CA GLU B 425 -28.75 15.50 -58.67
C GLU B 425 -28.95 16.95 -59.10
N LYS B 426 -29.77 17.70 -58.35
CA LYS B 426 -29.95 19.12 -58.61
C LYS B 426 -28.76 19.95 -58.14
N ALA B 427 -28.04 19.48 -57.11
CA ALA B 427 -26.87 20.20 -56.64
C ALA B 427 -25.65 19.98 -57.52
N SER B 428 -25.53 18.80 -58.14
CA SER B 428 -24.46 18.54 -59.08
C SER B 428 -24.78 19.04 -60.48
N ALA B 429 -25.98 19.57 -60.70
CA ALA B 429 -26.28 20.26 -61.95
C ALA B 429 -25.52 21.57 -62.05
N GLY B 430 -25.63 22.42 -61.03
CA GLY B 430 -24.83 23.62 -60.97
C GLY B 430 -25.60 24.88 -60.61
N LEU B 431 -26.34 25.42 -61.57
CA LEU B 431 -26.99 26.73 -61.44
C LEU B 431 -28.25 26.58 -60.58
N LEU B 432 -28.09 26.77 -59.28
CA LEU B 432 -29.21 26.83 -58.36
C LEU B 432 -29.47 28.28 -57.97
N GLY B 433 -30.35 28.48 -57.00
CA GLY B 433 -30.64 29.80 -56.49
C GLY B 433 -29.70 30.19 -55.36
N ALA B 434 -29.88 31.42 -54.88
CA ALA B 434 -29.13 31.87 -53.71
C ALA B 434 -29.70 31.25 -52.43
N HIS B 435 -31.02 31.37 -52.24
CA HIS B 435 -31.66 30.74 -51.09
C HIS B 435 -31.80 29.23 -51.29
N ALA B 436 -31.96 28.78 -52.54
CA ALA B 436 -32.22 27.36 -52.80
C ALA B 436 -30.98 26.50 -52.61
N ALA B 437 -29.78 27.07 -52.74
CA ALA B 437 -28.56 26.31 -52.48
C ALA B 437 -28.23 26.26 -51.00
N ALA B 438 -28.61 27.31 -50.24
CA ALA B 438 -28.28 27.38 -48.82
C ALA B 438 -29.14 26.43 -47.98
N ILE B 439 -30.38 26.18 -48.39
CA ILE B 439 -31.23 25.24 -47.67
C ILE B 439 -30.96 23.81 -48.12
N THR B 440 -30.31 23.62 -49.28
CA THR B 440 -30.08 22.28 -49.80
C THR B 440 -28.88 21.62 -49.13
N ALA B 441 -27.74 22.32 -49.10
CA ALA B 441 -26.50 21.73 -48.59
C ALA B 441 -26.50 21.61 -47.07
N TYR B 442 -27.29 22.43 -46.38
CA TYR B 442 -27.46 22.25 -44.94
C TYR B 442 -28.31 21.02 -44.63
N ALA B 443 -29.26 20.69 -45.50
CA ALA B 443 -30.07 19.48 -45.31
C ALA B 443 -29.27 18.23 -45.63
N LEU B 444 -28.25 18.33 -46.49
CA LEU B 444 -27.44 17.17 -46.86
C LEU B 444 -26.48 16.79 -45.74
N SER B 445 -25.93 17.77 -45.03
CA SER B 445 -24.96 17.49 -43.99
C SER B 445 -25.60 17.06 -42.68
N LEU B 446 -26.91 17.29 -42.50
CA LEU B 446 -27.59 16.79 -41.30
C LEU B 446 -27.90 15.31 -41.43
N THR B 447 -28.44 14.88 -42.56
CA THR B 447 -28.94 13.53 -42.75
C THR B 447 -27.88 12.57 -43.27
N LYS B 448 -26.60 12.96 -43.23
CA LYS B 448 -25.42 12.16 -43.59
C LYS B 448 -25.46 11.70 -45.05
N ALA B 449 -25.24 12.68 -45.92
CA ALA B 449 -25.15 12.42 -47.35
C ALA B 449 -23.82 11.74 -47.67
N PRO B 450 -23.72 11.06 -48.82
CA PRO B 450 -22.40 10.65 -49.31
C PRO B 450 -21.54 11.86 -49.66
N VAL B 451 -20.25 11.74 -49.35
CA VAL B 451 -19.35 12.90 -49.35
C VAL B 451 -18.95 13.35 -50.75
N ASP B 452 -19.19 12.53 -51.78
CA ASP B 452 -19.00 13.01 -53.15
C ASP B 452 -20.20 13.85 -53.61
N LEU B 453 -21.38 13.62 -53.04
CA LEU B 453 -22.55 14.44 -53.30
C LEU B 453 -22.78 15.51 -52.24
N LEU B 454 -21.92 15.57 -51.22
CA LEU B 454 -21.99 16.58 -50.17
C LEU B 454 -21.05 17.75 -50.44
N GLY B 455 -19.81 17.46 -50.84
CA GLY B 455 -18.84 18.52 -51.08
C GLY B 455 -19.02 19.28 -52.37
N VAL B 456 -19.75 18.72 -53.33
CA VAL B 456 -20.04 19.44 -54.56
C VAL B 456 -21.13 20.49 -54.36
N ALA B 457 -21.94 20.36 -53.33
CA ALA B 457 -22.84 21.44 -52.91
C ALA B 457 -22.15 22.40 -51.95
N HIS B 458 -21.01 22.01 -51.38
CA HIS B 458 -20.24 22.91 -50.53
C HIS B 458 -19.50 23.95 -51.36
N ASN B 459 -18.81 23.51 -52.42
CA ASN B 459 -18.02 24.43 -53.24
C ASN B 459 -18.90 25.30 -54.13
N ASN B 460 -20.10 24.82 -54.48
CA ASN B 460 -21.02 25.62 -55.27
C ASN B 460 -21.67 26.71 -54.43
N LEU B 461 -21.81 26.47 -53.12
CA LEU B 461 -22.36 27.48 -52.22
C LEU B 461 -21.32 28.54 -51.89
N MET B 462 -20.06 28.13 -51.71
CA MET B 462 -18.99 29.05 -51.35
C MET B 462 -18.55 29.92 -52.52
N ALA B 463 -18.92 29.57 -53.76
CA ALA B 463 -18.67 30.45 -54.89
C ALA B 463 -19.55 31.69 -54.85
N MET B 464 -20.79 31.54 -54.36
CA MET B 464 -21.70 32.67 -54.18
C MET B 464 -21.45 33.23 -52.79
N ALA B 465 -20.49 34.15 -52.69
CA ALA B 465 -20.12 34.79 -51.42
C ALA B 465 -19.54 36.16 -51.72
N GLN B 466 -20.40 37.08 -52.16
CA GLN B 466 -19.99 38.44 -52.50
C GLN B 466 -19.82 39.24 -51.22
N GLU B 467 -18.58 39.62 -50.91
CA GLU B 467 -18.25 40.33 -49.68
C GLU B 467 -17.72 41.71 -50.01
N THR B 468 -17.99 42.66 -49.12
CA THR B 468 -17.50 44.02 -49.28
C THR B 468 -17.22 44.64 -47.92
N GLY B 469 -16.26 45.57 -47.90
CA GLY B 469 -15.86 46.20 -46.65
C GLY B 469 -15.10 45.23 -45.76
N ASP B 470 -15.54 45.13 -44.51
CA ASP B 470 -15.11 44.10 -43.59
C ASP B 470 -16.33 43.29 -43.15
N ASN B 471 -17.19 42.96 -44.11
CA ASN B 471 -18.36 42.13 -43.89
C ASN B 471 -18.40 41.06 -44.98
N LEU B 472 -19.24 40.05 -44.77
CA LEU B 472 -19.39 38.97 -45.74
C LEU B 472 -20.84 38.50 -45.70
N TYR B 473 -21.53 38.59 -46.84
CA TYR B 473 -22.94 38.23 -46.90
C TYR B 473 -23.26 37.60 -48.25
N TRP B 474 -24.53 37.25 -48.41
CA TRP B 474 -25.07 36.63 -49.63
C TRP B 474 -26.02 37.55 -50.38
N GLN B 500 -28.62 50.15 -45.57
CA GLN B 500 -30.01 49.82 -45.28
C GLN B 500 -30.20 48.30 -45.31
N ALA B 501 -30.95 47.78 -44.35
CA ALA B 501 -31.11 46.34 -44.16
C ALA B 501 -31.99 45.72 -45.24
N PRO B 502 -31.54 44.68 -45.94
CA PRO B 502 -32.45 43.90 -46.79
C PRO B 502 -33.11 42.76 -46.02
N ALA B 503 -34.41 42.57 -46.28
CA ALA B 503 -35.17 41.58 -45.53
C ALA B 503 -34.96 40.16 -46.03
N LEU B 504 -34.71 39.98 -47.32
CA LEU B 504 -34.63 38.64 -47.90
C LEU B 504 -33.25 38.02 -47.78
N TRP B 505 -32.20 38.84 -47.67
CA TRP B 505 -30.83 38.32 -47.62
C TRP B 505 -30.40 37.87 -46.23
N ILE B 506 -31.22 38.10 -45.20
CA ILE B 506 -30.89 37.63 -43.86
C ILE B 506 -31.10 36.12 -43.76
N GLU B 507 -32.16 35.59 -44.39
CA GLU B 507 -32.47 34.17 -44.35
C GLU B 507 -31.44 33.34 -45.13
N THR B 508 -30.92 33.89 -46.23
CA THR B 508 -29.97 33.17 -47.07
C THR B 508 -28.61 33.04 -46.38
N THR B 509 -28.20 34.09 -45.65
CA THR B 509 -26.96 34.03 -44.88
C THR B 509 -27.11 33.13 -43.65
N ALA B 510 -28.33 33.03 -43.11
CA ALA B 510 -28.55 32.27 -41.88
C ALA B 510 -28.52 30.76 -42.13
N TYR B 511 -29.04 30.31 -43.28
CA TYR B 511 -28.94 28.89 -43.62
C TYR B 511 -27.51 28.49 -43.98
N ALA B 512 -26.72 29.41 -44.54
CA ALA B 512 -25.35 29.10 -44.90
C ALA B 512 -24.44 29.07 -43.68
N LEU B 513 -24.79 29.80 -42.62
CA LEU B 513 -23.96 29.82 -41.41
C LEU B 513 -24.14 28.56 -40.58
N LEU B 514 -25.34 27.95 -40.62
CA LEU B 514 -25.55 26.66 -39.95
C LEU B 514 -24.84 25.52 -40.65
N HIS B 515 -24.65 25.61 -41.97
CA HIS B 515 -23.93 24.58 -42.70
C HIS B 515 -22.42 24.71 -42.54
N LEU B 516 -21.91 25.94 -42.43
CA LEU B 516 -20.46 26.16 -42.44
C LEU B 516 -19.83 25.74 -41.12
N LEU B 517 -20.60 25.77 -40.02
CA LEU B 517 -20.11 25.34 -38.72
C LEU B 517 -19.94 23.82 -38.60
N LEU B 518 -20.49 23.04 -39.53
CA LEU B 518 -20.33 21.59 -39.50
C LEU B 518 -19.10 21.12 -40.27
N HIS B 519 -18.72 21.82 -41.33
CA HIS B 519 -17.54 21.45 -42.11
C HIS B 519 -16.28 22.10 -41.56
N GLU B 520 -16.31 23.43 -41.36
CA GLU B 520 -15.19 24.19 -40.80
C GLU B 520 -15.74 24.99 -39.62
N GLY B 521 -15.71 24.38 -38.43
CA GLY B 521 -16.30 24.99 -37.25
C GLY B 521 -15.48 26.16 -36.75
N LYS B 522 -16.09 27.35 -36.71
CA LYS B 522 -15.48 28.68 -36.50
C LYS B 522 -14.31 28.88 -37.46
N ALA B 523 -14.60 29.31 -38.69
CA ALA B 523 -13.60 29.45 -39.73
C ALA B 523 -13.23 30.93 -39.89
N GLU B 524 -12.44 31.22 -40.92
CA GLU B 524 -12.02 32.60 -41.18
C GLU B 524 -13.14 33.43 -41.78
N MET B 525 -14.08 32.80 -42.50
CA MET B 525 -15.21 33.52 -43.05
C MET B 525 -16.43 33.49 -42.13
N ALA B 526 -16.62 32.41 -41.37
CA ALA B 526 -17.75 32.33 -40.45
C ALA B 526 -17.61 33.23 -39.24
N ASP B 527 -16.37 33.61 -38.89
CA ASP B 527 -16.17 34.58 -37.81
C ASP B 527 -16.57 35.98 -38.24
N GLN B 528 -16.54 36.27 -39.54
CA GLN B 528 -16.94 37.57 -40.06
C GLN B 528 -18.37 37.59 -40.60
N ALA B 529 -18.84 36.47 -41.17
CA ALA B 529 -20.21 36.39 -41.65
C ALA B 529 -21.23 36.33 -40.52
N SER B 530 -20.82 35.88 -39.33
CA SER B 530 -21.68 35.96 -38.16
C SER B 530 -21.84 37.39 -37.69
N ALA B 531 -20.79 38.20 -37.84
CA ALA B 531 -20.81 39.60 -37.43
C ALA B 531 -21.60 40.48 -38.37
N TRP B 532 -21.93 40.01 -39.57
CA TRP B 532 -22.76 40.79 -40.49
C TRP B 532 -24.23 40.78 -40.05
N LEU B 533 -24.81 39.60 -39.88
CA LEU B 533 -26.24 39.52 -39.59
C LEU B 533 -26.55 39.77 -38.12
N THR B 534 -25.53 39.89 -37.27
CA THR B 534 -25.73 40.47 -35.94
C THR B 534 -26.07 41.96 -36.06
N ARG B 535 -25.42 42.65 -37.00
CA ARG B 535 -25.73 44.06 -37.26
C ARG B 535 -27.07 44.22 -37.95
N GLN B 536 -27.51 43.19 -38.69
CA GLN B 536 -28.82 43.24 -39.35
C GLN B 536 -29.96 43.08 -38.35
N GLY B 537 -29.72 42.34 -37.28
CA GLY B 537 -30.66 42.23 -36.18
C GLY B 537 -30.52 43.31 -35.12
N SER B 538 -29.53 44.18 -35.27
CA SER B 538 -29.31 45.30 -34.37
C SER B 538 -30.08 46.55 -34.78
N PHE B 539 -30.84 46.50 -35.87
CA PHE B 539 -31.71 47.60 -36.25
C PHE B 539 -32.93 47.68 -35.34
N GLN B 540 -33.67 48.78 -35.47
CA GLN B 540 -34.84 49.00 -34.62
C GLN B 540 -35.99 48.12 -35.12
N GLY B 541 -36.44 47.21 -34.26
CA GLY B 541 -37.46 46.24 -34.61
C GLY B 541 -36.95 44.83 -34.72
N GLY B 542 -35.64 44.65 -34.83
CA GLY B 542 -35.05 43.34 -34.99
C GLY B 542 -35.24 42.81 -36.39
N PHE B 543 -35.47 41.50 -36.52
CA PHE B 543 -35.72 40.91 -37.81
C PHE B 543 -37.19 41.13 -38.19
N ARG B 544 -37.46 41.14 -39.49
CA ARG B 544 -38.71 41.71 -40.00
C ARG B 544 -39.64 40.71 -40.67
N SER B 545 -39.38 39.40 -40.52
CA SER B 545 -40.28 38.39 -41.07
C SER B 545 -40.22 37.17 -40.16
N THR B 546 -40.66 36.02 -40.69
CA THR B 546 -40.74 34.79 -39.91
C THR B 546 -39.47 33.94 -40.03
N GLN B 547 -39.05 33.63 -41.26
CA GLN B 547 -37.97 32.66 -41.45
C GLN B 547 -36.59 33.25 -41.18
N ASP B 548 -36.43 34.57 -41.35
CA ASP B 548 -35.17 35.20 -40.98
C ASP B 548 -35.04 35.46 -39.48
N THR B 549 -36.13 35.28 -38.73
CA THR B 549 -36.11 35.38 -37.28
C THR B 549 -35.78 34.05 -36.61
N VAL B 550 -36.38 32.96 -37.10
CA VAL B 550 -36.24 31.65 -36.46
C VAL B 550 -34.87 31.04 -36.74
N ILE B 551 -34.46 31.04 -38.01
CA ILE B 551 -33.25 30.32 -38.41
C ILE B 551 -31.99 31.09 -38.01
N ALA B 552 -32.02 32.42 -38.06
CA ALA B 552 -30.86 33.22 -37.65
C ALA B 552 -30.65 33.21 -36.14
N LEU B 553 -31.72 33.08 -35.35
CA LEU B 553 -31.54 32.84 -33.92
C LEU B 553 -31.18 31.40 -33.61
N ASP B 554 -31.39 30.48 -34.55
CA ASP B 554 -30.80 29.15 -34.44
C ASP B 554 -29.37 29.12 -34.97
N ALA B 555 -28.99 30.08 -35.82
CA ALA B 555 -27.64 30.11 -36.37
C ALA B 555 -26.66 30.80 -35.42
N LEU B 556 -27.06 31.92 -34.84
CA LEU B 556 -26.20 32.64 -33.91
C LEU B 556 -26.11 31.96 -32.55
N SER B 557 -27.06 31.09 -32.22
CA SER B 557 -26.94 30.28 -31.01
C SER B 557 -25.93 29.16 -31.19
N ALA B 558 -25.86 28.59 -32.40
CA ALA B 558 -24.86 27.58 -32.68
C ALA B 558 -23.47 28.19 -32.82
N TYR B 559 -23.39 29.46 -33.25
CA TYR B 559 -22.11 30.15 -33.37
C TYR B 559 -21.55 30.54 -32.00
N TRP B 560 -22.43 30.95 -31.07
CA TRP B 560 -21.95 31.44 -29.78
C TRP B 560 -21.45 30.31 -28.90
N ILE B 561 -22.00 29.10 -29.07
CA ILE B 561 -21.44 27.92 -28.42
C ILE B 561 -20.09 27.57 -29.03
N ALA B 562 -19.99 27.59 -30.35
CA ALA B 562 -18.77 27.19 -31.05
C ALA B 562 -17.64 28.21 -30.91
N SER B 563 -17.95 29.46 -30.53
CA SER B 563 -16.92 30.46 -30.27
C SER B 563 -16.48 30.49 -28.81
N HIS B 564 -17.14 29.72 -27.93
CA HIS B 564 -16.82 29.68 -26.51
C HIS B 564 -16.83 28.22 -26.06
N THR B 565 -15.86 27.43 -26.54
CA THR B 565 -15.84 26.00 -26.25
C THR B 565 -14.41 25.42 -26.28
N THR B 566 -13.40 26.26 -26.02
CA THR B 566 -12.01 25.84 -26.16
C THR B 566 -11.60 24.85 -25.06
N GLU B 567 -10.88 23.80 -25.47
CA GLU B 567 -10.67 22.63 -24.65
C GLU B 567 -9.42 21.84 -25.06
N GLU B 568 -8.45 22.53 -25.66
CA GLU B 568 -7.23 21.89 -26.14
C GLU B 568 -6.35 21.48 -24.97
N ARG B 569 -6.03 20.18 -24.89
CA ARG B 569 -5.42 19.62 -23.69
C ARG B 569 -4.45 18.48 -23.98
N GLY B 570 -4.27 17.59 -23.01
CA GLY B 570 -3.35 16.47 -23.13
C GLY B 570 -1.90 16.82 -22.94
N LEU B 571 -1.17 16.91 -24.05
CA LEU B 571 0.30 17.00 -24.13
C LEU B 571 0.97 15.89 -23.32
N ASN B 572 0.80 14.68 -23.84
CA ASN B 572 1.49 13.51 -23.30
C ASN B 572 2.94 13.56 -23.78
N VAL B 573 3.88 13.42 -22.85
CA VAL B 573 5.30 13.42 -23.20
C VAL B 573 6.02 12.37 -22.35
N THR B 574 6.90 11.60 -22.98
CA THR B 574 7.58 10.50 -22.33
C THR B 574 9.05 10.54 -22.70
N LEU B 575 9.92 10.46 -21.70
CA LEU B 575 11.36 10.46 -21.89
C LEU B 575 11.92 9.15 -21.35
N SER B 576 13.00 8.66 -21.97
CA SER B 576 13.57 7.38 -21.59
C SER B 576 15.05 7.35 -21.92
N SER B 577 15.83 6.67 -21.07
CA SER B 577 17.28 6.69 -21.17
C SER B 577 17.87 5.42 -20.61
N THR B 578 19.15 5.18 -20.94
CA THR B 578 19.89 3.98 -20.55
C THR B 578 21.30 4.39 -20.18
N GLY B 579 21.82 3.85 -19.07
CA GLY B 579 23.20 4.11 -18.70
C GLY B 579 23.63 3.58 -17.35
N ARG B 580 24.05 4.50 -16.46
CA ARG B 580 24.48 4.14 -15.10
C ARG B 580 23.33 3.60 -14.26
N ASN B 581 22.12 4.12 -14.48
CA ASN B 581 20.93 3.68 -13.75
C ASN B 581 20.37 2.36 -14.26
N GLY B 582 20.88 1.84 -15.37
CA GLY B 582 20.13 0.87 -16.14
C GLY B 582 19.16 1.59 -17.07
N PHE B 583 18.05 0.93 -17.37
CA PHE B 583 16.99 1.58 -18.14
C PHE B 583 15.96 2.17 -17.19
N LYS B 584 15.71 3.47 -17.32
CA LYS B 584 14.67 4.16 -16.57
C LYS B 584 13.94 5.10 -17.53
N SER B 585 12.71 5.45 -17.16
CA SER B 585 11.87 6.28 -18.01
C SER B 585 10.93 7.11 -17.14
N HIS B 586 10.66 8.33 -17.59
CA HIS B 586 9.75 9.25 -16.91
C HIS B 586 8.67 9.68 -17.90
N ALA B 587 7.43 9.42 -17.56
CA ALA B 587 6.27 9.82 -18.37
C ALA B 587 5.43 10.81 -17.57
N LEU B 588 4.92 11.82 -18.26
CA LEU B 588 4.16 12.88 -17.62
C LEU B 588 3.21 13.50 -18.63
N GLN B 589 2.01 13.82 -18.17
CA GLN B 589 1.05 14.61 -18.94
C GLN B 589 0.84 15.95 -18.27
N LEU B 590 0.80 17.02 -19.07
CA LEU B 590 0.79 18.37 -18.53
C LEU B 590 -0.62 18.92 -18.32
N ASN B 591 -1.40 18.96 -19.40
CA ASN B 591 -2.41 20.00 -19.60
C ASN B 591 -3.68 19.67 -18.83
N ASN B 592 -3.94 20.43 -17.78
CA ASN B 592 -5.27 20.64 -17.23
C ASN B 592 -5.71 22.10 -17.36
N ARG B 593 -4.89 22.92 -18.05
CA ARG B 593 -5.03 24.36 -18.36
C ARG B 593 -5.18 25.24 -17.10
N GLN B 594 -4.77 24.73 -15.95
CA GLN B 594 -4.57 25.47 -14.71
C GLN B 594 -3.11 25.80 -14.46
N ILE B 595 -2.21 24.86 -14.72
CA ILE B 595 -0.80 24.97 -14.38
C ILE B 595 -0.05 25.56 -15.59
N ARG B 596 0.95 26.40 -15.29
CA ARG B 596 1.74 27.07 -16.32
C ARG B 596 2.96 26.25 -16.75
N GLY B 597 3.32 25.22 -16.00
CA GLY B 597 4.46 24.41 -16.38
C GLY B 597 4.75 23.35 -15.33
N LEU B 598 5.51 22.34 -15.74
CA LEU B 598 5.91 21.24 -14.88
C LEU B 598 7.42 21.08 -14.92
N GLU B 599 8.02 20.72 -13.78
CA GLU B 599 9.44 20.41 -13.70
C GLU B 599 9.64 19.14 -12.87
N GLU B 600 10.48 18.23 -13.36
CA GLU B 600 10.79 16.99 -12.64
C GLU B 600 12.29 16.81 -12.50
N GLU B 601 12.67 15.84 -11.67
CA GLU B 601 14.06 15.65 -11.27
C GLU B 601 14.88 14.95 -12.34
N LEU B 602 14.29 13.95 -13.00
CA LEU B 602 14.81 13.28 -14.22
C LEU B 602 16.16 12.62 -13.97
N GLN B 603 16.13 11.56 -13.16
CA GLN B 603 17.37 10.87 -12.82
C GLN B 603 17.77 9.94 -13.98
N PHE B 604 18.49 10.51 -14.93
CA PHE B 604 18.98 9.81 -16.12
C PHE B 604 20.50 9.86 -16.17
N SER B 605 21.12 8.66 -16.11
CA SER B 605 22.44 8.25 -16.58
C SER B 605 23.58 9.28 -16.60
N LEU B 606 23.88 9.80 -17.79
CA LEU B 606 24.94 10.77 -18.00
C LEU B 606 24.44 11.73 -19.07
N GLY B 607 25.37 12.37 -19.78
CA GLY B 607 25.05 13.02 -21.04
C GLY B 607 25.16 12.04 -22.20
N SER B 608 24.25 11.07 -22.25
CA SER B 608 24.25 10.02 -23.26
C SER B 608 22.87 9.37 -23.31
N LYS B 609 22.45 9.00 -24.54
CA LYS B 609 21.42 8.01 -24.84
C LYS B 609 20.03 8.38 -24.30
N ILE B 610 19.28 9.19 -25.03
CA ILE B 610 17.99 9.70 -24.54
C ILE B 610 16.96 9.72 -25.66
N ASN B 611 15.81 9.09 -25.42
CA ASN B 611 14.73 8.93 -26.40
C ASN B 611 13.47 9.61 -25.87
N VAL B 612 12.78 10.34 -26.75
CA VAL B 612 11.61 11.14 -26.39
C VAL B 612 10.44 10.71 -27.28
N LYS B 613 9.28 10.45 -26.66
CA LYS B 613 8.04 10.18 -27.38
C LYS B 613 6.97 11.13 -26.88
N VAL B 614 6.32 11.85 -27.81
CA VAL B 614 5.42 12.95 -27.49
C VAL B 614 4.03 12.61 -28.02
N GLY B 615 2.99 12.97 -27.28
CA GLY B 615 1.62 12.85 -27.73
C GLY B 615 0.79 14.05 -27.35
N GLY B 616 -0.54 13.93 -27.39
CA GLY B 616 -1.41 15.08 -27.18
C GLY B 616 -1.65 15.86 -28.46
N ASN B 617 -2.16 17.09 -28.30
CA ASN B 617 -2.54 17.91 -29.46
C ASN B 617 -2.47 19.40 -29.13
N SER B 618 -1.45 19.82 -28.39
CA SER B 618 -1.33 21.21 -27.97
C SER B 618 0.10 21.69 -28.18
N LYS B 619 0.24 23.01 -28.31
CA LYS B 619 1.55 23.63 -28.51
C LYS B 619 2.32 23.66 -27.20
N GLY B 620 3.59 23.25 -27.25
CA GLY B 620 4.41 23.20 -26.06
C GLY B 620 5.80 23.77 -26.31
N THR B 621 6.57 23.88 -25.23
CA THR B 621 7.94 24.37 -25.26
C THR B 621 8.76 23.58 -24.24
N LEU B 622 9.66 22.73 -24.73
CA LEU B 622 10.46 21.86 -23.88
C LEU B 622 11.83 22.48 -23.64
N LYS B 623 12.27 22.43 -22.38
CA LYS B 623 13.60 22.89 -21.99
C LYS B 623 14.26 21.82 -21.14
N VAL B 624 15.45 21.37 -21.54
CA VAL B 624 16.23 20.40 -20.79
C VAL B 624 17.43 21.11 -20.21
N LEU B 625 17.54 21.10 -18.88
CA LEU B 625 18.58 21.81 -18.17
C LEU B 625 19.60 20.78 -17.66
N ARG B 626 20.65 20.56 -18.44
CA ARG B 626 21.76 19.72 -18.02
C ARG B 626 22.82 20.60 -17.34
N THR B 627 23.12 20.29 -16.08
CA THR B 627 24.10 21.01 -15.28
C THR B 627 25.23 20.08 -14.90
N TYR B 628 26.46 20.53 -15.12
CA TYR B 628 27.66 19.75 -14.75
C TYR B 628 28.78 20.73 -14.43
N ASN B 629 29.91 20.19 -13.97
CA ASN B 629 31.06 21.01 -13.63
C ASN B 629 32.00 21.17 -14.81
N VAL B 630 32.50 22.38 -14.98
CA VAL B 630 33.30 22.76 -16.15
C VAL B 630 34.74 22.97 -15.67
N LEU B 631 35.64 23.36 -16.58
CA LEU B 631 37.06 23.53 -16.34
C LEU B 631 37.36 24.67 -15.36
N ASP B 632 38.62 24.72 -14.91
CA ASP B 632 39.03 25.66 -13.87
C ASP B 632 39.29 27.07 -14.40
N MET B 633 40.12 27.17 -15.44
CA MET B 633 40.62 28.40 -16.10
C MET B 633 41.35 29.30 -15.11
N LYS B 634 41.28 30.61 -15.35
CA LYS B 634 42.10 31.59 -14.65
C LYS B 634 41.59 31.83 -13.23
N ASN B 635 42.54 32.09 -12.33
CA ASN B 635 42.18 32.41 -10.94
C ASN B 635 41.56 33.79 -10.83
N THR B 636 42.06 34.75 -11.64
CA THR B 636 41.67 36.17 -11.69
C THR B 636 41.77 36.80 -10.30
N THR B 637 42.98 36.74 -9.75
CA THR B 637 43.25 37.08 -8.35
C THR B 637 43.53 38.57 -8.27
N CYS B 638 42.46 39.34 -8.02
CA CYS B 638 42.44 40.78 -7.78
C CYS B 638 43.02 41.63 -8.91
N GLN B 639 42.19 41.98 -9.89
CA GLN B 639 42.62 42.81 -11.00
C GLN B 639 42.05 44.22 -10.94
N ASP B 640 40.95 44.44 -10.22
CA ASP B 640 40.43 45.77 -9.98
C ASP B 640 41.12 46.41 -8.78
N LEU B 641 40.73 46.00 -7.58
CA LEU B 641 41.38 46.50 -6.37
C LEU B 641 42.63 45.71 -6.05
N GLN B 642 43.55 46.35 -5.31
CA GLN B 642 44.82 45.76 -4.93
C GLN B 642 45.09 46.04 -3.46
N ILE B 643 45.72 45.07 -2.79
CA ILE B 643 46.17 45.24 -1.41
C ILE B 643 47.42 44.39 -1.20
N GLU B 644 48.46 45.01 -0.62
CA GLU B 644 49.72 44.34 -0.31
C GLU B 644 50.20 44.79 1.05
N VAL B 645 50.90 43.89 1.75
CA VAL B 645 51.44 44.16 3.08
C VAL B 645 52.69 43.30 3.29
N THR B 646 53.77 43.94 3.74
CA THR B 646 55.04 43.27 3.97
C THR B 646 55.57 43.70 5.34
N VAL B 647 55.98 42.73 6.15
CA VAL B 647 56.47 42.98 7.50
C VAL B 647 57.91 42.47 7.60
N LYS B 648 58.75 43.20 8.33
CA LYS B 648 60.13 42.83 8.59
C LYS B 648 60.43 42.93 10.08
N GLY B 649 61.23 42.01 10.60
CA GLY B 649 61.67 42.02 11.97
C GLY B 649 61.75 40.62 12.53
N HIS B 650 61.94 40.52 13.84
CA HIS B 650 62.09 39.25 14.53
C HIS B 650 61.07 39.14 15.65
N VAL B 651 60.38 38.00 15.69
CA VAL B 651 59.33 37.71 16.67
C VAL B 651 59.78 36.46 17.43
N GLU B 652 59.65 36.49 18.75
CA GLU B 652 59.93 35.30 19.54
C GLU B 652 58.85 34.25 19.32
N TYR B 653 59.27 32.98 19.22
CA TYR B 653 58.36 31.86 19.03
C TYR B 653 58.64 30.79 20.07
N THR B 654 57.73 29.83 20.17
CA THR B 654 57.90 28.68 21.04
C THR B 654 57.72 27.39 20.24
N MET B 655 58.26 26.30 20.80
CA MET B 655 58.16 24.92 20.33
C MET B 655 58.77 24.80 18.92
N GLU B 656 58.02 24.36 17.92
CA GLU B 656 58.38 24.08 16.51
C GLU B 656 59.47 22.99 16.51
N ALA B 657 60.30 22.91 15.48
CA ALA B 657 61.29 21.84 15.36
C ALA B 657 62.43 22.32 14.48
N ASN B 658 63.50 21.53 14.48
CA ASN B 658 64.65 21.77 13.62
C ASN B 658 65.35 20.43 13.36
N GLN C 9 59.97 46.60 30.35
CA GLN C 9 60.62 46.47 29.07
C GLN C 9 59.61 45.96 28.04
N GLU C 10 59.45 46.69 26.94
CA GLU C 10 58.51 46.32 25.89
C GLU C 10 59.23 46.27 24.55
N SER C 11 58.78 45.35 23.69
CA SER C 11 59.36 45.12 22.38
C SER C 11 58.30 45.31 21.29
N ARG C 12 58.74 45.68 20.10
CA ARG C 12 57.83 46.03 19.02
C ARG C 12 58.48 45.77 17.66
N VAL C 13 57.63 45.65 16.65
CA VAL C 13 58.02 45.34 15.28
C VAL C 13 57.31 46.37 14.38
N HIS C 14 57.76 46.47 13.13
CA HIS C 14 57.28 47.49 12.21
C HIS C 14 56.64 46.86 10.97
N TYR C 15 55.53 47.44 10.53
CA TYR C 15 54.79 47.02 9.34
C TYR C 15 55.00 47.99 8.18
N THR C 16 54.58 47.54 7.00
CA THR C 16 54.55 48.36 5.79
C THR C 16 53.40 47.89 4.93
N VAL C 17 52.41 48.76 4.72
CA VAL C 17 51.19 48.44 3.98
C VAL C 17 51.12 49.35 2.75
N CYS C 18 51.02 48.75 1.56
CA CYS C 18 50.99 49.49 0.31
C CYS C 18 49.83 48.98 -0.54
N ILE C 19 48.85 49.85 -0.82
CA ILE C 19 47.76 49.52 -1.73
C ILE C 19 47.74 50.55 -2.86
N TRP C 20 47.00 50.20 -3.92
CA TRP C 20 46.71 51.09 -5.04
C TRP C 20 45.42 50.56 -5.69
N ARG C 21 45.13 51.02 -6.91
CA ARG C 21 44.03 50.44 -7.65
C ARG C 21 44.41 50.35 -9.13
N ASN C 22 43.77 49.40 -9.81
CA ASN C 22 43.64 49.39 -11.25
C ASN C 22 42.19 49.62 -11.66
N GLY C 23 41.36 50.06 -10.73
CA GLY C 23 39.93 50.14 -10.95
C GLY C 23 39.42 51.49 -11.43
N LYS C 24 40.15 52.12 -12.35
CA LYS C 24 39.59 53.24 -13.09
C LYS C 24 38.63 52.76 -14.18
N VAL C 25 38.76 51.50 -14.59
CA VAL C 25 37.79 50.85 -15.46
C VAL C 25 36.80 50.01 -14.66
N GLY C 26 36.82 50.13 -13.33
CA GLY C 26 35.94 49.35 -12.48
C GLY C 26 35.10 50.21 -11.55
N LEU C 27 34.67 49.64 -10.43
CA LEU C 27 33.83 50.36 -9.48
C LEU C 27 34.69 51.27 -8.62
N SER C 28 34.41 52.56 -8.66
CA SER C 28 35.19 53.56 -7.95
C SER C 28 34.52 53.93 -6.62
N GLY C 29 35.16 54.86 -5.90
CA GLY C 29 34.68 55.34 -4.62
C GLY C 29 35.79 55.34 -3.61
N MET C 30 35.40 55.27 -2.34
CA MET C 30 36.34 55.26 -1.23
C MET C 30 36.65 53.81 -0.86
N ALA C 31 37.35 53.59 0.25
CA ALA C 31 37.76 52.24 0.63
C ALA C 31 37.90 52.13 2.15
N ILE C 32 37.65 50.91 2.64
CA ILE C 32 37.89 50.54 4.04
C ILE C 32 38.98 49.48 4.06
N ALA C 33 40.04 49.73 4.82
CA ALA C 33 41.11 48.75 5.00
C ALA C 33 40.81 47.91 6.23
N ASP C 34 40.69 46.60 6.02
CA ASP C 34 40.42 45.63 7.08
C ASP C 34 41.54 44.60 7.04
N VAL C 35 42.48 44.72 7.98
CA VAL C 35 43.60 43.79 8.06
C VAL C 35 43.49 43.00 9.35
N THR C 36 44.24 41.89 9.40
CA THR C 36 44.36 41.07 10.59
C THR C 36 45.83 40.98 10.94
N LEU C 37 46.17 41.26 12.19
CA LEU C 37 47.55 41.20 12.66
C LEU C 37 47.93 39.75 12.99
N LEU C 38 49.03 39.57 13.69
CA LEU C 38 49.40 38.23 14.13
C LEU C 38 48.57 37.84 15.36
N SER C 39 48.76 36.60 15.80
CA SER C 39 47.87 35.99 16.79
C SER C 39 48.04 36.55 18.20
N GLY C 40 49.14 37.25 18.47
CA GLY C 40 49.32 37.86 19.77
C GLY C 40 49.83 39.28 19.73
N PHE C 41 49.49 40.03 18.69
CA PHE C 41 49.91 41.41 18.55
C PHE C 41 48.69 42.33 18.64
N HIS C 42 48.90 43.52 19.19
CA HIS C 42 47.96 44.61 18.99
C HIS C 42 48.73 45.85 18.54
N ALA C 43 48.05 46.68 17.75
CA ALA C 43 48.69 47.80 17.10
C ALA C 43 48.92 48.95 18.08
N LEU C 44 50.02 49.67 17.86
CA LEU C 44 50.32 50.85 18.65
C LEU C 44 49.46 52.01 18.14
N ARG C 45 48.70 52.62 19.04
CA ARG C 45 47.67 53.58 18.65
C ARG C 45 48.26 54.92 18.20
N ALA C 46 49.40 55.32 18.78
CA ALA C 46 49.99 56.61 18.44
C ALA C 46 50.66 56.61 17.06
N ASP C 47 51.06 55.45 16.55
CA ASP C 47 51.60 55.38 15.20
C ASP C 47 50.52 55.46 14.13
N LEU C 48 49.28 55.09 14.48
CA LEU C 48 48.19 55.07 13.51
C LEU C 48 47.58 56.46 13.33
N GLU C 49 47.54 57.25 14.40
CA GLU C 49 47.04 58.62 14.35
C GLU C 49 48.10 59.62 13.91
N LYS C 50 49.29 59.15 13.54
CA LYS C 50 50.21 59.98 12.78
C LYS C 50 49.67 60.29 11.39
N LEU C 51 48.94 59.33 10.80
CA LEU C 51 48.32 59.51 9.49
C LEU C 51 46.88 60.02 9.62
N THR C 52 46.54 60.70 10.70
CA THR C 52 45.24 61.33 10.87
C THR C 52 45.36 62.83 11.07
N SER C 53 46.54 63.34 11.41
CA SER C 53 46.77 64.75 11.61
C SER C 53 47.54 65.42 10.48
N LEU C 54 47.99 64.67 9.48
CA LEU C 54 48.75 65.24 8.38
C LEU C 54 47.85 65.95 7.38
N SER C 55 48.48 66.64 6.43
CA SER C 55 47.75 67.30 5.35
C SER C 55 47.36 66.29 4.27
N ASP C 56 48.35 65.62 3.68
CA ASP C 56 48.10 64.50 2.78
C ASP C 56 48.14 63.21 3.61
N ARG C 57 47.14 63.08 4.46
CA ARG C 57 47.15 62.11 5.55
C ARG C 57 46.64 60.73 5.15
N TYR C 58 45.98 60.60 3.99
CA TYR C 58 45.37 59.40 3.40
C TYR C 58 44.29 58.78 4.30
N VAL C 59 44.66 58.31 5.50
CA VAL C 59 43.70 57.79 6.47
C VAL C 59 42.87 58.96 7.02
N SER C 60 41.55 58.79 7.01
CA SER C 60 40.66 59.78 7.61
C SER C 60 40.10 59.37 8.96
N HIS C 61 40.07 58.07 9.27
CA HIS C 61 39.49 57.57 10.50
C HIS C 61 40.10 56.21 10.81
N PHE C 62 40.38 55.96 12.09
CA PHE C 62 40.91 54.67 12.52
C PHE C 62 40.22 54.26 13.82
N GLU C 63 40.16 52.95 14.03
CA GLU C 63 39.74 52.37 15.31
C GLU C 63 40.27 50.95 15.38
N THR C 64 41.02 50.64 16.43
CA THR C 64 41.59 49.32 16.64
C THR C 64 41.14 48.74 17.97
N GLU C 65 41.12 47.40 18.03
CA GLU C 65 40.89 46.68 19.27
C GLU C 65 41.56 45.31 19.12
N GLY C 66 42.77 45.19 19.65
CA GLY C 66 43.51 43.95 19.57
C GLY C 66 44.16 43.73 18.22
N PRO C 67 44.10 42.47 17.68
CA PRO C 67 44.74 42.13 16.40
C PRO C 67 43.90 42.48 15.17
N HIS C 68 43.41 43.72 15.12
CA HIS C 68 42.45 44.11 14.10
C HIS C 68 42.53 45.61 13.92
N VAL C 69 42.87 46.06 12.72
CA VAL C 69 43.04 47.48 12.42
C VAL C 69 42.04 47.85 11.33
N LEU C 70 41.22 48.86 11.60
CA LEU C 70 40.28 49.41 10.63
C LEU C 70 40.74 50.79 10.18
N LEU C 71 40.86 50.97 8.87
CA LEU C 71 41.33 52.22 8.28
C LEU C 71 40.40 52.61 7.14
N TYR C 72 39.86 53.83 7.21
CA TYR C 72 39.06 54.39 6.14
C TYR C 72 39.95 55.25 5.23
N PHE C 73 39.92 54.97 3.94
CA PHE C 73 40.63 55.75 2.95
C PHE C 73 39.63 56.54 2.11
N ASP C 74 39.93 57.80 1.85
CA ASP C 74 39.06 58.66 1.05
C ASP C 74 39.46 58.73 -0.41
N SER C 75 40.67 58.28 -0.77
CA SER C 75 41.14 58.35 -2.15
C SER C 75 42.04 57.16 -2.45
N VAL C 76 41.90 56.62 -3.65
CA VAL C 76 42.68 55.49 -4.11
C VAL C 76 43.40 55.86 -5.40
N PRO C 77 44.73 55.67 -5.51
CA PRO C 77 45.44 56.08 -6.73
C PRO C 77 45.84 54.90 -7.62
N THR C 78 46.43 55.20 -8.77
CA THR C 78 46.95 54.16 -9.65
C THR C 78 48.41 53.83 -9.37
N SER C 79 49.13 54.68 -8.65
CA SER C 79 50.53 54.45 -8.29
C SER C 79 50.64 53.99 -6.84
N ARG C 80 51.87 53.64 -6.45
CA ARG C 80 52.12 53.08 -5.13
C ARG C 80 52.02 54.12 -4.03
N GLU C 81 51.25 53.78 -2.99
CA GLU C 81 51.03 54.61 -1.81
C GLU C 81 51.21 53.73 -0.59
N CYS C 82 52.10 54.13 0.32
CA CYS C 82 52.52 53.27 1.41
C CYS C 82 52.35 53.95 2.76
N VAL C 83 51.81 53.19 3.73
CA VAL C 83 51.62 53.64 5.12
C VAL C 83 52.18 52.55 6.03
N GLY C 84 53.13 52.92 6.89
CA GLY C 84 53.72 51.99 7.84
C GLY C 84 53.38 52.35 9.27
N PHE C 85 53.31 51.34 10.13
CA PHE C 85 53.00 51.52 11.54
C PHE C 85 53.66 50.40 12.33
N GLU C 86 53.43 50.39 13.65
CA GLU C 86 54.05 49.43 14.55
C GLU C 86 53.01 48.68 15.37
N ALA C 87 53.44 47.56 15.95
CA ALA C 87 52.62 46.73 16.82
C ALA C 87 53.52 45.98 17.78
N VAL C 88 53.11 45.92 19.05
CA VAL C 88 53.90 45.29 20.11
C VAL C 88 53.48 43.83 20.28
N GLN C 89 54.21 43.11 21.14
CA GLN C 89 53.99 41.68 21.34
C GLN C 89 53.47 41.41 22.75
N GLU C 90 52.37 40.67 22.84
CA GLU C 90 51.76 40.27 24.11
C GLU C 90 52.26 38.91 24.58
N VAL C 91 52.12 37.90 23.73
CA VAL C 91 52.41 36.51 24.07
C VAL C 91 53.26 35.97 22.93
N PRO C 92 54.16 35.01 23.18
CA PRO C 92 54.84 34.35 22.05
C PRO C 92 53.87 33.52 21.21
N VAL C 93 54.19 33.44 19.92
CA VAL C 93 53.35 32.76 18.95
C VAL C 93 53.81 31.31 18.85
N GLY C 94 52.87 30.37 18.95
CA GLY C 94 53.15 28.96 19.00
C GLY C 94 53.14 28.21 17.68
N LEU C 95 52.95 28.90 16.56
CA LEU C 95 52.84 28.26 15.25
C LEU C 95 53.24 29.23 14.14
N VAL C 96 53.83 28.67 13.08
CA VAL C 96 54.15 29.44 11.88
C VAL C 96 52.97 29.36 10.92
N GLN C 97 52.42 30.53 10.58
CA GLN C 97 51.08 30.66 10.02
C GLN C 97 50.80 32.05 9.46
N PRO C 98 50.23 32.14 8.25
CA PRO C 98 49.92 33.45 7.66
C PRO C 98 48.64 34.05 8.21
N ALA C 99 48.28 35.22 7.66
CA ALA C 99 47.05 35.92 8.02
C ALA C 99 46.51 36.60 6.78
N SER C 100 45.33 37.20 6.92
CA SER C 100 44.64 37.79 5.78
C SER C 100 44.50 39.30 5.93
N ALA C 101 44.09 39.92 4.82
CA ALA C 101 43.82 41.35 4.77
C ALA C 101 42.84 41.58 3.62
N THR C 102 41.70 42.19 3.92
CA THR C 102 40.63 42.37 2.94
C THR C 102 40.37 43.86 2.74
N LEU C 103 40.39 44.30 1.48
CA LEU C 103 40.16 45.69 1.12
C LEU C 103 38.79 45.77 0.46
N TYR C 104 37.83 46.39 1.15
CA TYR C 104 36.48 46.52 0.64
C TYR C 104 36.31 47.83 -0.13
N ASP C 105 35.42 47.80 -1.11
CA ASP C 105 34.94 49.04 -1.72
C ASP C 105 33.82 49.61 -0.85
N TYR C 106 33.79 50.93 -0.73
CA TYR C 106 32.96 51.57 0.29
C TYR C 106 31.50 51.70 -0.16
N TYR C 107 31.26 51.87 -1.46
CA TYR C 107 29.89 51.94 -1.95
C TYR C 107 29.36 50.60 -2.41
N ASN C 108 30.24 49.63 -2.68
CA ASN C 108 29.85 48.30 -3.13
C ASN C 108 30.68 47.29 -2.36
N PRO C 109 30.19 46.83 -1.19
CA PRO C 109 31.02 45.98 -0.33
C PRO C 109 31.20 44.55 -0.82
N GLU C 110 30.42 44.09 -1.79
CA GLU C 110 30.62 42.76 -2.35
C GLU C 110 31.79 42.68 -3.31
N ARG C 111 32.21 43.82 -3.87
CA ARG C 111 33.45 43.91 -4.65
C ARG C 111 34.60 44.22 -3.71
N ARG C 112 35.46 43.23 -3.48
CA ARG C 112 36.56 43.35 -2.51
C ARG C 112 37.75 42.55 -3.03
N CYS C 113 38.80 42.49 -2.21
CA CYS C 113 40.05 41.81 -2.55
C CYS C 113 40.72 41.34 -1.27
N SER C 114 40.99 40.04 -1.16
CA SER C 114 41.57 39.44 0.03
C SER C 114 42.89 38.76 -0.34
N VAL C 115 44.00 39.29 0.17
CA VAL C 115 45.33 38.80 -0.14
C VAL C 115 46.00 38.39 1.17
N PHE C 116 46.55 37.17 1.20
CA PHE C 116 47.26 36.65 2.36
C PHE C 116 48.67 37.23 2.42
N TYR C 117 49.24 37.21 3.63
CA TYR C 117 50.63 37.62 3.84
C TYR C 117 51.25 36.74 4.91
N GLY C 118 52.56 36.53 4.81
CA GLY C 118 53.25 35.58 5.65
C GLY C 118 54.21 36.21 6.66
N ALA C 119 54.97 35.33 7.30
CA ALA C 119 55.93 35.71 8.32
C ALA C 119 57.13 36.42 7.67
N PRO C 120 57.85 37.28 8.43
CA PRO C 120 59.04 37.92 7.85
C PRO C 120 60.21 36.98 7.62
N SER C 121 60.38 35.95 8.43
CA SER C 121 61.46 35.00 8.22
C SER C 121 61.03 33.76 7.44
N LYS C 122 59.74 33.44 7.44
CA LYS C 122 59.23 32.26 6.75
C LYS C 122 58.60 32.68 5.43
N SER C 123 57.77 31.82 4.85
CA SER C 123 57.13 32.07 3.57
C SER C 123 55.70 32.59 3.78
N ARG C 124 54.92 32.63 2.71
CA ARG C 124 53.55 33.12 2.78
C ARG C 124 52.55 31.98 2.89
N LEU C 125 52.45 31.17 1.83
CA LEU C 125 51.47 30.10 1.77
C LEU C 125 51.93 28.91 2.60
N LEU C 126 50.98 28.02 2.91
CA LEU C 126 51.32 26.80 3.62
C LEU C 126 52.06 25.83 2.70
N ALA C 127 52.81 24.91 3.32
CA ALA C 127 53.60 23.93 2.59
C ALA C 127 52.69 22.83 2.04
N THR C 128 52.64 22.70 0.73
CA THR C 128 51.87 21.65 0.08
C THR C 128 52.60 21.19 -1.18
N LEU C 129 52.39 19.93 -1.53
CA LEU C 129 53.07 19.29 -2.66
C LEU C 129 52.05 19.15 -3.78
N CYS C 130 52.20 19.98 -4.82
CA CYS C 130 51.25 20.02 -5.92
C CYS C 130 51.91 19.49 -7.19
N SER C 131 51.38 18.38 -7.70
CA SER C 131 51.80 17.82 -8.97
C SER C 131 50.57 17.21 -9.64
N ALA C 132 50.47 17.44 -10.96
CA ALA C 132 49.27 17.23 -11.80
C ALA C 132 48.10 17.99 -11.17
N GLU C 133 46.92 17.40 -11.04
CA GLU C 133 45.75 18.11 -10.53
C GLU C 133 45.49 17.89 -9.05
N VAL C 134 46.25 17.01 -8.39
CA VAL C 134 46.00 16.62 -7.01
C VAL C 134 47.16 17.13 -6.15
N CYS C 135 46.84 17.84 -5.07
CA CYS C 135 47.85 18.30 -4.12
C CYS C 135 47.73 17.52 -2.81
N GLN C 136 48.77 17.64 -1.99
CA GLN C 136 48.91 16.87 -0.76
C GLN C 136 49.50 17.77 0.31
N CYS C 137 49.07 17.54 1.56
CA CYS C 137 49.60 18.27 2.71
C CYS C 137 51.06 17.92 2.97
N ALA C 138 51.79 18.87 3.54
CA ALA C 138 53.22 18.69 3.76
C ALA C 138 53.65 19.39 5.03
N GLU C 139 52.88 19.23 6.11
CA GLU C 139 53.21 19.76 7.42
C GLU C 139 53.52 18.62 8.39
N GLY C 140 54.01 18.99 9.56
CA GLY C 140 54.23 18.03 10.63
C GLY C 140 55.68 17.66 10.86
N LYS C 141 56.40 18.54 11.57
CA LYS C 141 57.78 18.38 12.11
C LYS C 141 58.73 18.22 10.90
N CYS C 142 59.74 17.34 10.98
CA CYS C 142 60.66 17.06 9.89
C CYS C 142 61.03 15.58 9.98
N PRO C 143 61.26 14.92 8.84
CA PRO C 143 61.78 13.55 8.89
C PRO C 143 63.25 13.53 9.30
N ARG C 144 63.59 12.60 10.19
CA ARG C 144 64.96 12.46 10.68
C ARG C 144 65.61 11.21 10.11
N GLN C 145 66.92 11.30 9.93
CA GLN C 145 67.73 10.18 9.46
C GLN C 145 68.17 9.34 10.65
N ARG C 146 67.71 8.10 10.71
CA ARG C 146 68.16 7.18 11.75
C ARG C 146 69.32 6.32 11.24
N ARG C 147 70.22 6.01 12.16
CA ARG C 147 71.39 5.19 11.89
C ARG C 147 71.38 3.89 12.70
N ALA C 148 70.70 3.87 13.84
CA ALA C 148 70.36 2.72 14.68
C ALA C 148 71.55 1.93 15.25
N LEU C 149 72.44 1.43 14.39
CA LEU C 149 73.57 0.65 14.86
C LEU C 149 74.64 1.51 15.53
N GLU C 150 74.81 2.74 15.06
CA GLU C 150 75.66 3.69 15.77
C GLU C 150 74.96 4.22 17.02
N ARG C 151 73.64 4.37 16.96
CA ARG C 151 72.85 4.87 18.07
C ARG C 151 72.60 3.78 19.10
N GLY C 158 64.00 0.31 18.38
CA GLY C 158 62.56 0.29 18.20
C GLY C 158 62.08 -0.92 17.41
N TYR C 159 62.97 -1.42 16.55
CA TYR C 159 62.88 -2.62 15.68
C TYR C 159 61.84 -2.46 14.56
N ARG C 160 62.12 -3.08 13.42
CA ARG C 160 61.43 -2.75 12.17
C ARG C 160 60.05 -3.37 12.07
N MET C 161 59.86 -4.60 12.57
CA MET C 161 58.57 -5.29 12.41
C MET C 161 57.50 -4.70 13.31
N LYS C 162 57.91 -4.11 14.44
CA LYS C 162 56.97 -3.39 15.31
C LYS C 162 56.46 -2.11 14.65
N PHE C 163 57.31 -1.45 13.87
CA PHE C 163 56.92 -0.23 13.16
C PHE C 163 56.22 -0.54 11.85
N ALA C 164 56.40 -1.73 11.28
CA ALA C 164 55.89 -2.02 9.95
C ALA C 164 54.41 -2.34 9.93
N CYS C 165 53.87 -2.89 11.02
CA CYS C 165 52.54 -3.48 10.96
C CYS C 165 51.57 -2.92 12.00
N TYR C 166 52.07 -2.44 13.12
CA TYR C 166 51.23 -2.23 14.29
C TYR C 166 51.01 -0.78 14.69
N TYR C 167 52.03 0.09 14.64
CA TYR C 167 51.82 1.41 15.24
C TYR C 167 51.48 2.52 14.24
N PRO C 168 52.04 2.61 12.99
CA PRO C 168 51.40 3.48 12.00
C PRO C 168 50.65 2.72 10.92
N ARG C 169 50.84 1.40 10.87
CA ARG C 169 50.54 0.49 9.76
C ARG C 169 51.16 1.00 8.47
N VAL C 170 52.39 0.57 8.20
CA VAL C 170 53.16 1.07 7.06
C VAL C 170 52.63 0.48 5.76
N GLU C 171 52.31 1.36 4.80
CA GLU C 171 51.60 0.95 3.60
C GLU C 171 52.53 0.42 2.51
N TYR C 172 53.68 1.06 2.27
CA TYR C 172 54.61 0.62 1.24
C TYR C 172 55.93 0.18 1.87
N GLY C 173 56.50 -0.88 1.31
CA GLY C 173 57.84 -1.30 1.70
C GLY C 173 58.76 -1.33 0.51
N PHE C 174 59.85 -0.56 0.56
CA PHE C 174 60.81 -0.50 -0.52
C PHE C 174 62.21 -0.27 0.04
N GLN C 175 63.18 -0.96 -0.53
CA GLN C 175 64.58 -0.54 -0.46
C GLN C 175 64.95 0.01 -1.84
N VAL C 176 65.74 1.08 -1.85
CA VAL C 176 65.80 1.94 -3.03
C VAL C 176 67.17 2.61 -3.09
N LYS C 177 67.56 3.05 -4.29
CA LYS C 177 68.87 3.63 -4.55
C LYS C 177 68.71 5.09 -4.94
N VAL C 178 69.44 5.97 -4.26
CA VAL C 178 69.32 7.42 -4.43
C VAL C 178 70.21 7.85 -5.59
N LEU C 179 69.66 8.68 -6.49
CA LEU C 179 70.43 9.15 -7.64
C LEU C 179 70.60 10.67 -7.65
N ARG C 180 69.66 11.38 -8.27
CA ARG C 180 69.76 12.81 -8.53
C ARG C 180 69.04 13.62 -7.46
N GLU C 181 69.65 14.72 -7.02
CA GLU C 181 69.07 15.65 -6.05
C GLU C 181 68.69 16.95 -6.74
N ASP C 182 67.39 17.21 -6.88
CA ASP C 182 66.91 18.46 -7.45
C ASP C 182 66.52 19.43 -6.33
N SER C 183 66.03 20.60 -6.73
CA SER C 183 65.53 21.61 -5.79
C SER C 183 64.42 22.38 -6.51
N ARG C 184 63.18 21.93 -6.29
CA ARG C 184 62.01 22.49 -6.96
C ARG C 184 61.15 23.21 -5.93
N ALA C 185 61.01 24.54 -6.12
CA ALA C 185 60.32 25.48 -5.23
C ALA C 185 60.83 25.41 -3.79
N ALA C 186 59.94 25.05 -2.86
CA ALA C 186 60.30 24.90 -1.45
C ALA C 186 60.53 23.44 -1.07
N PHE C 187 61.06 22.64 -1.99
CA PHE C 187 61.31 21.24 -1.74
C PHE C 187 62.69 20.86 -2.27
N ARG C 188 63.12 19.65 -1.92
CA ARG C 188 64.31 19.04 -2.49
C ARG C 188 63.97 17.61 -2.90
N LEU C 189 63.84 17.40 -4.21
CA LEU C 189 63.37 16.13 -4.77
C LEU C 189 64.54 15.17 -4.93
N PHE C 190 64.24 13.87 -4.88
CA PHE C 190 65.24 12.82 -5.04
C PHE C 190 64.74 11.79 -6.04
N GLU C 191 65.31 11.79 -7.25
CA GLU C 191 65.03 10.73 -8.21
C GLU C 191 65.72 9.44 -7.79
N THR C 192 64.99 8.33 -7.81
CA THR C 192 65.47 7.07 -7.26
C THR C 192 65.22 5.92 -8.22
N LYS C 193 65.61 4.71 -7.79
CA LYS C 193 65.53 3.49 -8.59
C LYS C 193 65.25 2.32 -7.65
N ILE C 194 64.15 1.59 -7.89
CA ILE C 194 63.69 0.56 -6.96
C ILE C 194 64.61 -0.66 -7.03
N THR C 195 65.12 -1.07 -5.88
CA THR C 195 65.92 -2.30 -5.76
C THR C 195 65.03 -3.53 -5.55
N GLN C 196 64.27 -3.55 -4.45
CA GLN C 196 63.44 -4.70 -4.10
C GLN C 196 62.07 -4.23 -3.59
N VAL C 197 61.01 -4.81 -4.12
CA VAL C 197 59.64 -4.50 -3.69
C VAL C 197 59.29 -5.40 -2.51
N LEU C 198 58.90 -4.79 -1.40
CA LEU C 198 58.52 -5.53 -0.19
C LEU C 198 57.01 -5.62 -0.02
N HIS C 199 56.32 -4.48 0.04
CA HIS C 199 54.88 -4.45 0.24
C HIS C 199 54.31 -3.22 -0.46
N PHE C 200 53.05 -3.31 -0.87
CA PHE C 200 52.44 -2.31 -1.72
C PHE C 200 50.95 -2.18 -1.40
N THR C 201 50.48 -0.94 -1.33
CA THR C 201 49.08 -0.64 -1.06
C THR C 201 48.51 0.09 -2.27
N LYS C 202 48.85 1.36 -2.42
CA LYS C 202 48.81 1.96 -3.74
C LYS C 202 50.07 1.59 -4.51
N ASP C 203 50.07 1.94 -5.81
CA ASP C 203 50.99 1.45 -6.85
C ASP C 203 51.02 -0.08 -6.86
N VAL C 204 50.00 -0.69 -7.47
CA VAL C 204 49.95 -2.15 -7.57
C VAL C 204 50.97 -2.64 -8.58
N LYS C 205 51.25 -1.84 -9.62
CA LYS C 205 52.16 -2.22 -10.70
C LYS C 205 53.62 -1.84 -10.41
N ALA C 206 54.02 -1.81 -9.14
CA ALA C 206 55.39 -1.49 -8.78
C ALA C 206 56.30 -2.69 -8.99
N ALA C 207 57.43 -2.47 -9.65
CA ALA C 207 58.41 -3.53 -9.88
C ALA C 207 59.79 -2.94 -9.65
N ALA C 208 60.82 -3.72 -9.95
CA ALA C 208 62.19 -3.25 -9.78
C ALA C 208 62.60 -2.33 -10.93
N ASN C 209 63.61 -1.50 -10.65
CA ASN C 209 64.23 -0.54 -11.58
C ASN C 209 63.22 0.46 -12.15
N GLN C 210 62.41 1.03 -11.27
CA GLN C 210 61.40 2.01 -11.65
C GLN C 210 61.76 3.39 -11.12
N MET C 211 61.27 4.41 -11.80
CA MET C 211 61.62 5.80 -11.52
C MET C 211 60.68 6.36 -10.45
N ARG C 212 61.20 6.61 -9.26
CA ARG C 212 60.43 7.11 -8.13
C ARG C 212 61.03 8.41 -7.62
N ASN C 213 60.17 9.38 -7.33
CA ASN C 213 60.59 10.66 -6.79
C ASN C 213 60.18 10.72 -5.32
N PHE C 214 61.16 10.90 -4.44
CA PHE C 214 60.90 11.08 -3.01
C PHE C 214 61.22 12.52 -2.68
N LEU C 215 60.27 13.24 -2.10
CA LEU C 215 60.44 14.66 -1.83
C LEU C 215 60.55 14.91 -0.33
N VAL C 216 61.18 16.02 0.02
CA VAL C 216 61.39 16.41 1.40
C VAL C 216 61.19 17.92 1.49
N ARG C 217 60.89 18.40 2.69
CA ARG C 217 60.78 19.83 2.94
C ARG C 217 62.17 20.46 2.92
N ALA C 218 62.32 21.54 2.14
CA ALA C 218 63.63 22.15 1.96
C ALA C 218 64.10 22.96 3.16
N SER C 219 63.18 23.34 4.06
CA SER C 219 63.57 24.07 5.26
C SER C 219 64.12 23.16 6.34
N CYS C 220 63.92 21.85 6.22
CA CYS C 220 64.44 20.93 7.22
C CYS C 220 65.93 20.67 6.97
N ARG C 221 66.57 20.05 7.97
CA ARG C 221 68.01 19.87 7.99
C ARG C 221 68.47 18.55 7.36
N LEU C 222 67.58 17.84 6.66
CA LEU C 222 67.86 16.47 6.24
C LEU C 222 68.79 16.46 5.03
N ARG C 223 70.00 15.95 5.22
CA ARG C 223 70.95 15.72 4.15
C ARG C 223 70.84 14.28 3.69
N LEU C 224 70.74 14.07 2.37
CA LEU C 224 70.59 12.75 1.81
C LEU C 224 71.80 12.47 0.91
N GLU C 225 72.32 11.26 0.97
CA GLU C 225 73.56 10.92 0.27
C GLU C 225 73.23 10.27 -1.07
N PRO C 226 73.71 10.82 -2.20
CA PRO C 226 73.45 10.18 -3.49
C PRO C 226 74.36 9.00 -3.74
N GLY C 227 73.84 8.03 -4.50
CA GLY C 227 74.59 6.86 -4.91
C GLY C 227 74.46 5.66 -4.00
N LYS C 228 73.99 5.85 -2.76
CA LYS C 228 73.88 4.75 -1.81
C LYS C 228 72.43 4.29 -1.67
N GLU C 229 72.28 3.10 -1.07
CA GLU C 229 71.01 2.39 -1.00
C GLU C 229 70.44 2.50 0.41
N TYR C 230 69.22 3.01 0.53
CA TYR C 230 68.59 3.18 1.83
C TYR C 230 67.32 2.33 1.91
N LEU C 231 66.83 2.12 3.13
CA LEU C 231 65.52 1.53 3.38
C LEU C 231 64.55 2.62 3.81
N ILE C 232 63.49 2.83 3.02
CA ILE C 232 62.52 3.87 3.27
C ILE C 232 61.13 3.24 3.30
N MET C 233 60.43 3.39 4.43
CA MET C 233 59.09 2.85 4.63
C MET C 233 58.19 3.96 5.16
N GLY C 234 56.89 3.88 4.82
CA GLY C 234 55.96 4.89 5.30
C GLY C 234 54.53 4.77 4.79
N LEU C 235 53.92 5.89 4.45
CA LEU C 235 52.53 5.96 4.01
C LEU C 235 52.46 6.52 2.60
N ASP C 236 51.52 6.00 1.81
CA ASP C 236 51.38 6.38 0.41
C ASP C 236 50.81 7.80 0.28
N GLY C 237 51.06 8.41 -0.87
CA GLY C 237 50.60 9.75 -1.16
C GLY C 237 49.56 9.76 -2.26
N ALA C 238 48.94 10.94 -2.43
CA ALA C 238 47.92 11.14 -3.44
C ALA C 238 48.43 11.84 -4.68
N THR C 239 49.69 12.28 -4.69
CA THR C 239 50.27 12.93 -5.85
C THR C 239 51.00 11.92 -6.74
N TYR C 240 51.04 12.23 -8.02
CA TYR C 240 51.77 11.45 -9.01
C TYR C 240 52.90 12.29 -9.57
N ASP C 241 53.92 11.63 -10.10
CA ASP C 241 55.09 12.35 -10.58
C ASP C 241 54.84 12.91 -11.99
N LEU C 242 55.88 13.49 -12.58
CA LEU C 242 55.75 14.09 -13.90
C LEU C 242 55.70 13.04 -15.01
N GLU C 243 56.12 11.81 -14.74
CA GLU C 243 56.22 10.76 -15.74
C GLU C 243 55.08 9.74 -15.63
N GLY C 244 54.29 9.79 -14.56
CA GLY C 244 53.12 8.95 -14.41
C GLY C 244 53.15 8.01 -13.22
N HIS C 245 54.28 7.85 -12.55
CA HIS C 245 54.38 6.97 -11.40
C HIS C 245 53.78 7.63 -10.15
N PRO C 246 53.31 6.83 -9.19
CA PRO C 246 52.96 7.38 -7.87
C PRO C 246 54.17 7.94 -7.14
N GLN C 247 53.94 9.04 -6.43
CA GLN C 247 54.98 9.87 -5.85
C GLN C 247 54.82 9.85 -4.33
N TYR C 248 55.94 9.82 -3.62
CA TYR C 248 55.93 9.54 -2.19
C TYR C 248 56.59 10.67 -1.41
N LEU C 249 56.11 10.87 -0.17
CA LEU C 249 56.48 12.01 0.66
C LEU C 249 57.23 11.55 1.89
N LEU C 250 58.32 12.27 2.21
CA LEU C 250 59.10 12.02 3.42
C LEU C 250 58.70 13.05 4.46
N ASP C 251 58.16 12.56 5.59
CA ASP C 251 57.67 13.42 6.67
C ASP C 251 57.70 12.71 8.02
N SER C 252 56.77 13.06 8.90
CA SER C 252 56.59 12.26 10.10
C SER C 252 55.93 10.92 9.74
N ASN C 253 56.11 9.95 10.66
CA ASN C 253 55.76 8.54 10.48
C ASN C 253 56.42 7.92 9.24
N SER C 254 57.65 8.34 8.95
CA SER C 254 58.44 7.77 7.87
C SER C 254 59.75 7.22 8.43
N TRP C 255 60.12 6.03 7.99
CA TRP C 255 61.27 5.30 8.52
C TRP C 255 62.44 5.47 7.56
N ILE C 256 63.42 6.29 7.95
CA ILE C 256 64.60 6.53 7.13
C ILE C 256 65.79 5.90 7.85
N GLU C 257 66.23 4.75 7.37
CA GLU C 257 67.50 4.15 7.75
C GLU C 257 68.27 3.77 6.50
N GLU C 258 69.53 4.14 6.44
CA GLU C 258 70.39 3.68 5.37
C GLU C 258 70.75 2.22 5.56
N MET C 259 70.83 1.48 4.46
CA MET C 259 71.33 0.12 4.57
C MET C 259 72.84 0.15 4.74
N PRO C 260 73.39 -0.65 5.67
CA PRO C 260 74.84 -0.64 5.87
C PRO C 260 75.57 -1.36 4.74
N SER C 261 76.79 -0.89 4.50
CA SER C 261 77.62 -1.41 3.42
C SER C 261 78.16 -2.80 3.76
N GLU C 262 78.74 -3.46 2.75
CA GLU C 262 79.30 -4.79 2.93
C GLU C 262 80.62 -4.79 3.69
N ARG C 263 81.24 -3.63 3.91
CA ARG C 263 82.33 -3.53 4.87
C ARG C 263 81.83 -3.74 6.30
N LEU C 264 80.60 -3.34 6.59
CA LEU C 264 80.04 -3.39 7.94
C LEU C 264 79.38 -4.73 8.26
N CYS C 265 78.58 -5.29 7.36
CA CYS C 265 77.88 -6.55 7.67
C CYS C 265 78.78 -7.78 7.55
N ARG C 266 79.94 -7.67 6.90
CA ARG C 266 80.90 -8.76 6.92
C ARG C 266 81.78 -8.75 8.17
N SER C 267 81.65 -7.73 9.02
CA SER C 267 82.35 -7.70 10.29
C SER C 267 81.68 -8.65 11.29
N THR C 268 82.39 -8.91 12.38
CA THR C 268 81.94 -9.85 13.41
C THR C 268 81.04 -9.21 14.45
N ARG C 269 81.19 -7.90 14.70
CA ARG C 269 80.38 -7.23 15.71
C ARG C 269 78.94 -7.04 15.24
N GLN C 270 78.75 -6.81 13.95
CA GLN C 270 77.42 -6.59 13.37
C GLN C 270 76.92 -7.78 12.58
N ARG C 271 77.33 -9.01 12.96
CA ARG C 271 76.86 -10.20 12.26
C ARG C 271 75.42 -10.52 12.63
N ALA C 272 75.13 -10.60 13.93
CA ALA C 272 73.76 -10.81 14.39
C ALA C 272 72.92 -9.54 14.28
N ALA C 273 73.56 -8.39 14.14
CA ALA C 273 72.85 -7.12 14.01
C ALA C 273 72.34 -6.90 12.59
N CYS C 274 73.13 -7.28 11.58
CA CYS C 274 72.65 -7.28 10.20
C CYS C 274 71.67 -8.43 9.94
N ALA C 275 71.69 -9.48 10.76
CA ALA C 275 70.78 -10.60 10.58
C ALA C 275 69.36 -10.25 11.00
N GLN C 276 69.20 -9.28 11.91
CA GLN C 276 67.87 -8.76 12.20
C GLN C 276 67.32 -7.93 11.05
N LEU C 277 68.21 -7.32 10.26
CA LEU C 277 67.78 -6.44 9.19
C LEU C 277 67.46 -7.23 7.92
N ASN C 278 68.23 -8.29 7.65
CA ASN C 278 68.01 -9.11 6.46
C ASN C 278 66.83 -10.05 6.60
N ASP C 279 66.59 -10.58 7.81
CA ASP C 279 65.43 -11.45 8.02
C ASP C 279 64.13 -10.67 8.07
N PHE C 280 64.19 -9.37 8.32
CA PHE C 280 63.02 -8.51 8.15
C PHE C 280 62.64 -8.37 6.69
N LEU C 281 63.62 -8.38 5.78
CA LEU C 281 63.35 -8.20 4.36
C LEU C 281 62.70 -9.43 3.75
N ASN C 282 62.92 -10.61 4.33
CA ASN C 282 62.33 -11.84 3.80
C ASN C 282 60.97 -12.15 4.42
N GLU C 283 60.77 -11.78 5.69
CA GLU C 283 59.46 -12.00 6.32
C GLU C 283 58.42 -11.02 5.80
N PHE C 284 58.78 -9.73 5.72
CA PHE C 284 57.84 -8.70 5.31
C PHE C 284 57.72 -8.58 3.80
N GLY C 285 58.74 -9.02 3.04
CA GLY C 285 58.69 -8.88 1.60
C GLY C 285 57.97 -9.99 0.88
N THR C 286 57.92 -11.18 1.45
CA THR C 286 57.29 -12.33 0.82
C THR C 286 55.95 -12.72 1.43
N GLN C 287 55.74 -12.41 2.71
CA GLN C 287 54.51 -12.79 3.40
C GLN C 287 53.75 -11.60 3.96
N GLY C 288 54.44 -10.53 4.37
CA GLY C 288 53.78 -9.33 4.83
C GLY C 288 53.45 -9.35 6.32
N CYS C 289 52.40 -8.65 6.71
CA CYS C 289 52.03 -8.53 8.10
C CYS C 289 51.19 -9.72 8.56
N GLN C 290 51.06 -9.82 9.89
CA GLN C 290 50.27 -10.81 10.64
C GLN C 290 50.72 -12.24 10.30
N VAL C 291 51.93 -12.53 10.79
CA VAL C 291 52.69 -13.78 10.61
C VAL C 291 52.88 -14.10 9.11
N LYS D 1 -59.26 -11.54 -0.81
CA LYS D 1 -59.21 -11.31 0.64
C LYS D 1 -58.70 -12.52 1.51
N PRO D 2 -59.11 -13.79 1.29
CA PRO D 2 -58.42 -14.86 2.02
C PRO D 2 -57.13 -15.27 1.34
N ARG D 3 -56.18 -15.71 2.16
CA ARG D 3 -54.85 -16.09 1.69
C ARG D 3 -54.46 -17.44 2.27
N LEU D 4 -53.62 -18.16 1.51
CA LEU D 4 -52.90 -19.31 2.01
C LEU D 4 -51.41 -19.00 1.92
N LEU D 5 -50.69 -19.19 3.02
CA LEU D 5 -49.29 -18.81 3.10
C LEU D 5 -48.43 -20.07 3.09
N LEU D 6 -47.29 -20.00 2.40
CA LEU D 6 -46.40 -21.13 2.25
C LEU D 6 -44.96 -20.66 2.43
N PHE D 7 -44.30 -21.15 3.48
CA PHE D 7 -42.94 -20.79 3.82
C PHE D 7 -42.03 -22.01 3.75
N SER D 8 -40.81 -21.79 3.27
CA SER D 8 -39.76 -22.78 3.28
C SER D 8 -38.43 -22.05 3.20
N PRO D 9 -37.32 -22.70 3.60
CA PRO D 9 -36.01 -22.15 3.26
C PRO D 9 -35.78 -22.20 1.76
N SER D 10 -34.95 -21.26 1.29
CA SER D 10 -34.81 -21.05 -0.15
C SER D 10 -33.98 -22.12 -0.83
N VAL D 11 -33.15 -22.85 -0.09
CA VAL D 11 -32.31 -23.91 -0.64
C VAL D 11 -32.68 -25.21 0.05
N VAL D 12 -33.12 -26.19 -0.74
CA VAL D 12 -33.40 -27.53 -0.23
C VAL D 12 -32.10 -28.31 -0.19
N HIS D 13 -31.87 -29.04 0.90
CA HIS D 13 -30.73 -29.95 0.99
C HIS D 13 -31.25 -31.38 0.95
N LEU D 14 -30.71 -32.17 0.02
CA LEU D 14 -31.21 -33.52 -0.22
C LEU D 14 -30.73 -34.49 0.84
N GLY D 15 -31.61 -35.43 1.21
CA GLY D 15 -31.38 -36.30 2.34
C GLY D 15 -31.74 -35.71 3.69
N VAL D 16 -32.14 -34.44 3.72
CA VAL D 16 -32.43 -33.70 4.94
C VAL D 16 -33.93 -33.42 4.93
N PRO D 17 -34.63 -33.55 6.07
CA PRO D 17 -36.03 -33.11 6.12
C PRO D 17 -36.15 -31.60 6.03
N LEU D 18 -37.01 -31.14 5.13
CA LEU D 18 -37.20 -29.73 4.87
C LEU D 18 -38.36 -29.20 5.72
N SER D 19 -38.08 -28.18 6.53
CA SER D 19 -39.10 -27.58 7.37
C SER D 19 -40.00 -26.68 6.54
N VAL D 20 -41.28 -27.02 6.48
CA VAL D 20 -42.26 -26.29 5.66
C VAL D 20 -43.33 -25.73 6.59
N GLY D 21 -43.52 -24.41 6.51
CA GLY D 21 -44.56 -23.74 7.28
C GLY D 21 -45.74 -23.37 6.39
N VAL D 22 -46.95 -23.58 6.92
CA VAL D 22 -48.18 -23.30 6.20
C VAL D 22 -49.10 -22.51 7.14
N GLN D 23 -49.90 -21.61 6.56
CA GLN D 23 -50.67 -20.67 7.36
C GLN D 23 -51.88 -20.16 6.57
N LEU D 24 -53.04 -20.19 7.20
CA LEU D 24 -54.23 -19.50 6.71
C LEU D 24 -54.24 -18.05 7.19
N GLN D 25 -54.81 -17.16 6.38
CA GLN D 25 -54.90 -15.76 6.75
C GLN D 25 -56.22 -15.20 6.23
N ASP D 26 -56.92 -14.46 7.10
CA ASP D 26 -58.19 -13.76 6.85
C ASP D 26 -59.28 -14.74 6.37
N VAL D 27 -59.50 -15.75 7.20
CA VAL D 27 -60.35 -16.90 6.91
C VAL D 27 -61.53 -16.83 7.89
N PRO D 28 -62.76 -17.17 7.48
CA PRO D 28 -63.89 -17.15 8.42
C PRO D 28 -63.80 -18.21 9.50
N ARG D 29 -64.75 -18.10 10.45
CA ARG D 29 -64.66 -18.78 11.74
C ARG D 29 -64.91 -20.28 11.62
N GLY D 30 -65.92 -20.68 10.86
CA GLY D 30 -66.24 -22.09 10.76
C GLY D 30 -65.64 -22.76 9.55
N GLN D 31 -64.34 -22.58 9.35
CA GLN D 31 -63.67 -23.08 8.14
C GLN D 31 -62.48 -23.95 8.52
N VAL D 32 -62.44 -25.16 7.94
CA VAL D 32 -61.34 -26.11 8.13
C VAL D 32 -60.85 -26.50 6.74
N VAL D 33 -59.55 -26.32 6.49
CA VAL D 33 -58.95 -26.73 5.22
C VAL D 33 -58.12 -27.98 5.45
N LYS D 34 -57.92 -28.72 4.37
CA LYS D 34 -57.08 -29.91 4.37
C LYS D 34 -56.26 -29.94 3.09
N GLY D 35 -55.23 -30.77 3.08
CA GLY D 35 -54.43 -30.95 1.88
C GLY D 35 -53.12 -31.64 2.18
N SER D 36 -52.18 -31.48 1.24
CA SER D 36 -50.87 -32.11 1.34
C SER D 36 -49.83 -31.13 0.81
N VAL D 37 -48.57 -31.44 1.07
CA VAL D 37 -47.45 -30.67 0.53
C VAL D 37 -46.31 -31.62 0.23
N PHE D 38 -45.64 -31.40 -0.91
CA PHE D 38 -44.60 -32.29 -1.40
C PHE D 38 -43.74 -31.52 -2.40
N LEU D 39 -42.58 -32.10 -2.71
CA LEU D 39 -41.71 -31.60 -3.77
C LEU D 39 -42.12 -32.22 -5.10
N ARG D 40 -42.20 -31.39 -6.14
CA ARG D 40 -42.68 -31.82 -7.45
C ARG D 40 -41.65 -31.45 -8.50
N ASN D 41 -41.46 -32.35 -9.47
CA ASN D 41 -40.53 -32.13 -10.57
C ASN D 41 -41.31 -31.80 -11.83
N PRO D 42 -41.32 -30.56 -12.30
CA PRO D 42 -41.80 -30.28 -13.66
C PRO D 42 -40.77 -30.75 -14.68
N SER D 43 -41.22 -30.87 -15.94
CA SER D 43 -40.56 -31.43 -17.12
C SER D 43 -40.26 -32.94 -17.00
N ARG D 44 -40.82 -33.62 -16.00
CA ARG D 44 -40.90 -35.07 -15.94
C ARG D 44 -42.32 -35.39 -15.50
N ASN D 45 -43.28 -34.87 -16.28
CA ASN D 45 -44.69 -34.68 -15.94
C ASN D 45 -44.82 -33.99 -14.58
N ASN D 46 -45.50 -34.63 -13.64
CA ASN D 46 -45.62 -34.14 -12.27
C ASN D 46 -45.29 -35.25 -11.29
N VAL D 47 -44.20 -35.96 -11.55
CA VAL D 47 -43.75 -37.03 -10.64
C VAL D 47 -43.13 -36.41 -9.39
N PRO D 48 -43.59 -36.77 -8.19
CA PRO D 48 -43.05 -36.16 -6.98
C PRO D 48 -41.65 -36.69 -6.65
N CYS D 49 -40.84 -35.82 -6.06
CA CYS D 49 -39.51 -36.18 -5.59
C CYS D 49 -39.50 -36.46 -4.10
N SER D 50 -40.67 -36.49 -3.47
CA SER D 50 -40.82 -36.73 -2.04
C SER D 50 -42.20 -37.32 -1.80
N PRO D 51 -42.34 -38.21 -0.81
CA PRO D 51 -43.68 -38.60 -0.37
C PRO D 51 -44.36 -37.44 0.34
N LYS D 52 -45.68 -37.37 0.18
CA LYS D 52 -46.45 -36.25 0.67
C LYS D 52 -46.65 -36.35 2.19
N VAL D 53 -46.83 -35.20 2.82
CA VAL D 53 -47.22 -35.11 4.22
C VAL D 53 -48.52 -34.29 4.28
N ASP D 54 -49.50 -34.80 5.02
CA ASP D 54 -50.80 -34.17 5.10
C ASP D 54 -50.81 -33.09 6.18
N PHE D 55 -51.58 -32.03 5.94
CA PHE D 55 -51.77 -30.98 6.92
C PHE D 55 -53.25 -30.68 7.04
N THR D 56 -53.65 -30.23 8.22
CA THR D 56 -55.04 -29.87 8.50
C THR D 56 -55.04 -28.64 9.39
N LEU D 57 -55.64 -27.56 8.90
CA LEU D 57 -55.66 -26.28 9.60
C LEU D 57 -57.09 -25.86 9.88
N SER D 58 -57.39 -25.60 11.15
CA SER D 58 -58.65 -25.00 11.55
C SER D 58 -58.51 -23.48 11.50
N SER D 59 -59.58 -22.78 11.86
CA SER D 59 -59.50 -21.32 11.88
C SER D 59 -58.80 -20.80 13.13
N GLU D 60 -58.83 -21.56 14.22
CA GLU D 60 -58.13 -21.21 15.44
C GLU D 60 -56.79 -21.93 15.57
N ARG D 61 -56.62 -23.08 14.93
CA ARG D 61 -55.33 -23.73 14.76
C ARG D 61 -54.98 -23.56 13.28
N ASP D 62 -54.45 -22.38 12.96
CA ASP D 62 -54.27 -21.94 11.58
C ASP D 62 -52.81 -21.97 11.12
N PHE D 63 -51.93 -22.62 11.87
CA PHE D 63 -50.53 -22.70 11.49
C PHE D 63 -50.00 -24.09 11.86
N ALA D 64 -49.06 -24.57 11.05
CA ALA D 64 -48.47 -25.88 11.28
C ALA D 64 -47.04 -25.87 10.77
N LEU D 65 -46.10 -26.22 11.63
CA LEU D 65 -44.70 -26.37 11.23
C LEU D 65 -44.48 -27.84 10.88
N LEU D 66 -44.35 -28.12 9.60
CA LEU D 66 -44.22 -29.48 9.10
C LEU D 66 -42.76 -29.84 8.85
N SER D 67 -42.51 -31.13 8.70
CA SER D 67 -41.18 -31.65 8.37
C SER D 67 -41.36 -32.59 7.19
N LEU D 68 -41.04 -32.11 5.99
CA LEU D 68 -41.19 -32.88 4.77
C LEU D 68 -39.92 -33.69 4.52
N GLN D 69 -40.07 -35.02 4.57
CA GLN D 69 -38.93 -35.91 4.37
C GLN D 69 -38.53 -35.92 2.90
N VAL D 70 -37.24 -35.71 2.64
CA VAL D 70 -36.71 -35.66 1.27
C VAL D 70 -35.77 -36.84 1.09
N PRO D 71 -36.22 -37.94 0.49
CA PRO D 71 -35.33 -39.09 0.27
C PRO D 71 -34.55 -38.98 -1.03
N LEU D 72 -33.40 -39.65 -1.05
CA LEU D 72 -32.54 -39.66 -2.22
C LEU D 72 -32.99 -40.64 -3.30
N LYS D 73 -33.78 -41.65 -2.93
CA LYS D 73 -34.28 -42.59 -3.94
C LYS D 73 -35.37 -41.96 -4.78
N ASP D 74 -36.28 -41.21 -4.15
CA ASP D 74 -37.31 -40.49 -4.89
C ASP D 74 -36.75 -39.28 -5.63
N ALA D 75 -35.62 -38.73 -5.19
CA ALA D 75 -35.06 -37.56 -5.85
C ALA D 75 -34.31 -37.93 -7.13
N LYS D 76 -33.79 -39.14 -7.24
CA LYS D 76 -33.16 -39.58 -8.48
C LYS D 76 -34.16 -40.19 -9.45
N SER D 77 -35.20 -40.86 -8.93
CA SER D 77 -36.21 -41.48 -9.79
C SER D 77 -37.15 -40.44 -10.40
N CYS D 78 -37.28 -39.25 -9.79
CA CYS D 78 -38.05 -38.20 -10.43
C CYS D 78 -37.25 -37.48 -11.51
N GLY D 79 -35.93 -37.39 -11.33
CA GLY D 79 -35.06 -36.92 -12.40
C GLY D 79 -34.30 -35.64 -12.11
N LEU D 80 -34.01 -35.35 -10.84
CA LEU D 80 -33.29 -34.12 -10.51
C LEU D 80 -31.79 -34.23 -10.81
N HIS D 81 -31.23 -35.44 -10.76
CA HIS D 81 -29.83 -35.62 -11.11
C HIS D 81 -29.60 -35.63 -12.61
N GLN D 82 -30.66 -35.81 -13.40
CA GLN D 82 -30.59 -35.80 -14.85
C GLN D 82 -31.06 -34.45 -15.42
N LEU D 83 -31.11 -33.41 -14.59
CA LEU D 83 -31.62 -32.11 -14.96
C LEU D 83 -30.51 -31.26 -15.59
N LEU D 84 -30.91 -30.30 -16.42
CA LEU D 84 -29.98 -29.43 -17.12
C LEU D 84 -30.00 -28.04 -16.48
N ARG D 85 -29.27 -27.10 -17.11
CA ARG D 85 -29.04 -25.71 -16.70
C ARG D 85 -28.53 -25.58 -15.26
N GLY D 86 -29.44 -25.66 -14.29
CA GLY D 86 -29.12 -25.35 -12.92
C GLY D 86 -29.98 -26.10 -11.92
N PRO D 87 -29.55 -26.10 -10.65
CA PRO D 87 -30.27 -26.89 -9.63
C PRO D 87 -31.53 -26.21 -9.09
N GLU D 88 -32.68 -26.49 -9.69
CA GLU D 88 -33.94 -25.87 -9.35
C GLU D 88 -35.02 -26.92 -9.13
N VAL D 89 -35.88 -26.68 -8.13
CA VAL D 89 -36.97 -27.61 -7.78
C VAL D 89 -38.13 -26.77 -7.24
N GLN D 90 -39.32 -27.35 -7.23
CA GLN D 90 -40.55 -26.66 -6.84
C GLN D 90 -41.20 -27.34 -5.64
N LEU D 91 -41.52 -26.54 -4.62
CA LEU D 91 -42.36 -27.00 -3.52
C LEU D 91 -43.81 -26.63 -3.80
N VAL D 92 -44.69 -27.63 -3.74
CA VAL D 92 -46.07 -27.49 -4.17
C VAL D 92 -46.99 -27.97 -3.05
N ALA D 93 -47.89 -27.10 -2.61
CA ALA D 93 -48.97 -27.45 -1.70
C ALA D 93 -50.25 -27.68 -2.50
N HIS D 94 -50.88 -28.83 -2.28
CA HIS D 94 -52.08 -29.24 -3.00
C HIS D 94 -53.26 -29.23 -2.04
N SER D 95 -54.30 -28.46 -2.41
CA SER D 95 -55.53 -28.38 -1.61
C SER D 95 -56.67 -27.96 -2.51
N PRO D 96 -57.85 -28.59 -2.39
CA PRO D 96 -59.03 -28.12 -3.15
C PRO D 96 -59.67 -26.85 -2.62
N TRP D 97 -59.16 -26.28 -1.52
CA TRP D 97 -59.63 -25.00 -0.99
C TRP D 97 -59.39 -23.84 -1.96
N LEU D 98 -58.33 -23.92 -2.76
CA LEU D 98 -58.02 -22.84 -3.70
C LEU D 98 -58.96 -22.83 -4.90
N LYS D 99 -59.51 -23.99 -5.26
CA LYS D 99 -60.39 -24.09 -6.42
C LYS D 99 -61.87 -24.02 -6.05
N ASP D 100 -62.27 -24.68 -4.97
CA ASP D 100 -63.68 -24.81 -4.62
C ASP D 100 -64.20 -23.67 -3.74
N SER D 101 -63.44 -22.56 -3.62
CA SER D 101 -63.88 -21.47 -2.77
C SER D 101 -63.40 -20.11 -3.28
N LEU D 102 -62.09 -19.98 -3.50
CA LEU D 102 -61.51 -18.72 -3.97
C LEU D 102 -61.62 -18.52 -5.47
N SER D 103 -62.14 -19.52 -6.20
CA SER D 103 -62.42 -19.50 -7.65
C SER D 103 -61.16 -19.25 -8.48
N ARG D 104 -60.01 -19.68 -7.98
CA ARG D 104 -58.77 -19.53 -8.72
C ARG D 104 -58.63 -20.66 -9.74
N THR D 105 -57.60 -20.54 -10.59
CA THR D 105 -57.48 -21.41 -11.75
C THR D 105 -57.02 -22.82 -11.40
N THR D 106 -56.22 -22.98 -10.35
CA THR D 106 -55.72 -24.29 -9.96
C THR D 106 -56.07 -24.56 -8.51
N ASN D 107 -55.94 -25.84 -8.13
CA ASN D 107 -55.89 -26.27 -6.74
C ASN D 107 -54.45 -26.36 -6.21
N ILE D 108 -53.54 -25.57 -6.80
CA ILE D 108 -52.12 -25.65 -6.56
C ILE D 108 -51.64 -24.26 -6.18
N GLN D 109 -50.84 -24.17 -5.11
CA GLN D 109 -50.12 -22.95 -4.79
C GLN D 109 -48.73 -23.31 -4.29
N GLY D 110 -47.70 -22.74 -4.91
CA GLY D 110 -46.35 -23.05 -4.51
C GLY D 110 -45.30 -21.98 -4.73
N ILE D 111 -44.03 -22.39 -4.63
CA ILE D 111 -42.87 -21.51 -4.71
C ILE D 111 -41.74 -22.22 -5.42
N ASN D 112 -40.79 -21.43 -5.95
CA ASN D 112 -39.64 -21.96 -6.67
C ASN D 112 -38.43 -21.96 -5.74
N LEU D 113 -37.69 -23.08 -5.73
CA LEU D 113 -36.60 -23.30 -4.80
C LEU D 113 -35.37 -23.79 -5.53
N LEU D 114 -34.24 -23.78 -4.82
CA LEU D 114 -33.01 -24.43 -5.26
C LEU D 114 -32.83 -25.72 -4.46
N PHE D 115 -32.23 -26.73 -5.10
CA PHE D 115 -31.90 -27.96 -4.39
C PHE D 115 -30.40 -28.20 -4.42
N SER D 116 -29.90 -28.81 -3.36
CA SER D 116 -28.49 -29.13 -3.25
C SER D 116 -28.33 -30.54 -2.71
N SER D 117 -27.32 -31.26 -3.22
CA SER D 117 -27.00 -32.59 -2.72
C SER D 117 -25.98 -32.55 -1.58
N ARG D 118 -25.61 -31.36 -1.12
CA ARG D 118 -24.71 -31.21 0.02
C ARG D 118 -25.48 -31.45 1.32
N ARG D 119 -25.02 -32.42 2.11
CA ARG D 119 -25.67 -32.76 3.37
C ARG D 119 -24.62 -33.14 4.40
N GLY D 120 -24.97 -32.94 5.67
CA GLY D 120 -24.12 -33.36 6.77
C GLY D 120 -22.90 -32.47 6.98
N HIS D 121 -22.03 -32.94 7.87
CA HIS D 121 -20.78 -32.27 8.21
C HIS D 121 -19.68 -33.32 8.22
N LEU D 122 -18.60 -33.06 7.48
CA LEU D 122 -17.44 -33.93 7.45
C LEU D 122 -16.23 -33.18 8.01
N PHE D 123 -15.60 -33.77 9.02
CA PHE D 123 -14.39 -33.25 9.63
C PHE D 123 -13.27 -34.26 9.44
N LEU D 124 -12.08 -33.78 9.13
CA LEU D 124 -10.97 -34.68 8.86
C LEU D 124 -9.65 -34.02 9.29
N GLN D 125 -8.82 -34.81 9.97
CA GLN D 125 -7.57 -34.34 10.54
C GLN D 125 -6.44 -35.26 10.06
N THR D 126 -5.22 -34.73 10.04
CA THR D 126 -4.07 -35.43 9.52
C THR D 126 -3.11 -35.82 10.65
N ASP D 127 -2.04 -36.53 10.29
CA ASP D 127 -1.00 -36.89 11.23
C ASP D 127 -0.19 -35.68 11.66
N GLN D 128 0.03 -34.73 10.74
CA GLN D 128 0.98 -33.64 10.93
C GLN D 128 0.52 -32.45 10.10
N PRO D 129 1.04 -31.23 10.40
CA PRO D 129 0.90 -30.12 9.44
C PRO D 129 1.92 -30.13 8.31
N ILE D 130 3.15 -30.62 8.55
CA ILE D 130 4.21 -30.58 7.54
C ILE D 130 4.95 -31.91 7.57
N TYR D 131 5.35 -32.41 6.40
CA TYR D 131 5.96 -33.73 6.33
C TYR D 131 7.12 -33.68 5.34
N ASN D 132 8.16 -34.47 5.63
CA ASN D 132 9.25 -34.69 4.68
C ASN D 132 8.83 -35.62 3.55
N PRO D 133 9.51 -35.55 2.40
CA PRO D 133 9.29 -36.58 1.36
C PRO D 133 9.80 -37.93 1.82
N GLY D 134 8.92 -38.93 1.74
CA GLY D 134 9.21 -40.26 2.21
C GLY D 134 8.68 -40.60 3.59
N GLN D 135 7.70 -39.87 4.08
CA GLN D 135 7.16 -40.06 5.42
C GLN D 135 5.70 -40.48 5.31
N ARG D 136 5.26 -41.34 6.24
CA ARG D 136 3.89 -41.84 6.24
C ARG D 136 2.91 -40.76 6.68
N VAL D 137 1.76 -40.72 6.02
CA VAL D 137 0.69 -39.78 6.33
C VAL D 137 -0.50 -40.56 6.87
N ARG D 138 -0.85 -40.31 8.13
CA ARG D 138 -2.04 -40.89 8.73
C ARG D 138 -3.15 -39.86 8.79
N TYR D 139 -4.38 -40.29 8.53
CA TYR D 139 -5.51 -39.37 8.60
C TYR D 139 -6.75 -40.13 9.05
N ARG D 140 -7.63 -39.40 9.73
CA ARG D 140 -8.93 -39.93 10.12
C ARG D 140 -10.01 -38.93 9.73
N VAL D 141 -11.19 -39.45 9.41
CA VAL D 141 -12.33 -38.61 9.09
C VAL D 141 -13.41 -38.81 10.14
N PHE D 142 -14.37 -37.88 10.17
CA PHE D 142 -15.45 -37.89 11.13
C PHE D 142 -16.75 -37.57 10.41
N ALA D 143 -17.72 -38.49 10.48
CA ALA D 143 -18.95 -38.39 9.72
C ALA D 143 -20.09 -37.97 10.65
N LEU D 144 -20.70 -36.82 10.37
CA LEU D 144 -21.82 -36.30 11.14
C LEU D 144 -22.94 -35.88 10.21
N ASP D 145 -24.13 -35.67 10.78
CA ASP D 145 -25.29 -35.26 10.00
C ASP D 145 -25.65 -33.80 10.29
N GLN D 146 -26.92 -33.44 10.06
CA GLN D 146 -27.36 -32.07 10.29
C GLN D 146 -27.56 -31.76 11.77
N LYS D 147 -27.87 -32.77 12.58
CA LYS D 147 -28.15 -32.58 14.00
C LYS D 147 -26.90 -32.71 14.87
N MET D 148 -25.71 -32.72 14.25
CA MET D 148 -24.39 -32.81 14.90
C MET D 148 -24.25 -34.07 15.75
N ARG D 149 -24.75 -35.18 15.23
CA ARG D 149 -24.68 -36.52 15.78
C ARG D 149 -23.94 -37.42 14.79
N PRO D 150 -23.27 -38.50 15.25
CA PRO D 150 -22.46 -39.30 14.30
C PRO D 150 -23.31 -40.10 13.32
N SER D 151 -22.93 -40.02 12.06
CA SER D 151 -23.66 -40.62 10.94
C SER D 151 -22.96 -41.87 10.44
N THR D 152 -23.72 -42.73 9.77
CA THR D 152 -23.25 -44.02 9.31
C THR D 152 -23.30 -44.18 7.79
N ASP D 153 -23.38 -43.06 7.06
CA ASP D 153 -23.47 -43.13 5.60
C ASP D 153 -22.10 -43.38 4.98
N THR D 154 -22.11 -44.04 3.82
CA THR D 154 -20.89 -44.42 3.12
C THR D 154 -20.30 -43.20 2.42
N ILE D 155 -19.00 -42.96 2.62
CA ILE D 155 -18.33 -41.80 2.07
C ILE D 155 -17.24 -42.26 1.09
N THR D 156 -16.76 -41.31 0.29
CA THR D 156 -15.61 -41.50 -0.59
C THR D 156 -14.54 -40.47 -0.23
N VAL D 157 -13.31 -40.93 -0.07
CA VAL D 157 -12.20 -40.04 0.22
C VAL D 157 -11.18 -40.11 -0.92
N MET D 158 -10.52 -38.99 -1.17
CA MET D 158 -9.47 -38.92 -2.18
C MET D 158 -8.35 -38.01 -1.70
N VAL D 159 -7.16 -38.26 -2.23
CA VAL D 159 -5.96 -37.49 -1.91
C VAL D 159 -5.45 -36.87 -3.21
N GLU D 160 -5.35 -35.54 -3.24
CA GLU D 160 -4.79 -34.81 -4.36
C GLU D 160 -3.42 -34.29 -3.97
N ASN D 161 -2.47 -34.34 -4.91
CA ASN D 161 -1.08 -34.07 -4.59
C ASN D 161 -0.76 -32.58 -4.73
N SER D 162 0.52 -32.25 -4.92
CA SER D 162 0.94 -30.85 -4.99
C SER D 162 0.63 -30.23 -6.33
N HIS D 163 0.59 -31.04 -7.39
CA HIS D 163 0.16 -30.58 -8.70
C HIS D 163 -1.34 -30.68 -8.90
N GLY D 164 -2.01 -31.52 -8.11
CA GLY D 164 -3.47 -31.55 -8.09
C GLY D 164 -4.08 -32.78 -8.72
N LEU D 165 -3.47 -33.94 -8.51
CA LEU D 165 -3.88 -35.17 -9.17
C LEU D 165 -4.20 -36.24 -8.13
N ARG D 166 -5.21 -37.06 -8.42
CA ARG D 166 -5.68 -38.06 -7.47
C ARG D 166 -4.71 -39.24 -7.42
N VAL D 167 -4.12 -39.47 -6.24
CA VAL D 167 -3.18 -40.56 -6.07
C VAL D 167 -3.77 -41.72 -5.26
N ARG D 168 -4.88 -41.52 -4.55
CA ARG D 168 -5.47 -42.55 -3.72
C ARG D 168 -6.97 -42.29 -3.65
N LYS D 169 -7.77 -43.34 -3.70
CA LYS D 169 -9.22 -43.21 -3.53
C LYS D 169 -9.78 -44.44 -2.85
N LYS D 170 -10.50 -44.22 -1.75
CA LYS D 170 -11.18 -45.29 -1.02
C LYS D 170 -12.64 -44.91 -0.82
N GLU D 171 -13.54 -45.90 -0.94
CA GLU D 171 -14.93 -45.77 -0.51
C GLU D 171 -15.21 -46.86 0.52
N VAL D 172 -15.39 -46.44 1.77
CA VAL D 172 -15.44 -47.34 2.94
C VAL D 172 -16.74 -47.05 3.68
N TYR D 173 -17.37 -48.10 4.21
CA TYR D 173 -18.53 -47.94 5.08
C TYR D 173 -18.10 -47.33 6.42
N MET D 174 -19.06 -46.70 7.10
CA MET D 174 -18.83 -46.04 8.39
C MET D 174 -19.67 -46.73 9.46
N PRO D 175 -19.20 -47.82 10.08
CA PRO D 175 -19.97 -48.42 11.18
C PRO D 175 -19.79 -47.67 12.49
N SER D 176 -18.63 -47.03 12.66
CA SER D 176 -18.28 -46.33 13.89
C SER D 176 -18.00 -44.86 13.64
N SER D 177 -18.41 -44.35 12.47
CA SER D 177 -18.34 -42.94 12.04
C SER D 177 -16.92 -42.39 11.98
N ILE D 178 -15.91 -43.26 11.87
CA ILE D 178 -14.52 -42.87 11.69
C ILE D 178 -13.91 -43.78 10.64
N PHE D 179 -12.74 -43.37 10.15
CA PHE D 179 -11.97 -44.17 9.20
C PHE D 179 -10.51 -43.78 9.31
N GLN D 180 -9.71 -44.63 9.94
CA GLN D 180 -8.28 -44.44 9.95
C GLN D 180 -7.66 -45.00 8.69
N ASP D 181 -6.65 -44.30 8.16
CA ASP D 181 -5.98 -44.71 6.94
C ASP D 181 -4.55 -44.19 6.99
N ASP D 182 -3.66 -44.88 6.28
CA ASP D 182 -2.26 -44.49 6.19
C ASP D 182 -1.75 -44.64 4.77
N PHE D 183 -0.97 -43.66 4.32
CA PHE D 183 -0.31 -43.71 3.02
C PHE D 183 1.03 -43.00 3.14
N VAL D 184 1.88 -43.19 2.13
CA VAL D 184 3.27 -42.73 2.18
C VAL D 184 3.52 -41.72 1.06
N ILE D 185 4.23 -40.65 1.39
CA ILE D 185 4.72 -39.67 0.41
C ILE D 185 5.77 -40.34 -0.47
N PRO D 186 5.79 -40.09 -1.79
CA PRO D 186 6.93 -40.52 -2.61
C PRO D 186 8.23 -39.86 -2.20
N ASP D 187 9.33 -40.56 -2.49
CA ASP D 187 10.65 -40.13 -2.02
C ASP D 187 11.15 -38.90 -2.78
N ILE D 188 10.75 -38.75 -4.03
CA ILE D 188 11.26 -37.70 -4.90
C ILE D 188 10.17 -36.70 -5.24
N SER D 189 9.19 -36.54 -4.34
CA SER D 189 8.05 -35.69 -4.61
C SER D 189 8.41 -34.22 -4.45
N GLU D 190 7.74 -33.38 -5.22
CA GLU D 190 7.97 -31.95 -5.24
C GLU D 190 7.37 -31.29 -4.00
N PRO D 191 7.94 -30.17 -3.55
CA PRO D 191 7.31 -29.43 -2.44
C PRO D 191 6.03 -28.73 -2.87
N GLY D 192 5.12 -28.58 -1.91
CA GLY D 192 3.84 -27.97 -2.20
C GLY D 192 2.86 -28.24 -1.07
N THR D 193 1.58 -28.08 -1.37
CA THR D 193 0.50 -28.40 -0.44
C THR D 193 -0.39 -29.46 -1.06
N TRP D 194 -0.74 -30.48 -0.29
CA TRP D 194 -1.64 -31.52 -0.75
C TRP D 194 -3.03 -31.31 -0.15
N LYS D 195 -3.99 -32.08 -0.64
CA LYS D 195 -5.40 -31.83 -0.29
C LYS D 195 -6.13 -33.17 -0.21
N ILE D 196 -6.61 -33.50 0.98
CA ILE D 196 -7.41 -34.70 1.21
C ILE D 196 -8.87 -34.27 1.26
N SER D 197 -9.66 -34.71 0.28
CA SER D 197 -11.08 -34.38 0.24
C SER D 197 -11.92 -35.54 0.73
N ALA D 198 -13.04 -35.22 1.37
CA ALA D 198 -14.01 -36.21 1.80
C ALA D 198 -15.39 -35.82 1.29
N ARG D 199 -16.18 -36.83 0.91
CA ARG D 199 -17.43 -36.62 0.21
C ARG D 199 -18.30 -37.85 0.38
N PHE D 200 -19.59 -37.64 0.63
CA PHE D 200 -20.55 -38.74 0.65
C PHE D 200 -20.74 -39.34 -0.73
N SER D 201 -21.12 -40.62 -0.77
CA SER D 201 -21.19 -41.35 -2.03
C SER D 201 -22.42 -40.94 -2.83
N ASP D 202 -23.54 -40.71 -2.16
CA ASP D 202 -24.76 -40.23 -2.81
C ASP D 202 -24.96 -38.72 -2.70
N GLY D 203 -24.12 -38.04 -1.92
CA GLY D 203 -24.11 -36.59 -1.88
C GLY D 203 -23.00 -36.03 -2.73
N LEU D 204 -23.37 -35.52 -3.91
CA LEU D 204 -22.38 -35.18 -4.94
C LEU D 204 -21.65 -33.87 -4.67
N GLU D 205 -22.18 -33.01 -3.81
CA GLU D 205 -21.67 -31.65 -3.62
C GLU D 205 -21.13 -31.44 -2.21
N SER D 206 -20.47 -32.45 -1.65
CA SER D 206 -19.99 -32.39 -0.27
C SER D 206 -18.52 -31.97 -0.25
N ASN D 207 -18.28 -30.67 -0.46
CA ASN D 207 -16.96 -30.10 -0.20
C ASN D 207 -16.67 -30.11 1.30
N SER D 208 -15.67 -30.91 1.69
CA SER D 208 -15.04 -30.82 3.00
C SER D 208 -13.64 -31.38 2.84
N SER D 209 -12.64 -30.59 3.20
CA SER D 209 -11.25 -30.95 2.93
C SER D 209 -10.31 -30.21 3.88
N THR D 210 -9.13 -30.78 4.07
CA THR D 210 -8.04 -30.13 4.79
C THR D 210 -6.76 -30.27 3.98
N GLN D 211 -5.76 -29.47 4.35
CA GLN D 211 -4.52 -29.38 3.60
C GLN D 211 -3.31 -29.54 4.51
N PHE D 212 -2.26 -30.14 3.94
CA PHE D 212 -0.97 -30.24 4.61
C PHE D 212 0.15 -29.92 3.63
N GLU D 213 1.24 -29.39 4.16
CA GLU D 213 2.39 -28.98 3.35
C GLU D 213 3.41 -30.12 3.29
N VAL D 214 4.02 -30.30 2.12
CA VAL D 214 5.18 -31.18 1.97
C VAL D 214 6.40 -30.31 1.71
N LYS D 215 7.47 -30.55 2.47
CA LYS D 215 8.66 -29.72 2.43
C LYS D 215 9.83 -30.54 2.92
N LYS D 216 10.99 -30.36 2.30
CA LYS D 216 12.22 -30.92 2.85
C LYS D 216 12.65 -30.11 4.08
N TYR D 217 12.78 -30.80 5.21
CA TYR D 217 13.19 -30.12 6.45
C TYR D 217 13.90 -31.11 7.35
N VAL D 218 14.83 -30.60 8.14
CA VAL D 218 15.34 -31.27 9.32
C VAL D 218 14.72 -30.54 10.51
N LEU D 219 14.37 -31.30 11.55
CA LEU D 219 13.53 -30.78 12.63
C LEU D 219 14.33 -29.80 13.50
N PRO D 220 13.83 -28.59 13.73
CA PRO D 220 14.58 -27.61 14.51
C PRO D 220 14.55 -27.90 16.01
N ASN D 221 15.50 -27.29 16.71
CA ASN D 221 15.63 -27.42 18.14
C ASN D 221 15.12 -26.20 18.89
N PHE D 222 14.95 -25.08 18.20
CA PHE D 222 14.68 -23.80 18.87
C PHE D 222 13.90 -22.90 17.94
N GLU D 223 12.96 -22.14 18.51
CA GLU D 223 12.01 -21.32 17.76
C GLU D 223 12.33 -19.85 17.95
N VAL D 224 12.33 -19.09 16.86
CA VAL D 224 12.59 -17.65 16.88
C VAL D 224 11.27 -16.93 16.68
N LYS D 225 10.95 -16.00 17.58
CA LYS D 225 9.72 -15.22 17.55
C LYS D 225 10.06 -13.74 17.53
N ILE D 226 9.35 -12.99 16.70
CA ILE D 226 9.57 -11.55 16.54
C ILE D 226 8.32 -10.84 17.06
N THR D 227 8.44 -10.18 18.21
CA THR D 227 7.32 -9.49 18.84
C THR D 227 7.60 -7.99 18.91
N PRO D 228 6.86 -7.15 18.21
CA PRO D 228 7.05 -5.70 18.32
C PRO D 228 6.42 -5.16 19.60
N GLY D 229 6.73 -3.89 19.88
CA GLY D 229 6.16 -3.23 21.04
C GLY D 229 4.69 -2.90 20.86
N LYS D 230 4.31 -2.54 19.63
CA LYS D 230 2.93 -2.35 19.23
C LYS D 230 2.69 -3.13 17.95
N PRO D 231 1.48 -3.67 17.75
CA PRO D 231 1.16 -4.33 16.48
C PRO D 231 0.78 -3.39 15.35
N TYR D 232 0.96 -2.08 15.52
CA TYR D 232 0.64 -1.08 14.53
C TYR D 232 1.71 0.01 14.58
N ILE D 233 1.63 0.94 13.65
CA ILE D 233 2.44 2.16 13.66
C ILE D 233 1.66 3.29 13.01
N LEU D 234 1.48 4.39 13.74
CA LEU D 234 0.67 5.50 13.27
C LEU D 234 1.41 6.35 12.24
N THR D 235 0.69 6.71 11.18
CA THR D 235 1.18 7.62 10.14
C THR D 235 0.36 8.91 10.16
N VAL D 236 0.07 9.39 11.36
CA VAL D 236 -0.51 10.72 11.58
C VAL D 236 0.51 11.76 11.13
N PRO D 237 0.10 12.87 10.49
CA PRO D 237 1.08 13.90 10.09
C PRO D 237 1.79 14.60 11.26
N GLY D 238 1.18 14.64 12.43
CA GLY D 238 1.83 15.26 13.57
C GLY D 238 2.70 14.33 14.40
N HIS D 239 2.48 13.02 14.27
CA HIS D 239 3.12 12.05 15.15
C HIS D 239 3.46 10.76 14.42
N LEU D 240 4.69 10.30 14.58
CA LEU D 240 5.12 9.00 14.08
C LEU D 240 5.42 8.08 15.26
N ASP D 241 4.89 6.86 15.21
CA ASP D 241 5.13 5.90 16.28
C ASP D 241 6.54 5.33 16.21
N GLU D 242 6.98 4.81 17.35
CA GLU D 242 8.29 4.21 17.48
C GLU D 242 8.34 2.86 16.80
N MET D 243 9.55 2.43 16.47
CA MET D 243 9.82 1.21 15.71
C MET D 243 10.77 0.35 16.53
N GLN D 244 10.26 -0.19 17.62
CA GLN D 244 11.06 -0.97 18.57
C GLN D 244 10.46 -2.35 18.68
N LEU D 245 11.31 -3.38 18.66
CA LEU D 245 10.86 -4.75 18.58
C LEU D 245 11.63 -5.60 19.60
N ASP D 246 11.06 -6.74 19.95
CA ASP D 246 11.67 -7.70 20.85
C ASP D 246 11.72 -9.06 20.18
N ILE D 247 12.91 -9.66 20.13
CA ILE D 247 13.12 -10.95 19.49
C ILE D 247 13.21 -11.98 20.61
N GLN D 248 12.12 -12.69 20.88
CA GLN D 248 12.14 -13.77 21.84
C GLN D 248 12.75 -15.00 21.19
N ALA D 249 13.72 -15.60 21.85
CA ALA D 249 14.51 -16.69 21.28
C ALA D 249 14.67 -17.79 22.32
N ARG D 250 13.81 -18.80 22.26
CA ARG D 250 13.81 -19.88 23.22
C ARG D 250 13.87 -21.22 22.49
N TYR D 251 14.30 -22.25 23.22
CA TYR D 251 14.22 -23.61 22.73
C TYR D 251 12.78 -24.11 22.79
N ILE D 252 12.57 -25.31 22.23
CA ILE D 252 11.23 -25.90 22.29
C ILE D 252 10.97 -26.42 23.71
N TYR D 253 12.01 -26.89 24.40
CA TYR D 253 11.88 -27.46 25.73
C TYR D 253 11.96 -26.42 26.85
N GLY D 254 11.85 -25.13 26.53
CA GLY D 254 11.64 -24.14 27.58
C GLY D 254 12.72 -23.12 27.82
N LYS D 255 13.98 -23.55 27.86
CA LYS D 255 15.09 -22.70 28.28
C LYS D 255 15.46 -21.69 27.19
N PRO D 256 15.99 -20.52 27.57
CA PRO D 256 16.37 -19.52 26.56
C PRO D 256 17.65 -19.90 25.82
N VAL D 257 17.87 -19.18 24.71
CA VAL D 257 18.93 -19.46 23.75
C VAL D 257 20.03 -18.43 23.89
N GLN D 258 21.26 -18.89 24.14
CA GLN D 258 22.44 -18.05 24.04
C GLN D 258 22.85 -17.94 22.57
N GLY D 259 22.80 -16.74 22.01
CA GLY D 259 23.06 -16.60 20.59
C GLY D 259 23.22 -15.16 20.17
N VAL D 260 23.36 -14.98 18.85
CA VAL D 260 23.52 -13.66 18.22
C VAL D 260 22.39 -13.48 17.20
N ALA D 261 21.66 -12.37 17.31
CA ALA D 261 20.54 -12.10 16.41
C ALA D 261 20.97 -11.23 15.24
N TYR D 262 20.70 -11.68 14.03
CA TYR D 262 21.03 -10.96 12.80
C TYR D 262 19.74 -10.53 12.12
N VAL D 263 19.53 -9.21 12.02
CA VAL D 263 18.26 -8.63 11.61
C VAL D 263 18.47 -7.83 10.33
N ARG D 264 17.59 -8.03 9.35
CA ARG D 264 17.42 -7.11 8.24
C ARG D 264 16.03 -6.47 8.30
N PHE D 265 15.94 -5.24 7.81
CA PHE D 265 14.71 -4.47 7.77
C PHE D 265 14.29 -4.23 6.32
N GLY D 266 13.06 -3.79 6.15
CA GLY D 266 12.55 -3.52 4.81
C GLY D 266 11.10 -3.13 4.83
N LEU D 267 10.53 -3.05 3.62
CA LEU D 267 9.14 -2.68 3.39
C LEU D 267 8.47 -3.70 2.48
N LEU D 268 7.16 -3.87 2.64
CA LEU D 268 6.43 -4.91 1.93
C LEU D 268 5.06 -4.39 1.52
N ASP D 269 4.66 -4.70 0.29
CA ASP D 269 3.39 -4.25 -0.27
C ASP D 269 2.33 -5.36 -0.18
N GLU D 270 1.23 -5.18 -0.93
CA GLU D 270 0.15 -6.16 -0.91
C GLU D 270 0.41 -7.31 -1.87
N ASP D 271 1.23 -7.11 -2.90
CA ASP D 271 1.51 -8.20 -3.84
C ASP D 271 2.48 -9.22 -3.25
N GLY D 272 3.44 -8.75 -2.47
CA GLY D 272 4.40 -9.65 -1.84
C GLY D 272 5.83 -9.37 -2.24
N LYS D 273 6.06 -8.20 -2.82
CA LYS D 273 7.40 -7.80 -3.27
C LYS D 273 8.14 -7.17 -2.10
N LYS D 274 9.24 -7.80 -1.69
CA LYS D 274 10.03 -7.29 -0.58
C LYS D 274 11.03 -6.25 -1.09
N THR D 275 11.13 -5.14 -0.37
CA THR D 275 12.06 -4.06 -0.71
C THR D 275 12.89 -3.78 0.55
N PHE D 276 14.14 -4.25 0.54
CA PHE D 276 14.98 -4.16 1.73
C PHE D 276 15.65 -2.80 1.85
N PHE D 277 16.24 -2.57 3.02
CA PHE D 277 17.02 -1.38 3.30
C PHE D 277 18.51 -1.73 3.20
N ARG D 278 19.23 -1.09 2.28
CA ARG D 278 20.68 -1.25 2.22
C ARG D 278 21.30 -0.39 3.31
N GLY D 279 22.01 -1.04 4.24
CA GLY D 279 22.35 -0.43 5.51
C GLY D 279 21.30 -0.75 6.54
N LEU D 280 21.48 -0.15 7.73
CA LEU D 280 20.57 -0.23 8.88
C LEU D 280 20.37 -1.66 9.40
N GLU D 281 21.35 -2.53 9.21
CA GLU D 281 21.24 -3.92 9.65
C GLU D 281 21.66 -4.03 11.11
N SER D 282 20.97 -4.90 11.85
CA SER D 282 21.18 -5.04 13.29
C SER D 282 21.85 -6.37 13.58
N GLN D 283 22.87 -6.34 14.46
CA GLN D 283 23.57 -7.53 14.92
C GLN D 283 23.78 -7.39 16.44
N THR D 284 22.96 -8.13 17.20
CA THR D 284 22.90 -7.97 18.65
C THR D 284 23.06 -9.32 19.35
N LYS D 285 23.60 -9.26 20.57
CA LYS D 285 23.77 -10.44 21.42
C LYS D 285 22.51 -10.71 22.23
N LEU D 286 22.06 -11.96 22.21
CA LEU D 286 20.92 -12.38 23.02
C LEU D 286 21.37 -12.57 24.46
N VAL D 287 20.72 -11.88 25.39
CA VAL D 287 20.86 -12.16 26.82
C VAL D 287 19.49 -12.51 27.39
N ASN D 288 19.43 -13.65 28.10
CA ASN D 288 18.21 -14.29 28.62
C ASN D 288 17.20 -14.58 27.50
N GLY D 289 17.72 -14.93 26.32
CA GLY D 289 16.91 -15.28 25.18
C GLY D 289 16.15 -14.15 24.51
N GLN D 290 16.38 -12.89 24.90
CA GLN D 290 15.70 -11.77 24.28
C GLN D 290 16.71 -10.71 23.87
N SER D 291 16.38 -10.00 22.79
CA SER D 291 17.17 -8.89 22.30
C SER D 291 16.22 -7.81 21.82
N HIS D 292 16.22 -6.67 22.49
CA HIS D 292 15.36 -5.55 22.10
C HIS D 292 16.07 -4.73 21.03
N ILE D 293 15.65 -4.90 19.79
CA ILE D 293 16.17 -4.10 18.68
C ILE D 293 15.27 -2.89 18.50
N SER D 294 15.83 -1.84 17.90
CA SER D 294 15.08 -0.61 17.69
C SER D 294 15.52 0.02 16.37
N LEU D 295 14.54 0.53 15.63
CA LEU D 295 14.80 1.26 14.40
C LEU D 295 14.55 2.74 14.68
N SER D 296 15.57 3.56 14.48
CA SER D 296 15.51 4.96 14.84
C SER D 296 14.62 5.75 13.89
N LYS D 297 14.08 6.87 14.39
CA LYS D 297 13.28 7.74 13.54
C LYS D 297 14.16 8.52 12.57
N ALA D 298 15.41 8.78 12.94
CA ALA D 298 16.34 9.44 12.03
C ALA D 298 16.88 8.49 10.97
N GLU D 299 17.07 7.22 11.31
CA GLU D 299 17.51 6.25 10.31
C GLU D 299 16.39 5.88 9.34
N PHE D 300 15.14 6.01 9.77
CA PHE D 300 14.00 5.59 8.95
C PHE D 300 13.71 6.60 7.84
N GLN D 301 13.73 7.90 8.16
CA GLN D 301 13.47 8.91 7.16
C GLN D 301 14.64 9.10 6.21
N ASP D 302 15.85 8.75 6.63
CA ASP D 302 17.00 8.77 5.73
C ASP D 302 16.95 7.59 4.76
N ALA D 303 16.41 6.46 5.20
CA ALA D 303 16.30 5.29 4.34
C ALA D 303 15.20 5.42 3.29
N LEU D 304 14.19 6.25 3.54
CA LEU D 304 13.14 6.44 2.55
C LEU D 304 13.58 7.35 1.40
N GLU D 305 14.57 8.21 1.63
CA GLU D 305 15.10 9.05 0.55
C GLU D 305 15.97 8.25 -0.41
N LYS D 306 16.53 7.13 0.03
CA LYS D 306 17.27 6.24 -0.88
C LYS D 306 16.32 5.51 -1.83
N LEU D 307 15.08 5.27 -1.41
CA LEU D 307 14.06 4.65 -2.24
C LEU D 307 13.12 5.67 -2.87
N ASN D 308 13.47 6.96 -2.78
CA ASN D 308 12.74 8.12 -3.33
C ASN D 308 11.28 8.16 -2.87
N MET D 309 11.07 7.88 -1.59
CA MET D 309 9.75 7.94 -0.97
C MET D 309 9.81 8.78 0.30
N GLY D 310 8.62 9.05 0.86
CA GLY D 310 8.52 9.84 2.07
C GLY D 310 7.55 9.23 3.06
N ILE D 311 7.19 9.97 4.11
CA ILE D 311 6.24 9.44 5.09
C ILE D 311 4.80 9.52 4.60
N THR D 312 4.52 10.34 3.59
CA THR D 312 3.18 10.43 3.03
C THR D 312 2.88 9.32 2.03
N ASP D 313 3.90 8.59 1.59
CA ASP D 313 3.75 7.49 0.65
C ASP D 313 3.55 6.15 1.36
N LEU D 314 3.28 6.17 2.66
CA LEU D 314 3.04 4.96 3.44
C LEU D 314 1.55 4.73 3.67
N GLN D 315 0.76 4.86 2.59
CA GLN D 315 -0.70 4.75 2.72
C GLN D 315 -1.13 3.30 2.94
N GLY D 316 -0.58 2.39 2.15
CA GLY D 316 -0.76 0.98 2.42
C GLY D 316 0.41 0.47 3.23
N LEU D 317 1.04 -0.61 2.73
CA LEU D 317 2.35 -1.14 3.13
C LEU D 317 2.43 -1.68 4.56
N ARG D 318 3.57 -2.29 4.87
CA ARG D 318 3.91 -2.78 6.21
C ARG D 318 5.42 -2.90 6.30
N LEU D 319 5.93 -2.74 7.52
CA LEU D 319 7.37 -2.78 7.74
C LEU D 319 7.80 -4.23 7.95
N TYR D 320 8.76 -4.67 7.16
CA TYR D 320 9.19 -6.06 7.14
C TYR D 320 10.45 -6.23 7.99
N VAL D 321 10.38 -7.15 8.94
CA VAL D 321 11.52 -7.52 9.78
C VAL D 321 11.75 -9.02 9.62
N ALA D 322 12.91 -9.38 9.09
CA ALA D 322 13.32 -10.78 9.03
C ALA D 322 14.53 -10.96 9.93
N ALA D 323 14.48 -11.98 10.78
CA ALA D 323 15.54 -12.25 11.73
C ALA D 323 15.96 -13.71 11.61
N ALA D 324 17.27 -13.94 11.66
CA ALA D 324 17.84 -15.27 11.64
C ALA D 324 18.97 -15.28 12.65
N ILE D 325 18.76 -15.99 13.76
CA ILE D 325 19.75 -16.02 14.82
C ILE D 325 20.58 -17.29 14.69
N ILE D 326 21.76 -17.27 15.31
CA ILE D 326 22.69 -18.40 15.29
C ILE D 326 23.04 -18.73 16.73
N GLU D 327 22.89 -20.02 17.10
CA GLU D 327 23.22 -20.51 18.44
C GLU D 327 24.72 -20.38 18.68
N SER D 328 25.09 -19.67 19.75
CA SER D 328 26.46 -19.19 19.98
C SER D 328 27.48 -20.30 20.30
N PRO D 329 27.13 -21.45 20.95
CA PRO D 329 28.05 -22.59 20.84
C PRO D 329 27.61 -23.65 19.85
N GLY D 330 26.31 -23.70 19.52
CA GLY D 330 25.79 -24.84 18.78
C GLY D 330 26.03 -24.79 17.28
N GLY D 331 26.10 -23.59 16.71
CA GLY D 331 26.21 -23.47 15.26
C GLY D 331 24.92 -23.72 14.51
N GLU D 332 23.80 -23.72 15.21
CA GLU D 332 22.49 -24.02 14.65
C GLU D 332 21.73 -22.72 14.41
N MET D 333 21.11 -22.59 13.24
CA MET D 333 20.36 -21.38 12.92
C MET D 333 18.94 -21.72 12.49
N GLU D 334 18.03 -20.81 12.86
CA GLU D 334 16.64 -20.83 12.38
C GLU D 334 16.21 -19.39 12.08
N GLU D 335 15.29 -19.26 11.14
CA GLU D 335 14.83 -17.96 10.65
C GLU D 335 13.46 -17.62 11.22
N ALA D 336 13.10 -16.35 11.09
CA ALA D 336 11.78 -15.87 11.47
C ALA D 336 11.46 -14.61 10.68
N GLU D 337 10.21 -14.48 10.27
CA GLU D 337 9.73 -13.29 9.57
C GLU D 337 8.70 -12.56 10.42
N LEU D 338 8.31 -11.37 9.94
CA LEU D 338 7.34 -10.52 10.63
C LEU D 338 6.59 -9.75 9.53
N THR D 339 5.37 -10.20 9.25
CA THR D 339 4.64 -9.80 8.05
C THR D 339 3.24 -9.28 8.37
N SER D 340 3.03 -8.76 9.58
CA SER D 340 1.70 -8.30 9.97
C SER D 340 1.81 -7.03 10.83
N TRP D 341 2.69 -6.11 10.44
CA TRP D 341 2.93 -4.88 11.20
C TRP D 341 2.70 -3.70 10.26
N TYR D 342 1.43 -3.36 10.06
CA TYR D 342 1.02 -2.42 9.04
C TYR D 342 1.19 -0.97 9.49
N PHE D 343 1.49 -0.11 8.53
CA PHE D 343 1.42 1.33 8.74
C PHE D 343 -0.04 1.76 8.71
N VAL D 344 -0.53 2.25 9.85
CA VAL D 344 -1.96 2.53 10.01
C VAL D 344 -2.19 4.03 10.18
N SER D 345 -3.45 4.42 10.07
CA SER D 345 -3.86 5.80 10.29
C SER D 345 -4.58 6.02 11.62
N SER D 346 -5.01 4.95 12.28
CA SER D 346 -5.76 5.00 13.52
C SER D 346 -5.51 3.70 14.26
N PRO D 347 -5.43 3.71 15.59
CA PRO D 347 -5.21 2.46 16.33
C PRO D 347 -6.45 1.61 16.55
N PHE D 348 -7.61 1.99 15.99
CA PHE D 348 -8.84 1.23 16.15
C PHE D 348 -9.41 0.92 14.77
N SER D 349 -10.24 -0.12 14.72
CA SER D 349 -10.90 -0.55 13.49
C SER D 349 -12.40 -0.60 13.72
N LEU D 350 -13.15 -0.02 12.79
CA LEU D 350 -14.61 0.01 12.88
C LEU D 350 -15.23 -1.07 12.00
N ASP D 351 -16.26 -1.72 12.54
CA ASP D 351 -16.99 -2.79 11.87
C ASP D 351 -18.47 -2.49 12.04
N LEU D 352 -19.08 -1.83 11.07
CA LEU D 352 -20.50 -1.51 11.07
C LEU D 352 -21.32 -2.53 10.28
N SER D 353 -20.83 -3.76 10.19
CA SER D 353 -21.53 -4.79 9.42
C SER D 353 -22.76 -5.32 10.13
N LYS D 354 -22.85 -5.16 11.46
CA LYS D 354 -24.03 -5.56 12.21
C LYS D 354 -25.14 -4.52 12.15
N THR D 355 -24.85 -3.32 11.64
CA THR D 355 -25.85 -2.28 11.48
C THR D 355 -26.73 -2.58 10.27
N LYS D 356 -28.03 -2.67 10.50
CA LYS D 356 -28.98 -3.00 9.45
C LYS D 356 -29.25 -1.80 8.56
N ARG D 357 -29.91 -2.06 7.44
CA ARG D 357 -30.32 -1.06 6.48
C ARG D 357 -31.84 -1.10 6.34
N HIS D 358 -32.35 -0.22 5.48
CA HIS D 358 -33.74 -0.18 4.99
C HIS D 358 -34.74 0.04 6.14
N LEU D 359 -34.40 0.93 7.07
CA LEU D 359 -35.10 0.96 8.35
C LEU D 359 -36.39 1.79 8.26
N VAL D 360 -37.36 1.41 9.08
CA VAL D 360 -38.73 1.93 9.16
C VAL D 360 -38.71 3.41 9.56
N PRO D 361 -39.39 4.29 8.82
CA PRO D 361 -39.60 5.66 9.30
C PRO D 361 -40.60 5.70 10.45
N GLY D 362 -40.27 6.48 11.48
CA GLY D 362 -41.03 6.48 12.70
C GLY D 362 -40.55 5.53 13.77
N ALA D 363 -39.49 4.76 13.49
CA ALA D 363 -38.87 3.81 14.40
C ALA D 363 -37.44 4.24 14.69
N PRO D 364 -36.88 3.88 15.85
CA PRO D 364 -35.47 4.20 16.12
C PRO D 364 -34.53 3.36 15.25
N PHE D 365 -33.59 4.04 14.61
CA PHE D 365 -32.53 3.39 13.86
C PHE D 365 -31.45 2.91 14.82
N LEU D 366 -31.13 1.63 14.77
CA LEU D 366 -30.21 1.01 15.71
C LEU D 366 -28.83 0.96 15.04
N LEU D 367 -27.96 1.90 15.42
CA LEU D 367 -26.58 1.94 14.93
C LEU D 367 -25.75 1.06 15.86
N GLN D 368 -25.44 -0.15 15.41
CA GLN D 368 -24.66 -1.09 16.20
C GLN D 368 -23.35 -1.40 15.47
N ALA D 369 -22.23 -1.09 16.11
CA ALA D 369 -20.91 -1.23 15.53
C ALA D 369 -20.02 -2.04 16.45
N LEU D 370 -18.83 -2.38 15.95
CA LEU D 370 -17.87 -3.19 16.70
C LEU D 370 -16.51 -2.51 16.62
N VAL D 371 -15.98 -2.11 17.77
CA VAL D 371 -14.68 -1.44 17.85
C VAL D 371 -13.63 -2.46 18.28
N ARG D 372 -12.59 -2.61 17.47
CA ARG D 372 -11.54 -3.59 17.71
C ARG D 372 -10.20 -2.88 17.65
N GLU D 373 -9.23 -3.37 18.43
CA GLU D 373 -7.85 -2.93 18.29
C GLU D 373 -7.29 -3.38 16.94
N MET D 374 -6.30 -2.63 16.47
CA MET D 374 -5.74 -2.86 15.14
C MET D 374 -4.84 -4.08 15.16
N SER D 375 -5.25 -5.12 14.41
CA SER D 375 -4.67 -6.47 14.40
C SER D 375 -4.60 -7.07 15.81
N GLY D 376 -5.72 -6.96 16.52
CA GLY D 376 -5.78 -7.44 17.88
C GLY D 376 -7.18 -7.75 18.33
N SER D 377 -7.34 -7.79 19.65
CA SER D 377 -8.60 -8.15 20.31
C SER D 377 -9.60 -7.00 20.22
N PRO D 378 -10.89 -7.29 20.39
CA PRO D 378 -11.86 -6.19 20.56
C PRO D 378 -11.64 -5.47 21.89
N ALA D 379 -11.72 -4.14 21.83
CA ALA D 379 -11.43 -3.28 22.97
C ALA D 379 -12.72 -2.69 23.52
N SER D 380 -12.78 -2.59 24.85
CA SER D 380 -13.93 -2.05 25.55
C SER D 380 -13.56 -0.74 26.24
N GLY D 381 -14.58 0.09 26.46
CA GLY D 381 -14.37 1.37 27.12
C GLY D 381 -13.95 2.50 26.22
N ILE D 382 -14.16 2.38 24.92
CA ILE D 382 -13.73 3.37 23.94
C ILE D 382 -14.94 4.19 23.52
N PRO D 383 -14.87 5.52 23.58
CA PRO D 383 -16.05 6.33 23.22
C PRO D 383 -16.28 6.40 21.72
N VAL D 384 -17.55 6.31 21.33
CA VAL D 384 -17.98 6.35 19.94
C VAL D 384 -18.94 7.52 19.79
N LYS D 385 -18.61 8.46 18.92
CA LYS D 385 -19.44 9.63 18.68
C LYS D 385 -20.01 9.56 17.26
N VAL D 386 -21.34 9.68 17.15
CA VAL D 386 -22.06 9.54 15.90
C VAL D 386 -22.72 10.86 15.56
N SER D 387 -22.41 11.40 14.38
CA SER D 387 -23.07 12.60 13.86
C SER D 387 -24.12 12.13 12.87
N ALA D 388 -25.38 12.15 13.30
CA ALA D 388 -26.50 11.67 12.50
C ALA D 388 -27.27 12.87 11.93
N THR D 389 -27.25 13.02 10.62
CA THR D 389 -27.98 14.08 9.93
C THR D 389 -29.11 13.44 9.15
N VAL D 390 -30.34 13.66 9.59
CA VAL D 390 -31.51 13.16 8.89
C VAL D 390 -31.99 14.22 7.89
N SER D 391 -32.12 13.82 6.63
CA SER D 391 -32.54 14.74 5.58
C SER D 391 -34.06 14.74 5.49
N SER D 392 -34.59 15.58 4.60
CA SER D 392 -36.01 15.88 4.59
C SER D 392 -36.42 16.37 3.20
N PRO D 393 -37.52 15.86 2.63
CA PRO D 393 -38.01 16.40 1.34
C PRO D 393 -38.93 17.61 1.46
N GLY D 394 -38.31 18.77 1.61
CA GLY D 394 -39.00 20.03 1.82
C GLY D 394 -38.60 20.79 3.07
N SER D 395 -37.85 20.21 3.98
CA SER D 395 -37.40 20.94 5.16
C SER D 395 -35.88 20.92 5.25
N VAL D 396 -35.36 21.51 6.31
CA VAL D 396 -33.93 21.61 6.56
C VAL D 396 -33.45 20.27 7.11
N PRO D 397 -32.19 19.88 6.91
CA PRO D 397 -31.69 18.68 7.59
C PRO D 397 -31.41 18.97 9.06
N GLU D 398 -31.65 17.96 9.90
CA GLU D 398 -31.54 18.09 11.34
C GLU D 398 -30.44 17.14 11.82
N VAL D 399 -29.62 17.63 12.75
CA VAL D 399 -28.39 16.96 13.16
C VAL D 399 -28.56 16.44 14.58
N GLN D 400 -28.25 15.15 14.77
CA GLN D 400 -28.21 14.54 16.09
C GLN D 400 -26.79 14.11 16.39
N ASP D 401 -26.38 14.23 17.66
CA ASP D 401 -25.03 13.86 18.10
C ASP D 401 -25.15 13.11 19.41
N ILE D 402 -24.87 11.81 19.39
CA ILE D 402 -25.02 10.93 20.54
C ILE D 402 -23.72 10.18 20.76
N GLN D 403 -23.18 10.24 21.99
CA GLN D 403 -21.97 9.53 22.36
C GLN D 403 -22.34 8.35 23.26
N GLN D 404 -21.67 7.22 23.06
CA GLN D 404 -21.83 6.06 23.93
C GLN D 404 -20.57 5.22 23.85
N ASN D 405 -20.14 4.69 24.99
CA ASN D 405 -18.98 3.83 25.08
C ASN D 405 -19.30 2.41 24.59
N THR D 406 -18.25 1.64 24.34
CA THR D 406 -18.41 0.24 23.94
C THR D 406 -18.51 -0.64 25.18
N ASP D 407 -19.49 -1.54 25.20
CA ASP D 407 -19.79 -2.34 26.37
C ASP D 407 -18.80 -3.49 26.51
N GLY D 408 -19.10 -4.62 25.89
CA GLY D 408 -18.24 -5.79 25.99
C GLY D 408 -18.00 -6.37 24.61
N SER D 409 -16.73 -6.76 24.38
CA SER D 409 -16.19 -7.20 23.08
C SER D 409 -16.42 -6.16 21.98
N GLY D 410 -16.26 -4.89 22.32
CA GLY D 410 -16.42 -3.79 21.39
C GLY D 410 -17.83 -3.47 20.97
N GLN D 411 -18.84 -4.03 21.64
CA GLN D 411 -20.23 -3.84 21.23
C GLN D 411 -20.75 -2.50 21.75
N VAL D 412 -21.13 -1.62 20.83
CA VAL D 412 -21.84 -0.39 21.14
C VAL D 412 -23.15 -0.44 20.34
N SER D 413 -24.24 0.04 20.96
CA SER D 413 -25.56 -0.01 20.34
C SER D 413 -26.26 1.32 20.59
N ILE D 414 -26.28 2.17 19.58
CA ILE D 414 -26.78 3.54 19.70
C ILE D 414 -28.10 3.64 18.93
N PRO D 415 -29.23 3.83 19.60
CA PRO D 415 -30.46 4.16 18.89
C PRO D 415 -30.57 5.65 18.62
N ILE D 416 -30.86 6.01 17.37
CA ILE D 416 -31.08 7.40 16.98
C ILE D 416 -32.51 7.55 16.50
N ILE D 417 -33.05 8.76 16.66
CA ILE D 417 -34.48 9.01 16.44
C ILE D 417 -34.71 9.35 14.98
N ILE D 418 -35.57 8.59 14.32
CA ILE D 418 -35.96 8.81 12.93
C ILE D 418 -37.44 9.20 12.91
N PRO D 419 -37.79 10.38 12.38
CA PRO D 419 -39.20 10.79 12.32
C PRO D 419 -39.91 10.23 11.09
N GLN D 420 -41.13 10.69 10.85
CA GLN D 420 -41.85 10.31 9.64
C GLN D 420 -41.34 11.13 8.46
N THR D 421 -41.62 10.62 7.25
CA THR D 421 -41.28 11.23 5.94
C THR D 421 -39.80 11.53 5.79
N ILE D 422 -38.96 10.54 6.09
CA ILE D 422 -37.53 10.67 5.88
C ILE D 422 -37.22 10.49 4.39
N SER D 423 -36.28 11.27 3.87
CA SER D 423 -35.78 11.03 2.53
C SER D 423 -34.56 10.11 2.55
N GLU D 424 -33.53 10.48 3.33
CA GLU D 424 -32.37 9.63 3.55
C GLU D 424 -31.74 9.98 4.90
N LEU D 425 -30.78 9.16 5.31
CA LEU D 425 -30.08 9.32 6.59
C LEU D 425 -28.58 9.23 6.34
N GLN D 426 -27.84 10.25 6.76
CA GLN D 426 -26.40 10.28 6.60
C GLN D 426 -25.73 10.21 7.97
N LEU D 427 -24.80 9.28 8.12
CA LEU D 427 -24.12 9.03 9.39
C LEU D 427 -22.65 9.37 9.28
N SER D 428 -22.10 9.93 10.36
CA SER D 428 -20.67 10.20 10.49
C SER D 428 -20.22 9.65 11.84
N VAL D 429 -19.69 8.44 11.83
CA VAL D 429 -19.37 7.71 13.06
C VAL D 429 -17.87 7.85 13.35
N SER D 430 -17.55 8.43 14.50
CA SER D 430 -16.17 8.60 14.95
C SER D 430 -15.96 7.82 16.24
N ALA D 431 -14.82 7.13 16.33
CA ALA D 431 -14.51 6.30 17.49
C ALA D 431 -13.05 6.44 17.86
N GLY D 432 -12.80 6.77 19.11
CA GLY D 432 -11.47 6.87 19.67
C GLY D 432 -11.03 8.31 19.83
N SER D 433 -10.20 8.55 20.85
CA SER D 433 -9.66 9.87 21.13
C SER D 433 -8.34 9.74 21.88
N PRO D 434 -7.24 10.33 21.38
CA PRO D 434 -7.11 11.07 20.12
C PRO D 434 -6.88 10.15 18.93
N HIS D 435 -6.72 10.75 17.74
CA HIS D 435 -6.55 10.15 16.42
C HIS D 435 -7.70 9.18 16.13
N PRO D 436 -8.86 9.67 15.73
CA PRO D 436 -10.05 8.80 15.67
C PRO D 436 -10.09 7.93 14.42
N ALA D 437 -10.98 6.94 14.47
CA ALA D 437 -11.35 6.13 13.32
C ALA D 437 -12.72 6.56 12.81
N ILE D 438 -12.85 6.71 11.49
CA ILE D 438 -14.07 7.24 10.90
C ILE D 438 -14.73 6.17 10.03
N ALA D 439 -16.04 6.33 9.85
CA ALA D 439 -16.84 5.46 9.00
C ALA D 439 -18.07 6.24 8.55
N ARG D 440 -18.38 6.16 7.26
CA ARG D 440 -19.51 6.86 6.68
C ARG D 440 -20.56 5.84 6.23
N LEU D 441 -21.84 6.18 6.43
CA LEU D 441 -22.92 5.29 6.03
C LEU D 441 -24.16 6.11 5.66
N THR D 442 -24.67 5.87 4.45
CA THR D 442 -25.88 6.52 3.97
C THR D 442 -26.90 5.44 3.62
N VAL D 443 -28.09 5.52 4.24
CA VAL D 443 -29.14 4.54 4.03
C VAL D 443 -30.36 5.26 3.44
N ALA D 444 -31.07 4.57 2.56
CA ALA D 444 -32.20 5.14 1.85
C ALA D 444 -33.50 4.74 2.53
N ALA D 445 -34.50 5.61 2.38
CA ALA D 445 -35.83 5.37 2.93
C ALA D 445 -36.62 4.44 2.03
N PRO D 446 -37.69 3.82 2.56
CA PRO D 446 -38.66 3.17 1.68
C PRO D 446 -39.42 4.21 0.87
N PRO D 447 -39.95 3.84 -0.30
CA PRO D 447 -40.67 4.80 -1.13
C PRO D 447 -42.02 5.21 -0.53
N SER D 448 -42.47 6.41 -0.92
CA SER D 448 -43.63 7.05 -0.32
C SER D 448 -44.92 6.54 -0.95
N GLY D 449 -45.28 5.31 -0.58
CA GLY D 449 -46.56 4.74 -0.92
C GLY D 449 -47.23 4.26 0.35
N GLY D 450 -46.49 3.45 1.11
CA GLY D 450 -46.88 3.04 2.44
C GLY D 450 -48.07 2.12 2.55
N PRO D 451 -47.84 0.81 2.44
CA PRO D 451 -48.87 -0.15 2.87
C PRO D 451 -48.89 -0.34 4.38
N GLY D 452 -47.88 0.12 5.08
CA GLY D 452 -47.69 -0.12 6.50
C GLY D 452 -46.24 -0.50 6.76
N PHE D 453 -45.79 -0.26 7.99
CA PHE D 453 -44.44 -0.58 8.38
C PHE D 453 -44.44 -1.26 9.74
N LEU D 454 -43.45 -2.12 9.96
CA LEU D 454 -43.35 -2.91 11.17
C LEU D 454 -41.99 -2.71 11.82
N SER D 455 -41.99 -2.34 13.10
CA SER D 455 -40.76 -2.08 13.84
C SER D 455 -40.49 -3.22 14.81
N ILE D 456 -39.23 -3.67 14.85
CA ILE D 456 -38.78 -4.67 15.80
C ILE D 456 -37.67 -4.03 16.63
N GLU D 457 -37.87 -3.95 17.93
CA GLU D 457 -36.90 -3.34 18.81
C GLU D 457 -36.36 -4.35 19.82
N ARG D 458 -35.17 -4.07 20.32
CA ARG D 458 -34.47 -4.95 21.26
C ARG D 458 -34.00 -4.12 22.45
N PRO D 459 -34.59 -4.28 23.64
CA PRO D 459 -34.18 -3.46 24.79
C PRO D 459 -32.82 -3.84 25.35
N ASP D 460 -32.59 -5.14 25.54
CA ASP D 460 -31.32 -5.64 26.06
C ASP D 460 -30.42 -5.94 24.86
N SER D 461 -29.43 -5.07 24.63
CA SER D 461 -28.53 -5.18 23.50
C SER D 461 -27.34 -6.11 23.75
N ARG D 462 -27.31 -6.80 24.89
CA ARG D 462 -26.24 -7.77 25.14
C ARG D 462 -26.45 -9.02 24.30
N PRO D 463 -25.39 -9.60 23.74
CA PRO D 463 -25.52 -10.89 23.06
C PRO D 463 -25.76 -12.01 24.05
N PRO D 464 -26.89 -12.71 23.95
CA PRO D 464 -27.22 -13.73 24.95
C PRO D 464 -26.49 -15.04 24.71
N ARG D 465 -26.33 -15.78 25.79
CA ARG D 465 -25.80 -17.13 25.73
C ARG D 465 -26.96 -18.13 25.62
N VAL D 466 -26.62 -19.42 25.57
CA VAL D 466 -27.64 -20.47 25.47
C VAL D 466 -28.31 -20.64 26.81
N GLY D 467 -29.62 -20.40 26.85
CA GLY D 467 -30.40 -20.44 28.09
C GLY D 467 -31.01 -19.12 28.48
N ASP D 468 -30.66 -18.02 27.82
CA ASP D 468 -31.21 -16.71 28.13
C ASP D 468 -32.48 -16.48 27.32
N THR D 469 -33.55 -16.10 28.02
CA THR D 469 -34.81 -15.76 27.36
C THR D 469 -34.77 -14.28 27.00
N LEU D 470 -34.78 -13.99 25.70
CA LEU D 470 -34.60 -12.63 25.20
C LEU D 470 -35.95 -12.04 24.80
N ASN D 471 -36.17 -10.77 25.16
CA ASN D 471 -37.43 -10.10 24.91
C ASN D 471 -37.30 -9.18 23.70
N LEU D 472 -38.35 -9.17 22.86
CA LEU D 472 -38.42 -8.32 21.69
C LEU D 472 -39.78 -7.64 21.63
N ASN D 473 -39.81 -6.43 21.07
CA ASN D 473 -41.02 -5.62 21.02
C ASN D 473 -41.47 -5.41 19.58
N LEU D 474 -42.79 -5.40 19.39
CA LEU D 474 -43.40 -5.28 18.07
C LEU D 474 -44.40 -4.13 18.10
N ARG D 475 -44.21 -3.15 17.22
CA ARG D 475 -45.17 -2.06 17.04
C ARG D 475 -45.36 -1.79 15.56
N ALA D 476 -46.61 -1.74 15.12
CA ALA D 476 -46.95 -1.41 13.75
C ALA D 476 -47.04 0.11 13.59
N VAL D 477 -46.32 0.64 12.61
CA VAL D 477 -46.16 2.08 12.43
C VAL D 477 -46.65 2.45 11.04
N GLY D 478 -47.60 3.39 10.97
CA GLY D 478 -47.88 4.08 9.73
C GLY D 478 -49.11 3.66 8.97
N SER D 479 -50.00 2.84 9.56
CA SER D 479 -51.20 2.41 8.88
C SER D 479 -52.29 2.12 9.89
N GLY D 480 -53.49 1.88 9.38
CA GLY D 480 -54.62 1.52 10.24
C GLY D 480 -54.52 0.08 10.70
N ALA D 481 -54.85 -0.15 11.97
CA ALA D 481 -54.72 -1.47 12.57
C ALA D 481 -55.98 -2.30 12.31
N THR D 482 -56.10 -2.74 11.05
CA THR D 482 -57.18 -3.64 10.66
C THR D 482 -56.85 -5.10 10.93
N PHE D 483 -55.61 -5.40 11.31
CA PHE D 483 -55.17 -6.77 11.59
C PHE D 483 -55.46 -7.13 13.05
N SER D 484 -55.39 -8.42 13.34
CA SER D 484 -55.69 -8.95 14.67
C SER D 484 -54.54 -9.66 15.33
N HIS D 485 -53.65 -10.32 14.58
CA HIS D 485 -52.55 -11.09 15.15
C HIS D 485 -51.25 -10.77 14.43
N TYR D 486 -50.16 -10.78 15.19
CA TYR D 486 -48.82 -10.86 14.63
C TYR D 486 -48.45 -12.33 14.44
N TYR D 487 -47.54 -12.57 13.51
CA TYR D 487 -47.08 -13.93 13.22
C TYR D 487 -45.57 -13.91 13.04
N TYR D 488 -44.88 -14.84 13.70
CA TYR D 488 -43.44 -14.86 13.69
C TYR D 488 -42.93 -16.28 13.47
N MET D 489 -41.67 -16.36 13.06
CA MET D 489 -40.97 -17.63 12.92
C MET D 489 -39.48 -17.39 13.13
N ILE D 490 -38.80 -18.42 13.64
CA ILE D 490 -37.38 -18.33 14.00
C ILE D 490 -36.60 -19.21 13.02
N LEU D 491 -35.66 -18.59 12.32
CA LEU D 491 -34.85 -19.27 11.31
C LEU D 491 -33.46 -19.53 11.88
N SER D 492 -32.98 -20.77 11.75
CA SER D 492 -31.64 -21.12 12.21
C SER D 492 -31.12 -22.28 11.39
N ARG D 493 -29.86 -22.14 10.94
CA ARG D 493 -29.10 -23.16 10.18
C ARG D 493 -29.77 -23.54 8.86
N GLY D 494 -30.49 -22.60 8.26
CA GLY D 494 -31.19 -22.86 7.01
C GLY D 494 -32.42 -23.72 7.13
N GLN D 495 -33.05 -23.75 8.29
CA GLN D 495 -34.32 -24.42 8.51
C GLN D 495 -35.25 -23.46 9.24
N ILE D 496 -36.53 -23.85 9.35
CA ILE D 496 -37.49 -23.11 10.15
C ILE D 496 -37.64 -23.88 11.46
N VAL D 497 -37.09 -23.34 12.55
CA VAL D 497 -37.00 -24.09 13.79
C VAL D 497 -38.31 -24.03 14.56
N PHE D 498 -38.81 -22.81 14.80
CA PHE D 498 -40.00 -22.62 15.62
C PHE D 498 -40.89 -21.56 14.97
N MET D 499 -42.20 -21.74 15.10
CA MET D 499 -43.16 -20.85 14.48
C MET D 499 -44.44 -20.80 15.32
N ASN D 500 -44.87 -19.59 15.68
CA ASN D 500 -45.98 -19.40 16.59
C ASN D 500 -46.57 -18.02 16.29
N ARG D 501 -47.64 -17.66 17.01
CA ARG D 501 -48.29 -16.37 16.86
C ARG D 501 -48.34 -15.67 18.22
N GLU D 502 -48.77 -14.40 18.19
CA GLU D 502 -48.87 -13.59 19.40
C GLU D 502 -49.97 -12.56 19.16
N PRO D 503 -50.90 -12.38 20.09
CA PRO D 503 -52.01 -11.44 19.85
C PRO D 503 -51.59 -9.99 19.96
N LYS D 504 -52.31 -9.14 19.24
CA LYS D 504 -51.98 -7.72 19.15
C LYS D 504 -52.51 -6.97 20.36
N ARG D 505 -51.65 -6.17 20.98
CA ARG D 505 -52.01 -5.37 22.15
C ARG D 505 -51.37 -4.00 22.03
N THR D 506 -51.77 -3.10 22.92
CA THR D 506 -51.02 -1.87 23.14
C THR D 506 -49.72 -2.24 23.84
N LEU D 507 -48.59 -1.83 23.23
CA LEU D 507 -47.21 -2.24 23.55
C LEU D 507 -47.09 -3.76 23.54
N THR D 508 -46.87 -4.33 22.36
CA THR D 508 -46.87 -5.78 22.18
C THR D 508 -45.44 -6.32 22.29
N SER D 509 -45.26 -7.39 23.07
CA SER D 509 -43.96 -7.99 23.29
C SER D 509 -44.04 -9.50 23.10
N VAL D 510 -42.87 -10.11 22.91
CA VAL D 510 -42.76 -11.56 22.73
C VAL D 510 -41.41 -12.01 23.30
N SER D 511 -41.40 -13.19 23.92
CA SER D 511 -40.20 -13.75 24.54
C SER D 511 -39.77 -15.00 23.78
N VAL D 512 -38.49 -15.05 23.40
CA VAL D 512 -37.92 -16.16 22.66
C VAL D 512 -36.84 -16.81 23.51
N PHE D 513 -37.03 -18.09 23.82
CA PHE D 513 -36.03 -18.86 24.56
C PHE D 513 -34.92 -19.29 23.62
N VAL D 514 -33.70 -18.85 23.90
CA VAL D 514 -32.54 -19.21 23.09
C VAL D 514 -32.12 -20.63 23.47
N ASP D 515 -32.35 -21.56 22.56
CA ASP D 515 -32.04 -22.97 22.75
C ASP D 515 -30.71 -23.28 22.05
N HIS D 516 -30.19 -24.48 22.27
CA HIS D 516 -28.99 -24.93 21.57
C HIS D 516 -29.25 -25.28 20.10
N HIS D 517 -30.52 -25.43 19.70
CA HIS D 517 -30.86 -25.56 18.28
C HIS D 517 -30.67 -24.26 17.51
N LEU D 518 -30.71 -23.12 18.20
CA LEU D 518 -30.72 -21.79 17.59
C LEU D 518 -29.32 -21.27 17.24
N ALA D 519 -28.28 -22.13 17.24
CA ALA D 519 -26.96 -21.94 16.63
C ALA D 519 -26.15 -20.81 17.29
N PRO D 520 -24.95 -20.46 16.81
CA PRO D 520 -24.44 -19.11 17.11
C PRO D 520 -25.10 -17.99 16.32
N SER D 521 -25.96 -18.29 15.34
CA SER D 521 -26.69 -17.25 14.60
C SER D 521 -28.10 -17.72 14.32
N PHE D 522 -29.07 -16.85 14.59
CA PHE D 522 -30.45 -17.16 14.25
C PHE D 522 -31.16 -15.87 13.85
N TYR D 523 -32.22 -16.02 13.08
CA TYR D 523 -33.04 -14.90 12.62
C TYR D 523 -34.40 -14.90 13.28
N PHE D 524 -35.00 -13.71 13.35
CA PHE D 524 -36.35 -13.51 13.85
C PHE D 524 -37.12 -12.72 12.81
N VAL D 525 -38.08 -13.38 12.14
CA VAL D 525 -38.85 -12.78 11.06
C VAL D 525 -40.30 -12.70 11.50
N ALA D 526 -40.85 -11.49 11.55
CA ALA D 526 -42.24 -11.26 11.95
C ALA D 526 -42.94 -10.42 10.89
N PHE D 527 -44.25 -10.61 10.78
CA PHE D 527 -45.03 -9.92 9.75
C PHE D 527 -46.49 -9.79 10.18
N TYR D 528 -47.23 -8.98 9.42
CA TYR D 528 -48.68 -8.89 9.50
C TYR D 528 -49.21 -8.45 8.14
N TYR D 529 -50.53 -8.38 8.01
CA TYR D 529 -51.14 -7.84 6.80
C TYR D 529 -51.91 -6.56 7.08
N HIS D 530 -51.95 -5.69 6.07
CA HIS D 530 -52.85 -4.56 5.99
C HIS D 530 -53.76 -4.82 4.78
N GLY D 531 -54.88 -5.50 5.02
CA GLY D 531 -55.75 -5.91 3.94
C GLY D 531 -55.23 -7.14 3.22
N ASP D 532 -54.72 -6.95 2.00
CA ASP D 532 -54.20 -8.06 1.20
C ASP D 532 -52.72 -7.89 0.87
N HIS D 533 -52.02 -7.00 1.58
CA HIS D 533 -50.64 -6.70 1.29
C HIS D 533 -49.75 -7.02 2.49
N PRO D 534 -48.61 -7.68 2.29
CA PRO D 534 -47.73 -8.02 3.42
C PRO D 534 -46.90 -6.83 3.88
N VAL D 535 -46.67 -6.82 5.19
CA VAL D 535 -45.77 -5.87 5.85
C VAL D 535 -44.86 -6.68 6.76
N ALA D 536 -43.55 -6.63 6.53
CA ALA D 536 -42.63 -7.50 7.25
C ALA D 536 -41.37 -6.75 7.65
N ASN D 537 -40.66 -7.32 8.63
CA ASN D 537 -39.37 -6.85 9.09
C ASN D 537 -38.67 -8.03 9.76
N SER D 538 -37.33 -7.97 9.81
CA SER D 538 -36.54 -9.04 10.38
C SER D 538 -35.38 -8.46 11.18
N LEU D 539 -34.73 -9.33 11.96
CA LEU D 539 -33.66 -8.91 12.86
C LEU D 539 -32.73 -10.08 13.12
N ARG D 540 -31.43 -9.82 13.09
CA ARG D 540 -30.40 -10.83 13.37
C ARG D 540 -29.92 -10.69 14.81
N VAL D 541 -29.93 -11.80 15.55
CA VAL D 541 -29.39 -11.86 16.90
C VAL D 541 -28.32 -12.94 16.93
N ASP D 542 -27.09 -12.54 17.28
CA ASP D 542 -25.99 -13.48 17.43
C ASP D 542 -25.94 -14.03 18.85
N VAL D 543 -25.46 -15.26 18.98
CA VAL D 543 -25.34 -15.95 20.26
C VAL D 543 -23.85 -16.17 20.53
N GLN D 544 -23.37 -15.59 21.62
CA GLN D 544 -21.96 -15.74 22.00
C GLN D 544 -21.84 -16.80 23.09
N ALA D 545 -21.99 -18.05 22.66
CA ALA D 545 -21.85 -19.20 23.55
C ALA D 545 -20.43 -19.75 23.48
N GLY D 546 -20.15 -20.54 22.45
CA GLY D 546 -18.83 -21.12 22.26
C GLY D 546 -18.52 -22.23 23.23
N ALA D 547 -19.46 -23.15 23.41
CA ALA D 547 -19.28 -24.28 24.31
C ALA D 547 -19.88 -25.52 23.68
N CYS D 548 -19.34 -26.68 24.07
CA CYS D 548 -19.83 -27.95 23.58
C CYS D 548 -21.13 -28.33 24.27
N GLU D 549 -21.84 -29.29 23.69
CA GLU D 549 -23.00 -29.86 24.36
C GLU D 549 -22.58 -30.79 25.49
N GLY D 550 -21.63 -31.68 25.23
CA GLY D 550 -20.95 -32.40 26.29
C GLY D 550 -19.68 -31.66 26.68
N LYS D 551 -18.61 -32.40 26.98
CA LYS D 551 -17.30 -31.79 27.16
C LYS D 551 -16.22 -32.83 26.88
N LEU D 552 -14.99 -32.35 26.75
CA LEU D 552 -13.81 -33.20 26.71
C LEU D 552 -12.67 -32.43 27.34
N GLU D 553 -12.18 -32.91 28.48
CA GLU D 553 -11.08 -32.27 29.18
C GLU D 553 -9.90 -33.22 29.24
N LEU D 554 -8.74 -32.73 28.80
CA LEU D 554 -7.50 -33.48 28.88
C LEU D 554 -6.64 -32.87 29.98
N SER D 555 -6.00 -33.72 30.79
CA SER D 555 -5.19 -33.23 31.89
C SER D 555 -4.05 -34.21 32.15
N VAL D 556 -2.84 -33.66 32.28
CA VAL D 556 -1.68 -34.38 32.78
C VAL D 556 -1.33 -33.75 34.12
N ASP D 557 -1.57 -34.48 35.20
CA ASP D 557 -1.50 -33.92 36.54
C ASP D 557 -0.07 -33.90 37.05
N GLY D 558 0.09 -33.66 38.34
CA GLY D 558 1.39 -33.44 38.92
C GLY D 558 1.87 -32.01 38.76
N ALA D 559 3.09 -31.77 39.24
CA ALA D 559 3.72 -30.46 39.16
C ALA D 559 4.57 -30.30 37.91
N LYS D 560 4.22 -31.01 36.83
CA LYS D 560 4.95 -31.18 35.56
C LYS D 560 6.37 -31.66 35.89
N GLN D 561 7.38 -31.08 35.24
CA GLN D 561 8.82 -31.39 35.39
C GLN D 561 9.10 -32.88 35.14
N TYR D 562 8.92 -33.27 33.89
CA TYR D 562 9.09 -34.65 33.46
C TYR D 562 10.38 -34.82 32.68
N ARG D 563 11.07 -35.92 32.94
CA ARG D 563 12.17 -36.37 32.11
C ARG D 563 11.62 -37.24 30.98
N ASN D 564 12.49 -37.68 30.09
CA ASN D 564 12.09 -38.62 29.05
C ASN D 564 11.91 -40.03 29.60
N GLY D 565 11.04 -40.80 28.95
CA GLY D 565 10.84 -42.19 29.31
C GLY D 565 10.02 -42.44 30.56
N GLU D 566 9.54 -41.40 31.23
CA GLU D 566 8.78 -41.61 32.45
C GLU D 566 7.34 -41.98 32.11
N SER D 567 6.67 -42.60 33.08
CA SER D 567 5.28 -42.99 32.90
C SER D 567 4.37 -41.78 33.10
N VAL D 568 3.42 -41.61 32.18
CA VAL D 568 2.47 -40.50 32.22
C VAL D 568 1.06 -41.06 32.21
N LYS D 569 0.28 -40.72 33.22
CA LYS D 569 -1.14 -41.03 33.25
C LYS D 569 -1.90 -39.88 32.60
N LEU D 570 -2.39 -40.11 31.38
CA LEU D 570 -3.24 -39.15 30.70
C LEU D 570 -4.69 -39.40 31.10
N HIS D 571 -5.33 -38.38 31.66
CA HIS D 571 -6.70 -38.51 32.15
C HIS D 571 -7.68 -38.07 31.07
N LEU D 572 -8.72 -38.88 30.87
CA LEU D 572 -9.74 -38.63 29.86
C LEU D 572 -11.08 -38.50 30.57
N GLU D 573 -11.69 -37.32 30.48
CA GLU D 573 -13.00 -37.06 31.07
C GLU D 573 -13.95 -36.57 30.00
N THR D 574 -15.17 -37.13 30.00
CA THR D 574 -16.21 -36.77 29.05
C THR D 574 -17.56 -37.05 29.69
N ASP D 575 -18.61 -36.45 29.10
CA ASP D 575 -19.94 -36.50 29.70
C ASP D 575 -20.76 -37.73 29.28
N SER D 576 -20.36 -38.43 28.23
CA SER D 576 -21.16 -39.53 27.71
C SER D 576 -20.25 -40.62 27.19
N LEU D 577 -20.85 -41.66 26.62
CA LEU D 577 -20.09 -42.70 25.94
C LEU D 577 -19.59 -42.15 24.62
N ALA D 578 -18.29 -41.93 24.52
CA ALA D 578 -17.71 -41.18 23.41
C ALA D 578 -16.53 -41.91 22.81
N LEU D 579 -16.37 -41.78 21.50
CA LEU D 579 -15.13 -42.16 20.82
C LEU D 579 -14.17 -40.98 20.93
N VAL D 580 -13.00 -41.19 21.52
CA VAL D 580 -12.06 -40.12 21.79
C VAL D 580 -10.84 -40.33 20.91
N ALA D 581 -10.68 -39.47 19.91
CA ALA D 581 -9.56 -39.52 18.99
C ALA D 581 -8.47 -38.59 19.48
N LEU D 582 -7.29 -39.14 19.73
CA LEU D 582 -6.21 -38.43 20.39
C LEU D 582 -4.99 -38.34 19.49
N GLY D 583 -4.06 -37.47 19.88
CA GLY D 583 -2.81 -37.28 19.16
C GLY D 583 -1.88 -36.33 19.91
N ALA D 584 -0.59 -36.66 19.95
CA ALA D 584 0.40 -35.86 20.66
C ALA D 584 1.41 -35.33 19.65
N LEU D 585 1.35 -34.03 19.38
CA LEU D 585 2.03 -33.43 18.25
C LEU D 585 3.22 -32.62 18.74
N ASP D 586 4.29 -32.60 17.94
CA ASP D 586 5.54 -31.93 18.30
C ASP D 586 5.46 -30.45 17.93
N THR D 587 5.71 -29.58 18.91
CA THR D 587 5.61 -28.13 18.73
C THR D 587 6.76 -27.57 17.88
N ALA D 588 7.85 -28.32 17.75
CA ALA D 588 8.95 -27.93 16.86
C ALA D 588 8.58 -28.01 15.38
N LEU D 589 7.51 -28.75 15.04
CA LEU D 589 7.00 -28.75 13.67
C LEU D 589 6.39 -27.40 13.27
N TYR D 590 5.93 -26.62 14.25
CA TYR D 590 5.35 -25.32 13.96
C TYR D 590 6.39 -24.28 13.57
N ALA D 591 7.65 -24.47 13.97
CA ALA D 591 8.73 -23.58 13.60
C ALA D 591 9.37 -23.92 12.26
N ALA D 592 9.26 -25.17 11.81
CA ALA D 592 9.84 -25.58 10.54
C ALA D 592 9.00 -25.15 9.35
N GLY D 593 7.71 -24.91 9.55
CA GLY D 593 6.85 -24.47 8.47
C GLY D 593 7.09 -23.00 8.15
N SER D 594 7.09 -22.69 6.85
CA SER D 594 7.23 -21.31 6.41
C SER D 594 5.98 -20.51 6.76
N LYS D 595 4.81 -21.03 6.43
CA LYS D 595 3.54 -20.53 6.93
C LYS D 595 3.01 -21.55 7.94
N SER D 596 2.90 -21.14 9.19
CA SER D 596 2.48 -22.04 10.26
C SER D 596 0.98 -22.32 10.15
N HIS D 597 0.64 -23.59 9.98
CA HIS D 597 -0.74 -23.98 9.74
C HIS D 597 -1.55 -23.97 11.03
N LYS D 598 -2.80 -23.53 10.93
CA LYS D 598 -3.70 -23.44 12.08
C LYS D 598 -4.56 -24.68 12.14
N PRO D 599 -4.54 -25.44 13.25
CA PRO D 599 -5.24 -26.74 13.27
C PRO D 599 -6.74 -26.64 13.51
N LEU D 600 -7.32 -27.69 14.08
CA LEU D 600 -8.76 -27.79 14.27
C LEU D 600 -9.12 -27.43 15.71
N ASN D 601 -9.89 -26.36 15.86
CA ASN D 601 -10.41 -25.94 17.16
C ASN D 601 -11.94 -26.01 17.14
N MET D 602 -12.55 -25.53 18.22
CA MET D 602 -14.00 -25.55 18.33
C MET D 602 -14.66 -24.44 17.52
N GLY D 603 -13.92 -23.36 17.22
CA GLY D 603 -14.46 -22.29 16.40
C GLY D 603 -14.65 -22.67 14.95
N LYS D 604 -13.87 -23.64 14.46
CA LYS D 604 -14.10 -24.17 13.12
C LYS D 604 -15.28 -25.13 13.09
N VAL D 605 -15.70 -25.66 14.24
CA VAL D 605 -16.88 -26.51 14.27
C VAL D 605 -18.15 -25.66 14.18
N PHE D 606 -18.16 -24.50 14.85
CA PHE D 606 -19.33 -23.63 14.84
C PHE D 606 -19.50 -22.91 13.50
N GLU D 607 -18.42 -22.70 12.74
CA GLU D 607 -18.59 -22.07 11.44
C GLU D 607 -19.08 -23.04 10.38
N ALA D 608 -19.00 -24.35 10.65
CA ALA D 608 -19.62 -25.34 9.78
C ALA D 608 -21.13 -25.42 10.01
N MET D 609 -21.62 -24.97 11.15
CA MET D 609 -23.06 -24.93 11.40
C MET D 609 -23.72 -23.80 10.65
N ASN D 610 -23.02 -22.69 10.44
CA ASN D 610 -23.53 -21.55 9.67
C ASN D 610 -23.14 -21.62 8.20
N SER D 611 -22.61 -22.75 7.74
CA SER D 611 -22.42 -22.94 6.31
C SER D 611 -23.75 -23.19 5.60
N TYR D 612 -24.73 -23.73 6.33
CA TYR D 612 -26.07 -23.92 5.82
C TYR D 612 -26.97 -22.71 6.04
N ASP D 613 -26.44 -21.62 6.60
CA ASP D 613 -27.22 -20.40 6.78
C ASP D 613 -27.48 -19.75 5.43
N LEU D 614 -28.74 -19.44 5.17
CA LEU D 614 -29.16 -18.97 3.85
C LEU D 614 -29.41 -17.47 3.81
N GLY D 615 -29.14 -16.76 4.90
CA GLY D 615 -29.41 -15.34 4.98
C GLY D 615 -28.17 -14.48 4.84
N CYS D 616 -28.35 -13.30 4.27
CA CYS D 616 -27.28 -12.33 4.06
C CYS D 616 -27.67 -11.01 4.70
N GLY D 617 -26.84 -10.52 5.62
CA GLY D 617 -27.02 -9.22 6.20
C GLY D 617 -27.70 -9.24 7.55
N PRO D 618 -27.86 -8.06 8.17
CA PRO D 618 -28.53 -8.00 9.48
C PRO D 618 -30.04 -8.12 9.42
N GLY D 619 -30.64 -8.03 8.24
CA GLY D 619 -32.08 -8.09 8.10
C GLY D 619 -32.66 -6.74 7.72
N GLY D 620 -33.98 -6.76 7.52
CA GLY D 620 -34.71 -5.59 7.08
C GLY D 620 -35.09 -5.69 5.60
N GLY D 621 -35.70 -4.60 5.13
CA GLY D 621 -36.13 -4.53 3.74
C GLY D 621 -37.08 -3.38 3.47
N ASP D 622 -36.91 -2.73 2.31
CA ASP D 622 -37.84 -1.69 1.90
C ASP D 622 -39.18 -2.27 1.45
N SER D 623 -39.17 -3.52 0.99
CA SER D 623 -40.38 -4.27 0.67
C SER D 623 -40.58 -5.38 1.70
N ALA D 624 -41.74 -6.02 1.64
CA ALA D 624 -41.99 -7.19 2.47
C ALA D 624 -41.43 -8.46 1.86
N LEU D 625 -41.21 -8.47 0.54
CA LEU D 625 -40.59 -9.63 -0.09
C LEU D 625 -39.08 -9.62 0.12
N GLN D 626 -38.48 -8.43 0.17
CA GLN D 626 -37.05 -8.29 0.40
C GLN D 626 -36.65 -8.61 1.83
N VAL D 627 -37.59 -8.57 2.77
CA VAL D 627 -37.33 -9.08 4.12
C VAL D 627 -37.15 -10.60 4.09
N PHE D 628 -38.01 -11.29 3.32
CA PHE D 628 -38.08 -12.75 3.37
C PHE D 628 -36.90 -13.41 2.65
N GLN D 629 -36.54 -12.92 1.48
CA GLN D 629 -35.47 -13.56 0.72
C GLN D 629 -34.08 -13.10 1.14
N ALA D 630 -33.96 -12.04 1.94
CA ALA D 630 -32.70 -11.74 2.61
C ALA D 630 -32.52 -12.56 3.88
N ALA D 631 -33.60 -13.05 4.47
CA ALA D 631 -33.53 -13.99 5.57
C ALA D 631 -33.35 -15.43 5.11
N GLY D 632 -33.57 -15.70 3.83
CA GLY D 632 -33.47 -17.05 3.29
C GLY D 632 -34.78 -17.78 3.11
N LEU D 633 -35.89 -17.07 2.95
CA LEU D 633 -37.21 -17.67 2.79
C LEU D 633 -37.72 -17.50 1.37
N ALA D 634 -38.68 -18.35 1.02
CA ALA D 634 -39.48 -18.20 -0.19
C ALA D 634 -40.95 -18.21 0.22
N PHE D 635 -41.75 -17.38 -0.44
CA PHE D 635 -43.07 -17.02 0.04
C PHE D 635 -43.99 -16.74 -1.14
N SER D 636 -45.25 -17.18 -1.04
CA SER D 636 -46.28 -16.82 -2.00
C SER D 636 -47.64 -16.85 -1.30
N ASP D 637 -48.39 -15.75 -1.40
CA ASP D 637 -49.75 -15.69 -0.89
C ASP D 637 -50.81 -15.92 -1.96
N GLY D 638 -50.41 -16.14 -3.21
CA GLY D 638 -51.33 -16.28 -4.33
C GLY D 638 -51.16 -15.20 -5.37
N ASP D 639 -50.76 -14.00 -4.95
CA ASP D 639 -50.56 -12.87 -5.86
C ASP D 639 -49.12 -12.40 -5.88
N GLN D 640 -48.51 -12.16 -4.72
CA GLN D 640 -47.12 -11.77 -4.63
C GLN D 640 -46.27 -12.98 -4.27
N TRP D 641 -45.11 -13.09 -4.90
CA TRP D 641 -44.25 -14.26 -4.74
C TRP D 641 -42.79 -13.89 -4.95
N THR D 642 -41.91 -14.68 -4.33
CA THR D 642 -40.48 -14.46 -4.41
C THR D 642 -39.88 -15.17 -5.61
N LEU D 643 -38.88 -14.54 -6.23
CA LEU D 643 -38.12 -15.19 -7.28
C LEU D 643 -37.02 -16.06 -6.68
N SER D 644 -36.55 -17.01 -7.47
CA SER D 644 -35.48 -17.90 -7.02
C SER D 644 -34.15 -17.17 -7.06
N ARG D 645 -33.36 -17.36 -6.00
CA ARG D 645 -32.07 -16.70 -5.86
C ARG D 645 -31.03 -17.37 -6.76
N LYS D 646 -29.87 -16.72 -6.88
CA LYS D 646 -28.78 -17.20 -7.73
C LYS D 646 -27.63 -17.59 -6.82
N ARG D 647 -27.78 -18.76 -6.18
CA ARG D 647 -26.86 -19.42 -5.23
C ARG D 647 -26.66 -18.46 -4.04
N LEU D 648 -25.51 -18.45 -3.37
CA LEU D 648 -25.25 -17.59 -2.22
C LEU D 648 -24.51 -16.33 -2.64
N SER D 649 -25.05 -15.63 -3.63
CA SER D 649 -24.40 -14.45 -4.19
C SER D 649 -24.54 -13.24 -3.25
N CYS D 650 -25.78 -12.75 -3.09
CA CYS D 650 -26.23 -11.60 -2.32
C CYS D 650 -25.48 -10.32 -2.72
N PRO D 651 -25.92 -9.60 -3.76
CA PRO D 651 -25.23 -8.41 -4.24
C PRO D 651 -25.32 -7.22 -3.28
N ALA E 1 50.76 -27.25 30.47
CA ALA E 1 50.07 -26.10 31.03
C ALA E 1 48.94 -26.54 31.95
N LEU E 2 47.70 -26.41 31.49
CA LEU E 2 46.51 -26.83 32.24
C LEU E 2 46.13 -28.25 31.82
N GLU E 3 46.92 -29.21 32.29
CA GLU E 3 46.75 -30.61 31.88
C GLU E 3 45.94 -31.41 32.89
N ILE E 4 44.96 -30.80 33.54
CA ILE E 4 44.09 -31.52 34.44
C ILE E 4 43.05 -32.27 33.61
N LEU E 5 42.99 -33.59 33.79
CA LEU E 5 42.10 -34.43 32.99
C LEU E 5 41.81 -35.70 33.76
N GLN E 6 40.75 -36.38 33.35
CA GLN E 6 40.41 -37.69 33.88
C GLN E 6 40.96 -38.76 32.94
N GLU E 7 41.33 -39.91 33.51
CA GLU E 7 41.93 -40.99 32.74
C GLU E 7 41.33 -42.31 33.25
N GLU E 8 40.29 -42.77 32.54
CA GLU E 8 39.44 -43.93 32.88
C GLU E 8 38.90 -43.77 34.31
N ASP E 9 38.38 -42.58 34.57
CA ASP E 9 37.66 -42.25 35.79
C ASP E 9 36.18 -42.14 35.51
N LEU E 10 35.73 -42.82 34.46
CA LEU E 10 34.46 -42.57 33.81
C LEU E 10 33.45 -43.65 34.19
N ILE E 11 32.19 -43.39 33.86
CA ILE E 11 31.12 -44.32 34.18
C ILE E 11 31.02 -45.40 33.11
N ASP E 12 30.12 -46.36 33.31
CA ASP E 12 30.25 -47.69 32.72
C ASP E 12 29.71 -47.79 31.29
N GLU E 13 29.11 -46.70 30.76
CA GLU E 13 28.37 -46.56 29.49
C GLU E 13 27.06 -47.36 29.44
N ASP E 14 27.06 -48.63 29.88
CA ASP E 14 25.83 -49.41 29.98
C ASP E 14 24.91 -48.94 31.10
N ASP E 15 25.44 -48.15 32.05
CA ASP E 15 24.60 -47.47 33.05
C ASP E 15 23.93 -46.22 32.50
N ILE E 16 24.28 -45.79 31.28
CA ILE E 16 23.65 -44.65 30.64
C ILE E 16 22.45 -45.17 29.83
N PRO E 17 21.24 -44.66 30.06
CA PRO E 17 20.13 -44.98 29.15
C PRO E 17 20.33 -44.29 27.81
N VAL E 18 20.36 -45.08 26.75
CA VAL E 18 20.63 -44.55 25.40
C VAL E 18 19.35 -43.98 24.81
N ARG E 19 19.44 -42.77 24.27
CA ARG E 19 18.28 -42.12 23.65
C ARG E 19 18.21 -42.52 22.18
N SER E 20 17.14 -43.23 21.81
CA SER E 20 17.02 -43.82 20.49
C SER E 20 15.68 -43.58 19.80
N PHE E 21 14.62 -43.29 20.53
CA PHE E 21 13.27 -43.18 19.95
C PHE E 21 12.92 -41.71 19.83
N PHE E 22 13.01 -41.18 18.61
CA PHE E 22 12.70 -39.77 18.32
C PHE E 22 11.61 -39.71 17.26
N PRO E 23 10.34 -39.85 17.64
CA PRO E 23 9.26 -39.64 16.67
C PRO E 23 8.87 -38.17 16.64
N GLU E 24 8.02 -37.84 15.68
CA GLU E 24 7.47 -36.51 15.58
C GLU E 24 5.99 -36.44 15.89
N ASN E 25 5.28 -37.58 15.84
CA ASN E 25 3.90 -37.69 16.30
C ASN E 25 3.72 -39.03 16.98
N TRP E 26 2.96 -39.04 18.06
CA TRP E 26 2.64 -40.26 18.80
C TRP E 26 1.27 -40.07 19.45
N LEU E 27 0.89 -41.06 20.28
CA LEU E 27 -0.40 -41.16 20.97
C LEU E 27 -1.56 -41.14 19.96
N TRP E 28 -1.39 -41.89 18.87
CA TRP E 28 -2.33 -41.86 17.75
C TRP E 28 -3.27 -43.05 17.87
N ARG E 29 -4.25 -42.92 18.77
CA ARG E 29 -5.20 -43.98 19.00
C ARG E 29 -6.57 -43.41 19.29
N VAL E 30 -7.60 -44.22 19.02
CA VAL E 30 -8.98 -43.89 19.34
C VAL E 30 -9.43 -44.84 20.44
N GLU E 31 -9.79 -44.27 21.59
CA GLU E 31 -10.19 -45.03 22.77
C GLU E 31 -11.69 -44.91 22.98
N THR E 32 -12.30 -46.00 23.45
CA THR E 32 -13.72 -46.01 23.82
C THR E 32 -13.81 -45.65 25.30
N VAL E 33 -14.36 -44.48 25.60
CA VAL E 33 -14.34 -43.91 26.94
C VAL E 33 -15.76 -43.85 27.47
N ASP E 34 -16.04 -44.62 28.52
CA ASP E 34 -17.29 -44.49 29.26
C ASP E 34 -17.00 -43.55 30.43
N ARG E 35 -17.27 -42.26 30.21
CA ARG E 35 -17.03 -41.12 31.11
C ARG E 35 -15.58 -40.91 31.54
N PHE E 36 -14.93 -41.90 32.16
CA PHE E 36 -13.61 -41.72 32.74
C PHE E 36 -12.68 -42.82 32.29
N GLN E 37 -11.43 -42.45 31.98
CA GLN E 37 -10.43 -43.37 31.45
C GLN E 37 -9.04 -42.81 31.71
N ILE E 38 -8.13 -43.69 32.17
CA ILE E 38 -6.74 -43.31 32.42
C ILE E 38 -5.85 -44.13 31.49
N LEU E 39 -5.05 -43.45 30.68
CA LEU E 39 -4.08 -44.10 29.80
C LEU E 39 -2.68 -43.95 30.41
N THR E 40 -2.05 -45.09 30.69
CA THR E 40 -0.69 -45.11 31.22
C THR E 40 0.26 -45.37 30.06
N LEU E 41 1.08 -44.37 29.72
CA LEU E 41 1.90 -44.39 28.52
C LEU E 41 3.33 -44.01 28.86
N TRP E 42 4.19 -44.02 27.84
CA TRP E 42 5.61 -43.76 27.99
C TRP E 42 6.08 -42.68 27.04
N LEU E 43 6.85 -41.72 27.59
CA LEU E 43 7.36 -40.58 26.86
C LEU E 43 8.54 -40.99 25.96
N PRO E 44 8.67 -40.39 24.80
CA PRO E 44 9.84 -40.66 23.95
C PRO E 44 11.06 -39.86 24.41
N ASP E 45 12.19 -40.13 23.74
CA ASP E 45 13.47 -39.55 24.14
C ASP E 45 13.70 -38.14 23.62
N SER E 46 12.82 -37.61 22.78
CA SER E 46 13.01 -36.28 22.22
C SER E 46 12.70 -35.23 23.28
N LEU E 47 13.60 -34.26 23.44
CA LEU E 47 13.47 -33.22 24.46
C LEU E 47 12.85 -31.98 23.82
N THR E 48 11.52 -31.98 23.73
CA THR E 48 10.78 -30.84 23.21
C THR E 48 9.68 -30.45 24.19
N THR E 49 8.60 -29.86 23.68
CA THR E 49 7.32 -29.83 24.37
C THR E 49 6.28 -30.44 23.46
N TRP E 50 5.27 -31.05 24.05
CA TRP E 50 4.25 -31.78 23.31
C TRP E 50 2.90 -31.08 23.44
N GLU E 51 2.16 -31.06 22.34
CA GLU E 51 0.79 -30.55 22.33
C GLU E 51 -0.13 -31.74 22.10
N ILE E 52 -0.90 -32.10 23.11
CA ILE E 52 -1.75 -33.29 23.06
C ILE E 52 -3.17 -32.80 22.78
N HIS E 53 -3.67 -33.08 21.58
CA HIS E 53 -5.02 -32.71 21.19
C HIS E 53 -5.97 -33.88 21.31
N GLY E 54 -7.26 -33.57 21.36
CA GLY E 54 -8.29 -34.59 21.52
C GLY E 54 -9.60 -34.15 20.93
N LEU E 55 -10.37 -35.14 20.47
CA LEU E 55 -11.68 -34.91 19.87
C LEU E 55 -12.65 -35.95 20.42
N SER E 56 -13.74 -35.47 21.01
CA SER E 56 -14.77 -36.34 21.55
C SER E 56 -15.90 -36.47 20.54
N LEU E 57 -16.35 -37.70 20.29
CA LEU E 57 -17.44 -37.99 19.35
C LEU E 57 -18.39 -38.96 20.04
N SER E 58 -19.42 -38.41 20.68
CA SER E 58 -20.42 -39.20 21.38
C SER E 58 -21.71 -39.25 20.58
N LYS E 59 -22.49 -40.31 20.80
CA LYS E 59 -23.74 -40.49 20.09
C LYS E 59 -24.88 -39.68 20.68
N THR E 60 -24.71 -39.13 21.89
CA THR E 60 -25.76 -38.37 22.56
C THR E 60 -25.44 -36.90 22.73
N LYS E 61 -24.18 -36.53 22.91
CA LYS E 61 -23.79 -35.13 23.07
C LYS E 61 -22.98 -34.59 21.91
N GLY E 62 -22.72 -35.40 20.88
CA GLY E 62 -22.16 -34.89 19.65
C GLY E 62 -20.65 -34.72 19.68
N LEU E 63 -20.17 -33.75 18.91
CA LEU E 63 -18.75 -33.53 18.67
C LEU E 63 -18.22 -32.44 19.59
N CYS E 64 -17.04 -32.68 20.14
CA CYS E 64 -16.37 -31.69 20.98
C CYS E 64 -14.87 -31.90 20.89
N VAL E 65 -14.12 -30.80 20.76
CA VAL E 65 -12.68 -30.85 20.81
C VAL E 65 -12.22 -30.37 22.18
N ALA E 66 -10.97 -30.64 22.51
CA ALA E 66 -10.44 -30.32 23.83
C ALA E 66 -9.43 -29.19 23.74
N THR E 67 -9.31 -28.45 24.83
CA THR E 67 -8.20 -27.52 24.97
C THR E 67 -6.92 -28.32 25.17
N PRO E 68 -5.90 -28.14 24.34
CA PRO E 68 -4.75 -29.06 24.35
C PRO E 68 -3.82 -28.83 25.52
N VAL E 69 -3.10 -29.89 25.87
CA VAL E 69 -2.19 -29.91 27.02
C VAL E 69 -0.77 -29.68 26.53
N GLN E 70 -0.13 -28.64 27.05
CA GLN E 70 1.28 -28.37 26.79
C GLN E 70 2.09 -29.18 27.81
N LEU E 71 2.69 -30.28 27.35
CA LEU E 71 3.50 -31.14 28.20
C LEU E 71 4.96 -31.04 27.76
N ARG E 72 5.83 -30.65 28.70
CA ARG E 72 7.20 -30.28 28.40
C ARG E 72 8.14 -31.27 29.05
N VAL E 73 9.13 -31.76 28.29
CA VAL E 73 10.09 -32.74 28.80
C VAL E 73 11.49 -32.11 28.80
N PHE E 74 12.33 -32.59 29.72
CA PHE E 74 13.61 -31.94 30.02
C PHE E 74 14.54 -32.95 30.69
N ARG E 75 15.78 -33.06 30.20
CA ARG E 75 16.74 -34.05 30.67
C ARG E 75 17.89 -33.43 31.47
N GLU E 76 18.09 -32.11 31.34
CA GLU E 76 18.96 -31.20 32.11
C GLU E 76 20.45 -31.37 31.80
N PHE E 77 20.93 -32.61 31.72
CA PHE E 77 22.18 -32.91 31.03
C PHE E 77 21.87 -33.84 29.87
N HIS E 78 22.11 -33.37 28.65
CA HIS E 78 21.84 -34.13 27.45
C HIS E 78 22.72 -33.60 26.33
N LEU E 79 22.81 -34.38 25.25
CA LEU E 79 23.50 -33.95 24.04
C LEU E 79 22.55 -34.09 22.85
N HIS E 80 22.53 -33.06 22.01
CA HIS E 80 21.61 -32.99 20.87
C HIS E 80 22.39 -33.22 19.58
N LEU E 81 21.98 -34.21 18.81
CA LEU E 81 22.63 -34.56 17.55
C LEU E 81 21.64 -34.24 16.43
N ARG E 82 21.73 -33.01 15.90
CA ARG E 82 20.95 -32.62 14.75
C ARG E 82 21.68 -33.03 13.48
N LEU E 83 21.04 -33.87 12.69
CA LEU E 83 21.60 -34.37 11.45
C LEU E 83 21.52 -33.31 10.37
N PRO E 84 22.25 -33.47 9.27
CA PRO E 84 21.88 -32.78 8.04
C PRO E 84 20.67 -33.43 7.36
N MET E 85 20.22 -32.77 6.29
CA MET E 85 19.01 -33.19 5.61
C MET E 85 19.22 -34.48 4.82
N SER E 86 20.28 -34.53 4.01
CA SER E 86 20.63 -35.72 3.26
C SER E 86 22.14 -35.68 3.03
N VAL E 87 22.81 -36.80 3.27
CA VAL E 87 24.25 -36.90 3.09
C VAL E 87 24.54 -37.95 2.02
N ARG E 88 25.45 -37.62 1.11
CA ARG E 88 25.85 -38.50 0.03
C ARG E 88 26.89 -39.51 0.53
N ARG E 89 26.99 -40.62 -0.20
CA ARG E 89 28.05 -41.58 0.06
C ARG E 89 29.36 -41.03 -0.50
N PHE E 90 30.46 -41.31 0.22
CA PHE E 90 31.82 -40.81 -0.01
C PHE E 90 31.89 -39.28 0.02
N GLU E 91 31.04 -38.64 0.84
CA GLU E 91 31.11 -37.22 1.09
C GLU E 91 31.37 -37.00 2.58
N GLN E 92 32.49 -36.37 2.90
CA GLN E 92 32.84 -36.10 4.29
C GLN E 92 31.93 -35.02 4.87
N LEU E 93 31.28 -35.32 5.99
CA LEU E 93 30.43 -34.39 6.69
C LEU E 93 30.96 -34.18 8.10
N GLU E 94 30.44 -33.16 8.78
CA GLU E 94 30.78 -32.89 10.17
C GLU E 94 29.54 -33.11 11.02
N LEU E 95 29.51 -34.20 11.78
CA LEU E 95 28.50 -34.35 12.81
C LEU E 95 28.83 -33.43 13.98
N ARG E 96 27.83 -32.67 14.44
CA ARG E 96 27.99 -31.77 15.58
C ARG E 96 27.02 -32.12 16.69
N PRO E 97 27.35 -33.08 17.57
CA PRO E 97 26.61 -33.16 18.83
C PRO E 97 27.07 -32.06 19.78
N VAL E 98 26.11 -31.44 20.45
CA VAL E 98 26.36 -30.32 21.34
C VAL E 98 25.97 -30.75 22.74
N LEU E 99 26.93 -30.74 23.65
CA LEU E 99 26.64 -31.01 25.06
C LEU E 99 25.92 -29.83 25.69
N TYR E 100 24.89 -30.12 26.48
CA TYR E 100 24.11 -29.09 27.17
C TYR E 100 24.15 -29.35 28.66
N ASN E 101 24.58 -28.35 29.42
CA ASN E 101 24.68 -28.41 30.88
C ASN E 101 23.81 -27.29 31.46
N TYR E 102 22.71 -27.66 32.11
CA TYR E 102 21.86 -26.70 32.81
C TYR E 102 22.03 -26.80 34.32
N LEU E 103 23.12 -27.41 34.78
CA LEU E 103 23.43 -27.51 36.19
C LEU E 103 24.40 -26.40 36.60
N ASP E 104 24.63 -26.29 37.90
CA ASP E 104 25.54 -25.30 38.47
C ASP E 104 26.87 -25.93 38.89
N LYS E 105 27.43 -26.79 38.05
CA LYS E 105 28.68 -27.49 38.35
C LYS E 105 29.53 -27.58 37.09
N ASN E 106 30.82 -27.27 37.24
CA ASN E 106 31.78 -27.44 36.15
C ASN E 106 32.03 -28.93 35.92
N LEU E 107 31.54 -29.45 34.79
CA LEU E 107 31.64 -30.87 34.47
C LEU E 107 32.86 -31.14 33.59
N THR E 108 33.17 -32.43 33.46
CA THR E 108 34.23 -32.89 32.56
C THR E 108 33.75 -34.18 31.91
N VAL E 109 33.43 -34.11 30.62
CA VAL E 109 32.71 -35.17 29.92
C VAL E 109 33.58 -35.68 28.78
N SER E 110 33.74 -37.00 28.69
CA SER E 110 34.41 -37.64 27.56
C SER E 110 33.37 -38.13 26.57
N VAL E 111 33.53 -37.75 25.30
CA VAL E 111 32.56 -38.02 24.24
C VAL E 111 33.24 -38.86 23.17
N HIS E 112 32.64 -40.00 22.82
CA HIS E 112 33.10 -40.81 21.71
C HIS E 112 31.93 -41.24 20.85
N VAL E 113 32.20 -41.49 19.57
CA VAL E 113 31.24 -42.07 18.64
C VAL E 113 31.55 -43.56 18.51
N SER E 114 30.52 -44.39 18.69
CA SER E 114 30.72 -45.84 18.64
C SER E 114 31.00 -46.30 17.22
N PRO E 115 32.00 -47.17 17.02
CA PRO E 115 32.33 -47.60 15.65
C PRO E 115 31.33 -48.59 15.06
N VAL E 116 30.63 -48.15 14.02
CA VAL E 116 29.63 -48.95 13.32
C VAL E 116 30.15 -49.23 11.93
N GLU E 117 29.92 -50.45 11.42
CA GLU E 117 30.28 -50.81 10.05
C GLU E 117 29.50 -49.98 9.04
N GLY E 118 30.24 -49.27 8.19
CA GLY E 118 29.67 -48.31 7.27
C GLY E 118 30.14 -46.88 7.46
N LEU E 119 30.95 -46.60 8.49
CA LEU E 119 31.48 -45.27 8.74
C LEU E 119 32.97 -45.35 8.97
N CYS E 120 33.70 -44.39 8.40
CA CYS E 120 35.13 -44.25 8.65
C CYS E 120 35.33 -43.10 9.63
N LEU E 121 35.62 -43.43 10.88
CA LEU E 121 35.76 -42.44 11.94
C LEU E 121 37.24 -42.11 12.17
N ALA E 122 37.47 -41.12 13.02
CA ALA E 122 38.83 -40.69 13.35
C ALA E 122 39.45 -41.71 14.31
N GLY E 123 40.47 -42.41 13.83
CA GLY E 123 41.12 -43.44 14.63
C GLY E 123 40.42 -44.77 14.67
N GLY E 124 39.41 -44.98 13.82
CA GLY E 124 38.68 -46.22 13.78
C GLY E 124 37.43 -46.27 14.65
N GLY E 125 37.21 -45.28 15.49
CA GLY E 125 36.02 -45.20 16.33
C GLY E 125 36.26 -45.43 17.80
N GLY E 126 37.37 -46.07 18.17
CA GLY E 126 37.63 -46.34 19.57
C GLY E 126 38.10 -45.14 20.36
N LEU E 127 38.58 -44.10 19.69
CA LEU E 127 39.13 -42.93 20.38
C LEU E 127 38.01 -42.03 20.88
N ALA E 128 38.23 -41.47 22.06
CA ALA E 128 37.30 -40.55 22.69
C ALA E 128 37.91 -39.15 22.78
N GLN E 129 37.05 -38.17 23.03
CA GLN E 129 37.46 -36.79 23.20
C GLN E 129 36.89 -36.26 24.50
N GLN E 130 37.75 -35.79 25.39
CA GLN E 130 37.32 -35.12 26.60
C GLN E 130 37.17 -33.63 26.33
N VAL E 131 36.14 -33.04 26.95
CA VAL E 131 36.00 -31.59 27.00
C VAL E 131 35.32 -31.25 28.32
N LEU E 132 35.69 -30.10 28.89
CA LEU E 132 35.05 -29.60 30.10
C LEU E 132 33.97 -28.61 29.71
N VAL E 133 32.80 -28.76 30.31
CA VAL E 133 31.63 -27.94 30.02
C VAL E 133 31.32 -27.11 31.25
N PRO E 134 31.22 -25.79 31.13
CA PRO E 134 30.99 -24.95 32.31
C PRO E 134 29.55 -25.03 32.81
N ALA E 135 29.33 -24.39 33.96
CA ALA E 135 28.03 -24.40 34.61
C ALA E 135 27.07 -23.47 33.89
N GLY E 136 25.92 -24.00 33.47
CA GLY E 136 24.95 -23.20 32.76
C GLY E 136 25.35 -22.85 31.34
N SER E 137 26.25 -23.61 30.74
CA SER E 137 26.76 -23.31 29.40
C SER E 137 26.67 -24.57 28.55
N ALA E 138 27.05 -24.42 27.28
CA ALA E 138 27.01 -25.52 26.32
C ALA E 138 28.29 -25.54 25.51
N ARG E 139 28.73 -26.75 25.14
CA ARG E 139 29.96 -26.96 24.41
C ARG E 139 29.75 -27.93 23.25
N PRO E 140 30.24 -27.60 22.05
CA PRO E 140 30.17 -28.56 20.95
C PRO E 140 31.38 -29.48 20.88
N VAL E 141 31.13 -30.69 20.39
CA VAL E 141 32.18 -31.68 20.13
C VAL E 141 32.04 -32.09 18.67
N ALA E 142 32.97 -31.66 17.83
CA ALA E 142 32.88 -31.94 16.41
C ALA E 142 33.32 -33.37 16.10
N PHE E 143 32.77 -33.93 15.02
CA PHE E 143 33.19 -35.24 14.51
C PHE E 143 33.17 -35.24 12.99
N SER E 144 34.34 -35.48 12.39
CA SER E 144 34.50 -35.51 10.94
C SER E 144 34.32 -36.95 10.46
N VAL E 145 33.19 -37.21 9.81
CA VAL E 145 32.78 -38.55 9.44
C VAL E 145 32.65 -38.59 7.91
N VAL E 146 33.11 -39.68 7.31
CA VAL E 146 32.81 -40.01 5.92
C VAL E 146 32.13 -41.37 5.89
N PRO E 147 31.01 -41.55 5.20
CA PRO E 147 30.34 -42.85 5.18
C PRO E 147 30.87 -43.79 4.11
N THR E 148 30.55 -45.07 4.29
CA THR E 148 31.01 -46.14 3.41
C THR E 148 29.85 -46.96 2.85
N ALA E 149 28.88 -47.32 3.67
CA ALA E 149 27.76 -48.14 3.23
C ALA E 149 26.79 -47.33 2.38
N ALA E 150 25.94 -48.06 1.63
CA ALA E 150 25.00 -47.45 0.71
C ALA E 150 23.60 -47.27 1.26
N ALA E 151 23.24 -48.02 2.30
CA ALA E 151 21.87 -48.00 2.79
C ALA E 151 21.70 -47.01 3.94
N ALA E 152 21.67 -47.52 5.17
CA ALA E 152 21.49 -46.69 6.34
C ALA E 152 22.35 -47.24 7.46
N VAL E 153 23.04 -46.35 8.17
CA VAL E 153 23.95 -46.71 9.25
C VAL E 153 23.43 -46.09 10.53
N SER E 154 23.17 -46.92 11.54
CA SER E 154 22.72 -46.45 12.84
C SER E 154 23.95 -46.19 13.70
N LEU E 155 24.29 -44.91 13.87
CA LEU E 155 25.44 -44.52 14.67
C LEU E 155 25.01 -44.08 16.07
N LYS E 156 25.88 -44.30 17.04
CA LYS E 156 25.62 -43.95 18.43
C LYS E 156 26.73 -43.03 18.94
N VAL E 157 26.33 -41.92 19.55
CA VAL E 157 27.25 -40.95 20.13
C VAL E 157 27.04 -40.96 21.64
N VAL E 158 28.09 -41.31 22.38
CA VAL E 158 28.01 -41.54 23.82
C VAL E 158 28.82 -40.47 24.53
N ALA E 159 28.19 -39.81 25.51
CA ALA E 159 28.85 -38.82 26.35
C ALA E 159 28.79 -39.29 27.80
N ARG E 160 29.96 -39.44 28.42
CA ARG E 160 30.03 -39.95 29.78
C ARG E 160 30.93 -39.06 30.63
N GLY E 161 30.56 -38.90 31.91
CA GLY E 161 31.28 -38.08 32.84
C GLY E 161 32.05 -38.88 33.88
N SER E 162 32.62 -38.15 34.82
CA SER E 162 33.45 -38.73 35.87
C SER E 162 32.60 -39.06 37.09
N PHE E 163 33.24 -39.68 38.10
CA PHE E 163 32.58 -39.99 39.36
C PHE E 163 32.58 -38.85 40.35
N GLU E 164 33.10 -37.66 39.99
CA GLU E 164 32.92 -36.50 40.84
C GLU E 164 31.46 -36.05 40.85
N PHE E 165 30.81 -36.12 39.70
CA PHE E 165 29.36 -36.00 39.63
C PHE E 165 28.90 -36.84 38.44
N PRO E 166 28.21 -37.98 38.69
CA PRO E 166 27.92 -38.93 37.59
C PRO E 166 26.85 -38.44 36.61
N VAL E 167 27.30 -37.81 35.53
CA VAL E 167 26.41 -37.39 34.44
C VAL E 167 26.71 -38.23 33.21
N GLY E 168 25.72 -38.33 32.33
CA GLY E 168 25.90 -39.08 31.10
C GLY E 168 24.66 -39.14 30.24
N ASP E 169 24.87 -39.12 28.93
CA ASP E 169 23.78 -39.27 27.97
C ASP E 169 24.35 -39.88 26.69
N ALA E 170 23.52 -40.66 26.00
CA ALA E 170 23.93 -41.31 24.76
C ALA E 170 22.78 -41.25 23.75
N VAL E 171 23.13 -40.91 22.51
CA VAL E 171 22.15 -40.74 21.43
C VAL E 171 22.51 -41.70 20.31
N SER E 172 21.57 -42.58 19.97
CA SER E 172 21.68 -43.46 18.82
C SER E 172 20.63 -43.07 17.79
N LYS E 173 21.06 -42.78 16.57
CA LYS E 173 20.17 -42.25 15.55
C LYS E 173 20.58 -42.77 14.19
N VAL E 174 19.59 -43.08 13.35
CA VAL E 174 19.83 -43.69 12.04
C VAL E 174 20.10 -42.60 11.02
N LEU E 175 21.25 -42.68 10.35
CA LEU E 175 21.62 -41.73 9.32
C LEU E 175 21.19 -42.23 7.95
N GLN E 176 20.55 -41.36 7.17
CA GLN E 176 20.11 -41.69 5.83
C GLN E 176 21.18 -41.30 4.83
N ILE E 177 21.61 -42.25 4.00
CA ILE E 177 22.68 -42.04 3.04
C ILE E 177 22.07 -41.95 1.65
N GLU E 178 22.29 -40.82 0.98
CA GLU E 178 21.86 -40.62 -0.39
C GLU E 178 22.71 -41.47 -1.33
N LYS E 179 22.09 -41.95 -2.41
CA LYS E 179 22.80 -42.75 -3.41
C LYS E 179 23.80 -41.90 -4.19
N GLU E 180 24.71 -42.59 -4.88
CA GLU E 180 25.82 -41.93 -5.56
C GLU E 180 25.34 -41.25 -6.84
N GLY E 181 25.66 -39.96 -6.97
CA GLY E 181 25.27 -39.16 -8.10
C GLY E 181 24.18 -38.16 -7.73
N ALA E 182 23.79 -37.38 -8.73
CA ALA E 182 22.74 -36.39 -8.57
C ALA E 182 21.43 -36.89 -9.17
N ILE E 183 20.33 -36.25 -8.76
CA ILE E 183 19.02 -36.65 -9.25
C ILE E 183 18.80 -36.12 -10.67
N HIS E 184 17.89 -36.76 -11.39
CA HIS E 184 17.63 -36.43 -12.79
C HIS E 184 16.20 -36.81 -13.12
N ARG E 185 15.39 -35.82 -13.49
CA ARG E 185 14.00 -36.04 -13.87
C ARG E 185 13.89 -35.94 -15.39
N GLU E 186 13.20 -36.90 -16.01
CA GLU E 186 12.99 -36.92 -17.44
C GLU E 186 11.49 -36.98 -17.72
N GLU E 187 10.98 -36.01 -18.48
CA GLU E 187 9.58 -35.98 -18.88
C GLU E 187 9.44 -36.42 -20.32
N LEU E 188 8.61 -37.44 -20.54
CA LEU E 188 8.26 -37.91 -21.88
C LEU E 188 6.81 -37.50 -22.13
N VAL E 189 6.62 -36.34 -22.74
CA VAL E 189 5.29 -35.80 -22.95
C VAL E 189 4.67 -36.42 -24.20
N TYR E 190 3.38 -36.73 -24.13
CA TYR E 190 2.66 -37.34 -25.24
C TYR E 190 1.23 -36.80 -25.22
N GLU E 191 0.83 -36.13 -26.30
CA GLU E 191 -0.54 -35.65 -26.42
C GLU E 191 -1.45 -36.79 -26.85
N LEU E 192 -2.39 -37.17 -25.98
CA LEU E 192 -3.26 -38.31 -26.25
C LEU E 192 -4.44 -37.90 -27.12
N ASN E 193 -4.78 -38.79 -28.05
CA ASN E 193 -6.05 -38.69 -28.79
C ASN E 193 -6.46 -40.10 -29.18
N PRO E 194 -7.27 -40.77 -28.35
CA PRO E 194 -7.81 -42.07 -28.75
C PRO E 194 -8.90 -41.98 -29.80
N LEU E 195 -9.53 -40.82 -29.96
CA LEU E 195 -10.43 -40.61 -31.07
C LEU E 195 -9.60 -40.40 -32.33
N ASP E 196 -10.19 -40.74 -33.49
CA ASP E 196 -9.57 -40.89 -34.82
C ASP E 196 -8.46 -41.94 -34.67
N HIS E 197 -7.28 -41.77 -35.27
CA HIS E 197 -6.21 -42.75 -35.18
C HIS E 197 -4.87 -42.06 -34.92
N ARG E 198 -4.84 -41.20 -33.90
CA ARG E 198 -3.65 -40.43 -33.56
C ARG E 198 -2.80 -41.08 -32.48
N GLY E 199 -3.39 -41.96 -31.66
CA GLY E 199 -2.66 -42.59 -30.58
C GLY E 199 -3.47 -43.65 -29.87
N ARG E 200 -4.14 -44.51 -30.64
CA ARG E 200 -4.96 -45.56 -30.04
C ARG E 200 -4.12 -46.66 -29.39
N THR E 201 -2.95 -46.96 -29.96
CA THR E 201 -1.96 -47.81 -29.31
C THR E 201 -0.58 -47.40 -29.82
N LEU E 202 0.40 -47.53 -28.93
CA LEU E 202 1.78 -47.16 -29.21
C LEU E 202 2.68 -47.83 -28.19
N GLU E 203 3.98 -47.80 -28.47
CA GLU E 203 4.98 -48.19 -27.49
C GLU E 203 5.97 -47.04 -27.33
N ILE E 204 6.68 -47.06 -26.20
CA ILE E 204 7.56 -45.97 -25.79
C ILE E 204 8.97 -46.53 -25.72
N PRO E 205 10.01 -45.80 -26.15
CA PRO E 205 11.37 -46.30 -26.00
C PRO E 205 11.83 -46.33 -24.55
N GLY E 206 12.93 -47.05 -24.32
CA GLY E 206 13.55 -47.11 -23.02
C GLY E 206 14.53 -45.96 -22.81
N ASN E 207 15.34 -46.12 -21.74
CA ASN E 207 16.32 -45.11 -21.35
C ASN E 207 17.57 -45.82 -20.80
N SER E 208 18.33 -46.41 -21.71
CA SER E 208 19.66 -46.94 -21.39
C SER E 208 20.70 -45.83 -21.60
N ASP E 209 20.64 -44.85 -20.70
CA ASP E 209 21.53 -43.71 -20.72
C ASP E 209 22.93 -44.17 -20.26
N PRO E 210 24.01 -43.79 -20.95
CA PRO E 210 25.35 -44.04 -20.39
C PRO E 210 25.72 -43.18 -19.19
N ASN E 211 24.92 -42.18 -18.83
CA ASN E 211 25.10 -41.41 -17.60
C ASN E 211 24.40 -42.05 -16.40
N MET E 212 23.79 -43.23 -16.57
CA MET E 212 23.05 -43.88 -15.50
C MET E 212 23.99 -44.55 -14.50
N ILE E 213 23.79 -44.26 -13.22
CA ILE E 213 24.40 -45.06 -12.16
C ILE E 213 23.69 -46.42 -12.12
N PRO E 214 24.42 -47.55 -12.20
CA PRO E 214 23.76 -48.84 -12.50
C PRO E 214 22.93 -49.42 -11.36
N ASP E 215 23.16 -49.03 -10.11
CA ASP E 215 22.37 -49.52 -8.99
C ASP E 215 21.56 -48.42 -8.32
N GLY E 216 21.57 -47.22 -8.86
CA GLY E 216 20.85 -46.11 -8.25
C GLY E 216 19.54 -45.78 -8.92
N ASP E 217 18.75 -46.80 -9.24
CA ASP E 217 17.47 -46.58 -9.89
C ASP E 217 16.39 -46.21 -8.88
N PHE E 218 15.49 -45.32 -9.30
CA PHE E 218 14.30 -44.97 -8.54
C PHE E 218 13.05 -45.50 -9.24
N ASN E 219 11.91 -45.30 -8.58
CA ASN E 219 10.64 -45.63 -9.21
C ASN E 219 10.29 -44.58 -10.25
N SER E 220 9.51 -44.98 -11.25
CA SER E 220 9.13 -44.11 -12.35
C SER E 220 7.61 -44.03 -12.41
N TYR E 221 7.08 -42.82 -12.44
CA TYR E 221 5.65 -42.61 -12.24
C TYR E 221 5.01 -42.15 -13.54
N VAL E 222 3.71 -42.38 -13.66
CA VAL E 222 2.91 -41.91 -14.79
C VAL E 222 1.83 -40.98 -14.26
N ARG E 223 1.49 -39.96 -15.05
CA ARG E 223 0.37 -39.09 -14.72
C ARG E 223 -0.31 -38.61 -16.00
N VAL E 224 -1.64 -38.58 -15.96
CA VAL E 224 -2.48 -38.38 -17.13
C VAL E 224 -3.54 -37.33 -16.80
N THR E 225 -3.78 -36.41 -17.75
CA THR E 225 -4.62 -35.24 -17.53
C THR E 225 -5.55 -35.06 -18.73
N ALA E 226 -6.83 -34.81 -18.46
CA ALA E 226 -7.80 -34.50 -19.50
C ALA E 226 -8.20 -33.03 -19.37
N SER E 227 -7.23 -32.16 -19.69
CA SER E 227 -7.40 -30.72 -19.58
C SER E 227 -8.28 -30.13 -20.69
N ASP E 228 -9.58 -30.09 -20.46
CA ASP E 228 -10.51 -29.50 -21.43
C ASP E 228 -11.65 -28.84 -20.66
N PRO E 229 -11.49 -27.57 -20.26
CA PRO E 229 -12.63 -26.83 -19.70
C PRO E 229 -13.68 -26.51 -20.75
N LEU E 230 -14.86 -27.11 -20.61
CA LEU E 230 -15.98 -26.81 -21.50
C LEU E 230 -16.52 -25.42 -21.21
N ASP E 231 -16.43 -24.54 -22.22
CA ASP E 231 -16.94 -23.18 -22.08
C ASP E 231 -18.46 -23.18 -22.10
N THR E 232 -19.07 -22.53 -21.10
CA THR E 232 -20.52 -22.47 -21.00
C THR E 232 -21.10 -21.57 -22.08
N LEU E 233 -20.35 -20.56 -22.52
CA LEU E 233 -20.79 -19.61 -23.55
C LEU E 233 -20.81 -20.31 -24.90
N GLY E 234 -21.92 -21.00 -25.18
CA GLY E 234 -22.14 -21.65 -26.45
C GLY E 234 -23.34 -21.03 -27.11
N SER E 235 -24.24 -20.50 -26.29
CA SER E 235 -25.45 -19.84 -26.76
C SER E 235 -25.90 -18.86 -25.67
N GLU E 236 -26.16 -17.62 -26.07
CA GLU E 236 -26.72 -16.64 -25.15
C GLU E 236 -28.16 -16.98 -24.81
N GLY E 237 -28.95 -17.37 -25.81
CA GLY E 237 -30.35 -17.67 -25.63
C GLY E 237 -31.16 -16.42 -25.37
N ALA E 238 -31.46 -16.17 -24.09
CA ALA E 238 -32.14 -14.97 -23.57
C ALA E 238 -33.53 -14.77 -24.18
N LEU E 239 -34.19 -15.86 -24.53
CA LEU E 239 -35.56 -15.80 -25.04
C LEU E 239 -36.51 -15.60 -23.85
N SER E 240 -37.51 -14.76 -24.06
CA SER E 240 -38.32 -14.23 -22.97
C SER E 240 -39.26 -15.28 -22.40
N PRO E 241 -39.23 -15.55 -21.08
CA PRO E 241 -40.18 -16.49 -20.45
C PRO E 241 -41.47 -15.81 -19.99
N GLY E 242 -42.06 -14.99 -20.86
CA GLY E 242 -43.31 -14.33 -20.58
C GLY E 242 -44.19 -14.33 -21.81
N GLY E 243 -43.56 -14.14 -22.98
CA GLY E 243 -44.26 -14.29 -24.23
C GLY E 243 -44.59 -15.73 -24.58
N VAL E 244 -43.83 -16.69 -24.03
CA VAL E 244 -44.20 -18.10 -24.16
C VAL E 244 -45.35 -18.42 -23.23
N ALA E 245 -45.36 -17.79 -22.04
CA ALA E 245 -46.48 -17.92 -21.12
C ALA E 245 -47.73 -17.18 -21.60
N SER E 246 -47.56 -16.22 -22.51
CA SER E 246 -48.71 -15.58 -23.16
C SER E 246 -49.37 -16.50 -24.17
N LEU E 247 -48.67 -17.52 -24.65
CA LEU E 247 -49.21 -18.48 -25.62
C LEU E 247 -49.95 -19.64 -24.96
N LEU E 248 -50.07 -19.63 -23.64
CA LEU E 248 -50.83 -20.65 -22.91
C LEU E 248 -52.30 -20.23 -22.92
N ARG E 249 -53.00 -20.63 -23.98
CA ARG E 249 -54.35 -20.15 -24.26
C ARG E 249 -55.36 -21.28 -24.12
N LEU E 250 -56.61 -20.89 -23.90
CA LEU E 250 -57.73 -21.82 -23.83
C LEU E 250 -58.22 -22.18 -25.24
N PRO E 251 -58.56 -23.44 -25.49
CA PRO E 251 -59.20 -23.78 -26.77
C PRO E 251 -60.61 -23.20 -26.84
N ARG E 252 -60.94 -22.63 -28.01
CA ARG E 252 -62.11 -21.78 -28.10
C ARG E 252 -63.16 -22.25 -29.10
N GLY E 253 -62.95 -21.96 -30.38
CA GLY E 253 -63.97 -22.12 -31.40
C GLY E 253 -64.10 -23.51 -32.00
N CYS E 254 -64.20 -23.57 -33.32
CA CYS E 254 -64.42 -24.83 -34.06
C CYS E 254 -63.13 -25.62 -34.23
N GLY E 255 -63.15 -26.60 -35.14
CA GLY E 255 -62.00 -27.47 -35.37
C GLY E 255 -60.74 -26.74 -35.82
N GLU E 256 -60.90 -25.72 -36.66
CA GLU E 256 -59.79 -24.87 -37.05
C GLU E 256 -59.32 -23.99 -35.89
N GLU E 257 -60.26 -23.31 -35.24
CA GLU E 257 -59.96 -22.32 -34.20
C GLU E 257 -59.41 -22.95 -32.93
N THR E 258 -59.78 -24.21 -32.63
CA THR E 258 -59.17 -24.92 -31.49
C THR E 258 -57.67 -25.12 -31.70
N MET E 259 -57.28 -25.61 -32.88
CA MET E 259 -55.90 -26.00 -33.13
C MET E 259 -54.94 -24.83 -33.30
N ILE E 260 -55.44 -23.61 -33.55
CA ILE E 260 -54.54 -22.45 -33.55
C ILE E 260 -54.30 -21.93 -32.14
N TYR E 261 -55.05 -22.40 -31.15
CA TYR E 261 -54.80 -22.11 -29.74
C TYR E 261 -54.21 -23.30 -28.99
N LEU E 262 -54.64 -24.53 -29.32
CA LEU E 262 -54.23 -25.70 -28.54
C LEU E 262 -52.82 -26.14 -28.87
N ALA E 263 -52.50 -26.24 -30.16
CA ALA E 263 -51.17 -26.64 -30.59
C ALA E 263 -50.06 -25.62 -30.32
N PRO E 264 -50.28 -24.29 -30.34
CA PRO E 264 -49.27 -23.41 -29.72
C PRO E 264 -49.22 -23.49 -28.19
N THR E 265 -50.28 -23.98 -27.53
CA THR E 265 -50.22 -24.13 -26.07
C THR E 265 -49.40 -25.34 -25.68
N LEU E 266 -49.53 -26.43 -26.46
CA LEU E 266 -48.68 -27.62 -26.24
C LEU E 266 -47.23 -27.33 -26.62
N ALA E 267 -47.02 -26.57 -27.71
CA ALA E 267 -45.67 -26.20 -28.10
C ALA E 267 -45.06 -25.16 -27.17
N ALA E 268 -45.87 -24.40 -26.43
CA ALA E 268 -45.34 -23.59 -25.34
C ALA E 268 -45.06 -24.43 -24.10
N SER E 269 -45.86 -25.47 -23.85
CA SER E 269 -45.66 -26.33 -22.68
C SER E 269 -44.47 -27.25 -22.88
N ARG E 270 -44.31 -27.82 -24.08
CA ARG E 270 -43.16 -28.68 -24.34
C ARG E 270 -41.87 -27.89 -24.51
N TYR E 271 -41.95 -26.60 -24.85
CA TYR E 271 -40.76 -25.76 -24.83
C TYR E 271 -40.30 -25.48 -23.42
N LEU E 272 -41.21 -25.00 -22.56
CA LEU E 272 -40.87 -24.63 -21.18
C LEU E 272 -40.53 -25.83 -20.31
N ASP E 273 -40.98 -27.03 -20.68
CA ASP E 273 -40.43 -28.24 -20.08
C ASP E 273 -38.97 -28.42 -20.49
N LYS E 274 -38.71 -28.47 -21.80
CA LYS E 274 -37.38 -28.82 -22.28
C LYS E 274 -36.37 -27.68 -22.22
N THR E 275 -36.80 -26.44 -21.97
CA THR E 275 -35.85 -25.37 -21.65
C THR E 275 -35.77 -25.08 -20.16
N GLU E 276 -36.67 -25.69 -19.36
CA GLU E 276 -36.66 -25.70 -17.89
C GLU E 276 -36.78 -24.30 -17.30
N GLN E 277 -37.71 -23.52 -17.85
CA GLN E 277 -37.99 -22.16 -17.37
C GLN E 277 -39.28 -22.09 -16.56
N TRP E 278 -39.61 -23.15 -15.83
CA TRP E 278 -40.74 -23.06 -14.92
C TRP E 278 -40.39 -22.38 -13.61
N SER E 279 -39.10 -22.12 -13.35
CA SER E 279 -38.69 -21.38 -12.16
C SER E 279 -38.87 -19.87 -12.33
N THR E 280 -38.90 -19.37 -13.56
CA THR E 280 -39.18 -17.96 -13.81
C THR E 280 -40.66 -17.63 -13.67
N LEU E 281 -41.52 -18.64 -13.73
CA LEU E 281 -42.95 -18.55 -13.54
C LEU E 281 -43.33 -19.10 -12.17
N PRO E 282 -44.53 -18.82 -11.67
CA PRO E 282 -45.04 -19.59 -10.53
C PRO E 282 -45.32 -21.03 -10.94
N PRO E 283 -45.23 -21.98 -9.99
CA PRO E 283 -45.54 -23.38 -10.31
C PRO E 283 -47.02 -23.68 -10.51
N GLU E 284 -47.89 -22.70 -10.23
CA GLU E 284 -49.31 -22.80 -10.56
C GLU E 284 -49.55 -22.78 -12.07
N THR E 285 -48.63 -22.19 -12.84
CA THR E 285 -48.76 -22.07 -14.28
C THR E 285 -48.61 -23.42 -14.99
N LYS E 286 -47.83 -24.33 -14.40
CA LYS E 286 -47.66 -25.67 -14.96
C LYS E 286 -48.96 -26.49 -14.85
N ASP E 287 -49.57 -26.50 -13.66
CA ASP E 287 -50.83 -27.23 -13.49
C ASP E 287 -52.01 -26.51 -14.12
N HIS E 288 -51.88 -25.21 -14.40
CA HIS E 288 -52.80 -24.56 -15.32
C HIS E 288 -52.62 -25.10 -16.73
N ALA E 289 -51.37 -25.30 -17.16
CA ALA E 289 -51.09 -25.80 -18.50
C ALA E 289 -51.41 -27.28 -18.66
N VAL E 290 -51.44 -28.04 -17.56
CA VAL E 290 -51.89 -29.42 -17.62
C VAL E 290 -53.40 -29.48 -17.88
N ASP E 291 -54.17 -28.63 -17.20
CA ASP E 291 -55.61 -28.62 -17.33
C ASP E 291 -56.07 -28.05 -18.68
N LEU E 292 -55.24 -27.22 -19.32
CA LEU E 292 -55.55 -26.79 -20.68
C LEU E 292 -55.39 -27.92 -21.68
N ILE E 293 -54.43 -28.81 -21.44
CA ILE E 293 -54.26 -29.99 -22.30
C ILE E 293 -55.28 -31.06 -21.94
N GLN E 294 -55.61 -31.18 -20.65
CA GLN E 294 -56.55 -32.22 -20.19
C GLN E 294 -57.98 -31.94 -20.63
N LYS E 295 -58.40 -30.66 -20.61
CA LYS E 295 -59.69 -30.30 -21.18
C LYS E 295 -59.65 -30.28 -22.69
N GLY E 296 -58.49 -29.96 -23.29
CA GLY E 296 -58.38 -29.87 -24.73
C GLY E 296 -58.16 -31.19 -25.43
N TYR E 297 -57.75 -32.23 -24.70
CA TYR E 297 -57.60 -33.55 -25.31
C TYR E 297 -58.96 -34.16 -25.64
N MET E 298 -59.90 -34.07 -24.70
CA MET E 298 -61.24 -34.60 -24.89
C MET E 298 -62.21 -33.57 -25.45
N ARG E 299 -61.72 -32.42 -25.92
CA ARG E 299 -62.54 -31.51 -26.68
C ARG E 299 -62.57 -31.89 -28.15
N ILE E 300 -61.42 -32.35 -28.67
CA ILE E 300 -61.35 -32.82 -30.05
C ILE E 300 -61.93 -34.23 -30.15
N GLN E 301 -62.03 -34.95 -29.04
CA GLN E 301 -62.74 -36.22 -28.99
C GLN E 301 -64.24 -36.07 -29.20
N GLN E 302 -64.80 -34.89 -28.91
CA GLN E 302 -66.15 -34.57 -29.32
C GLN E 302 -66.26 -34.47 -30.84
N PHE E 303 -65.21 -33.96 -31.49
CA PHE E 303 -65.16 -33.82 -32.94
C PHE E 303 -64.63 -35.06 -33.63
N ARG E 304 -64.29 -36.11 -32.89
CA ARG E 304 -63.75 -37.32 -33.49
C ARG E 304 -64.87 -38.17 -34.08
N LYS E 305 -64.69 -38.58 -35.34
CA LYS E 305 -65.63 -39.46 -36.00
C LYS E 305 -65.27 -40.91 -35.68
N ALA E 306 -66.07 -41.85 -36.22
CA ALA E 306 -65.88 -43.28 -35.96
C ALA E 306 -64.97 -43.94 -36.99
N ASP E 307 -64.01 -43.21 -37.54
CA ASP E 307 -63.02 -43.79 -38.45
C ASP E 307 -61.67 -43.11 -38.38
N GLY E 308 -61.49 -42.11 -37.51
CA GLY E 308 -60.23 -41.40 -37.44
C GLY E 308 -60.07 -40.28 -38.44
N SER E 309 -61.17 -39.70 -38.92
CA SER E 309 -61.12 -38.61 -39.87
C SER E 309 -61.58 -37.32 -39.19
N TYR E 310 -60.85 -36.24 -39.45
CA TYR E 310 -61.02 -34.97 -38.75
C TYR E 310 -61.38 -33.87 -39.73
N ALA E 311 -62.26 -32.95 -39.30
CA ALA E 311 -62.68 -31.81 -40.09
C ALA E 311 -62.91 -30.62 -39.17
N ALA E 312 -63.30 -29.49 -39.76
CA ALA E 312 -63.57 -28.28 -38.97
C ALA E 312 -64.88 -28.40 -38.21
N TRP E 313 -65.93 -28.84 -38.88
CA TRP E 313 -67.20 -29.20 -38.25
C TRP E 313 -67.54 -30.65 -38.61
N LEU E 314 -68.60 -31.16 -37.99
CA LEU E 314 -68.98 -32.54 -38.22
C LEU E 314 -69.74 -32.72 -39.53
N SER E 315 -70.48 -31.70 -39.97
CA SER E 315 -71.17 -31.76 -41.24
C SER E 315 -70.23 -31.53 -42.43
N ARG E 316 -69.09 -30.90 -42.20
CA ARG E 316 -68.11 -30.66 -43.25
C ARG E 316 -67.35 -31.95 -43.56
N ASP E 317 -67.00 -32.13 -44.84
CA ASP E 317 -66.18 -33.25 -45.26
C ASP E 317 -64.76 -33.14 -44.69
N SER E 318 -64.10 -34.29 -44.60
CA SER E 318 -62.86 -34.38 -43.84
C SER E 318 -61.68 -33.84 -44.63
N SER E 319 -60.70 -33.32 -43.90
CA SER E 319 -59.48 -32.76 -44.46
C SER E 319 -58.30 -33.68 -44.16
N THR E 320 -57.35 -33.73 -45.10
CA THR E 320 -56.16 -34.56 -44.96
C THR E 320 -55.07 -33.84 -44.17
N TRP E 321 -54.94 -32.53 -44.36
CA TRP E 321 -53.92 -31.75 -43.66
C TRP E 321 -54.24 -31.61 -42.17
N LEU E 322 -55.52 -31.42 -41.83
CA LEU E 322 -55.90 -31.22 -40.43
C LEU E 322 -55.87 -32.52 -39.64
N THR E 323 -56.13 -33.66 -40.30
CA THR E 323 -56.06 -34.95 -39.63
C THR E 323 -54.63 -35.33 -39.26
N ALA E 324 -53.67 -34.94 -40.11
CA ALA E 324 -52.25 -35.12 -39.76
C ALA E 324 -51.81 -34.13 -38.69
N PHE E 325 -52.43 -32.95 -38.63
CA PHE E 325 -52.02 -31.94 -37.67
C PHE E 325 -52.48 -32.25 -36.26
N VAL E 326 -53.60 -32.96 -36.10
CA VAL E 326 -54.06 -33.34 -34.76
C VAL E 326 -53.35 -34.63 -34.31
N LEU E 327 -53.01 -35.52 -35.25
CA LEU E 327 -52.27 -36.74 -34.93
C LEU E 327 -50.83 -36.43 -34.51
N LYS E 328 -50.26 -35.32 -34.99
CA LYS E 328 -49.00 -34.81 -34.47
C LYS E 328 -49.13 -34.36 -33.02
N VAL E 329 -50.28 -33.77 -32.67
CA VAL E 329 -50.45 -33.16 -31.36
C VAL E 329 -50.81 -34.21 -30.31
N LEU E 330 -51.79 -35.08 -30.62
CA LEU E 330 -52.27 -36.03 -29.62
C LEU E 330 -51.30 -37.18 -29.36
N SER E 331 -50.33 -37.40 -30.26
CA SER E 331 -49.28 -38.37 -29.98
C SER E 331 -48.32 -37.85 -28.91
N LEU E 332 -48.03 -36.55 -28.93
CA LEU E 332 -47.20 -35.95 -27.90
C LEU E 332 -47.94 -35.77 -26.58
N ALA E 333 -49.27 -35.71 -26.63
CA ALA E 333 -50.09 -35.62 -25.42
C ALA E 333 -50.39 -36.97 -24.80
N GLN E 334 -49.86 -38.07 -25.37
CA GLN E 334 -50.07 -39.39 -24.79
C GLN E 334 -49.23 -39.57 -23.53
N GLU E 335 -48.10 -38.85 -23.43
CA GLU E 335 -47.32 -38.84 -22.20
C GLU E 335 -48.02 -38.06 -21.11
N GLN E 336 -48.66 -36.94 -21.46
CA GLN E 336 -49.32 -36.10 -20.48
C GLN E 336 -50.66 -36.70 -20.05
N VAL E 337 -51.48 -37.10 -21.01
CA VAL E 337 -52.83 -37.60 -20.76
C VAL E 337 -52.87 -39.07 -21.15
N GLY E 338 -53.25 -39.93 -20.22
CA GLY E 338 -53.43 -41.34 -20.52
C GLY E 338 -54.73 -41.62 -21.23
N GLY E 339 -54.78 -41.31 -22.53
CA GLY E 339 -55.96 -41.52 -23.33
C GLY E 339 -56.00 -42.91 -23.95
N SER E 340 -56.92 -43.07 -24.89
CA SER E 340 -57.07 -44.34 -25.59
C SER E 340 -55.99 -44.48 -26.66
N PRO E 341 -55.20 -45.56 -26.64
CA PRO E 341 -54.16 -45.71 -27.67
C PRO E 341 -54.74 -46.11 -29.02
N GLU E 342 -55.78 -46.95 -29.03
CA GLU E 342 -56.31 -47.50 -30.26
C GLU E 342 -57.16 -46.52 -31.05
N LYS E 343 -57.59 -45.41 -30.44
CA LYS E 343 -58.30 -44.39 -31.20
C LYS E 343 -57.37 -43.57 -32.09
N LEU E 344 -56.11 -43.42 -31.68
CA LEU E 344 -55.11 -42.81 -32.55
C LEU E 344 -54.55 -43.81 -33.57
N GLN E 345 -54.75 -45.10 -33.35
CA GLN E 345 -54.33 -46.11 -34.30
C GLN E 345 -55.25 -46.17 -35.51
N GLU E 346 -56.54 -45.86 -35.33
CA GLU E 346 -57.46 -45.75 -36.44
C GLU E 346 -57.42 -44.39 -37.12
N THR E 347 -56.73 -43.41 -36.51
CA THR E 347 -56.56 -42.12 -37.17
C THR E 347 -55.55 -42.23 -38.30
N SER E 348 -54.49 -43.02 -38.10
CA SER E 348 -53.53 -43.28 -39.17
C SER E 348 -54.07 -44.24 -40.22
N ASN E 349 -55.13 -44.98 -39.92
CA ASN E 349 -55.70 -45.90 -40.89
C ASN E 349 -56.44 -45.14 -41.99
N TRP E 350 -57.02 -43.99 -41.65
CA TRP E 350 -57.67 -43.15 -42.66
C TRP E 350 -56.66 -42.40 -43.52
N LEU E 351 -55.53 -42.01 -42.94
CA LEU E 351 -54.52 -41.25 -43.69
C LEU E 351 -53.78 -42.13 -44.69
N LEU E 352 -53.67 -43.43 -44.43
CA LEU E 352 -53.09 -44.33 -45.41
C LEU E 352 -54.09 -44.76 -46.47
N SER E 353 -55.39 -44.52 -46.24
CA SER E 353 -56.40 -44.81 -47.25
C SER E 353 -56.38 -43.79 -48.38
N GLN E 354 -55.83 -42.60 -48.15
CA GLN E 354 -55.62 -41.60 -49.20
C GLN E 354 -54.18 -41.62 -49.71
N GLN E 355 -53.64 -42.81 -49.93
CA GLN E 355 -52.33 -42.96 -50.52
C GLN E 355 -52.46 -42.91 -52.04
N GLN E 356 -51.64 -42.08 -52.68
CA GLN E 356 -51.67 -41.96 -54.13
C GLN E 356 -50.97 -43.15 -54.79
N ALA E 357 -51.13 -43.24 -56.10
CA ALA E 357 -50.56 -44.35 -56.86
C ALA E 357 -49.06 -44.22 -57.07
N ASP E 358 -48.51 -43.02 -56.93
CA ASP E 358 -47.08 -42.79 -57.11
C ASP E 358 -46.33 -42.60 -55.80
N GLY E 359 -47.03 -42.46 -54.68
CA GLY E 359 -46.41 -42.21 -53.40
C GLY E 359 -46.71 -40.86 -52.77
N SER E 360 -47.62 -40.09 -53.35
CA SER E 360 -47.98 -38.78 -52.83
C SER E 360 -49.13 -38.89 -51.84
N PHE E 361 -49.49 -37.75 -51.24
CA PHE E 361 -50.70 -37.60 -50.44
C PHE E 361 -51.52 -36.46 -51.01
N GLN E 362 -52.83 -36.66 -51.10
CA GLN E 362 -53.73 -35.71 -51.75
C GLN E 362 -54.81 -35.28 -50.76
N ASP E 363 -55.06 -33.97 -50.71
CA ASP E 363 -56.11 -33.42 -49.86
C ASP E 363 -57.31 -33.08 -50.73
N PRO E 364 -58.48 -33.71 -50.53
CA PRO E 364 -59.64 -33.39 -51.38
C PRO E 364 -60.27 -32.05 -51.06
N CYS E 365 -60.39 -31.69 -49.77
CA CYS E 365 -60.88 -30.38 -49.39
C CYS E 365 -60.08 -29.87 -48.20
N PRO E 366 -59.50 -28.67 -48.28
CA PRO E 366 -58.71 -28.15 -47.16
C PRO E 366 -59.57 -27.49 -46.09
N VAL E 367 -58.91 -26.84 -45.14
CA VAL E 367 -59.59 -26.11 -44.08
C VAL E 367 -60.01 -24.74 -44.60
N LEU E 368 -60.90 -24.06 -43.88
CA LEU E 368 -61.38 -22.76 -44.30
C LEU E 368 -60.33 -21.68 -44.07
N ASP E 369 -59.80 -21.60 -42.86
CA ASP E 369 -58.77 -20.61 -42.52
C ASP E 369 -57.42 -21.18 -42.98
N ARG E 370 -56.91 -20.66 -44.09
CA ARG E 370 -55.65 -21.12 -44.66
C ARG E 370 -54.44 -20.42 -44.05
N SER E 371 -54.65 -19.50 -43.12
CA SER E 371 -53.56 -18.94 -42.33
C SER E 371 -53.07 -19.90 -41.27
N MET E 372 -53.87 -20.90 -40.92
CA MET E 372 -53.42 -21.99 -40.06
C MET E 372 -52.39 -22.87 -40.77
N GLN E 373 -52.47 -22.97 -42.10
CA GLN E 373 -51.52 -23.76 -42.88
C GLN E 373 -50.17 -23.08 -43.04
N GLY E 374 -50.08 -21.77 -42.78
CA GLY E 374 -48.81 -21.07 -42.75
C GLY E 374 -48.19 -20.83 -44.12
N GLY E 375 -47.00 -21.37 -44.35
CA GLY E 375 -46.30 -21.19 -45.60
C GLY E 375 -46.51 -22.34 -46.56
N LEU E 376 -47.56 -23.12 -46.33
CA LEU E 376 -47.90 -24.24 -47.20
C LEU E 376 -48.60 -23.79 -48.48
N VAL E 377 -49.32 -22.66 -48.42
CA VAL E 377 -50.13 -22.20 -49.55
C VAL E 377 -49.20 -21.57 -50.57
N GLY E 378 -49.04 -22.23 -51.72
CA GLY E 378 -48.17 -21.73 -52.75
C GLY E 378 -48.18 -22.63 -53.96
N ASN E 379 -47.11 -22.56 -54.75
CA ASN E 379 -46.98 -23.38 -55.94
C ASN E 379 -46.65 -24.84 -55.63
N ASP E 380 -46.09 -25.11 -54.45
CA ASP E 380 -45.77 -26.48 -54.06
C ASP E 380 -46.69 -26.98 -52.95
N GLU E 381 -47.99 -27.06 -53.24
CA GLU E 381 -48.95 -27.53 -52.25
C GLU E 381 -48.89 -29.05 -52.10
N THR E 382 -48.65 -29.77 -53.20
CA THR E 382 -48.61 -31.23 -53.17
C THR E 382 -47.35 -31.74 -52.46
N VAL E 383 -46.25 -31.00 -52.56
CA VAL E 383 -45.00 -31.39 -51.89
C VAL E 383 -45.11 -31.17 -50.38
N ALA E 384 -45.74 -30.06 -49.96
CA ALA E 384 -45.84 -29.76 -48.54
C ALA E 384 -46.88 -30.60 -47.82
N LEU E 385 -47.89 -31.13 -48.53
CA LEU E 385 -48.83 -32.05 -47.91
C LEU E 385 -48.21 -33.42 -47.65
N THR E 386 -47.31 -33.87 -48.54
CA THR E 386 -46.78 -35.23 -48.45
C THR E 386 -45.76 -35.34 -47.32
N ALA E 387 -44.92 -34.32 -47.13
CA ALA E 387 -43.94 -34.33 -46.06
C ALA E 387 -44.56 -34.05 -44.69
N PHE E 388 -45.75 -33.44 -44.66
CA PHE E 388 -46.37 -33.11 -43.39
C PHE E 388 -47.04 -34.32 -42.74
N VAL E 389 -47.59 -35.23 -43.56
CA VAL E 389 -48.11 -36.49 -43.04
C VAL E 389 -46.96 -37.42 -42.64
N THR E 390 -45.81 -37.29 -43.33
CA THR E 390 -44.63 -38.09 -43.03
C THR E 390 -44.04 -37.73 -41.66
N ILE E 391 -44.11 -36.45 -41.27
CA ILE E 391 -43.78 -36.06 -39.91
C ILE E 391 -44.83 -36.59 -38.93
N ALA E 392 -46.10 -36.59 -39.35
CA ALA E 392 -47.21 -36.94 -38.47
C ALA E 392 -47.28 -38.43 -38.19
N LEU E 393 -46.99 -39.26 -39.20
CA LEU E 393 -47.02 -40.71 -38.99
C LEU E 393 -45.79 -41.20 -38.23
N HIS E 394 -44.68 -40.46 -38.27
CA HIS E 394 -43.52 -40.82 -37.49
C HIS E 394 -43.64 -40.39 -36.04
N HIS E 395 -44.30 -39.26 -35.77
CA HIS E 395 -44.57 -38.85 -34.40
C HIS E 395 -45.61 -39.74 -33.73
N GLY E 396 -46.56 -40.26 -34.51
CA GLY E 396 -47.56 -41.19 -34.02
C GLY E 396 -47.11 -42.63 -33.94
N LEU E 397 -45.83 -42.92 -34.20
CA LEU E 397 -45.32 -44.29 -34.16
C LEU E 397 -45.20 -44.80 -32.73
N ALA E 398 -44.99 -43.92 -31.76
CA ALA E 398 -44.87 -44.33 -30.36
C ALA E 398 -46.21 -44.69 -29.73
N VAL E 399 -47.32 -44.29 -30.34
CA VAL E 399 -48.64 -44.64 -29.81
C VAL E 399 -48.96 -46.11 -30.14
N PHE E 400 -48.40 -46.64 -31.23
CA PHE E 400 -48.54 -48.05 -31.60
C PHE E 400 -47.85 -48.96 -30.61
N GLN E 401 -48.56 -49.31 -29.53
CA GLN E 401 -48.02 -50.10 -28.44
C GLN E 401 -48.47 -51.54 -28.55
N ASP E 402 -47.65 -52.43 -27.98
CA ASP E 402 -47.79 -53.90 -27.91
C ASP E 402 -47.84 -54.49 -29.33
N GLU E 403 -48.49 -55.65 -29.46
CA GLU E 403 -48.54 -56.39 -30.72
C GLU E 403 -49.89 -56.28 -31.42
N GLY E 404 -50.84 -55.52 -30.86
CA GLY E 404 -52.16 -55.43 -31.45
C GLY E 404 -52.21 -54.61 -32.72
N ALA E 405 -51.27 -53.67 -32.87
CA ALA E 405 -51.19 -52.84 -34.06
C ALA E 405 -49.92 -53.07 -34.86
N GLU E 406 -49.07 -54.01 -34.45
CA GLU E 406 -47.81 -54.34 -35.11
C GLU E 406 -47.95 -54.93 -36.53
N PRO E 407 -48.97 -55.74 -36.89
CA PRO E 407 -49.19 -55.97 -38.33
C PRO E 407 -49.67 -54.74 -39.09
N LEU E 408 -50.37 -53.82 -38.43
CA LEU E 408 -50.69 -52.54 -39.07
C LEU E 408 -49.51 -51.57 -39.04
N LYS E 409 -48.58 -51.74 -38.11
CA LYS E 409 -47.40 -50.88 -38.05
C LYS E 409 -46.42 -51.19 -39.17
N GLN E 410 -46.40 -52.45 -39.64
CA GLN E 410 -45.68 -52.79 -40.86
C GLN E 410 -46.30 -52.13 -42.09
N ARG E 411 -47.65 -52.02 -42.10
CA ARG E 411 -48.34 -51.37 -43.20
C ARG E 411 -48.16 -49.85 -43.17
N VAL E 412 -47.83 -49.28 -42.01
CA VAL E 412 -47.52 -47.85 -41.93
C VAL E 412 -46.18 -47.56 -42.60
N GLU E 413 -45.12 -48.28 -42.22
CA GLU E 413 -43.79 -48.01 -42.75
C GLU E 413 -43.62 -48.52 -44.18
N ALA E 414 -44.49 -49.42 -44.65
CA ALA E 414 -44.45 -49.80 -46.06
C ALA E 414 -45.03 -48.69 -46.93
N SER E 415 -46.05 -48.00 -46.43
CA SER E 415 -46.59 -46.84 -47.13
C SER E 415 -45.74 -45.60 -46.93
N ILE E 416 -44.92 -45.55 -45.88
CA ILE E 416 -43.90 -44.52 -45.77
C ILE E 416 -42.79 -44.77 -46.79
N SER E 417 -42.34 -46.03 -46.91
CA SER E 417 -41.27 -46.37 -47.84
C SER E 417 -41.71 -46.32 -49.30
N LYS E 418 -43.02 -46.49 -49.55
CA LYS E 418 -43.55 -46.22 -50.88
C LYS E 418 -43.65 -44.72 -51.13
N ALA E 419 -43.91 -43.94 -50.07
CA ALA E 419 -43.84 -42.49 -50.18
C ALA E 419 -42.40 -42.00 -50.24
N ASN E 420 -41.45 -42.76 -49.67
CA ASN E 420 -40.04 -42.42 -49.82
C ASN E 420 -39.53 -42.66 -51.24
N SER E 421 -40.19 -43.51 -52.02
CA SER E 421 -39.88 -43.61 -53.45
C SER E 421 -40.38 -42.39 -54.22
N PHE E 422 -41.32 -41.64 -53.67
CA PHE E 422 -41.79 -40.39 -54.26
C PHE E 422 -41.16 -39.15 -53.62
N LEU E 423 -40.98 -39.15 -52.29
CA LEU E 423 -40.31 -38.04 -51.62
C LEU E 423 -38.82 -38.01 -51.94
N GLY E 424 -38.20 -39.17 -52.12
CA GLY E 424 -36.82 -39.21 -52.58
C GLY E 424 -36.66 -38.88 -54.04
N GLU E 425 -37.70 -39.06 -54.84
CA GLU E 425 -37.65 -38.70 -56.25
C GLU E 425 -37.89 -37.20 -56.46
N LYS E 426 -38.74 -36.58 -55.63
CA LYS E 426 -38.92 -35.14 -55.70
C LYS E 426 -37.73 -34.38 -55.12
N ALA E 427 -37.01 -35.00 -54.18
CA ALA E 427 -35.82 -34.37 -53.62
C ALA E 427 -34.62 -34.53 -54.56
N SER E 428 -34.54 -35.64 -55.28
CA SER E 428 -33.49 -35.84 -56.28
C SER E 428 -33.84 -35.21 -57.62
N ALA E 429 -35.04 -34.64 -57.77
CA ALA E 429 -35.36 -33.85 -58.95
C ALA E 429 -34.54 -32.58 -59.00
N GLY E 430 -34.61 -31.77 -57.95
CA GLY E 430 -33.75 -30.62 -57.84
C GLY E 430 -34.46 -29.33 -57.45
N LEU E 431 -35.14 -28.72 -58.42
CA LEU E 431 -35.73 -27.40 -58.25
C LEU E 431 -37.03 -27.52 -57.48
N LEU E 432 -36.94 -27.42 -56.16
CA LEU E 432 -38.09 -27.36 -55.27
C LEU E 432 -38.29 -25.92 -54.81
N GLY E 433 -39.18 -25.72 -53.84
CA GLY E 433 -39.42 -24.40 -53.29
C GLY E 433 -38.46 -24.08 -52.15
N ALA E 434 -38.58 -22.84 -51.65
CA ALA E 434 -37.79 -22.45 -50.49
C ALA E 434 -38.35 -23.03 -49.20
N HIS E 435 -39.65 -22.84 -48.97
CA HIS E 435 -40.31 -23.44 -47.80
C HIS E 435 -40.56 -24.93 -47.97
N ALA E 436 -40.81 -25.39 -49.20
CA ALA E 436 -41.19 -26.77 -49.45
C ALA E 436 -40.02 -27.74 -49.29
N ALA E 437 -38.78 -27.27 -49.43
CA ALA E 437 -37.63 -28.13 -49.22
C ALA E 437 -37.29 -28.30 -47.75
N ALA E 438 -37.61 -27.31 -46.91
CA ALA E 438 -37.26 -27.37 -45.50
C ALA E 438 -38.15 -28.34 -44.73
N ILE E 439 -39.41 -28.51 -45.15
CA ILE E 439 -40.28 -29.49 -44.51
C ILE E 439 -40.04 -30.89 -45.09
N THR E 440 -39.41 -30.98 -46.27
CA THR E 440 -39.23 -32.27 -46.94
C THR E 440 -38.08 -33.06 -46.32
N ALA E 441 -36.90 -32.45 -46.19
CA ALA E 441 -35.71 -33.15 -45.74
C ALA E 441 -35.75 -33.49 -44.25
N TYR E 442 -36.50 -32.74 -43.45
CA TYR E 442 -36.69 -33.11 -42.04
C TYR E 442 -37.56 -34.35 -41.91
N ALA E 443 -38.53 -34.53 -42.81
CA ALA E 443 -39.36 -35.73 -42.77
C ALA E 443 -38.61 -36.97 -43.24
N LEU E 444 -37.59 -36.79 -44.08
CA LEU E 444 -36.82 -37.92 -44.59
C LEU E 444 -35.87 -38.47 -43.53
N SER E 445 -35.28 -37.59 -42.71
CA SER E 445 -34.34 -38.03 -41.69
C SER E 445 -35.03 -38.59 -40.44
N LEU E 446 -36.33 -38.34 -40.26
CA LEU E 446 -37.06 -38.94 -39.15
C LEU E 446 -37.40 -40.40 -39.42
N THR E 447 -37.88 -40.71 -40.62
CA THR E 447 -38.41 -42.02 -40.94
C THR E 447 -37.36 -43.00 -41.45
N LYS E 448 -36.07 -42.67 -41.28
CA LYS E 448 -34.89 -43.49 -41.60
C LYS E 448 -34.85 -43.85 -43.08
N ALA E 449 -34.57 -42.82 -43.88
CA ALA E 449 -34.41 -42.97 -45.32
C ALA E 449 -33.07 -43.62 -45.64
N PRO E 450 -32.93 -44.23 -46.82
CA PRO E 450 -31.59 -44.59 -47.30
C PRO E 450 -30.76 -43.35 -47.56
N VAL E 451 -29.46 -43.44 -47.23
CA VAL E 451 -28.60 -42.27 -47.17
C VAL E 451 -28.18 -41.73 -48.53
N ASP E 452 -28.40 -42.48 -49.61
CA ASP E 452 -28.18 -41.92 -50.94
C ASP E 452 -29.33 -41.02 -51.38
N LEU E 453 -30.53 -41.27 -50.87
CA LEU E 453 -31.69 -40.43 -51.11
C LEU E 453 -31.94 -39.43 -50.00
N LEU E 454 -31.12 -39.46 -48.93
CA LEU E 454 -31.22 -38.54 -47.80
C LEU E 454 -30.25 -37.38 -47.94
N GLY E 455 -29.00 -37.66 -48.32
CA GLY E 455 -27.99 -36.61 -48.43
C GLY E 455 -28.11 -35.73 -49.64
N VAL E 456 -28.84 -36.19 -50.67
CA VAL E 456 -29.08 -35.34 -51.84
C VAL E 456 -30.14 -34.28 -51.56
N ALA E 457 -30.99 -34.49 -50.55
CA ALA E 457 -31.84 -33.42 -50.06
C ALA E 457 -31.14 -32.55 -49.01
N HIS E 458 -30.02 -33.04 -48.46
CA HIS E 458 -29.25 -32.24 -47.52
C HIS E 458 -28.45 -31.15 -48.23
N ASN E 459 -27.76 -31.51 -49.31
CA ASN E 459 -26.94 -30.54 -50.02
C ASN E 459 -27.78 -29.56 -50.84
N ASN E 460 -28.98 -29.98 -51.25
CA ASN E 460 -29.87 -29.08 -52.00
C ASN E 460 -30.52 -28.05 -51.08
N LEU E 461 -30.70 -28.39 -49.80
CA LEU E 461 -31.26 -27.43 -48.85
C LEU E 461 -30.20 -26.43 -48.40
N MET E 462 -28.96 -26.89 -48.22
CA MET E 462 -27.88 -26.02 -47.75
C MET E 462 -27.40 -25.04 -48.81
N ALA E 463 -27.73 -25.25 -50.08
CA ALA E 463 -27.44 -24.26 -51.10
C ALA E 463 -28.36 -23.05 -50.97
N MET E 464 -29.61 -23.26 -50.56
CA MET E 464 -30.55 -22.18 -50.29
C MET E 464 -30.41 -21.79 -48.82
N ALA E 465 -29.46 -20.88 -48.53
CA ALA E 465 -29.20 -20.36 -47.20
C ALA E 465 -28.56 -18.98 -47.37
N GLN E 466 -29.38 -18.02 -47.78
CA GLN E 466 -28.91 -16.66 -48.03
C GLN E 466 -28.77 -15.94 -46.70
N GLU E 467 -27.52 -15.64 -46.31
CA GLU E 467 -27.21 -15.02 -45.05
C GLU E 467 -26.56 -13.66 -45.28
N THR E 468 -26.79 -12.73 -44.35
CA THR E 468 -26.22 -11.40 -44.44
C THR E 468 -25.94 -10.87 -43.03
N GLY E 469 -24.96 -9.97 -42.95
CA GLY E 469 -24.56 -9.43 -41.65
C GLY E 469 -23.82 -10.47 -40.83
N ASP E 470 -24.25 -10.62 -39.58
CA ASP E 470 -23.79 -11.71 -38.71
C ASP E 470 -24.99 -12.54 -38.28
N ASN E 471 -25.87 -12.84 -39.22
CA ASN E 471 -27.04 -13.68 -39.02
C ASN E 471 -27.09 -14.70 -40.15
N LEU E 472 -27.95 -15.70 -39.99
CA LEU E 472 -28.10 -16.74 -41.01
C LEU E 472 -29.57 -17.14 -41.06
N TYR E 473 -30.19 -16.97 -42.22
CA TYR E 473 -31.61 -17.22 -42.36
C TYR E 473 -31.91 -17.78 -43.75
N TRP E 474 -33.19 -18.05 -43.98
CA TRP E 474 -33.72 -18.59 -45.24
C TRP E 474 -34.63 -17.59 -45.96
N MET E 498 -35.31 -0.71 -38.02
CA MET E 498 -34.37 -0.79 -39.13
C MET E 498 -34.27 -2.24 -39.67
N PRO E 499 -34.43 -3.30 -38.80
CA PRO E 499 -34.97 -4.56 -39.36
C PRO E 499 -36.45 -4.72 -39.04
N GLN E 500 -37.14 -5.54 -39.83
CA GLN E 500 -38.54 -5.86 -39.62
C GLN E 500 -38.74 -7.35 -39.89
N ALA E 501 -39.50 -8.00 -39.02
CA ALA E 501 -39.69 -9.45 -39.08
C ALA E 501 -40.61 -9.83 -40.24
N PRO E 502 -40.18 -10.74 -41.13
CA PRO E 502 -41.13 -11.31 -42.09
C PRO E 502 -41.80 -12.55 -41.51
N ALA E 503 -43.09 -12.69 -41.78
CA ALA E 503 -43.85 -13.76 -41.13
C ALA E 503 -43.60 -15.11 -41.79
N LEU E 504 -43.32 -15.13 -43.09
CA LEU E 504 -43.16 -16.40 -43.79
C LEU E 504 -41.76 -16.96 -43.70
N TRP E 505 -40.75 -16.10 -43.53
CA TRP E 505 -39.37 -16.54 -43.53
C TRP E 505 -38.89 -17.04 -42.17
N ILE E 506 -39.68 -16.85 -41.11
CA ILE E 506 -39.34 -17.43 -39.80
C ILE E 506 -39.61 -18.93 -39.81
N GLU E 507 -40.71 -19.33 -40.46
CA GLU E 507 -41.14 -20.73 -40.54
C GLU E 507 -40.17 -21.58 -41.35
N THR E 508 -39.57 -21.01 -42.40
CA THR E 508 -38.66 -21.76 -43.26
C THR E 508 -37.34 -22.05 -42.54
N THR E 509 -36.87 -21.10 -41.73
CA THR E 509 -35.66 -21.30 -40.92
C THR E 509 -35.91 -22.30 -39.80
N ALA E 510 -37.14 -22.39 -39.31
CA ALA E 510 -37.46 -23.25 -38.18
C ALA E 510 -37.50 -24.72 -38.57
N TYR E 511 -37.98 -25.04 -39.78
CA TYR E 511 -37.94 -26.42 -40.24
C TYR E 511 -36.53 -26.87 -40.59
N ALA E 512 -35.68 -25.94 -41.04
CA ALA E 512 -34.31 -26.28 -41.40
C ALA E 512 -33.42 -26.50 -40.18
N LEU E 513 -33.77 -25.88 -39.05
CA LEU E 513 -32.99 -26.05 -37.83
C LEU E 513 -33.27 -27.38 -37.16
N LEU E 514 -34.50 -27.91 -37.32
CA LEU E 514 -34.81 -29.24 -36.82
C LEU E 514 -34.12 -30.35 -37.62
N HIS E 515 -33.88 -30.12 -38.92
CA HIS E 515 -33.17 -31.11 -39.71
C HIS E 515 -31.66 -31.06 -39.50
N LEU E 516 -31.10 -29.87 -39.27
CA LEU E 516 -29.65 -29.71 -39.24
C LEU E 516 -29.06 -30.29 -37.96
N LEU E 517 -29.85 -30.33 -36.88
CA LEU E 517 -29.41 -30.93 -35.62
C LEU E 517 -29.33 -32.46 -35.67
N LEU E 518 -29.91 -33.09 -36.70
CA LEU E 518 -29.82 -34.54 -36.86
C LEU E 518 -28.61 -34.96 -37.68
N HIS E 519 -28.18 -34.14 -38.63
CA HIS E 519 -27.01 -34.44 -39.44
C HIS E 519 -25.73 -33.92 -38.80
N GLU E 520 -25.71 -32.64 -38.43
CA GLU E 520 -24.57 -32.01 -37.75
C GLU E 520 -25.12 -31.30 -36.52
N GLY E 521 -25.18 -32.02 -35.41
CA GLY E 521 -25.80 -31.50 -34.20
C GLY E 521 -24.96 -30.43 -33.54
N LYS E 522 -25.51 -29.21 -33.41
CA LYS E 522 -24.86 -27.95 -33.07
C LYS E 522 -23.63 -27.73 -33.94
N ALA E 523 -23.85 -27.20 -35.14
CA ALA E 523 -22.81 -27.03 -36.14
C ALA E 523 -22.37 -25.57 -36.19
N GLU E 524 -21.55 -25.24 -37.19
CA GLU E 524 -21.07 -23.86 -37.33
C GLU E 524 -22.16 -22.94 -37.86
N MET E 525 -23.10 -23.47 -38.62
CA MET E 525 -24.21 -22.68 -39.13
C MET E 525 -25.45 -22.77 -38.25
N ALA E 526 -25.67 -23.90 -37.58
CA ALA E 526 -26.83 -24.02 -36.69
C ALA E 526 -26.66 -23.22 -35.41
N ASP E 527 -25.42 -22.93 -35.01
CA ASP E 527 -25.19 -22.04 -33.88
C ASP E 527 -25.49 -20.59 -34.25
N GLN E 528 -25.44 -20.25 -35.54
CA GLN E 528 -25.75 -18.91 -36.02
C GLN E 528 -27.18 -18.78 -36.51
N ALA E 529 -27.75 -19.85 -37.10
CA ALA E 529 -29.13 -19.82 -37.55
C ALA E 529 -30.11 -19.87 -36.37
N SER E 530 -29.70 -20.42 -35.23
CA SER E 530 -30.55 -20.37 -34.04
C SER E 530 -30.64 -18.98 -33.47
N ALA E 531 -29.57 -18.19 -33.59
CA ALA E 531 -29.55 -16.84 -33.06
C ALA E 531 -30.35 -15.86 -33.92
N TRP E 532 -30.72 -16.23 -35.14
CA TRP E 532 -31.57 -15.37 -35.96
C TRP E 532 -33.02 -15.40 -35.48
N LEU E 533 -33.62 -16.59 -35.44
CA LEU E 533 -35.04 -16.69 -35.11
C LEU E 533 -35.31 -16.60 -33.61
N THR E 534 -34.27 -16.60 -32.78
CA THR E 534 -34.43 -16.18 -31.39
C THR E 534 -34.69 -14.67 -31.32
N ARG E 535 -34.00 -13.90 -32.17
CA ARG E 535 -34.25 -12.46 -32.26
C ARG E 535 -35.58 -12.17 -32.94
N GLN E 536 -36.05 -13.06 -33.82
CA GLN E 536 -37.33 -12.85 -34.48
C GLN E 536 -38.50 -13.07 -33.54
N GLY E 537 -38.35 -13.97 -32.57
CA GLY E 537 -39.32 -14.17 -31.53
C GLY E 537 -39.14 -13.28 -30.32
N SER E 538 -38.09 -12.46 -30.29
CA SER E 538 -37.86 -11.53 -29.21
C SER E 538 -38.54 -10.18 -29.42
N PHE E 539 -39.23 -10.00 -30.54
CA PHE E 539 -40.03 -8.81 -30.76
C PHE E 539 -41.32 -8.88 -29.95
N GLN E 540 -42.05 -7.77 -29.93
CA GLN E 540 -43.29 -7.65 -29.16
C GLN E 540 -44.40 -8.41 -29.87
N GLY E 541 -44.94 -9.45 -29.22
CA GLY E 541 -45.96 -10.29 -29.77
C GLY E 541 -45.50 -11.70 -30.09
N GLY E 542 -44.19 -11.93 -30.19
CA GLY E 542 -43.70 -13.26 -30.53
C GLY E 542 -43.90 -13.59 -32.00
N PHE E 543 -44.18 -14.85 -32.26
CA PHE E 543 -44.46 -15.31 -33.61
C PHE E 543 -45.92 -15.03 -33.96
N ARG E 544 -46.19 -14.88 -35.26
CA ARG E 544 -47.43 -14.25 -35.71
C ARG E 544 -48.35 -15.17 -36.50
N SER E 545 -48.12 -16.48 -36.50
CA SER E 545 -49.05 -17.40 -37.16
C SER E 545 -49.03 -18.72 -36.40
N THR E 546 -49.49 -19.79 -37.05
CA THR E 546 -49.62 -21.09 -36.39
C THR E 546 -48.37 -21.94 -36.55
N GLN E 547 -47.90 -22.14 -37.77
CA GLN E 547 -46.84 -23.10 -38.02
C GLN E 547 -45.46 -22.57 -37.66
N ASP E 548 -45.26 -21.25 -37.71
CA ASP E 548 -44.01 -20.68 -37.24
C ASP E 548 -43.95 -20.54 -35.72
N THR E 549 -45.07 -20.75 -35.02
CA THR E 549 -45.09 -20.76 -33.58
C THR E 549 -44.81 -22.16 -33.01
N VAL E 550 -45.41 -23.18 -33.63
CA VAL E 550 -45.29 -24.55 -33.11
C VAL E 550 -43.92 -25.14 -33.41
N ILE E 551 -43.47 -24.99 -34.66
CA ILE E 551 -42.25 -25.66 -35.10
C ILE E 551 -41.00 -24.96 -34.59
N ALA E 552 -41.02 -23.62 -34.48
CA ALA E 552 -39.86 -22.90 -33.93
C ALA E 552 -39.71 -23.11 -32.43
N LEU E 553 -40.82 -23.32 -31.72
CA LEU E 553 -40.72 -23.74 -30.32
C LEU E 553 -40.35 -25.23 -30.18
N ASP E 554 -40.52 -26.01 -31.24
CA ASP E 554 -39.94 -27.34 -31.30
C ASP E 554 -38.48 -27.31 -31.76
N ALA E 555 -38.08 -26.25 -32.47
CA ALA E 555 -36.71 -26.15 -32.96
C ALA E 555 -35.78 -25.57 -31.90
N LEU E 556 -36.22 -24.52 -31.21
CA LEU E 556 -35.39 -23.92 -30.16
C LEU E 556 -35.34 -24.76 -28.90
N SER E 557 -36.31 -25.66 -28.69
CA SER E 557 -36.22 -26.62 -27.60
C SER E 557 -35.22 -27.73 -27.92
N ALA E 558 -35.15 -28.15 -29.19
CA ALA E 558 -34.17 -29.16 -29.58
C ALA E 558 -32.77 -28.57 -29.64
N TYR E 559 -32.64 -27.27 -29.91
CA TYR E 559 -31.33 -26.62 -29.92
C TYR E 559 -30.80 -26.40 -28.51
N TRP E 560 -31.68 -26.06 -27.56
CA TRP E 560 -31.22 -25.74 -26.21
C TRP E 560 -30.80 -27.00 -25.45
N ILE E 561 -31.42 -28.14 -25.77
CA ILE E 561 -30.94 -29.41 -25.25
C ILE E 561 -29.59 -29.76 -25.85
N ALA E 562 -29.44 -29.59 -27.16
CA ALA E 562 -28.23 -29.95 -27.87
C ALA E 562 -27.06 -29.02 -27.58
N SER E 563 -27.32 -27.81 -27.07
CA SER E 563 -26.26 -26.90 -26.67
C SER E 563 -25.87 -27.06 -25.20
N HIS E 564 -26.60 -27.89 -24.44
CA HIS E 564 -26.33 -28.13 -23.03
C HIS E 564 -26.43 -29.64 -22.75
N THR E 565 -25.49 -30.41 -23.32
CA THR E 565 -25.55 -31.86 -23.18
C THR E 565 -24.19 -32.55 -23.24
N THR E 566 -23.09 -31.86 -22.92
CA THR E 566 -21.75 -32.43 -23.09
C THR E 566 -21.47 -33.53 -22.07
N GLU E 567 -20.90 -34.63 -22.56
CA GLU E 567 -20.84 -35.88 -21.83
C GLU E 567 -19.71 -36.77 -22.33
N GLU E 568 -18.67 -36.13 -22.88
CA GLU E 568 -17.50 -36.84 -23.40
C GLU E 568 -16.68 -37.39 -22.25
N ARG E 569 -16.47 -38.71 -22.23
CA ARG E 569 -15.92 -39.36 -21.05
C ARG E 569 -15.04 -40.56 -21.37
N GLY E 570 -14.93 -41.51 -20.44
CA GLY E 570 -14.09 -42.67 -20.62
C GLY E 570 -12.62 -42.42 -20.39
N LEU E 571 -11.87 -42.30 -21.50
CA LEU E 571 -10.39 -42.29 -21.55
C LEU E 571 -9.82 -43.52 -20.84
N ASN E 572 -10.05 -44.66 -21.48
CA ASN E 572 -9.43 -45.91 -21.06
C ASN E 572 -7.97 -45.90 -21.50
N VAL E 573 -7.06 -46.18 -20.57
CA VAL E 573 -5.63 -46.25 -20.91
C VAL E 573 -5.01 -47.40 -20.13
N THR E 574 -4.15 -48.17 -20.82
CA THR E 574 -3.56 -49.36 -20.23
C THR E 574 -2.08 -49.39 -20.59
N LEU E 575 -1.23 -49.59 -19.59
CA LEU E 575 0.21 -49.67 -19.78
C LEU E 575 0.70 -51.03 -19.32
N SER E 576 1.74 -51.54 -19.97
CA SER E 576 2.23 -52.89 -19.69
C SER E 576 3.72 -52.97 -20.00
N SER E 577 4.44 -53.76 -19.21
CA SER E 577 5.90 -53.81 -19.29
C SER E 577 6.41 -55.18 -18.84
N THR E 578 7.68 -55.45 -19.18
CA THR E 578 8.33 -56.71 -18.88
C THR E 578 9.77 -56.43 -18.47
N GLY E 579 10.24 -57.08 -17.41
CA GLY E 579 11.63 -56.93 -17.00
C GLY E 579 12.02 -57.59 -15.68
N ARG E 580 12.48 -56.75 -14.74
CA ARG E 580 12.87 -57.23 -13.41
C ARG E 580 11.68 -57.75 -12.61
N ASN E 581 10.51 -57.15 -12.79
CA ASN E 581 9.29 -57.57 -12.10
C ASN E 581 8.66 -58.82 -12.71
N GLY E 582 9.14 -59.28 -13.85
CA GLY E 582 8.34 -60.15 -14.69
C GLY E 582 7.43 -59.30 -15.56
N PHE E 583 6.27 -59.86 -15.92
CA PHE E 583 5.26 -59.11 -16.65
C PHE E 583 4.25 -58.52 -15.66
N LYS E 584 4.08 -57.21 -15.71
CA LYS E 584 3.07 -56.51 -14.92
C LYS E 584 2.41 -55.47 -15.81
N SER E 585 1.20 -55.07 -15.42
CA SER E 585 0.41 -54.13 -16.21
C SER E 585 -0.50 -53.32 -15.30
N HIS E 586 -0.69 -52.05 -15.65
CA HIS E 586 -1.58 -51.14 -14.93
C HIS E 586 -2.61 -50.57 -15.90
N ALA E 587 -3.89 -50.78 -15.61
CA ALA E 587 -4.98 -50.25 -16.41
C ALA E 587 -5.81 -49.29 -15.56
N LEU E 588 -6.23 -48.18 -16.16
CA LEU E 588 -6.96 -47.14 -15.46
C LEU E 588 -7.77 -46.30 -16.44
N GLN E 589 -8.98 -45.93 -16.05
CA GLN E 589 -9.74 -44.90 -16.75
C GLN E 589 -9.95 -43.69 -15.87
N LEU E 590 -9.86 -42.51 -16.49
CA LEU E 590 -9.81 -41.23 -15.80
C LEU E 590 -11.20 -40.64 -15.56
N ASN E 591 -11.97 -40.50 -16.62
CA ASN E 591 -12.92 -39.41 -16.75
C ASN E 591 -14.22 -39.72 -16.01
N ASN E 592 -14.44 -39.01 -14.89
CA ASN E 592 -15.76 -38.72 -14.36
C ASN E 592 -16.05 -37.22 -14.42
N ARG E 593 -15.11 -36.43 -14.94
CA ARG E 593 -15.14 -34.98 -15.17
C ARG E 593 -15.29 -34.18 -13.87
N GLN E 594 -14.98 -34.79 -12.73
CA GLN E 594 -14.80 -34.11 -11.46
C GLN E 594 -13.33 -33.90 -11.13
N ILE E 595 -12.52 -34.91 -11.41
CA ILE E 595 -11.11 -34.95 -11.04
C ILE E 595 -10.29 -34.39 -12.21
N ARG E 596 -9.26 -33.62 -11.89
CA ARG E 596 -8.42 -32.96 -12.90
C ARG E 596 -7.25 -33.80 -13.39
N GLY E 597 -6.97 -34.92 -12.72
CA GLY E 597 -5.87 -35.76 -13.19
C GLY E 597 -5.65 -36.91 -12.22
N LEU E 598 -4.95 -37.93 -12.71
CA LEU E 598 -4.62 -39.12 -11.93
C LEU E 598 -3.13 -39.35 -11.98
N GLU E 599 -2.57 -39.84 -10.88
CA GLU E 599 -1.16 -40.24 -10.82
C GLU E 599 -1.06 -41.59 -10.10
N GLU E 600 -0.27 -42.51 -10.67
CA GLU E 600 -0.05 -43.82 -10.05
C GLU E 600 1.44 -44.11 -9.92
N GLU E 601 1.74 -45.17 -9.17
CA GLU E 601 3.11 -45.46 -8.77
C GLU E 601 3.92 -46.14 -9.87
N LEU E 602 3.28 -47.04 -10.63
CA LEU E 602 3.77 -47.64 -11.89
C LEU E 602 5.09 -48.40 -11.66
N GLN E 603 4.97 -49.53 -10.95
CA GLN E 603 6.16 -50.33 -10.65
C GLN E 603 6.52 -51.18 -11.87
N PHE E 604 7.28 -50.58 -12.78
CA PHE E 604 7.72 -51.22 -14.01
C PHE E 604 9.24 -51.27 -14.05
N SER E 605 9.77 -52.49 -14.09
CA SER E 605 11.07 -52.97 -14.59
C SER E 605 12.28 -52.03 -14.49
N LEU E 606 12.65 -51.43 -15.62
CA LEU E 606 13.79 -50.53 -15.73
C LEU E 606 13.38 -49.44 -16.72
N GLY E 607 14.37 -48.81 -17.36
CA GLY E 607 14.12 -48.03 -18.55
C GLY E 607 14.15 -48.90 -19.79
N SER E 608 13.16 -49.78 -19.93
CA SER E 608 13.09 -50.74 -21.03
C SER E 608 11.66 -51.26 -21.15
N LYS E 609 11.23 -51.48 -22.41
CA LYS E 609 10.12 -52.37 -22.79
C LYS E 609 8.76 -51.96 -22.23
N ILE E 610 8.05 -51.04 -22.90
CA ILE E 610 6.79 -50.51 -22.38
C ILE E 610 5.77 -50.37 -23.50
N ASN E 611 4.59 -50.96 -23.30
CA ASN E 611 3.52 -51.01 -24.30
C ASN E 611 2.30 -50.30 -23.75
N VAL E 612 1.65 -49.49 -24.60
CA VAL E 612 0.53 -48.63 -24.21
C VAL E 612 -0.67 -48.97 -25.09
N LYS E 613 -1.84 -49.18 -24.49
CA LYS E 613 -3.10 -49.34 -25.21
C LYS E 613 -4.12 -48.35 -24.66
N VAL E 614 -4.70 -47.54 -25.56
CA VAL E 614 -5.55 -46.41 -25.17
C VAL E 614 -6.95 -46.65 -25.75
N GLY E 615 -7.97 -46.28 -24.98
CA GLY E 615 -9.35 -46.28 -25.44
C GLY E 615 -10.09 -45.04 -24.98
N GLY E 616 -11.43 -45.07 -25.02
CA GLY E 616 -12.21 -43.88 -24.74
C GLY E 616 -12.38 -43.01 -25.98
N ASN E 617 -12.79 -41.76 -25.75
CA ASN E 617 -13.10 -40.85 -26.86
C ASN E 617 -12.93 -39.39 -26.45
N SER E 618 -11.91 -39.08 -25.64
CA SER E 618 -11.72 -37.74 -25.13
C SER E 618 -10.26 -37.32 -25.27
N LYS E 619 -10.04 -36.01 -25.28
CA LYS E 619 -8.71 -35.46 -25.42
C LYS E 619 -7.94 -35.60 -24.10
N GLY E 620 -6.69 -36.06 -24.19
CA GLY E 620 -5.88 -36.26 -23.01
C GLY E 620 -4.46 -35.76 -23.21
N THR E 621 -3.70 -35.78 -22.11
CA THR E 621 -2.30 -35.36 -22.11
C THR E 621 -1.55 -36.28 -21.16
N LEU E 622 -0.69 -37.14 -21.71
CA LEU E 622 0.05 -38.12 -20.93
C LEU E 622 1.44 -37.61 -20.61
N LYS E 623 1.86 -37.78 -19.36
CA LYS E 623 3.20 -37.42 -18.90
C LYS E 623 3.79 -38.60 -18.14
N VAL E 624 4.96 -39.06 -18.56
CA VAL E 624 5.66 -40.16 -17.90
C VAL E 624 6.90 -39.58 -17.24
N LEU E 625 6.99 -39.73 -15.92
CA LEU E 625 8.08 -39.16 -15.12
C LEU E 625 9.02 -40.29 -14.70
N ARG E 626 10.07 -40.50 -15.49
CA ARG E 626 11.14 -41.43 -15.13
C ARG E 626 12.24 -40.67 -14.39
N THR E 627 12.52 -41.11 -13.17
CA THR E 627 13.53 -40.50 -12.32
C THR E 627 14.63 -41.52 -12.01
N TYR E 628 15.89 -41.12 -12.21
CA TYR E 628 17.03 -41.96 -11.90
C TYR E 628 18.21 -41.07 -11.54
N ASN E 629 19.31 -41.70 -11.12
CA ASN E 629 20.51 -40.98 -10.73
C ASN E 629 21.46 -40.81 -11.91
N VAL E 630 22.06 -39.63 -12.01
CA VAL E 630 22.91 -39.25 -13.13
C VAL E 630 24.34 -39.17 -12.59
N LEU E 631 25.30 -38.83 -13.44
CA LEU E 631 26.72 -38.75 -13.12
C LEU E 631 27.03 -37.61 -12.15
N ASP E 632 28.30 -37.55 -11.73
CA ASP E 632 28.72 -36.60 -10.70
C ASP E 632 28.78 -35.18 -11.24
N MET E 633 29.33 -35.01 -12.45
CA MET E 633 29.53 -33.75 -13.21
C MET E 633 30.46 -32.85 -12.38
N LYS E 634 30.25 -31.53 -12.33
CA LYS E 634 31.20 -30.58 -11.79
C LYS E 634 31.25 -30.67 -10.27
N ASN E 635 32.46 -30.45 -9.73
CA ASN E 635 32.68 -30.53 -8.28
C ASN E 635 31.99 -29.38 -7.55
N THR E 636 32.00 -28.19 -8.16
CA THR E 636 31.40 -26.92 -7.68
C THR E 636 31.85 -26.55 -6.27
N THR E 637 33.17 -26.47 -6.09
CA THR E 637 33.73 -26.27 -4.76
C THR E 637 33.89 -24.77 -4.52
N CYS E 638 32.79 -24.15 -4.08
CA CYS E 638 32.66 -22.74 -3.67
C CYS E 638 33.12 -21.74 -4.73
N GLN E 639 32.23 -21.35 -5.63
CA GLN E 639 32.61 -20.42 -6.69
C GLN E 639 32.03 -19.03 -6.50
N ASP E 640 30.94 -18.88 -5.75
CA ASP E 640 30.43 -17.56 -5.41
C ASP E 640 31.16 -17.01 -4.19
N LEU E 641 30.83 -17.52 -3.01
CA LEU E 641 31.50 -17.12 -1.78
C LEU E 641 32.77 -17.95 -1.57
N GLN E 642 33.69 -17.40 -0.79
CA GLN E 642 34.97 -18.03 -0.50
C GLN E 642 35.25 -17.94 0.99
N ILE E 643 35.86 -18.98 1.55
CA ILE E 643 36.33 -18.96 2.94
C ILE E 643 37.56 -19.87 3.04
N GLU E 644 38.62 -19.35 3.65
CA GLU E 644 39.86 -20.08 3.89
C GLU E 644 40.37 -19.76 5.29
N VAL E 645 41.03 -20.74 5.91
CA VAL E 645 41.57 -20.59 7.25
C VAL E 645 42.80 -21.49 7.39
N THR E 646 43.90 -20.92 7.89
CA THR E 646 45.18 -21.60 8.04
C THR E 646 45.69 -21.36 9.45
N VAL E 647 46.12 -22.43 10.12
CA VAL E 647 46.59 -22.37 11.50
C VAL E 647 48.04 -22.83 11.55
N LYS E 648 48.86 -22.16 12.38
CA LYS E 648 50.26 -22.49 12.56
C LYS E 648 50.55 -22.64 14.04
N GLY E 649 51.39 -23.62 14.40
CA GLY E 649 51.81 -23.81 15.77
C GLY E 649 51.90 -25.27 16.13
N HIS E 650 52.06 -25.53 17.43
CA HIS E 650 52.23 -26.87 17.96
C HIS E 650 51.18 -27.10 19.05
N VAL E 651 50.49 -28.24 18.97
CA VAL E 651 49.41 -28.60 19.89
C VAL E 651 49.80 -29.90 20.59
N GLU E 652 49.65 -29.94 21.92
CA GLU E 652 49.84 -31.17 22.67
C GLU E 652 48.72 -32.17 22.38
N TYR E 653 49.08 -33.44 22.26
CA TYR E 653 48.13 -34.52 22.02
C TYR E 653 48.34 -35.63 23.04
N THR E 654 47.39 -36.57 23.07
CA THR E 654 47.47 -37.76 23.90
C THR E 654 47.28 -38.99 23.02
N MET E 655 47.74 -40.14 23.56
CA MET E 655 47.61 -41.49 22.99
C MET E 655 48.33 -41.53 21.64
N GLU E 656 47.63 -41.83 20.54
CA GLU E 656 48.08 -42.02 19.14
C GLU E 656 49.07 -43.21 19.13
N ALA E 657 50.01 -43.26 18.18
CA ALA E 657 50.88 -44.42 18.02
C ALA E 657 52.16 -43.99 17.32
N ASN E 658 53.13 -44.90 17.34
CA ASN E 658 54.40 -44.73 16.63
C ASN E 658 54.95 -46.10 16.25
N GLN F 9 50.33 -21.02 34.43
CA GLN F 9 50.99 -20.99 33.13
C GLN F 9 50.05 -21.55 32.08
N GLU F 10 49.81 -20.76 31.03
CA GLU F 10 48.92 -21.13 29.95
C GLU F 10 49.63 -21.00 28.60
N SER F 11 49.24 -21.86 27.66
CA SER F 11 49.82 -21.92 26.33
C SER F 11 48.76 -21.65 25.28
N ARG F 12 49.21 -21.14 24.12
CA ARG F 12 48.29 -20.64 23.11
C ARG F 12 48.89 -20.77 21.72
N VAL F 13 48.00 -20.74 20.72
CA VAL F 13 48.33 -20.96 19.31
C VAL F 13 47.72 -19.80 18.52
N HIS F 14 48.14 -19.66 17.25
CA HIS F 14 47.73 -18.54 16.41
C HIS F 14 46.98 -19.04 15.17
N TYR F 15 45.90 -18.35 14.82
CA TYR F 15 45.10 -18.60 13.63
C TYR F 15 45.29 -17.52 12.57
N THR F 16 44.82 -17.81 11.37
CA THR F 16 44.80 -16.86 10.26
C THR F 16 43.60 -17.20 9.38
N VAL F 17 42.67 -16.26 9.25
CA VAL F 17 41.42 -16.45 8.50
C VAL F 17 41.42 -15.46 7.34
N CYS F 18 41.27 -15.97 6.11
CA CYS F 18 41.29 -15.15 4.91
C CYS F 18 40.09 -15.50 4.04
N ILE F 19 39.18 -14.54 3.83
CA ILE F 19 38.10 -14.74 2.87
C ILE F 19 38.15 -13.64 1.81
N TRP F 20 37.44 -13.90 0.72
CA TRP F 20 37.20 -12.94 -0.36
C TRP F 20 35.92 -13.37 -1.08
N ARG F 21 35.69 -12.81 -2.26
CA ARG F 21 34.60 -13.30 -3.09
C ARG F 21 35.02 -13.29 -4.56
N ASN F 22 34.38 -14.18 -5.32
CA ASN F 22 34.30 -14.08 -6.78
C ASN F 22 32.88 -13.80 -7.21
N GLY F 23 32.02 -13.38 -6.27
CA GLY F 23 30.60 -13.24 -6.51
C GLY F 23 30.17 -11.86 -6.93
N LYS F 24 30.94 -11.24 -7.83
CA LYS F 24 30.46 -10.05 -8.52
C LYS F 24 29.46 -10.40 -9.62
N VAL F 25 29.46 -11.64 -10.08
CA VAL F 25 28.45 -12.16 -10.99
C VAL F 25 27.35 -12.91 -10.24
N GLY F 26 27.34 -12.86 -8.92
CA GLY F 26 26.36 -13.58 -8.13
C GLY F 26 25.60 -12.69 -7.15
N LEU F 27 25.08 -13.30 -6.08
CA LEU F 27 24.31 -12.56 -5.08
C LEU F 27 25.26 -11.84 -4.13
N SER F 28 25.12 -10.52 -4.05
CA SER F 28 26.00 -9.70 -3.23
C SER F 28 25.35 -9.39 -1.88
N GLY F 29 26.05 -8.60 -1.08
CA GLY F 29 25.59 -8.21 0.23
C GLY F 29 26.69 -8.40 1.26
N MET F 30 26.27 -8.55 2.52
CA MET F 30 27.20 -8.74 3.62
C MET F 30 27.40 -10.25 3.85
N ALA F 31 28.08 -10.61 4.93
CA ALA F 31 28.41 -12.01 5.18
C ALA F 31 28.54 -12.26 6.68
N ILE F 32 28.23 -13.49 7.08
CA ILE F 32 28.44 -13.98 8.44
C ILE F 32 29.46 -15.12 8.38
N ALA F 33 30.53 -14.99 9.15
CA ALA F 33 31.55 -16.04 9.25
C ALA F 33 31.24 -16.94 10.44
N ASP F 34 31.07 -18.23 10.17
CA ASP F 34 30.78 -19.25 11.18
C ASP F 34 31.88 -20.30 11.08
N VAL F 35 32.83 -20.27 12.01
CA VAL F 35 33.91 -21.23 12.03
C VAL F 35 33.80 -22.06 13.30
N THR F 36 34.49 -23.19 13.30
CA THR F 36 34.58 -24.07 14.45
C THR F 36 36.06 -24.26 14.79
N LEU F 37 36.41 -24.06 16.06
CA LEU F 37 37.78 -24.24 16.52
C LEU F 37 38.06 -25.71 16.77
N LEU F 38 39.16 -26.01 17.47
CA LEU F 38 39.46 -27.38 17.83
C LEU F 38 38.61 -27.82 19.02
N SER F 39 38.76 -29.09 19.41
CA SER F 39 37.83 -29.72 20.35
C SER F 39 38.02 -29.26 21.79
N GLY F 40 39.14 -28.63 22.11
CA GLY F 40 39.33 -28.09 23.43
C GLY F 40 39.95 -26.70 23.45
N PHE F 41 39.71 -25.91 22.41
CA PHE F 41 40.25 -24.55 22.35
C PHE F 41 39.09 -23.56 22.44
N HIS F 42 39.36 -22.41 23.03
CA HIS F 42 38.49 -21.25 22.86
C HIS F 42 39.33 -20.04 22.51
N ALA F 43 38.73 -19.12 21.75
CA ALA F 43 39.44 -17.99 21.21
C ALA F 43 39.70 -16.94 22.27
N LEU F 44 40.84 -16.26 22.15
CA LEU F 44 41.18 -15.17 23.05
C LEU F 44 40.41 -13.93 22.61
N ARG F 45 39.65 -13.34 23.55
CA ARG F 45 38.69 -12.30 23.22
C ARG F 45 39.35 -10.95 22.91
N ALA F 46 40.50 -10.68 23.55
CA ALA F 46 41.16 -9.39 23.36
C ALA F 46 41.83 -9.24 22.00
N ASP F 47 42.14 -10.35 21.33
CA ASP F 47 42.65 -10.28 19.96
C ASP F 47 41.55 -10.01 18.94
N LEU F 48 40.30 -10.33 19.29
CA LEU F 48 39.19 -10.18 18.35
C LEU F 48 38.66 -8.76 18.31
N GLU F 49 38.66 -8.05 19.44
CA GLU F 49 38.20 -6.67 19.48
C GLU F 49 39.26 -5.68 19.05
N LYS F 50 40.45 -6.14 18.65
CA LYS F 50 41.37 -5.31 17.89
C LYS F 50 40.81 -4.98 16.52
N LEU F 51 40.07 -5.92 15.92
CA LEU F 51 39.44 -5.74 14.63
C LEU F 51 38.00 -5.23 14.74
N THR F 52 37.66 -4.56 15.84
CA THR F 52 36.37 -3.93 16.00
C THR F 52 36.48 -2.42 16.25
N SER F 53 37.66 -1.94 16.64
CA SER F 53 37.87 -0.53 16.93
C SER F 53 38.66 0.21 15.85
N LEU F 54 39.10 -0.47 14.80
CA LEU F 54 39.88 0.18 13.75
C LEU F 54 38.97 0.93 12.79
N SER F 55 39.59 1.70 11.89
CA SER F 55 38.83 2.39 10.85
C SER F 55 38.48 1.45 9.71
N ASP F 56 39.50 0.82 9.11
CA ASP F 56 39.28 -0.26 8.15
C ASP F 56 39.35 -1.58 8.91
N ARG F 57 38.32 -1.78 9.74
CA ARG F 57 38.31 -2.80 10.77
C ARG F 57 37.84 -4.17 10.29
N TYR F 58 37.25 -4.23 9.08
CA TYR F 58 36.68 -5.40 8.41
C TYR F 58 35.54 -6.03 9.20
N VAL F 59 35.86 -6.63 10.36
CA VAL F 59 34.84 -7.16 11.26
C VAL F 59 34.06 -6.01 11.89
N SER F 60 32.74 -6.11 11.87
CA SER F 60 31.91 -5.10 12.53
C SER F 60 31.36 -5.57 13.87
N HIS F 61 31.27 -6.88 14.09
CA HIS F 61 30.69 -7.44 15.31
C HIS F 61 31.22 -8.85 15.50
N PHE F 62 31.54 -9.20 16.76
CA PHE F 62 31.98 -10.54 17.10
C PHE F 62 31.31 -10.95 18.41
N GLU F 63 31.14 -12.26 18.57
CA GLU F 63 30.72 -12.87 19.84
C GLU F 63 31.13 -14.33 19.83
N THR F 64 31.88 -14.74 20.85
CA THR F 64 32.36 -16.11 20.97
C THR F 64 31.89 -16.73 22.27
N GLU F 65 31.79 -18.07 22.26
CA GLU F 65 31.54 -18.86 23.47
C GLU F 65 32.12 -20.25 23.22
N GLY F 66 33.33 -20.48 23.72
CA GLY F 66 33.98 -21.75 23.55
C GLY F 66 34.61 -21.90 22.18
N PRO F 67 34.48 -23.13 21.57
CA PRO F 67 35.07 -23.41 20.25
C PRO F 67 34.24 -22.95 19.05
N HIS F 68 33.80 -21.69 19.09
CA HIS F 68 32.84 -21.22 18.10
C HIS F 68 32.97 -19.70 17.99
N VAL F 69 33.33 -19.21 16.80
CA VAL F 69 33.55 -17.79 16.56
C VAL F 69 32.55 -17.32 15.50
N LEU F 70 31.79 -16.28 15.83
CA LEU F 70 30.87 -15.64 14.90
C LEU F 70 31.40 -14.27 14.52
N LEU F 71 31.51 -14.01 13.22
CA LEU F 71 32.06 -12.76 12.70
C LEU F 71 31.14 -12.23 11.61
N TYR F 72 30.66 -11.00 11.80
CA TYR F 72 29.89 -10.28 10.79
C TYR F 72 30.82 -9.38 9.99
N PHE F 73 30.80 -9.51 8.67
CA PHE F 73 31.55 -8.62 7.80
C PHE F 73 30.57 -7.73 7.06
N ASP F 74 30.88 -6.45 6.97
CA ASP F 74 30.03 -5.51 6.25
C ASP F 74 30.43 -5.32 4.80
N SER F 75 31.62 -5.77 4.41
CA SER F 75 32.10 -5.62 3.05
C SER F 75 32.99 -6.82 2.70
N VAL F 76 32.83 -7.32 1.48
CA VAL F 76 33.60 -8.43 0.96
C VAL F 76 34.28 -7.98 -0.33
N PRO F 77 35.60 -8.18 -0.50
CA PRO F 77 36.26 -7.67 -1.70
C PRO F 77 36.56 -8.76 -2.73
N THR F 78 37.14 -8.36 -3.87
CA THR F 78 37.55 -9.31 -4.88
C THR F 78 38.99 -9.81 -4.69
N SER F 79 39.79 -9.11 -3.89
CA SER F 79 41.14 -9.55 -3.58
C SER F 79 41.18 -10.14 -2.17
N ARG F 80 42.32 -10.74 -1.83
CA ARG F 80 42.46 -11.45 -0.56
C ARG F 80 42.56 -10.49 0.62
N GLU F 81 41.76 -10.76 1.65
CA GLU F 81 41.68 -10.00 2.89
C GLU F 81 41.76 -10.94 4.07
N CYS F 82 42.70 -10.69 4.99
CA CYS F 82 43.06 -11.64 6.03
C CYS F 82 42.96 -11.03 7.42
N VAL F 83 42.43 -11.81 8.36
CA VAL F 83 42.29 -11.46 9.77
C VAL F 83 42.85 -12.60 10.60
N GLY F 84 43.83 -12.32 11.45
CA GLY F 84 44.44 -13.32 12.31
C GLY F 84 44.15 -13.07 13.78
N PHE F 85 44.09 -14.15 14.56
CA PHE F 85 43.82 -14.07 15.98
C PHE F 85 44.46 -15.26 16.69
N GLU F 86 44.24 -15.36 18.00
CA GLU F 86 44.82 -16.42 18.81
C GLU F 86 43.74 -17.17 19.57
N ALA F 87 44.12 -18.35 20.09
CA ALA F 87 43.23 -19.19 20.87
C ALA F 87 44.06 -20.03 21.83
N VAL F 88 43.61 -20.14 23.07
CA VAL F 88 44.34 -20.87 24.10
C VAL F 88 43.85 -22.32 24.16
N GLN F 89 44.53 -23.14 24.97
CA GLN F 89 44.23 -24.57 25.07
C GLN F 89 43.73 -24.90 26.47
N GLU F 90 42.59 -25.58 26.54
CA GLU F 90 42.00 -26.04 27.79
C GLU F 90 42.42 -27.47 28.14
N VAL F 91 42.20 -28.39 27.20
CA VAL F 91 42.41 -29.83 27.42
C VAL F 91 43.21 -30.33 26.22
N PRO F 92 44.06 -31.35 26.37
CA PRO F 92 44.67 -31.96 25.19
C PRO F 92 43.66 -32.71 24.34
N VAL F 93 43.93 -32.74 23.03
CA VAL F 93 43.05 -33.36 22.05
C VAL F 93 43.45 -34.81 21.88
N GLY F 94 42.48 -35.72 21.98
CA GLY F 94 42.75 -37.15 21.98
C GLY F 94 42.69 -37.86 20.64
N LEU F 95 42.45 -37.13 19.55
CA LEU F 95 42.30 -37.74 18.23
C LEU F 95 42.64 -36.73 17.14
N VAL F 96 43.21 -37.22 16.04
CA VAL F 96 43.54 -36.40 14.89
C VAL F 96 42.36 -36.34 13.92
N GLN F 97 41.90 -35.12 13.64
CA GLN F 97 40.60 -34.83 13.07
C GLN F 97 40.46 -33.37 12.61
N PRO F 98 39.93 -33.13 11.41
CA PRO F 98 39.76 -31.76 10.90
C PRO F 98 38.51 -31.09 11.46
N ALA F 99 38.25 -29.88 10.97
CA ALA F 99 37.05 -29.12 11.34
C ALA F 99 36.58 -28.32 10.13
N SER F 100 35.43 -27.67 10.28
CA SER F 100 34.78 -26.97 9.17
C SER F 100 34.71 -25.47 9.43
N ALA F 101 34.30 -24.74 8.39
CA ALA F 101 34.09 -23.30 8.45
C ALA F 101 33.06 -22.94 7.38
N THR F 102 31.97 -22.29 7.79
CA THR F 102 30.85 -22.00 6.89
C THR F 102 30.67 -20.49 6.79
N LEU F 103 30.64 -19.97 5.56
CA LEU F 103 30.46 -18.55 5.29
C LEU F 103 29.07 -18.35 4.70
N TYR F 104 28.19 -17.70 5.46
CA TYR F 104 26.82 -17.47 5.05
C TYR F 104 26.68 -16.12 4.35
N ASP F 105 25.72 -16.05 3.42
CA ASP F 105 25.27 -14.75 2.90
C ASP F 105 24.26 -14.18 3.86
N TYR F 106 24.28 -12.84 4.01
CA TYR F 106 23.57 -12.21 5.11
C TYR F 106 22.08 -12.05 4.84
N TYR F 107 21.68 -11.83 3.59
CA TYR F 107 20.25 -11.74 3.26
C TYR F 107 19.64 -13.04 2.78
N ASN F 108 20.45 -13.98 2.28
CA ASN F 108 19.94 -15.26 1.77
C ASN F 108 20.86 -16.37 2.27
N PRO F 109 20.55 -16.98 3.42
CA PRO F 109 21.47 -17.94 4.04
C PRO F 109 21.59 -19.28 3.33
N GLU F 110 20.72 -19.60 2.37
CA GLU F 110 20.86 -20.86 1.63
C GLU F 110 21.96 -20.80 0.60
N ARG F 111 22.36 -19.62 0.15
CA ARG F 111 23.57 -19.44 -0.65
C ARG F 111 24.75 -19.27 0.31
N ARG F 112 25.58 -20.30 0.41
CA ARG F 112 26.65 -20.35 1.40
C ARG F 112 27.84 -21.10 0.84
N CYS F 113 28.85 -21.31 1.69
CA CYS F 113 30.11 -21.96 1.32
C CYS F 113 30.72 -22.59 2.56
N SER F 114 30.97 -23.89 2.51
CA SER F 114 31.51 -24.65 3.64
C SER F 114 32.80 -25.32 3.21
N VAL F 115 33.93 -24.89 3.80
CA VAL F 115 35.26 -25.37 3.46
C VAL F 115 35.88 -25.98 4.71
N PHE F 116 36.40 -27.21 4.58
CA PHE F 116 37.09 -27.89 5.67
C PHE F 116 38.51 -27.37 5.82
N TYR F 117 39.06 -27.53 7.03
CA TYR F 117 40.45 -27.20 7.28
C TYR F 117 41.01 -28.19 8.29
N GLY F 118 42.32 -28.44 8.19
CA GLY F 118 42.96 -29.48 8.96
C GLY F 118 43.93 -28.95 10.01
N ALA F 119 44.66 -29.89 10.61
CA ALA F 119 45.66 -29.62 11.63
C ALA F 119 46.89 -28.97 11.00
N PRO F 120 47.68 -28.20 11.78
CA PRO F 120 48.90 -27.62 11.19
C PRO F 120 49.99 -28.64 10.89
N SER F 121 50.06 -29.73 11.65
CA SER F 121 51.04 -30.77 11.38
C SER F 121 50.48 -31.92 10.54
N LYS F 122 49.17 -32.11 10.52
CA LYS F 122 48.57 -33.20 9.78
C LYS F 122 47.98 -32.66 8.46
N SER F 123 47.11 -33.43 7.82
CA SER F 123 46.52 -33.07 6.55
C SER F 123 45.11 -32.51 6.76
N ARG F 124 44.35 -32.37 5.67
CA ARG F 124 43.00 -31.83 5.73
C ARG F 124 41.97 -32.95 5.74
N LEU F 125 41.87 -33.68 4.63
CA LEU F 125 40.86 -34.73 4.51
C LEU F 125 41.28 -35.97 5.29
N LEU F 126 40.31 -36.83 5.56
CA LEU F 126 40.61 -38.11 6.20
C LEU F 126 41.28 -39.06 5.22
N ALA F 127 42.00 -40.03 5.77
CA ALA F 127 42.72 -41.00 4.96
C ALA F 127 41.72 -42.02 4.39
N THR F 128 41.65 -42.09 3.07
CA THR F 128 40.79 -43.05 2.40
C THR F 128 41.46 -43.51 1.11
N LEU F 129 41.18 -44.76 0.73
CA LEU F 129 41.79 -45.40 -0.42
C LEU F 129 40.73 -45.46 -1.52
N CYS F 130 40.88 -44.62 -2.53
CA CYS F 130 39.90 -44.51 -3.61
C CYS F 130 40.50 -45.02 -4.91
N SER F 131 39.94 -46.12 -5.41
CA SER F 131 40.29 -46.67 -6.71
C SER F 131 39.02 -47.25 -7.32
N ALA F 132 38.86 -47.02 -8.63
CA ALA F 132 37.63 -47.21 -9.43
C ALA F 132 36.50 -46.43 -8.75
N GLU F 133 35.31 -47.00 -8.58
CA GLU F 133 34.17 -46.27 -8.04
C GLU F 133 33.95 -46.48 -6.55
N VAL F 134 34.71 -47.37 -5.91
CA VAL F 134 34.50 -47.75 -4.52
C VAL F 134 35.69 -47.27 -3.70
N CYS F 135 35.41 -46.56 -2.61
CA CYS F 135 36.44 -46.12 -1.68
C CYS F 135 36.35 -46.93 -0.38
N GLN F 136 37.43 -46.86 0.41
CA GLN F 136 37.59 -47.67 1.61
C GLN F 136 38.26 -46.83 2.68
N CYS F 137 37.87 -47.06 3.94
CA CYS F 137 38.47 -46.39 5.07
C CYS F 137 39.92 -46.82 5.28
N ALA F 138 40.71 -45.93 5.86
CA ALA F 138 42.14 -46.18 6.02
C ALA F 138 42.63 -45.52 7.31
N GLU F 139 41.87 -45.68 8.40
CA GLU F 139 42.24 -45.19 9.72
C GLU F 139 42.52 -46.36 10.65
N GLY F 140 43.00 -46.03 11.85
CA GLY F 140 43.18 -47.05 12.87
C GLY F 140 44.61 -47.48 13.13
N LYS F 141 45.31 -46.67 13.93
CA LYS F 141 46.66 -46.91 14.52
C LYS F 141 47.66 -47.02 13.35
N CYS F 142 48.63 -47.92 13.41
CA CYS F 142 49.59 -48.17 12.35
C CYS F 142 49.92 -49.66 12.35
N PRO F 143 50.19 -50.25 11.18
CA PRO F 143 50.67 -51.64 11.17
C PRO F 143 52.12 -51.71 11.63
N ARG F 144 52.40 -52.70 12.48
CA ARG F 144 53.73 -52.90 13.02
C ARG F 144 54.39 -54.10 12.36
N GLN F 145 55.70 -54.02 12.20
CA GLN F 145 56.48 -55.11 11.64
C GLN F 145 56.88 -56.07 12.75
N ARG F 146 56.37 -57.30 12.68
CA ARG F 146 56.77 -58.35 13.61
C ARG F 146 57.90 -59.17 13.02
N ARG F 147 58.81 -59.61 13.89
CA ARG F 147 59.97 -60.37 13.48
C ARG F 147 59.99 -61.78 14.07
N ALA F 148 59.30 -62.01 15.20
CA ALA F 148 59.02 -63.30 15.86
C ALA F 148 60.27 -64.05 16.35
N LEU F 149 61.23 -64.31 15.47
CA LEU F 149 62.44 -65.02 15.85
C LEU F 149 63.34 -64.17 16.72
N GLU F 150 63.38 -62.86 16.46
CA GLU F 150 64.08 -61.92 17.33
C GLU F 150 63.27 -61.61 18.58
N ARG F 151 61.94 -61.55 18.45
CA ARG F 151 61.08 -61.20 19.58
C ARG F 151 60.86 -62.39 20.51
N GLY F 158 52.82 -65.54 20.45
CA GLY F 158 51.38 -65.49 20.30
C GLY F 158 50.84 -66.59 19.41
N TYR F 159 51.68 -67.04 18.46
CA TYR F 159 51.51 -68.14 17.50
C TYR F 159 50.45 -67.85 16.43
N ARG F 160 50.68 -68.38 15.23
CA ARG F 160 49.97 -67.92 14.04
C ARG F 160 48.55 -68.46 13.93
N MET F 161 48.32 -69.72 14.35
CA MET F 161 47.01 -70.35 14.16
C MET F 161 45.96 -69.76 15.11
N LYS F 162 46.39 -69.24 16.25
CA LYS F 162 45.49 -68.53 17.16
C LYS F 162 45.02 -67.21 16.56
N PHE F 163 45.89 -66.54 15.79
CA PHE F 163 45.55 -65.31 15.13
C PHE F 163 44.85 -65.55 13.78
N ALA F 164 45.00 -66.74 13.20
CA ALA F 164 44.50 -66.97 11.85
C ALA F 164 43.01 -67.24 11.80
N CYS F 165 42.43 -67.83 12.86
CA CYS F 165 41.09 -68.38 12.73
C CYS F 165 40.10 -67.87 13.75
N TYR F 166 40.56 -67.48 14.93
CA TYR F 166 39.66 -67.34 16.08
C TYR F 166 39.46 -65.92 16.58
N TYR F 167 40.50 -65.08 16.62
CA TYR F 167 40.32 -63.81 17.30
C TYR F 167 40.03 -62.63 16.35
N PRO F 168 40.64 -62.50 15.12
CA PRO F 168 40.07 -61.53 14.18
C PRO F 168 39.28 -62.17 13.04
N ARG F 169 39.37 -63.50 12.91
CA ARG F 169 39.02 -64.30 11.73
C ARG F 169 39.68 -63.74 10.48
N VAL F 170 40.91 -64.18 10.20
CA VAL F 170 41.67 -63.67 9.07
C VAL F 170 41.12 -64.26 7.77
N GLU F 171 40.78 -63.39 6.83
CA GLU F 171 40.05 -63.75 5.62
C GLU F 171 40.95 -64.26 4.50
N TYR F 172 42.10 -63.62 4.24
CA TYR F 172 43.00 -64.07 3.19
C TYR F 172 44.34 -64.50 3.79
N GLY F 173 44.91 -65.57 3.22
CA GLY F 173 46.25 -66.00 3.56
C GLY F 173 47.15 -66.05 2.35
N PHE F 174 48.26 -65.30 2.39
CA PHE F 174 49.21 -65.27 1.28
C PHE F 174 50.62 -65.13 1.79
N GLN F 175 51.55 -65.84 1.17
CA GLN F 175 52.96 -65.48 1.21
C GLN F 175 53.31 -64.92 -0.17
N VAL F 176 54.12 -63.86 -0.19
CA VAL F 176 54.15 -62.98 -1.35
C VAL F 176 55.52 -62.30 -1.44
N LYS F 177 55.88 -61.86 -2.64
CA LYS F 177 57.19 -61.27 -2.93
C LYS F 177 57.03 -59.79 -3.28
N VAL F 178 57.79 -58.93 -2.59
CA VAL F 178 57.68 -57.49 -2.74
C VAL F 178 58.55 -57.03 -3.91
N LEU F 179 57.99 -56.19 -4.78
CA LEU F 179 58.73 -55.70 -5.94
C LEU F 179 58.92 -54.18 -5.91
N ARG F 180 57.95 -53.44 -6.45
CA ARG F 180 58.04 -52.00 -6.65
C ARG F 180 57.39 -51.25 -5.49
N GLU F 181 58.05 -50.18 -5.03
CA GLU F 181 57.52 -49.30 -3.99
C GLU F 181 57.15 -47.96 -4.62
N ASP F 182 55.85 -47.69 -4.71
CA ASP F 182 55.35 -46.43 -5.25
C ASP F 182 55.03 -45.45 -4.12
N SER F 183 54.50 -44.29 -4.51
CA SER F 183 54.05 -43.28 -3.57
C SER F 183 52.88 -42.54 -4.24
N ARG F 184 51.68 -43.01 -3.97
CA ARG F 184 50.46 -42.48 -4.56
C ARG F 184 49.65 -41.79 -3.48
N ALA F 185 49.47 -40.46 -3.64
CA ALA F 185 48.82 -39.54 -2.71
C ALA F 185 49.43 -39.62 -1.31
N ALA F 186 48.62 -40.00 -0.32
CA ALA F 186 49.08 -40.18 1.05
C ALA F 186 49.35 -41.65 1.39
N PHE F 187 49.83 -42.42 0.41
CA PHE F 187 50.07 -43.85 0.60
C PHE F 187 51.40 -44.22 0.00
N ARG F 188 51.84 -45.44 0.29
CA ARG F 188 52.99 -46.05 -0.37
C ARG F 188 52.58 -47.45 -0.80
N LEU F 189 52.41 -47.63 -2.11
CA LEU F 189 51.89 -48.86 -2.69
C LEU F 189 53.01 -49.85 -2.92
N PHE F 190 52.67 -51.14 -2.92
CA PHE F 190 53.62 -52.22 -3.13
C PHE F 190 53.08 -53.18 -4.18
N GLU F 191 53.67 -53.16 -5.38
CA GLU F 191 53.36 -54.18 -6.38
C GLU F 191 54.00 -55.49 -5.95
N THR F 192 53.21 -56.57 -6.00
CA THR F 192 53.66 -57.85 -5.46
C THR F 192 53.39 -58.97 -6.46
N LYS F 193 53.78 -60.19 -6.04
CA LYS F 193 53.67 -61.39 -6.87
C LYS F 193 53.42 -62.57 -5.94
N ILE F 194 52.30 -63.27 -6.14
CA ILE F 194 51.85 -64.30 -5.20
C ILE F 194 52.72 -65.55 -5.32
N THR F 195 53.29 -65.99 -4.18
CA THR F 195 54.05 -67.23 -4.14
C THR F 195 53.13 -68.43 -3.93
N GLN F 196 52.41 -68.47 -2.81
CA GLN F 196 51.54 -69.60 -2.48
C GLN F 196 50.24 -69.08 -1.89
N VAL F 197 49.12 -69.61 -2.38
CA VAL F 197 47.79 -69.25 -1.87
C VAL F 197 47.48 -70.16 -0.68
N LEU F 198 47.15 -69.55 0.46
CA LEU F 198 46.85 -70.28 1.68
C LEU F 198 45.34 -70.39 1.91
N HIS F 199 44.65 -69.26 1.98
CA HIS F 199 43.21 -69.28 2.19
C HIS F 199 42.62 -68.06 1.48
N PHE F 200 41.38 -68.19 1.03
CA PHE F 200 40.80 -67.22 0.13
C PHE F 200 39.30 -67.12 0.39
N THR F 201 38.79 -65.88 0.46
CA THR F 201 37.38 -65.64 0.72
C THR F 201 36.80 -64.87 -0.46
N LYS F 202 37.09 -63.58 -0.54
CA LYS F 202 37.03 -62.89 -1.81
C LYS F 202 38.33 -63.18 -2.58
N ASP F 203 38.33 -62.79 -3.86
CA ASP F 203 39.27 -63.21 -4.91
C ASP F 203 39.32 -64.74 -4.94
N VAL F 204 38.32 -65.36 -5.55
CA VAL F 204 38.25 -66.82 -5.65
C VAL F 204 39.29 -67.32 -6.65
N LYS F 205 39.56 -66.54 -7.71
CA LYS F 205 40.48 -66.94 -8.77
C LYS F 205 41.93 -66.53 -8.49
N ALA F 206 42.34 -66.45 -7.22
CA ALA F 206 43.71 -66.12 -6.88
C ALA F 206 44.59 -67.34 -7.06
N ALA F 207 45.70 -67.16 -7.76
CA ALA F 207 46.68 -68.24 -7.98
C ALA F 207 48.07 -67.64 -7.83
N ALA F 208 49.09 -68.44 -8.16
CA ALA F 208 50.46 -67.97 -8.07
C ALA F 208 50.79 -67.08 -9.26
N ASN F 209 51.83 -66.24 -9.06
CA ASN F 209 52.39 -65.31 -10.05
C ASN F 209 51.35 -64.30 -10.57
N GLN F 210 50.60 -63.71 -9.64
CA GLN F 210 49.60 -62.71 -9.98
C GLN F 210 50.02 -61.34 -9.47
N MET F 211 49.58 -60.29 -10.17
CA MET F 211 49.99 -58.92 -9.87
C MET F 211 49.02 -58.34 -8.85
N ARG F 212 49.48 -58.13 -7.63
CA ARG F 212 48.66 -57.62 -6.53
C ARG F 212 49.30 -56.36 -5.95
N ASN F 213 48.47 -55.37 -5.66
CA ASN F 213 48.93 -54.12 -5.08
C ASN F 213 48.54 -54.08 -3.60
N PHE F 214 49.54 -53.95 -2.73
CA PHE F 214 49.31 -53.83 -1.29
C PHE F 214 49.66 -52.41 -0.87
N LEU F 215 48.74 -51.72 -0.22
CA LEU F 215 48.95 -50.33 0.16
C LEU F 215 49.10 -50.20 1.67
N VAL F 216 49.77 -49.12 2.09
CA VAL F 216 50.02 -48.84 3.49
C VAL F 216 49.89 -47.32 3.68
N ARG F 217 49.65 -46.91 4.93
CA ARG F 217 49.60 -45.50 5.25
C ARG F 217 51.02 -44.93 5.25
N ALA F 218 51.20 -43.81 4.54
CA ALA F 218 52.53 -43.23 4.34
C ALA F 218 53.04 -42.48 5.57
N SER F 219 52.15 -42.09 6.48
CA SER F 219 52.58 -41.37 7.68
C SER F 219 53.13 -42.30 8.76
N CYS F 220 52.88 -43.61 8.66
CA CYS F 220 53.36 -44.55 9.64
C CYS F 220 54.84 -44.88 9.40
N ARG F 221 55.44 -45.57 10.37
CA ARG F 221 56.88 -45.82 10.39
C ARG F 221 57.28 -47.09 9.67
N LEU F 222 56.38 -47.72 8.92
CA LEU F 222 56.62 -49.07 8.41
C LEU F 222 57.54 -49.03 7.19
N ARG F 223 58.73 -49.58 7.35
CA ARG F 223 59.68 -49.76 6.26
C ARG F 223 59.52 -51.19 5.73
N LEU F 224 59.39 -51.31 4.42
CA LEU F 224 59.20 -52.61 3.79
C LEU F 224 60.37 -52.87 2.84
N GLU F 225 60.87 -54.11 2.82
CA GLU F 225 62.06 -54.43 2.05
C GLU F 225 61.65 -55.00 0.70
N PRO F 226 62.09 -54.41 -0.41
CA PRO F 226 61.77 -54.99 -1.73
C PRO F 226 62.68 -56.17 -2.07
N GLY F 227 62.13 -57.10 -2.84
CA GLY F 227 62.88 -58.24 -3.31
C GLY F 227 62.78 -59.47 -2.42
N LYS F 228 62.36 -59.31 -1.17
CA LYS F 228 62.28 -60.42 -0.23
C LYS F 228 60.83 -60.87 -0.07
N GLU F 229 60.66 -62.06 0.50
CA GLU F 229 59.38 -62.74 0.57
C GLU F 229 58.81 -62.65 1.98
N TYR F 230 57.59 -62.12 2.11
CA TYR F 230 56.96 -61.95 3.42
C TYR F 230 55.68 -62.78 3.51
N LEU F 231 55.22 -62.97 4.74
CA LEU F 231 53.90 -63.54 5.02
C LEU F 231 52.96 -62.41 5.44
N ILE F 232 51.90 -62.22 4.66
CA ILE F 232 50.95 -61.14 4.88
C ILE F 232 49.55 -61.75 4.98
N MET F 233 48.88 -61.53 6.11
CA MET F 233 47.55 -62.04 6.37
C MET F 233 46.68 -60.90 6.89
N GLY F 234 45.38 -60.96 6.60
CA GLY F 234 44.48 -59.93 7.10
C GLY F 234 43.03 -60.01 6.67
N LEU F 235 42.43 -58.86 6.37
CA LEU F 235 41.02 -58.76 6.01
C LEU F 235 40.88 -58.17 4.61
N ASP F 236 39.88 -58.65 3.87
CA ASP F 236 39.68 -58.25 2.48
C ASP F 236 39.18 -56.81 2.39
N GLY F 237 39.42 -56.20 1.23
CA GLY F 237 39.01 -54.85 0.95
C GLY F 237 37.95 -54.78 -0.13
N ALA F 238 37.38 -53.59 -0.28
CA ALA F 238 36.36 -53.33 -1.29
C ALA F 238 36.89 -52.61 -2.52
N THR F 239 38.16 -52.22 -2.52
CA THR F 239 38.76 -51.56 -3.67
C THR F 239 39.46 -52.57 -4.58
N TYR F 240 39.53 -52.22 -5.86
CA TYR F 240 40.22 -53.02 -6.85
C TYR F 240 41.39 -52.23 -7.42
N ASP F 241 42.37 -52.93 -7.97
CA ASP F 241 43.57 -52.28 -8.47
C ASP F 241 43.32 -51.72 -9.87
N LEU F 242 44.38 -51.19 -10.49
CA LEU F 242 44.26 -50.59 -11.80
C LEU F 242 44.13 -51.62 -12.93
N GLU F 243 44.49 -52.87 -12.67
CA GLU F 243 44.50 -53.90 -13.71
C GLU F 243 43.31 -54.85 -13.59
N GLY F 244 42.56 -54.77 -12.50
CA GLY F 244 41.35 -55.56 -12.33
C GLY F 244 41.35 -56.51 -11.15
N HIS F 245 42.49 -56.72 -10.51
CA HIS F 245 42.59 -57.61 -9.38
C HIS F 245 42.04 -56.96 -8.12
N PRO F 246 41.58 -57.76 -7.14
CA PRO F 246 41.27 -57.20 -5.82
C PRO F 246 42.51 -56.67 -5.12
N GLN F 247 42.32 -55.57 -4.39
CA GLN F 247 43.41 -54.79 -3.84
C GLN F 247 43.31 -54.85 -2.32
N TYR F 248 44.46 -54.92 -1.65
CA TYR F 248 44.50 -55.27 -0.24
C TYR F 248 45.17 -54.17 0.59
N LEU F 249 44.72 -54.02 1.84
CA LEU F 249 45.11 -52.92 2.71
C LEU F 249 45.89 -53.44 3.91
N LEU F 250 47.00 -52.76 4.23
CA LEU F 250 47.82 -53.08 5.39
C LEU F 250 47.52 -52.09 6.52
N ASP F 251 47.03 -52.62 7.65
CA ASP F 251 46.66 -51.78 8.78
C ASP F 251 46.74 -52.55 10.10
N SER F 252 45.92 -52.16 11.07
CA SER F 252 45.74 -52.96 12.26
C SER F 252 44.95 -54.24 11.93
N ASN F 253 45.10 -55.23 12.81
CA ASN F 253 44.60 -56.61 12.66
C ASN F 253 45.12 -57.26 11.37
N SER F 254 46.36 -56.94 11.01
CA SER F 254 47.04 -57.53 9.87
C SER F 254 48.34 -58.17 10.37
N TRP F 255 48.62 -59.37 9.90
CA TRP F 255 49.77 -60.14 10.37
C TRP F 255 50.90 -59.97 9.37
N ILE F 256 51.90 -59.17 9.74
CA ILE F 256 53.06 -58.92 8.89
C ILE F 256 54.26 -59.54 9.59
N GLU F 257 54.69 -60.70 9.10
CA GLU F 257 55.97 -61.29 9.47
C GLU F 257 56.70 -61.65 8.20
N GLU F 258 57.97 -61.27 8.11
CA GLU F 258 58.79 -61.70 7.00
C GLU F 258 59.17 -63.16 7.17
N MET F 259 59.23 -63.89 6.06
CA MET F 259 59.74 -65.25 6.17
C MET F 259 61.25 -65.21 6.32
N PRO F 260 61.82 -66.00 7.22
CA PRO F 260 63.27 -65.99 7.41
C PRO F 260 63.97 -66.69 6.26
N SER F 261 65.19 -66.22 5.97
CA SER F 261 65.96 -66.74 4.86
C SER F 261 66.49 -68.14 5.18
N GLU F 262 67.00 -68.81 4.14
CA GLU F 262 67.53 -70.15 4.32
C GLU F 262 68.88 -70.19 5.02
N ARG F 263 69.55 -69.05 5.19
CA ARG F 263 70.72 -68.97 6.06
C ARG F 263 70.32 -69.18 7.52
N LEU F 264 69.11 -68.76 7.91
CA LEU F 264 68.65 -68.82 9.29
C LEU F 264 68.01 -70.15 9.67
N CYS F 265 67.15 -70.71 8.81
CA CYS F 265 66.45 -71.94 9.16
C CYS F 265 67.31 -73.20 9.03
N ARG F 266 68.48 -73.13 8.38
CA ARG F 266 69.40 -74.24 8.34
C ARG F 266 70.26 -74.37 9.61
N SER F 267 70.12 -73.44 10.55
CA SER F 267 70.80 -73.54 11.83
C SER F 267 70.11 -74.57 12.73
N THR F 268 70.79 -74.95 13.80
CA THR F 268 70.28 -75.96 14.72
C THR F 268 69.39 -75.35 15.80
N ARG F 269 69.63 -74.09 16.16
CA ARG F 269 68.84 -73.42 17.19
C ARG F 269 67.44 -73.08 16.68
N GLN F 270 67.32 -72.74 15.40
CA GLN F 270 66.05 -72.35 14.81
C GLN F 270 65.44 -73.45 13.96
N ARG F 271 65.73 -74.71 14.27
CA ARG F 271 65.15 -75.82 13.52
C ARG F 271 63.69 -76.04 13.90
N ALA F 272 63.39 -76.15 15.20
CA ALA F 272 62.02 -76.32 15.66
C ALA F 272 61.21 -75.04 15.60
N ALA F 273 61.86 -73.88 15.49
CA ALA F 273 61.14 -72.62 15.37
C ALA F 273 60.65 -72.39 13.94
N CYS F 274 61.46 -72.76 12.94
CA CYS F 274 60.99 -72.73 11.56
C CYS F 274 60.02 -73.87 11.26
N ALA F 275 60.06 -74.96 12.04
CA ALA F 275 59.16 -76.08 11.82
C ALA F 275 57.74 -75.78 12.28
N GLN F 276 57.57 -74.87 13.26
CA GLN F 276 56.23 -74.42 13.61
C GLN F 276 55.63 -73.55 12.52
N LEU F 277 56.47 -72.85 11.76
CA LEU F 277 55.97 -71.94 10.74
C LEU F 277 55.64 -72.69 9.46
N ASN F 278 56.43 -73.71 9.12
CA ASN F 278 56.20 -74.49 7.91
C ASN F 278 55.03 -75.44 8.05
N ASP F 279 54.81 -75.99 9.25
CA ASP F 279 53.64 -76.84 9.47
C ASP F 279 52.35 -76.02 9.57
N PHE F 280 52.47 -74.72 9.89
CA PHE F 280 51.33 -73.82 9.78
C PHE F 280 50.92 -73.61 8.33
N LEU F 281 51.88 -73.60 7.40
CA LEU F 281 51.58 -73.37 5.99
C LEU F 281 50.89 -74.56 5.34
N ASN F 282 51.06 -75.77 5.88
CA ASN F 282 50.44 -76.96 5.31
C ASN F 282 49.05 -77.21 5.90
N GLU F 283 48.86 -76.89 7.18
CA GLU F 283 47.54 -77.05 7.80
C GLU F 283 46.55 -76.00 7.31
N PHE F 284 47.00 -74.74 7.23
CA PHE F 284 46.12 -73.64 6.85
C PHE F 284 45.98 -73.52 5.33
N GLY F 285 46.95 -74.03 4.57
CA GLY F 285 46.91 -73.95 3.13
C GLY F 285 46.12 -75.06 2.45
N THR F 286 46.07 -76.24 3.08
CA THR F 286 45.37 -77.39 2.50
C THR F 286 44.06 -77.73 3.19
N GLN F 287 43.93 -77.44 4.49
CA GLN F 287 42.72 -77.77 5.22
C GLN F 287 42.04 -76.54 5.82
N GLY F 288 42.79 -75.54 6.23
CA GLY F 288 42.21 -74.30 6.73
C GLY F 288 41.86 -74.33 8.21
N CYS F 289 40.82 -73.57 8.57
CA CYS F 289 40.42 -73.44 9.96
C CYS F 289 39.49 -74.59 10.35
N GLN F 290 39.26 -74.68 11.67
CA GLN F 290 38.37 -75.65 12.35
C GLN F 290 38.82 -77.09 12.06
N VAL F 291 39.96 -77.42 12.67
CA VAL F 291 40.70 -78.70 12.55
C VAL F 291 41.06 -78.98 11.08
N GLN G 1 23.80 0.18 14.59
CA GLN G 1 22.75 1.12 14.97
C GLN G 1 23.22 2.22 15.91
N VAL G 2 24.07 1.76 16.87
CA VAL G 2 24.50 2.25 18.20
C VAL G 2 23.66 1.46 19.21
N GLN G 3 24.33 0.63 20.01
CA GLN G 3 23.68 -0.34 20.89
C GLN G 3 24.07 -0.08 22.33
N LEU G 4 23.31 -0.64 23.27
CA LEU G 4 23.47 -0.34 24.69
C LEU G 4 23.51 -1.61 25.52
N VAL G 5 24.38 -1.60 26.55
CA VAL G 5 24.57 -2.72 27.47
C VAL G 5 24.54 -2.16 28.90
N GLU G 6 23.65 -2.67 29.73
CA GLU G 6 23.55 -2.26 31.13
C GLU G 6 24.30 -3.23 32.04
N SER G 7 24.79 -2.71 33.16
CA SER G 7 25.44 -3.50 34.20
C SER G 7 25.37 -2.72 35.51
N GLY G 8 25.63 -3.41 36.62
CA GLY G 8 25.83 -2.80 37.91
C GLY G 8 24.79 -3.14 38.96
N GLY G 9 23.61 -3.59 38.56
CA GLY G 9 22.52 -3.79 39.51
C GLY G 9 22.64 -5.08 40.30
N GLY G 10 21.76 -5.20 41.30
CA GLY G 10 21.74 -6.40 42.12
C GLY G 10 20.92 -6.17 43.37
N LEU G 11 21.01 -7.14 44.28
CA LEU G 11 20.31 -7.07 45.57
C LEU G 11 21.08 -6.19 46.54
N VAL G 12 20.34 -5.36 47.28
CA VAL G 12 20.94 -4.38 48.19
C VAL G 12 19.91 -4.06 49.27
N GLN G 13 20.37 -3.53 50.41
CA GLN G 13 19.50 -3.16 51.51
C GLN G 13 19.02 -1.72 51.38
N THR G 14 18.22 -1.30 52.36
CA THR G 14 17.62 0.04 52.35
C THR G 14 18.62 1.06 52.87
N GLY G 15 18.91 2.08 52.05
CA GLY G 15 19.76 3.18 52.45
C GLY G 15 21.18 3.12 51.94
N ASP G 16 21.50 2.22 51.02
CA ASP G 16 22.85 2.05 50.54
C ASP G 16 23.07 2.90 49.29
N SER G 17 24.24 2.75 48.67
CA SER G 17 24.60 3.45 47.45
C SER G 17 24.97 2.43 46.37
N LEU G 18 24.89 2.87 45.12
CA LEU G 18 25.14 1.98 43.99
C LEU G 18 25.59 2.81 42.80
N ARG G 19 26.56 2.28 42.03
CA ARG G 19 27.06 2.92 40.84
C ARG G 19 26.68 2.09 39.62
N LEU G 20 25.77 2.62 38.81
CA LEU G 20 25.38 1.95 37.58
C LEU G 20 26.26 2.40 36.42
N SER G 21 26.26 1.59 35.37
CA SER G 21 27.03 1.86 34.18
C SER G 21 26.23 1.43 32.95
N CYS G 22 26.45 2.14 31.84
CA CYS G 22 25.80 1.82 30.57
C CYS G 22 26.86 1.92 29.48
N ALA G 23 27.24 0.78 28.91
CA ALA G 23 28.22 0.75 27.84
C ALA G 23 27.51 0.96 26.51
N ALA G 24 28.19 1.64 25.59
CA ALA G 24 27.59 2.01 24.31
C ALA G 24 28.57 1.69 23.19
N SER G 25 28.15 0.81 22.29
CA SER G 25 28.89 0.56 21.06
C SER G 25 28.48 1.57 19.99
N GLY G 26 29.32 1.68 18.97
CA GLY G 26 29.09 2.65 17.91
C GLY G 26 29.97 3.88 18.07
N ARG G 27 29.99 4.69 17.01
CA ARG G 27 30.89 5.83 16.93
C ARG G 27 30.21 7.17 17.15
N THR G 28 28.92 7.28 16.82
CA THR G 28 28.18 8.53 16.94
C THR G 28 27.43 8.64 18.27
N PHE G 29 28.12 8.32 19.36
CA PHE G 29 27.51 8.41 20.69
C PHE G 29 27.37 9.85 21.16
N SER G 30 28.27 10.74 20.73
CA SER G 30 28.20 12.14 21.14
C SER G 30 27.08 12.91 20.44
N ARG G 31 26.50 12.36 19.37
CA ARG G 31 25.42 13.02 18.67
C ARG G 31 24.05 12.70 19.25
N TYR G 32 23.93 11.61 20.02
CA TYR G 32 22.66 11.23 20.63
C TYR G 32 22.64 11.62 22.11
N ALA G 33 21.45 11.94 22.59
CA ALA G 33 21.21 12.23 24.00
C ALA G 33 20.78 10.96 24.74
N MET G 34 21.10 10.91 26.02
CA MET G 34 20.87 9.72 26.83
C MET G 34 19.88 10.00 27.94
N GLY G 35 19.49 8.93 28.63
CA GLY G 35 18.59 9.01 29.77
C GLY G 35 18.31 7.68 30.45
N TRP G 36 18.50 7.63 31.76
CA TRP G 36 18.16 6.44 32.54
C TRP G 36 16.68 6.42 32.86
N PHE G 37 16.01 5.32 32.52
CA PHE G 37 14.60 5.14 32.88
C PHE G 37 14.47 3.99 33.88
N ARG G 38 13.25 3.79 34.37
CA ARG G 38 12.94 2.64 35.21
C ARG G 38 11.52 2.18 34.91
N GLN G 39 11.26 0.92 35.25
CA GLN G 39 9.93 0.34 35.08
C GLN G 39 9.66 -0.58 36.26
N ALA G 40 8.67 -0.22 37.08
CA ALA G 40 8.25 -1.08 38.16
C ALA G 40 7.46 -2.26 37.61
N PRO G 41 7.48 -3.41 38.31
CA PRO G 41 6.59 -4.52 37.92
C PRO G 41 5.13 -4.20 38.17
N GLY G 42 4.34 -4.09 37.09
CA GLY G 42 2.95 -3.69 37.16
C GLY G 42 2.67 -2.31 36.59
N LYS G 43 3.68 -1.43 36.62
CA LYS G 43 3.55 -0.06 36.13
C LYS G 43 4.39 0.12 34.87
N GLU G 44 4.20 1.26 34.20
CA GLU G 44 4.88 1.53 32.95
C GLU G 44 6.21 2.25 33.20
N ARG G 45 6.88 2.63 32.11
CA ARG G 45 8.18 3.29 32.21
C ARG G 45 8.04 4.74 32.64
N GLU G 46 8.98 5.18 33.46
CA GLU G 46 9.07 6.58 33.87
C GLU G 46 10.55 6.98 33.86
N LEU G 47 10.80 8.27 33.94
CA LEU G 47 12.16 8.79 33.88
C LEU G 47 12.77 8.89 35.26
N VAL G 48 14.06 8.56 35.35
CA VAL G 48 14.86 8.81 36.53
C VAL G 48 15.69 10.06 36.28
N ALA G 49 16.55 10.02 35.27
CA ALA G 49 17.42 11.15 34.96
C ALA G 49 17.77 11.14 33.48
N ALA G 50 18.28 12.28 33.00
CA ALA G 50 18.67 12.43 31.61
C ALA G 50 19.74 13.51 31.51
N ILE G 51 20.64 13.34 30.53
CA ILE G 51 21.77 14.23 30.33
C ILE G 51 21.87 14.56 28.84
N ASN G 52 22.39 15.74 28.53
CA ASN G 52 22.54 16.22 27.17
C ASN G 52 23.51 15.37 26.36
N TRP G 53 23.35 15.45 25.04
CA TRP G 53 24.26 14.87 24.07
C TRP G 53 25.68 15.44 24.14
N SER G 54 25.85 16.66 24.64
CA SER G 54 27.17 17.22 24.86
C SER G 54 27.67 17.02 26.29
N GLY G 55 26.78 16.65 27.21
CA GLY G 55 27.15 16.53 28.61
C GLY G 55 27.34 17.87 29.29
N GLY G 56 26.47 18.84 29.00
CA GLY G 56 26.63 20.17 29.54
C GLY G 56 25.63 20.52 30.62
N SER G 57 24.45 19.92 30.56
CA SER G 57 23.44 20.13 31.59
C SER G 57 22.65 18.85 31.79
N THR G 58 22.09 18.70 32.98
CA THR G 58 21.39 17.49 33.40
C THR G 58 19.93 17.82 33.74
N TYR G 59 19.10 16.78 33.72
CA TYR G 59 17.73 16.88 34.19
C TYR G 59 17.42 15.70 35.09
N TYR G 60 16.74 15.97 36.20
CA TYR G 60 16.38 14.95 37.18
C TYR G 60 14.89 14.99 37.44
N ALA G 61 14.33 13.84 37.81
CA ALA G 61 12.93 13.76 38.20
C ALA G 61 12.74 14.30 39.62
N ASP G 62 11.47 14.48 40.00
CA ASP G 62 11.14 15.15 41.26
C ASP G 62 11.49 14.33 42.50
N PHE G 63 11.60 13.00 42.36
CA PHE G 63 12.10 12.17 43.44
C PHE G 63 13.61 11.97 43.38
N ALA G 64 14.22 12.22 42.21
CA ALA G 64 15.62 11.89 41.99
C ALA G 64 16.57 13.07 42.22
N LYS G 65 16.06 14.24 42.57
CA LYS G 65 16.92 15.40 42.77
C LYS G 65 17.65 15.29 44.10
N GLY G 66 18.97 15.42 44.04
CA GLY G 66 19.83 15.33 45.21
C GLY G 66 20.35 13.95 45.54
N ARG G 67 19.51 12.92 45.42
CA ARG G 67 19.94 11.57 45.76
C ARG G 67 20.74 10.93 44.63
N PHE G 68 20.41 11.24 43.38
CA PHE G 68 21.00 10.58 42.23
C PHE G 68 21.87 11.56 41.46
N THR G 69 22.79 11.02 40.65
CA THR G 69 23.71 11.83 39.86
C THR G 69 24.00 11.11 38.55
N ILE G 70 23.71 11.77 37.42
CA ILE G 70 23.98 11.24 36.09
C ILE G 70 25.22 11.95 35.53
N SER G 71 26.07 11.20 34.83
CA SER G 71 27.27 11.75 34.22
C SER G 71 27.53 11.07 32.89
N ARG G 72 28.22 11.77 32.00
CA ARG G 72 28.52 11.30 30.65
C ARG G 72 30.02 11.44 30.39
N ASP G 73 30.62 10.41 29.82
CA ASP G 73 31.99 10.47 29.30
C ASP G 73 31.94 10.10 27.83
N ASN G 74 32.08 11.12 26.96
CA ASN G 74 32.07 10.89 25.51
C ASN G 74 33.38 10.35 24.96
N ALA G 75 34.44 10.30 25.77
CA ALA G 75 35.70 9.74 25.29
C ALA G 75 35.76 8.23 25.44
N LYS G 76 34.97 7.65 26.35
CA LYS G 76 34.96 6.21 26.58
C LYS G 76 33.66 5.54 26.17
N ASN G 77 32.69 6.33 25.68
CA ASN G 77 31.32 5.92 25.34
C ASN G 77 30.60 5.24 26.52
N MET G 78 30.57 5.95 27.64
CA MET G 78 30.02 5.43 28.89
C MET G 78 28.95 6.37 29.43
N LEU G 79 27.99 5.79 30.14
CA LEU G 79 26.96 6.54 30.86
C LEU G 79 26.86 5.97 32.26
N TYR G 80 26.89 6.85 33.27
CA TYR G 80 26.91 6.42 34.65
C TYR G 80 25.65 6.91 35.36
N LEU G 81 25.39 6.32 36.53
CA LEU G 81 24.29 6.78 37.37
C LEU G 81 24.71 6.56 38.83
N ARG G 82 25.26 7.61 39.43
CA ARG G 82 25.73 7.57 40.81
C ARG G 82 24.51 7.70 41.72
N MET G 83 24.18 6.64 42.45
CA MET G 83 22.96 6.56 43.23
C MET G 83 23.26 6.49 44.71
N SER G 84 22.37 7.06 45.52
CA SER G 84 22.52 7.06 46.97
C SER G 84 21.13 7.15 47.61
N SER G 85 21.06 6.73 48.88
CA SER G 85 19.90 6.76 49.77
C SER G 85 18.71 6.00 49.19
N LEU G 86 18.77 4.67 49.25
CA LEU G 86 17.79 3.83 48.58
C LEU G 86 16.59 3.53 49.46
N LYS G 87 15.46 3.33 48.82
CA LYS G 87 14.16 3.07 49.42
C LYS G 87 13.56 1.82 48.79
N PRO G 88 12.75 1.06 49.53
CA PRO G 88 12.16 -0.17 48.97
C PRO G 88 11.12 0.06 47.86
N GLU G 89 10.61 1.28 47.68
CA GLU G 89 9.73 1.58 46.56
C GLU G 89 10.50 2.00 45.31
N ASP G 90 11.83 1.92 45.33
CA ASP G 90 12.65 2.19 44.16
C ASP G 90 13.02 0.91 43.40
N THR G 91 12.39 -0.21 43.73
CA THR G 91 12.72 -1.50 43.11
C THR G 91 12.11 -1.56 41.72
N ALA G 92 12.97 -1.55 40.70
CA ALA G 92 12.52 -1.52 39.32
C ALA G 92 13.62 -2.06 38.42
N VAL G 93 13.26 -2.40 37.19
CA VAL G 93 14.21 -2.73 36.15
C VAL G 93 14.71 -1.41 35.54
N TYR G 94 15.99 -1.10 35.71
CA TYR G 94 16.49 0.21 35.30
C TYR G 94 17.02 0.12 33.88
N TYR G 95 16.42 0.89 32.97
CA TYR G 95 16.75 0.85 31.56
C TYR G 95 17.67 2.01 31.19
N CYS G 96 18.42 1.82 30.11
CA CYS G 96 19.28 2.83 29.54
C CYS G 96 18.83 3.06 28.10
N ALA G 97 18.66 4.33 27.72
CA ALA G 97 18.00 4.64 26.45
C ALA G 97 18.66 5.84 25.77
N ALA G 98 18.60 5.85 24.44
CA ALA G 98 19.22 6.88 23.61
C ALA G 98 18.16 7.60 22.78
N GLY G 99 18.41 8.87 22.50
CA GLY G 99 17.50 9.66 21.69
C GLY G 99 18.20 10.83 21.03
N GLY G 100 17.46 11.51 20.17
CA GLY G 100 17.99 12.60 19.38
C GLY G 100 18.12 13.90 20.16
N PRO G 101 18.53 14.98 19.48
CA PRO G 101 18.65 16.28 20.16
C PRO G 101 17.30 16.95 20.39
N GLU G 102 16.39 16.88 19.41
CA GLU G 102 15.07 17.50 19.51
C GLU G 102 14.04 16.55 20.12
N VAL G 103 14.38 15.90 21.23
CA VAL G 103 13.51 14.90 21.82
C VAL G 103 12.92 15.48 23.10
N GLU G 104 11.77 14.96 23.50
CA GLU G 104 11.15 15.36 24.76
C GLU G 104 11.68 14.46 25.87
N ILE G 105 11.42 14.86 27.10
CA ILE G 105 11.98 14.23 28.28
C ILE G 105 11.01 13.26 28.93
N THR G 106 9.76 13.66 29.13
CA THR G 106 8.78 12.78 29.76
C THR G 106 8.23 11.71 28.82
N ARG G 107 8.29 11.91 27.51
CA ARG G 107 7.84 10.91 26.56
C ARG G 107 8.84 9.75 26.48
N ALA G 108 8.39 8.55 26.83
CA ALA G 108 9.22 7.36 26.71
C ALA G 108 9.27 6.85 25.27
N ASN G 109 8.21 7.09 24.50
CA ASN G 109 8.12 6.56 23.14
C ASN G 109 9.00 7.30 22.13
N GLU G 110 9.45 8.51 22.45
CA GLU G 110 10.20 9.30 21.50
C GLU G 110 11.70 9.01 21.50
N TYR G 111 12.21 8.23 22.44
CA TYR G 111 13.61 7.86 22.41
C TYR G 111 13.86 6.77 21.36
N ASP G 112 15.05 6.79 20.79
CA ASP G 112 15.38 5.96 19.63
C ASP G 112 15.87 4.57 20.05
N TYR G 113 17.06 4.51 20.66
CA TYR G 113 17.70 3.24 20.95
C TYR G 113 17.53 2.87 22.42
N TRP G 114 17.59 1.57 22.69
CA TRP G 114 17.34 1.04 24.02
C TRP G 114 18.30 -0.10 24.33
N GLY G 115 18.48 -0.34 25.63
CA GLY G 115 19.21 -1.48 26.13
C GLY G 115 18.28 -2.58 26.60
N GLN G 116 18.83 -3.48 27.41
CA GLN G 116 18.07 -4.61 27.96
C GLN G 116 17.53 -4.34 29.36
N GLY G 117 18.18 -3.49 30.14
CA GLY G 117 17.73 -3.19 31.47
C GLY G 117 18.39 -4.01 32.56
N THR G 118 18.77 -3.35 33.65
CA THR G 118 19.37 -4.00 34.80
C THR G 118 18.43 -3.94 36.01
N GLN G 119 18.56 -4.95 36.88
CA GLN G 119 17.67 -5.11 38.02
C GLN G 119 18.33 -4.56 39.28
N VAL G 120 17.67 -3.59 39.92
CA VAL G 120 18.08 -3.05 41.20
C VAL G 120 16.95 -3.34 42.19
N THR G 121 17.24 -4.15 43.20
CA THR G 121 16.25 -4.57 44.19
C THR G 121 16.69 -4.08 45.56
N VAL G 122 15.81 -3.34 46.22
CA VAL G 122 16.09 -2.77 47.54
C VAL G 122 15.15 -3.43 48.54
N SER G 123 15.71 -4.04 49.58
CA SER G 123 14.94 -4.75 50.59
C SER G 123 15.04 -4.05 51.93
N SER G 124 14.21 -4.48 52.87
CA SER G 124 14.20 -3.90 54.21
C SER G 124 14.08 -4.98 55.28
N GLN H 1 12.08 -63.13 14.73
CA GLN H 1 10.78 -63.03 15.38
C GLN H 1 10.89 -62.30 16.72
N VAL H 2 12.02 -62.55 17.41
CA VAL H 2 12.32 -62.27 18.82
C VAL H 2 11.36 -63.02 19.75
N GLN H 3 11.92 -63.94 20.55
CA GLN H 3 11.19 -64.87 21.39
C GLN H 3 11.61 -64.71 22.84
N LEU H 4 10.81 -65.28 23.76
CA LEU H 4 10.99 -65.06 25.19
C LEU H 4 10.96 -66.38 25.95
N VAL H 5 11.83 -66.50 26.96
CA VAL H 5 11.95 -67.67 27.83
C VAL H 5 11.98 -67.21 29.28
N GLU H 6 11.08 -67.75 30.11
CA GLU H 6 11.03 -67.45 31.53
C GLU H 6 11.75 -68.52 32.36
N SER H 7 12.25 -68.10 33.52
CA SER H 7 12.87 -69.00 34.49
C SER H 7 12.82 -68.36 35.88
N GLY H 8 13.06 -69.17 36.90
CA GLY H 8 13.29 -68.69 38.25
C GLY H 8 12.25 -69.08 39.28
N GLY H 9 11.04 -69.46 38.86
CA GLY H 9 9.96 -69.67 39.82
C GLY H 9 10.02 -71.03 40.51
N GLY H 10 9.16 -71.17 41.51
CA GLY H 10 9.08 -72.42 42.26
C GLY H 10 8.29 -72.23 43.54
N LEU H 11 8.34 -73.27 44.38
CA LEU H 11 7.67 -73.25 45.67
C LEU H 11 8.51 -72.52 46.71
N VAL H 12 7.85 -71.70 47.53
CA VAL H 12 8.53 -70.86 48.52
C VAL H 12 7.55 -70.57 49.64
N GLN H 13 8.09 -70.16 50.80
CA GLN H 13 7.29 -69.82 51.97
C GLN H 13 6.91 -68.35 51.97
N THR H 14 6.19 -67.93 53.01
CA THR H 14 5.69 -66.57 53.14
C THR H 14 6.80 -65.66 53.67
N GLY H 15 7.12 -64.61 52.92
CA GLY H 15 8.06 -63.60 53.37
C GLY H 15 9.46 -63.71 52.82
N ASP H 16 9.70 -64.57 51.83
CA ASP H 16 11.04 -64.77 51.30
C ASP H 16 11.28 -63.86 50.10
N SER H 17 12.43 -64.02 49.44
CA SER H 17 12.81 -63.25 48.27
C SER H 17 13.12 -64.18 47.11
N LEU H 18 13.05 -63.64 45.90
CA LEU H 18 13.24 -64.43 44.70
C LEU H 18 13.74 -63.52 43.58
N ARG H 19 14.68 -64.03 42.78
CA ARG H 19 15.20 -63.30 41.63
C ARG H 19 14.77 -64.02 40.36
N LEU H 20 13.88 -63.40 39.61
CA LEU H 20 13.44 -63.95 38.34
C LEU H 20 14.33 -63.46 37.19
N SER H 21 14.27 -64.18 36.08
CA SER H 21 15.03 -63.85 34.88
C SER H 21 14.18 -64.15 33.65
N CYS H 22 14.41 -63.38 32.59
CA CYS H 22 13.71 -63.56 31.32
C CYS H 22 14.74 -63.45 30.20
N ALA H 23 15.04 -64.58 29.56
CA ALA H 23 15.99 -64.60 28.45
C ALA H 23 15.24 -64.31 27.14
N ALA H 24 15.91 -63.62 26.23
CA ALA H 24 15.30 -63.18 24.98
C ALA H 24 16.24 -63.49 23.82
N SER H 25 15.76 -64.30 22.88
CA SER H 25 16.47 -64.51 21.63
C SER H 25 16.07 -63.42 20.63
N GLY H 26 16.88 -63.27 19.60
CA GLY H 26 16.69 -62.21 18.63
C GLY H 26 17.64 -61.05 18.84
N ARG H 27 17.66 -60.16 17.86
CA ARG H 27 18.62 -59.06 17.85
C ARG H 27 18.02 -57.71 18.21
N THR H 28 16.74 -57.50 17.98
CA THR H 28 16.10 -56.20 18.24
C THR H 28 15.47 -56.15 19.63
N PHE H 29 16.21 -56.59 20.65
CA PHE H 29 15.70 -56.53 22.02
C PHE H 29 15.70 -55.11 22.57
N SER H 30 16.65 -54.28 22.12
CA SER H 30 16.70 -52.90 22.56
C SER H 30 15.61 -52.04 21.94
N ARG H 31 14.97 -52.51 20.87
CA ARG H 31 13.92 -51.77 20.21
C ARG H 31 12.55 -51.99 20.84
N TYR H 32 12.36 -53.10 21.57
CA TYR H 32 11.09 -53.39 22.21
C TYR H 32 11.14 -53.07 23.71
N ALA H 33 9.99 -52.67 24.24
CA ALA H 33 9.82 -52.46 25.66
C ALA H 33 9.29 -53.72 26.32
N MET H 34 9.62 -53.89 27.59
CA MET H 34 9.30 -55.12 28.31
C MET H 34 8.37 -54.84 29.47
N GLY H 35 7.88 -55.92 30.08
CA GLY H 35 7.01 -55.83 31.23
C GLY H 35 6.61 -57.18 31.80
N TRP H 36 6.78 -57.36 33.10
CA TRP H 36 6.35 -58.57 33.78
C TRP H 36 4.86 -58.51 34.10
N PHE H 37 4.11 -59.52 33.66
CA PHE H 37 2.71 -59.68 34.03
C PHE H 37 2.53 -60.92 34.89
N ARG H 38 1.29 -61.08 35.40
CA ARG H 38 0.94 -62.29 36.13
C ARG H 38 -0.51 -62.63 35.86
N GLN H 39 -0.85 -63.90 36.11
CA GLN H 39 -2.22 -64.40 35.95
C GLN H 39 -2.50 -65.37 37.09
N ALA H 40 -3.42 -65.01 37.97
CA ALA H 40 -3.82 -65.88 39.05
C ALA H 40 -4.70 -67.02 38.52
N PRO H 41 -4.70 -68.18 39.21
CA PRO H 41 -5.66 -69.24 38.84
C PRO H 41 -7.10 -68.85 39.17
N GLY H 42 -7.92 -68.69 38.12
CA GLY H 42 -9.28 -68.23 38.25
C GLY H 42 -9.51 -66.83 37.70
N LYS H 43 -8.48 -65.99 37.70
CA LYS H 43 -8.57 -64.62 37.22
C LYS H 43 -7.75 -64.48 35.94
N GLU H 44 -7.91 -63.32 35.28
CA GLU H 44 -7.21 -63.06 34.03
C GLU H 44 -5.88 -62.38 34.31
N ARG H 45 -5.19 -61.96 33.25
CA ARG H 45 -3.87 -61.37 33.38
C ARG H 45 -3.94 -59.94 33.92
N GLU H 46 -2.98 -59.60 34.78
CA GLU H 46 -2.86 -58.26 35.34
C GLU H 46 -1.40 -57.83 35.34
N LEU H 47 -1.18 -56.57 35.72
CA LEU H 47 0.13 -55.94 35.67
C LEU H 47 0.91 -56.15 36.95
N VAL H 48 2.21 -56.45 36.81
CA VAL H 48 3.14 -56.42 37.95
C VAL H 48 4.05 -55.21 37.84
N ALA H 49 4.91 -55.19 36.82
CA ALA H 49 5.88 -54.13 36.62
C ALA H 49 6.24 -54.04 35.15
N ALA H 50 6.86 -52.92 34.77
CA ALA H 50 7.26 -52.68 33.40
C ALA H 50 8.42 -51.69 33.39
N ILE H 51 9.30 -51.83 32.40
CA ILE H 51 10.49 -51.00 32.28
C ILE H 51 10.62 -50.57 30.82
N ASN H 52 11.20 -49.39 30.60
CA ASN H 52 11.38 -48.80 29.28
C ASN H 52 12.32 -49.62 28.42
N TRP H 53 12.18 -49.41 27.10
CA TRP H 53 13.07 -49.96 26.08
C TRP H 53 14.51 -49.46 26.19
N SER H 54 14.74 -48.30 26.82
CA SER H 54 16.10 -47.83 27.09
C SER H 54 16.57 -48.16 28.49
N GLY H 55 15.67 -48.55 29.39
CA GLY H 55 16.02 -48.78 30.78
C GLY H 55 16.31 -47.50 31.54
N GLY H 56 15.50 -46.46 31.34
CA GLY H 56 15.76 -45.17 31.96
C GLY H 56 14.78 -44.83 33.06
N SER H 57 13.56 -45.36 32.97
CA SER H 57 12.56 -45.17 34.00
C SER H 57 11.71 -46.42 34.10
N THR H 58 11.12 -46.62 35.26
CA THR H 58 10.36 -47.83 35.56
C THR H 58 8.91 -47.46 35.90
N TYR H 59 8.04 -48.45 35.79
CA TYR H 59 6.67 -48.34 36.24
C TYR H 59 6.29 -49.59 37.03
N TYR H 60 5.60 -49.39 38.15
CA TYR H 60 5.20 -50.47 39.03
C TYR H 60 3.71 -50.36 39.32
N ALA H 61 3.08 -51.50 39.61
CA ALA H 61 1.69 -51.52 40.04
C ALA H 61 1.57 -51.06 41.48
N ASP H 62 0.31 -50.82 41.91
CA ASP H 62 0.05 -50.20 43.22
C ASP H 62 0.37 -51.13 44.39
N PHE H 63 0.38 -52.44 44.17
CA PHE H 63 0.84 -53.38 45.19
C PHE H 63 2.33 -53.67 45.09
N ALA H 64 2.96 -53.37 43.96
CA ALA H 64 4.33 -53.75 43.69
C ALA H 64 5.34 -52.65 44.04
N LYS H 65 4.88 -51.50 44.53
CA LYS H 65 5.78 -50.40 44.86
C LYS H 65 6.53 -50.71 46.15
N GLY H 66 7.85 -50.65 46.09
CA GLY H 66 8.71 -50.91 47.23
C GLY H 66 9.18 -52.34 47.39
N ARG H 67 8.28 -53.31 47.17
CA ARG H 67 8.64 -54.71 47.35
C ARG H 67 9.38 -55.27 46.14
N PHE H 68 9.07 -54.82 44.94
CA PHE H 68 9.63 -55.39 43.72
C PHE H 68 10.56 -54.39 43.05
N THR H 69 11.45 -54.92 42.20
CA THR H 69 12.42 -54.10 41.47
C THR H 69 12.67 -54.75 40.12
N ILE H 70 12.42 -53.99 39.05
CA ILE H 70 12.64 -54.45 37.68
C ILE H 70 13.93 -53.81 37.15
N SER H 71 14.70 -54.57 36.37
CA SER H 71 15.93 -54.07 35.78
C SER H 71 16.11 -54.67 34.39
N ARG H 72 16.84 -53.95 33.55
CA ARG H 72 17.08 -54.31 32.16
C ARG H 72 18.58 -54.28 31.88
N ASP H 73 19.08 -55.31 31.22
CA ASP H 73 20.44 -55.33 30.67
C ASP H 73 20.34 -55.58 29.17
N ASN H 74 20.55 -54.54 28.37
CA ASN H 74 20.50 -54.65 26.91
C ASN H 74 21.77 -55.25 26.31
N ALA H 75 22.84 -55.41 27.10
CA ALA H 75 24.05 -56.02 26.59
C ALA H 75 24.01 -57.54 26.63
N LYS H 76 23.19 -58.13 27.49
CA LYS H 76 23.07 -59.57 27.64
C LYS H 76 21.72 -60.10 27.16
N ASN H 77 20.81 -59.20 26.73
CA ASN H 77 19.42 -59.47 26.33
C ASN H 77 18.65 -60.19 27.45
N MET H 78 18.67 -59.56 28.62
CA MET H 78 18.08 -60.14 29.82
C MET H 78 17.08 -59.17 30.45
N LEU H 79 16.10 -59.74 31.14
CA LEU H 79 15.12 -58.99 31.93
C LEU H 79 15.01 -59.65 33.29
N TYR H 80 15.13 -58.86 34.36
CA TYR H 80 15.14 -59.39 35.71
C TYR H 80 13.92 -58.89 36.47
N LEU H 81 13.63 -59.54 37.61
CA LEU H 81 12.56 -59.10 38.49
C LEU H 81 12.98 -59.44 39.92
N ARG H 82 13.58 -58.46 40.59
CA ARG H 82 14.06 -58.62 41.96
C ARG H 82 12.85 -58.52 42.89
N MET H 83 12.49 -59.63 43.54
CA MET H 83 11.27 -59.71 44.32
C MET H 83 11.59 -59.91 45.80
N SER H 84 10.72 -59.35 46.64
CA SER H 84 10.87 -59.44 48.09
C SER H 84 9.50 -59.30 48.74
N SER H 85 9.43 -59.80 49.99
CA SER H 85 8.27 -59.74 50.90
C SER H 85 7.02 -60.38 50.28
N LEU H 86 6.99 -61.70 50.25
CA LEU H 86 5.96 -62.42 49.53
C LEU H 86 4.74 -62.73 50.41
N LYS H 87 3.59 -62.82 49.77
CA LYS H 87 2.31 -63.08 50.39
C LYS H 87 1.68 -64.27 49.67
N PRO H 88 0.90 -65.11 50.36
CA PRO H 88 0.28 -66.27 49.67
C PRO H 88 -0.81 -65.92 48.66
N GLU H 89 -1.30 -64.68 48.66
CA GLU H 89 -2.24 -64.19 47.66
C GLU H 89 -1.56 -63.64 46.41
N ASP H 90 -0.23 -63.76 46.32
CA ASP H 90 0.53 -63.39 45.13
C ASP H 90 0.82 -64.60 44.22
N THR H 91 0.14 -65.72 44.45
CA THR H 91 0.40 -66.96 43.71
C THR H 91 -0.19 -66.84 42.31
N ALA H 92 0.67 -66.80 41.30
CA ALA H 92 0.24 -66.61 39.93
C ALA H 92 1.28 -67.16 38.98
N VAL H 93 0.87 -67.35 37.72
CA VAL H 93 1.78 -67.68 36.64
C VAL H 93 2.37 -66.37 36.12
N TYR H 94 3.68 -66.18 36.29
CA TYR H 94 4.28 -64.89 35.99
C TYR H 94 4.80 -64.88 34.55
N TYR H 95 4.23 -63.99 33.73
CA TYR H 95 4.56 -63.91 32.32
C TYR H 95 5.56 -62.79 32.04
N CYS H 96 6.30 -62.97 30.95
CA CYS H 96 7.25 -61.99 30.44
C CYS H 96 6.80 -61.62 29.02
N ALA H 97 6.70 -60.32 28.73
CA ALA H 97 6.06 -59.87 27.51
C ALA H 97 6.79 -58.68 26.91
N ALA H 98 6.73 -58.57 25.57
CA ALA H 98 7.39 -57.53 24.82
C ALA H 98 6.38 -56.68 24.07
N GLY H 99 6.71 -55.40 23.89
CA GLY H 99 5.83 -54.49 23.19
C GLY H 99 6.61 -53.33 22.61
N GLY H 100 5.90 -52.51 21.83
CA GLY H 100 6.51 -51.40 21.16
C GLY H 100 6.74 -50.21 22.06
N PRO H 101 7.20 -49.10 21.46
CA PRO H 101 7.41 -47.88 22.26
C PRO H 101 6.12 -47.13 22.56
N GLU H 102 5.22 -47.04 21.59
CA GLU H 102 3.95 -46.34 21.75
C GLU H 102 2.85 -47.25 22.28
N VAL H 103 3.16 -48.02 23.32
CA VAL H 103 2.23 -49.01 23.83
C VAL H 103 1.67 -48.49 25.16
N GLU H 104 0.49 -48.97 25.51
CA GLU H 104 -0.06 -48.69 26.83
C GLU H 104 0.45 -49.77 27.78
N ILE H 105 0.33 -49.53 29.08
CA ILE H 105 0.95 -50.41 30.07
C ILE H 105 -0.07 -51.36 30.68
N THR H 106 -1.26 -50.85 31.03
CA THR H 106 -2.30 -51.68 31.62
C THR H 106 -2.97 -52.58 30.59
N ARG H 107 -2.89 -52.25 29.30
CA ARG H 107 -3.44 -53.11 28.26
C ARG H 107 -2.56 -54.33 28.08
N ALA H 108 -3.12 -55.52 28.34
CA ALA H 108 -2.38 -56.75 28.11
C ALA H 108 -2.39 -57.16 26.64
N ASN H 109 -3.44 -56.78 25.91
CA ASN H 109 -3.58 -57.20 24.52
C ASN H 109 -2.67 -56.42 23.56
N GLU H 110 -2.16 -55.26 23.97
CA GLU H 110 -1.36 -54.43 23.09
C GLU H 110 0.12 -54.81 23.07
N TYR H 111 0.56 -55.69 23.96
CA TYR H 111 1.92 -56.18 23.88
C TYR H 111 2.03 -57.22 22.76
N ASP H 112 3.21 -57.27 22.13
CA ASP H 112 3.39 -58.05 20.91
C ASP H 112 3.76 -59.50 21.23
N TYR H 113 4.95 -59.71 21.80
CA TYR H 113 5.49 -61.04 21.98
C TYR H 113 5.33 -61.50 23.42
N TRP H 114 5.30 -62.81 23.61
CA TRP H 114 5.02 -63.41 24.91
C TRP H 114 5.94 -64.59 25.14
N GLY H 115 6.13 -64.91 26.42
CA GLY H 115 6.85 -66.09 26.84
C GLY H 115 5.92 -67.22 27.25
N GLN H 116 6.47 -68.13 28.05
CA GLN H 116 5.73 -69.30 28.51
C GLN H 116 5.10 -69.13 29.88
N GLY H 117 5.70 -68.31 30.75
CA GLY H 117 5.18 -68.13 32.08
C GLY H 117 5.82 -69.08 33.08
N THR H 118 6.20 -68.56 34.24
CA THR H 118 6.76 -69.37 35.31
C THR H 118 5.81 -69.39 36.51
N GLN H 119 5.86 -70.48 37.27
CA GLN H 119 4.95 -70.69 38.38
C GLN H 119 5.63 -70.30 39.68
N VAL H 120 5.02 -69.35 40.41
CA VAL H 120 5.46 -68.96 41.74
C VAL H 120 4.31 -69.25 42.71
N THR H 121 4.54 -70.16 43.64
CA THR H 121 3.53 -70.57 44.62
C THR H 121 4.04 -70.24 46.01
N VAL H 122 3.25 -69.47 46.77
CA VAL H 122 3.61 -69.04 48.12
C VAL H 122 2.59 -69.67 49.08
N SER H 123 3.09 -70.39 50.07
CA SER H 123 2.27 -71.07 51.06
C SER H 123 2.46 -70.46 52.44
N SER H 124 1.59 -70.87 53.37
CA SER H 124 1.65 -70.38 54.74
C SER H 124 1.46 -71.51 55.74
C1 NAG I . -5.77 32.97 -7.73
C2 NAG I . -4.77 34.13 -7.51
C3 NAG I . -3.39 33.81 -8.09
C4 NAG I . -3.47 33.34 -9.55
C5 NAG I . -4.56 32.28 -9.74
C6 NAG I . -4.03 31.02 -10.40
C7 NAG I . -5.55 36.46 -7.34
C8 NAG I . -6.07 37.65 -8.09
N2 NAG I . -5.29 35.37 -8.08
O3 NAG I . -2.77 32.81 -7.28
O4 NAG I . -3.69 34.45 -10.40
O5 NAG I . -5.11 31.88 -8.47
O6 NAG I . -4.14 29.90 -9.54
O7 NAG I . -5.39 36.48 -6.13
C1 NAG I . -2.89 35.47 -10.84
C2 NAG I . -3.62 36.82 -10.93
C3 NAG I . -2.83 37.84 -11.77
C4 NAG I . -1.40 37.96 -11.26
C5 NAG I . -0.73 36.59 -11.21
C6 NAG I . 0.66 36.63 -10.64
C7 NAG I . -5.47 36.24 -12.56
C8 NAG I . -6.97 36.25 -12.70
N2 NAG I . -5.02 36.70 -11.38
O3 NAG I . -3.47 39.11 -11.71
O4 NAG I . -0.65 38.84 -12.10
O5 NAG I . -1.50 35.70 -10.40
O6 NAG I . 1.65 36.83 -11.64
O7 NAG I . -4.75 35.83 -13.47
C1 BMA I . -0.16 40.12 -12.03
C2 BMA I . 1.29 40.31 -11.50
C3 BMA I . 1.60 41.81 -11.30
C4 BMA I . 1.19 42.69 -12.51
C5 BMA I . -0.28 42.41 -12.88
C6 BMA I . -0.73 43.18 -14.12
O2 BMA I . 2.24 39.81 -12.42
O3 BMA I . 2.97 42.02 -10.97
O4 BMA I . 1.36 44.06 -12.19
O5 BMA I . -0.44 40.98 -13.15
O6 BMA I . -2.14 43.37 -14.04
C1 NAG J . 43.05 43.85 32.93
C2 NAG J . 42.79 44.58 34.27
C3 NAG J . 42.88 46.10 34.07
C4 NAG J . 44.21 46.50 33.43
C5 NAG J . 44.38 45.76 32.10
C6 NAG J . 45.70 46.02 31.43
C7 NAG J . 41.30 43.89 36.09
C8 NAG J . 39.89 43.54 36.47
N2 NAG J . 41.49 44.22 34.80
O3 NAG J . 42.74 46.74 35.33
O4 NAG J . 44.26 47.91 33.22
O5 NAG J . 44.30 44.34 32.34
O6 NAG J . 45.57 46.12 30.02
O7 NAG J . 42.22 43.87 36.90
C1 NAG J . 45.03 48.89 33.82
C2 NAG J . 45.52 50.03 32.92
C3 NAG J . 46.67 50.77 33.60
C4 NAG J . 46.29 51.25 35.00
C5 NAG J . 45.80 50.06 35.84
C6 NAG J . 45.28 50.47 37.20
C7 NAG J . 45.62 50.17 30.47
C8 NAG J . 46.11 49.53 29.22
N2 NAG J . 45.91 49.54 31.61
O3 NAG J . 47.06 51.89 32.80
O4 NAG J . 47.39 51.85 35.64
O5 NAG J . 44.72 49.40 35.16
O6 NAG J . 46.34 50.83 38.07
O7 NAG J . 44.99 51.23 30.45
C1 BMA J . 47.64 53.18 35.90
C2 BMA J . 47.88 53.85 37.28
C3 BMA J . 47.83 55.39 37.13
C4 BMA J . 48.70 55.93 35.96
C5 BMA J . 48.38 55.16 34.65
C6 BMA J . 49.31 55.52 33.50
O2 BMA J . 49.16 53.53 37.79
O3 BMA J . 48.19 56.04 38.34
O4 BMA J . 48.46 57.32 35.77
O5 BMA J . 48.51 53.73 34.90
O6 BMA J . 49.07 56.88 33.13
C1 NAG K . -15.77 -27.30 -4.14
C2 NAG K . -14.66 -26.27 -3.86
C3 NAG K . -13.32 -26.72 -4.46
C4 NAG K . -13.44 -27.10 -5.93
C5 NAG K . -14.63 -28.02 -6.19
C6 NAG K . -14.25 -29.29 -6.91
C7 NAG K . -14.61 -23.81 -3.78
C8 NAG K . -15.09 -22.54 -4.41
N2 NAG K . -15.02 -24.95 -4.35
O3 NAG K . -12.80 -27.82 -3.71
O4 NAG K . -13.56 -25.92 -6.73
O5 NAG K . -15.23 -28.42 -4.94
O6 NAG K . -14.79 -30.44 -6.28
O7 NAG K . -13.90 -23.81 -2.78
C1 NAG K . -12.66 -25.13 -7.39
C2 NAG K . -13.26 -23.72 -7.55
C3 NAG K . -12.46 -22.89 -8.57
C4 NAG K . -10.98 -22.88 -8.22
C5 NAG K . -10.45 -24.30 -8.08
C6 NAG K . -9.01 -24.36 -7.64
C7 NAG K . -15.33 -24.25 -8.93
C8 NAG K . -16.82 -24.08 -8.94
N2 NAG K . -14.70 -23.73 -7.85
O3 NAG K . -12.97 -21.56 -8.59
O4 NAG K . -10.24 -22.19 -9.24
O5 NAG K . -11.21 -25.01 -7.10
O6 NAG K . -8.12 -24.10 -8.71
O7 NAG K . -14.74 -24.81 -9.86
C1 BMA K . -9.67 -20.95 -9.23
C2 BMA K . -8.22 -20.58 -8.82
C3 BMA K . -8.02 -19.04 -8.82
C4 BMA K . -8.56 -18.36 -10.12
C5 BMA K . -10.04 -18.80 -10.36
C6 BMA K . -10.62 -18.25 -11.64
O2 BMA K . -7.28 -21.14 -9.73
O3 BMA K . -6.65 -18.70 -8.64
O4 BMA K . -8.50 -16.95 -9.99
O5 BMA K . -10.08 -20.26 -10.42
O6 BMA K . -12.03 -18.15 -11.49
C1 NAG L . 33.68 -23.07 37.25
C2 NAG L . 33.38 -22.46 38.63
C3 NAG L . 33.60 -20.94 38.61
C4 NAG L . 35.00 -20.60 38.10
C5 NAG L . 35.22 -21.21 36.72
C6 NAG L . 36.61 -21.00 36.19
C7 NAG L . 31.73 -23.65 40.01
C8 NAG L . 30.27 -23.84 40.30
N2 NAG L . 32.02 -22.76 39.04
O3 NAG L . 33.41 -20.41 39.91
O4 NAG L . 35.16 -19.19 38.03
O5 NAG L . 35.01 -22.64 36.79
O6 NAG L . 36.87 -21.82 35.05
O7 NAG L . 32.60 -24.28 40.60
C1 NAG L . 35.90 -18.22 38.68
C2 NAG L . 36.46 -17.06 37.84
C3 NAG L . 37.53 -16.29 38.63
C4 NAG L . 36.99 -15.84 39.98
C5 NAG L . 36.44 -17.03 40.76
C6 NAG L . 35.78 -16.63 42.06
C7 NAG L . 36.85 -16.90 35.41
C8 NAG L . 37.47 -17.54 34.22
N2 NAG L . 37.00 -17.54 36.57
O3 NAG L . 37.96 -15.17 37.87
O4 NAG L . 38.02 -15.20 40.73
O5 NAG L . 35.45 -17.72 39.98
O6 NAG L . 36.73 -16.51 43.11
O7 NAG L . 36.22 -15.84 35.34
C1 BMA L . 38.20 -13.87 40.99
C2 BMA L . 38.73 -13.19 42.28
C3 BMA L . 38.63 -11.65 42.13
C4 BMA L . 39.22 -11.11 40.79
C5 BMA L . 38.62 -11.90 39.60
C6 BMA L . 39.26 -11.54 38.27
O2 BMA L . 40.09 -13.51 42.49
O3 BMA L . 39.24 -10.99 43.24
O4 BMA L . 38.93 -9.73 40.65
O5 BMA L . 38.82 -13.33 39.82
O6 BMA L . 38.93 -10.19 37.95
#